data_9B82
#
_entry.id   9B82
#
_cell.length_a   101.051
_cell.length_b   218.660
_cell.length_c   122.728
_cell.angle_alpha   90.00
_cell.angle_beta   112.34
_cell.angle_gamma   90.00
#
_symmetry.space_group_name_H-M   'P 1 21 1'
#
loop_
_entity.id
_entity.type
_entity.pdbx_description
1 polymer 'Spike protein S1'
2 polymer 'COVA2-15 antibody heavy chain'
3 polymer 'COVA2-15 antibody light chain'
4 non-polymer 2-acetamido-2-deoxy-beta-D-glucopyranose
#
loop_
_entity_poly.entity_id
_entity_poly.type
_entity_poly.pdbx_seq_one_letter_code
_entity_poly.pdbx_strand_id
1 'polypeptide(L)'
;TNLCPFGEVFNATRFASVYAWNRKRISNCVADYSVLYNSASFSTFKCYGVSPTKLNDLCFTNVYADSFVIRGDEVRQIAP
GQTGKIADYNYKLPDDFTGCVIAWNSNNLDSKVGGNYNYLYRLFRKSNLKPFERDISTEIYQAGSTPCNGVEGFNCYFPL
QSYGFQPTNGVGYQPYRVVVLSFELLHAPATVCGPKKSGHHHHHH
;
A,C,B,D,E,F
2 'polypeptide(L)'
;QVQLLESGGGLVQPGGSLRLSCAASGFTFSSYAMSWVRQAPGKGLEWASAISGSGGSTYYADSVEGRFTISRDNSKNTLY
LQMNSLRAEDTAVYYCAKDTGYCGDDCYIKLIRGGPDYWGQGTLVTVSSASTKGPSVFPLAPSSKSTSGGTAALGCLVKD
YFPEPVTVSWNSGALTSGVHTFPAVLQSSGLYSLSSVVTVPSSSLGTQTYICNVNHKPSNTKVDKRVEPKSC
;
H,I,K,N,P,R
3 'polypeptide(L)'
;DIVMTQSPLSLPVTLGQPASISCRSSQSLVYSDGNTFLNWFQQRPGQSPRRLIYQVSNRDSGVPDRFSGSGSGTDFTLKI
SRVEAEDVGVYYCMQGTHWPRTFGQGTKLEIKRTVAAPSVFIFPPSDEQLKSGTASVVCLLNNFYPREAKVQWKVDNALQ
SGNSQESVTEQDSKDSTYSLSSTLTLSKADYEKHKVYACEVTHQGLSSPVTKSFNRGEC
;
L,G,J,M,O,Q
#
# COMPACT_ATOMS: atom_id res chain seq x y z
N ASN A 2 -11.36 22.95 26.50
CA ASN A 2 -10.20 22.06 26.50
C ASN A 2 -10.08 21.31 25.18
N LEU A 3 -9.62 20.07 25.26
CA LEU A 3 -9.48 19.21 24.10
C LEU A 3 -10.78 18.45 23.87
N CYS A 4 -11.22 18.40 22.62
CA CYS A 4 -12.48 17.74 22.31
C CYS A 4 -12.37 16.25 22.61
N PRO A 5 -13.36 15.65 23.29
CA PRO A 5 -13.27 14.25 23.73
C PRO A 5 -13.57 13.24 22.64
N PHE A 6 -12.67 13.14 21.66
CA PHE A 6 -12.83 12.12 20.63
C PHE A 6 -12.52 10.74 21.17
N GLY A 7 -11.69 10.64 22.21
CA GLY A 7 -11.39 9.35 22.81
C GLY A 7 -12.60 8.69 23.44
N GLU A 8 -13.52 9.49 23.99
CA GLU A 8 -14.73 8.95 24.57
C GLU A 8 -15.60 8.27 23.52
N VAL A 9 -15.59 8.78 22.28
CA VAL A 9 -16.43 8.23 21.24
C VAL A 9 -15.76 7.02 20.59
N PHE A 10 -14.50 7.17 20.17
CA PHE A 10 -13.83 6.09 19.45
C PHE A 10 -13.49 4.94 20.38
N ASN A 11 -12.73 5.21 21.44
CA ASN A 11 -12.32 4.18 22.39
C ASN A 11 -13.36 4.02 23.50
N ALA A 12 -14.56 3.62 23.09
CA ALA A 12 -15.64 3.31 24.02
C ALA A 12 -15.82 1.81 24.09
N THR A 13 -16.07 1.29 25.30
CA THR A 13 -16.15 -0.16 25.47
C THR A 13 -17.33 -0.74 24.70
N ARG A 14 -18.46 -0.04 24.69
CA ARG A 14 -19.66 -0.48 23.99
C ARG A 14 -20.10 0.57 22.97
N PHE A 15 -20.59 0.09 21.83
CA PHE A 15 -21.20 0.91 20.80
C PHE A 15 -22.70 0.61 20.74
N ALA A 16 -23.42 1.46 20.03
CA ALA A 16 -24.86 1.36 19.93
C ALA A 16 -25.26 0.63 18.65
N SER A 17 -26.50 0.13 18.65
CA SER A 17 -27.04 -0.47 17.44
C SER A 17 -27.32 0.62 16.41
N VAL A 18 -27.34 0.21 15.14
CA VAL A 18 -27.48 1.19 14.07
C VAL A 18 -28.86 1.84 14.10
N TYR A 19 -29.90 1.10 14.49
CA TYR A 19 -31.22 1.71 14.59
C TYR A 19 -31.32 2.67 15.76
N ALA A 20 -30.45 2.53 16.76
CA ALA A 20 -30.44 3.41 17.91
C ALA A 20 -29.09 4.12 18.01
N TRP A 21 -28.62 4.66 16.89
CA TRP A 21 -27.29 5.24 16.82
C TRP A 21 -27.13 6.39 17.82
N ASN A 22 -25.97 6.42 18.47
CA ASN A 22 -25.66 7.46 19.45
C ASN A 22 -25.11 8.70 18.75
N ARG A 23 -25.39 9.85 19.35
CA ARG A 23 -24.92 11.13 18.84
C ARG A 23 -24.26 11.90 19.98
N LYS A 24 -23.04 12.38 19.74
CA LYS A 24 -22.30 13.20 20.70
C LYS A 24 -22.16 14.60 20.15
N ARG A 25 -22.45 15.60 20.98
CA ARG A 25 -22.36 16.99 20.58
C ARG A 25 -20.99 17.54 20.98
N ILE A 26 -20.23 18.03 20.00
CA ILE A 26 -18.90 18.56 20.23
C ILE A 26 -18.94 20.06 20.04
N SER A 27 -18.64 20.81 21.11
CA SER A 27 -18.65 22.26 21.05
C SER A 27 -17.76 22.80 22.17
N ASN A 28 -17.28 24.03 21.96
CA ASN A 28 -16.46 24.76 22.92
C ASN A 28 -15.21 23.96 23.30
N CYS A 29 -14.45 23.58 22.27
CA CYS A 29 -13.21 22.85 22.45
C CYS A 29 -12.44 22.90 21.14
N VAL A 30 -11.15 22.60 21.22
CA VAL A 30 -10.29 22.49 20.04
C VAL A 30 -10.18 21.03 19.65
N ALA A 31 -10.42 20.74 18.38
CA ALA A 31 -10.43 19.37 17.87
C ALA A 31 -9.20 19.15 17.01
N ASP A 32 -8.26 18.34 17.51
CA ASP A 32 -7.07 17.97 16.76
C ASP A 32 -7.34 16.63 16.07
N TYR A 33 -7.39 16.66 14.74
CA TYR A 33 -7.67 15.48 13.94
C TYR A 33 -6.41 14.73 13.54
N SER A 34 -5.24 15.18 13.98
CA SER A 34 -3.99 14.54 13.59
C SER A 34 -3.94 13.07 14.02
N VAL A 35 -4.45 12.78 15.22
CA VAL A 35 -4.47 11.40 15.68
C VAL A 35 -5.38 10.54 14.82
N LEU A 36 -6.48 11.12 14.31
CA LEU A 36 -7.48 10.34 13.60
C LEU A 36 -7.01 9.95 12.19
N TYR A 37 -6.74 10.94 11.34
CA TYR A 37 -6.43 10.62 9.95
C TYR A 37 -5.03 10.05 9.78
N ASN A 38 -4.17 10.15 10.79
CA ASN A 38 -2.85 9.53 10.77
C ASN A 38 -2.79 8.27 11.63
N SER A 39 -3.92 7.58 11.77
CA SER A 39 -3.99 6.32 12.51
C SER A 39 -4.24 5.19 11.52
N ALA A 40 -3.48 4.10 11.68
CA ALA A 40 -3.58 2.96 10.78
C ALA A 40 -4.55 1.90 11.28
N SER A 41 -5.33 2.21 12.31
CA SER A 41 -6.32 1.29 12.85
C SER A 41 -7.72 1.56 12.31
N PHE A 42 -7.81 2.16 11.12
CA PHE A 42 -9.09 2.48 10.49
C PHE A 42 -9.17 1.81 9.13
N SER A 43 -10.24 1.03 8.92
CA SER A 43 -10.45 0.39 7.63
C SER A 43 -10.96 1.38 6.59
N THR A 44 -11.80 2.32 7.02
CA THR A 44 -12.38 3.31 6.12
C THR A 44 -12.28 4.69 6.76
N PHE A 45 -11.80 5.67 5.98
CA PHE A 45 -11.74 7.07 6.41
C PHE A 45 -12.02 7.90 5.18
N LYS A 46 -13.31 8.23 4.96
CA LYS A 46 -13.75 8.94 3.77
C LYS A 46 -14.39 10.25 4.18
N CYS A 47 -13.91 11.35 3.61
CA CYS A 47 -14.44 12.67 3.91
C CYS A 47 -15.15 13.24 2.70
N TYR A 48 -16.20 14.02 2.95
CA TYR A 48 -17.03 14.59 1.89
C TYR A 48 -17.12 16.10 2.09
N GLY A 49 -16.71 16.85 1.07
CA GLY A 49 -16.75 18.30 1.09
C GLY A 49 -15.68 18.96 1.92
N VAL A 50 -14.85 18.20 2.63
CA VAL A 50 -13.80 18.75 3.47
C VAL A 50 -12.56 17.87 3.33
N SER A 51 -11.39 18.49 3.25
CA SER A 51 -10.20 17.64 3.21
C SER A 51 -9.75 17.33 4.63
N PRO A 52 -9.33 16.08 4.89
CA PRO A 52 -8.91 15.73 6.27
C PRO A 52 -7.71 16.52 6.75
N THR A 53 -6.74 16.80 5.87
CA THR A 53 -5.57 17.58 6.27
C THR A 53 -5.95 19.02 6.58
N LYS A 54 -6.85 19.60 5.78
CA LYS A 54 -7.28 20.97 5.98
C LYS A 54 -8.22 21.13 7.17
N LEU A 55 -8.66 20.02 7.78
CA LEU A 55 -9.60 20.10 8.90
C LEU A 55 -9.04 20.91 10.05
N ASN A 56 -7.75 20.77 10.33
CA ASN A 56 -7.12 21.51 11.43
C ASN A 56 -7.03 23.00 11.15
N ASP A 57 -7.28 23.43 9.91
CA ASP A 57 -7.21 24.84 9.54
C ASP A 57 -8.60 25.45 9.36
N LEU A 58 -9.64 24.81 9.88
CA LEU A 58 -11.01 25.27 9.75
C LEU A 58 -11.65 25.43 11.12
N CYS A 59 -12.81 26.06 11.13
CA CYS A 59 -13.61 26.27 12.33
C CYS A 59 -15.08 26.06 11.98
N PHE A 60 -15.79 25.34 12.84
CA PHE A 60 -17.19 25.04 12.61
C PHE A 60 -18.02 25.41 13.83
N THR A 61 -19.31 25.65 13.60
CA THR A 61 -20.21 26.00 14.70
C THR A 61 -20.35 24.85 15.68
N ASN A 62 -20.68 23.67 15.18
CA ASN A 62 -20.81 22.48 16.03
C ASN A 62 -20.40 21.25 15.24
N VAL A 63 -20.00 20.21 15.97
CA VAL A 63 -19.64 18.93 15.39
C VAL A 63 -20.49 17.84 16.04
N TYR A 64 -20.99 16.92 15.23
CA TYR A 64 -21.81 15.81 15.70
C TYR A 64 -21.09 14.51 15.39
N ALA A 65 -20.82 13.72 16.42
CA ALA A 65 -20.13 12.44 16.28
C ALA A 65 -21.14 11.32 16.49
N ASP A 66 -21.62 10.74 15.39
CA ASP A 66 -22.56 9.63 15.44
C ASP A 66 -21.81 8.31 15.43
N SER A 67 -22.19 7.40 16.31
CA SER A 67 -21.51 6.12 16.47
C SER A 67 -22.52 4.98 16.50
N PHE A 68 -22.23 3.91 15.76
CA PHE A 68 -23.07 2.72 15.74
C PHE A 68 -22.24 1.56 15.21
N VAL A 69 -22.88 0.40 15.12
CA VAL A 69 -22.24 -0.83 14.66
C VAL A 69 -23.10 -1.47 13.57
N ILE A 70 -22.47 -1.81 12.46
CA ILE A 70 -23.10 -2.54 11.37
C ILE A 70 -22.17 -3.67 10.95
N ARG A 71 -22.53 -4.39 9.90
CA ARG A 71 -21.63 -5.38 9.34
C ARG A 71 -20.81 -4.76 8.22
N GLY A 72 -19.77 -5.47 7.80
CA GLY A 72 -18.84 -4.92 6.84
C GLY A 72 -19.49 -4.56 5.51
N ASP A 73 -20.39 -5.41 5.02
CA ASP A 73 -21.02 -5.17 3.74
C ASP A 73 -21.88 -3.91 3.74
N GLU A 74 -22.26 -3.40 4.90
CA GLU A 74 -23.11 -2.23 5.02
C GLU A 74 -22.34 -0.94 5.24
N VAL A 75 -21.00 -0.98 5.30
CA VAL A 75 -20.23 0.23 5.55
C VAL A 75 -20.42 1.24 4.43
N ARG A 76 -20.50 0.76 3.18
CA ARG A 76 -20.66 1.65 2.04
C ARG A 76 -21.99 2.39 2.05
N GLN A 77 -22.98 1.89 2.79
CA GLN A 77 -24.26 2.60 2.86
C GLN A 77 -24.17 3.86 3.70
N ILE A 78 -23.10 4.02 4.47
CA ILE A 78 -22.90 5.26 5.23
C ILE A 78 -22.15 6.20 4.30
N ALA A 79 -22.92 6.84 3.42
CA ALA A 79 -22.39 7.76 2.42
C ALA A 79 -23.57 8.51 1.79
N PRO A 80 -23.35 9.74 1.30
CA PRO A 80 -24.46 10.48 0.68
C PRO A 80 -24.98 9.75 -0.55
N GLY A 81 -26.30 9.78 -0.72
CA GLY A 81 -26.90 9.23 -1.92
C GLY A 81 -26.93 7.72 -2.00
N GLN A 82 -26.75 7.03 -0.90
CA GLN A 82 -26.73 5.58 -0.91
C GLN A 82 -28.12 5.00 -0.61
N THR A 83 -28.31 3.76 -1.02
CA THR A 83 -29.54 3.01 -0.76
C THR A 83 -29.19 1.70 -0.09
N GLY A 84 -30.22 1.02 0.41
CA GLY A 84 -30.04 -0.20 1.17
C GLY A 84 -30.76 -0.14 2.50
N LYS A 85 -30.75 -1.29 3.19
CA LYS A 85 -31.49 -1.40 4.44
C LYS A 85 -30.97 -0.43 5.49
N ILE A 86 -29.65 -0.30 5.61
CA ILE A 86 -29.09 0.65 6.57
C ILE A 86 -29.39 2.08 6.13
N ALA A 87 -29.16 2.38 4.86
CA ALA A 87 -29.35 3.74 4.37
C ALA A 87 -30.82 4.14 4.38
N ASP A 88 -31.73 3.20 4.14
CA ASP A 88 -33.14 3.54 4.05
C ASP A 88 -33.85 3.50 5.41
N TYR A 89 -33.52 2.54 6.26
CA TYR A 89 -34.28 2.30 7.47
C TYR A 89 -33.49 2.47 8.77
N ASN A 90 -32.17 2.66 8.70
CA ASN A 90 -31.37 2.75 9.90
C ASN A 90 -30.64 4.07 10.06
N TYR A 91 -29.87 4.50 9.06
CA TYR A 91 -29.07 5.71 9.17
C TYR A 91 -28.87 6.29 7.79
N LYS A 92 -29.38 7.50 7.56
CA LYS A 92 -29.35 8.15 6.26
C LYS A 92 -28.54 9.44 6.33
N LEU A 93 -27.59 9.59 5.42
CA LEU A 93 -26.81 10.81 5.27
C LEU A 93 -27.40 11.70 4.18
N PRO A 94 -27.37 13.03 4.38
CA PRO A 94 -27.93 13.93 3.37
C PRO A 94 -27.07 13.98 2.11
N ASP A 95 -27.71 14.42 1.02
CA ASP A 95 -27.00 14.53 -0.26
C ASP A 95 -25.90 15.57 -0.19
N ASP A 96 -26.09 16.63 0.60
CA ASP A 96 -25.09 17.67 0.78
C ASP A 96 -24.26 17.45 2.04
N PHE A 97 -23.99 16.18 2.38
CA PHE A 97 -23.26 15.87 3.59
C PHE A 97 -21.86 16.49 3.57
N THR A 98 -21.48 17.08 4.70
CA THR A 98 -20.17 17.70 4.86
C THR A 98 -19.54 17.11 6.12
N GLY A 99 -18.52 16.28 5.93
CA GLY A 99 -17.89 15.61 7.04
C GLY A 99 -17.17 14.35 6.59
N CYS A 100 -16.79 13.54 7.58
CA CYS A 100 -16.01 12.34 7.35
C CYS A 100 -16.73 11.14 7.95
N VAL A 101 -16.53 9.97 7.32
CA VAL A 101 -17.06 8.71 7.80
C VAL A 101 -15.89 7.80 8.12
N ILE A 102 -15.85 7.31 9.36
CA ILE A 102 -14.75 6.48 9.84
C ILE A 102 -15.32 5.14 10.30
N ALA A 103 -14.67 4.06 9.89
CA ALA A 103 -15.13 2.72 10.22
C ALA A 103 -13.93 1.81 10.37
N TRP A 104 -13.98 0.92 11.35
CA TRP A 104 -12.92 -0.04 11.59
C TRP A 104 -13.52 -1.36 12.06
N ASN A 105 -12.84 -2.45 11.71
CA ASN A 105 -13.30 -3.77 12.11
C ASN A 105 -13.23 -3.93 13.61
N SER A 106 -14.27 -4.51 14.19
CA SER A 106 -14.37 -4.73 15.63
C SER A 106 -14.81 -6.16 15.91
N ASN A 107 -14.29 -7.12 15.14
CA ASN A 107 -14.62 -8.51 15.36
C ASN A 107 -14.10 -9.00 16.71
N ASN A 108 -12.96 -8.47 17.16
CA ASN A 108 -12.41 -8.88 18.44
C ASN A 108 -13.22 -8.38 19.62
N LEU A 109 -13.97 -7.29 19.45
CA LEU A 109 -14.68 -6.65 20.56
C LEU A 109 -16.16 -7.00 20.58
N ASP A 110 -16.83 -6.93 19.42
CA ASP A 110 -18.28 -7.00 19.35
C ASP A 110 -18.79 -8.37 18.89
N SER A 111 -17.95 -9.39 18.93
CA SER A 111 -18.35 -10.70 18.45
C SER A 111 -17.98 -11.77 19.48
N LYS A 112 -18.84 -12.78 19.60
CA LYS A 112 -18.59 -13.91 20.50
C LYS A 112 -19.06 -15.19 19.82
N VAL A 113 -18.42 -16.31 20.19
CA VAL A 113 -18.86 -17.62 19.72
C VAL A 113 -20.28 -17.87 20.18
N GLY A 114 -21.13 -18.32 19.26
CA GLY A 114 -22.54 -18.50 19.51
C GLY A 114 -23.39 -17.32 19.10
N GLY A 115 -22.77 -16.19 18.75
CA GLY A 115 -23.51 -15.03 18.26
C GLY A 115 -23.74 -13.95 19.29
N ASN A 116 -23.37 -12.72 18.95
CA ASN A 116 -23.70 -11.56 19.75
C ASN A 116 -24.98 -10.94 19.21
N TYR A 117 -26.03 -10.95 20.03
CA TYR A 117 -27.35 -10.51 19.60
C TYR A 117 -27.75 -9.20 20.25
N ASN A 118 -26.79 -8.45 20.77
CA ASN A 118 -27.07 -7.14 21.32
C ASN A 118 -27.20 -6.08 20.24
N TYR A 119 -26.57 -6.29 19.08
CA TYR A 119 -26.60 -5.32 18.00
C TYR A 119 -27.74 -5.63 17.06
N LEU A 120 -28.60 -4.64 16.83
CA LEU A 120 -29.81 -4.82 16.04
C LEU A 120 -29.84 -3.80 14.90
N TYR A 121 -30.64 -4.10 13.89
CA TYR A 121 -30.89 -3.19 12.78
C TYR A 121 -32.36 -3.27 12.41
N ARG A 122 -32.89 -2.14 11.93
CA ARG A 122 -34.28 -2.10 11.49
C ARG A 122 -34.38 -2.72 10.10
N LEU A 123 -35.21 -3.74 9.96
CA LEU A 123 -35.37 -4.45 8.71
C LEU A 123 -36.59 -4.01 7.91
N PHE A 124 -37.67 -3.63 8.59
CA PHE A 124 -38.91 -3.22 7.93
C PHE A 124 -39.27 -1.80 8.34
N ARG A 125 -39.74 -1.01 7.37
CA ARG A 125 -40.24 0.32 7.64
C ARG A 125 -41.07 0.76 6.44
N LYS A 126 -42.16 1.48 6.69
CA LYS A 126 -43.05 1.88 5.61
C LYS A 126 -42.38 2.88 4.67
N SER A 127 -41.58 3.79 5.21
CA SER A 127 -40.95 4.82 4.41
C SER A 127 -39.47 4.92 4.79
N ASN A 128 -38.69 5.53 3.90
CA ASN A 128 -37.27 5.71 4.16
C ASN A 128 -37.06 6.77 5.23
N LEU A 129 -35.90 6.69 5.87
CA LEU A 129 -35.53 7.69 6.87
C LEU A 129 -35.02 8.95 6.19
N LYS A 130 -35.45 10.09 6.68
CA LYS A 130 -34.86 11.34 6.28
C LYS A 130 -33.47 11.46 6.90
N PRO A 131 -32.60 12.32 6.35
CA PRO A 131 -31.24 12.41 6.87
C PRO A 131 -31.20 12.70 8.37
N PHE A 132 -30.31 11.99 9.06
CA PHE A 132 -30.08 12.14 10.50
C PHE A 132 -31.35 11.86 11.31
N GLU A 133 -32.21 10.99 10.82
CA GLU A 133 -33.39 10.57 11.57
C GLU A 133 -33.06 9.31 12.37
N ARG A 134 -33.62 9.23 13.57
CA ARG A 134 -33.38 8.12 14.48
C ARG A 134 -34.72 7.49 14.84
N ASP A 135 -34.99 6.32 14.29
CA ASP A 135 -36.26 5.62 14.50
C ASP A 135 -35.99 4.39 15.37
N ILE A 136 -36.51 4.43 16.60
CA ILE A 136 -36.38 3.31 17.53
C ILE A 136 -37.72 2.65 17.81
N SER A 137 -38.71 2.89 16.94
CA SER A 137 -40.02 2.29 17.12
C SER A 137 -39.94 0.78 17.01
N THR A 138 -40.74 0.09 17.82
CA THR A 138 -40.84 -1.37 17.78
C THR A 138 -42.22 -1.82 17.35
N GLU A 139 -42.99 -0.93 16.71
CA GLU A 139 -44.32 -1.30 16.24
C GLU A 139 -44.25 -2.37 15.17
N ILE A 140 -45.20 -3.30 15.19
CA ILE A 140 -45.20 -4.41 14.26
C ILE A 140 -45.47 -3.89 12.85
N TYR A 141 -44.62 -4.28 11.90
CA TYR A 141 -44.75 -3.84 10.53
C TYR A 141 -45.87 -4.61 9.84
N GLN A 142 -46.78 -3.89 9.19
CA GLN A 142 -47.92 -4.48 8.50
C GLN A 142 -47.56 -4.64 7.02
N ALA A 143 -47.22 -5.86 6.64
CA ALA A 143 -46.89 -6.18 5.25
C ALA A 143 -48.12 -6.49 4.40
N GLY A 144 -49.31 -6.58 5.00
CA GLY A 144 -50.52 -6.85 4.26
C GLY A 144 -51.61 -5.82 4.49
N SER A 145 -52.86 -6.19 4.24
CA SER A 145 -53.99 -5.30 4.43
C SER A 145 -54.74 -5.56 5.73
N THR A 146 -54.32 -6.53 6.51
CA THR A 146 -54.95 -6.81 7.79
C THR A 146 -54.23 -6.07 8.91
N PRO A 147 -54.93 -5.28 9.71
CA PRO A 147 -54.27 -4.58 10.83
C PRO A 147 -53.64 -5.58 11.80
N CYS A 148 -52.45 -5.23 12.27
CA CYS A 148 -51.70 -6.16 13.12
C CYS A 148 -52.15 -6.08 14.58
N ASN A 149 -52.47 -4.88 15.06
CA ASN A 149 -52.92 -4.67 16.44
C ASN A 149 -51.88 -5.15 17.44
N GLY A 150 -50.60 -4.95 17.11
CA GLY A 150 -49.53 -5.17 18.05
C GLY A 150 -49.16 -6.61 18.32
N VAL A 151 -49.72 -7.57 17.57
CA VAL A 151 -49.39 -8.98 17.74
C VAL A 151 -48.76 -9.48 16.45
N GLU A 152 -47.65 -10.21 16.58
CA GLU A 152 -46.95 -10.74 15.43
C GLU A 152 -47.77 -11.85 14.78
N GLY A 153 -47.47 -12.12 13.52
CA GLY A 153 -48.17 -13.15 12.78
C GLY A 153 -47.84 -13.08 11.31
N PHE A 154 -48.69 -13.70 10.49
CA PHE A 154 -48.53 -13.63 9.05
C PHE A 154 -48.76 -12.20 8.58
N ASN A 155 -47.86 -11.70 7.73
CA ASN A 155 -47.88 -10.32 7.23
C ASN A 155 -47.80 -9.29 8.35
N CYS A 156 -47.25 -9.68 9.51
CA CYS A 156 -47.09 -8.78 10.66
C CYS A 156 -45.78 -9.17 11.33
N TYR A 157 -44.72 -8.41 11.04
CA TYR A 157 -43.37 -8.80 11.43
C TYR A 157 -42.76 -7.74 12.35
N PHE A 158 -41.92 -8.21 13.26
CA PHE A 158 -41.16 -7.32 14.13
C PHE A 158 -40.16 -6.53 13.29
N PRO A 159 -40.12 -5.21 13.40
CA PRO A 159 -39.27 -4.42 12.50
C PRO A 159 -37.78 -4.63 12.70
N LEU A 160 -37.34 -5.10 13.86
CA LEU A 160 -35.92 -5.23 14.16
C LEU A 160 -35.44 -6.66 13.98
N GLN A 161 -34.17 -6.79 13.60
CA GLN A 161 -33.48 -8.08 13.55
C GLN A 161 -32.10 -7.94 14.16
N SER A 162 -31.55 -9.07 14.61
CA SER A 162 -30.25 -9.12 15.24
C SER A 162 -29.18 -9.54 14.25
N TYR A 163 -27.99 -8.95 14.38
CA TYR A 163 -26.88 -9.33 13.52
C TYR A 163 -26.37 -10.72 13.86
N GLY A 164 -26.24 -11.03 15.15
CA GLY A 164 -25.69 -12.31 15.56
C GLY A 164 -24.25 -12.50 15.16
N PHE A 165 -23.39 -11.59 15.59
CA PHE A 165 -22.00 -11.60 15.15
C PHE A 165 -21.26 -12.80 15.73
N GLN A 166 -20.58 -13.56 14.87
CA GLN A 166 -19.72 -14.65 15.25
C GLN A 166 -18.32 -14.42 14.69
N PRO A 167 -17.28 -14.76 15.45
CA PRO A 167 -15.91 -14.57 14.95
C PRO A 167 -15.59 -15.41 13.74
N THR A 168 -16.31 -16.52 13.53
CA THR A 168 -16.12 -17.36 12.36
C THR A 168 -16.78 -16.81 11.11
N ASN A 169 -17.56 -15.74 11.23
CA ASN A 169 -18.21 -15.15 10.07
C ASN A 169 -17.18 -14.54 9.13
N GLY A 170 -17.55 -14.43 7.86
CA GLY A 170 -16.71 -13.78 6.90
C GLY A 170 -16.56 -12.30 7.19
N VAL A 171 -15.53 -11.70 6.59
CA VAL A 171 -15.23 -10.30 6.85
C VAL A 171 -16.39 -9.40 6.43
N GLY A 172 -17.19 -9.83 5.47
CA GLY A 172 -18.36 -9.06 5.08
C GLY A 172 -19.48 -9.07 6.10
N TYR A 173 -19.49 -10.07 6.99
CA TYR A 173 -20.51 -10.16 8.03
C TYR A 173 -19.94 -9.92 9.42
N GLN A 174 -18.68 -9.49 9.51
CA GLN A 174 -18.08 -9.17 10.80
C GLN A 174 -18.49 -7.75 11.23
N PRO A 175 -18.52 -7.49 12.53
CA PRO A 175 -18.96 -6.18 13.00
C PRO A 175 -17.94 -5.09 12.72
N TYR A 176 -18.42 -3.95 12.25
CA TYR A 176 -17.61 -2.77 12.03
C TYR A 176 -18.20 -1.60 12.82
N ARG A 177 -17.36 -0.92 13.59
CA ARG A 177 -17.76 0.26 14.32
C ARG A 177 -17.59 1.49 13.45
N VAL A 178 -18.64 2.31 13.35
CA VAL A 178 -18.69 3.44 12.44
C VAL A 178 -18.87 4.72 13.24
N VAL A 179 -18.05 5.72 12.96
CA VAL A 179 -18.17 7.04 13.55
C VAL A 179 -18.34 8.05 12.43
N VAL A 180 -19.41 8.83 12.49
CA VAL A 180 -19.72 9.83 11.48
C VAL A 180 -19.54 11.21 12.11
N LEU A 181 -18.60 11.99 11.58
CA LEU A 181 -18.34 13.34 12.04
C LEU A 181 -19.03 14.31 11.08
N SER A 182 -20.03 15.02 11.58
CA SER A 182 -20.76 16.01 10.79
C SER A 182 -20.35 17.39 11.27
N PHE A 183 -19.85 18.22 10.35
CA PHE A 183 -19.42 19.58 10.66
C PHE A 183 -20.50 20.53 10.16
N GLU A 184 -21.31 21.05 11.08
CA GLU A 184 -22.41 21.93 10.73
C GLU A 184 -21.92 23.36 10.64
N LEU A 185 -22.47 24.11 9.68
CA LEU A 185 -22.09 25.49 9.42
C LEU A 185 -23.34 26.35 9.53
N LEU A 186 -23.43 27.14 10.59
CA LEU A 186 -24.54 28.04 10.84
C LEU A 186 -24.03 29.46 10.98
N HIS A 187 -24.96 30.42 10.92
CA HIS A 187 -24.64 31.83 11.11
C HIS A 187 -24.63 32.13 12.61
N ALA A 188 -23.66 31.53 13.29
CA ALA A 188 -23.49 31.63 14.73
C ALA A 188 -22.00 31.57 15.04
N PRO A 189 -21.59 32.06 16.21
CA PRO A 189 -20.17 31.97 16.57
C PRO A 189 -19.70 30.52 16.61
N ALA A 190 -18.49 30.30 16.08
CA ALA A 190 -17.92 28.97 16.00
C ALA A 190 -17.20 28.62 17.30
N THR A 191 -17.42 27.40 17.77
CA THR A 191 -16.86 26.94 19.04
C THR A 191 -15.94 25.74 18.88
N VAL A 192 -15.73 25.25 17.66
CA VAL A 192 -14.84 24.13 17.40
C VAL A 192 -13.85 24.54 16.33
N CYS A 193 -12.56 24.38 16.62
CA CYS A 193 -11.50 24.75 15.69
C CYS A 193 -10.37 23.73 15.79
N GLY A 194 -9.52 23.73 14.77
CA GLY A 194 -8.38 22.83 14.74
C GLY A 194 -7.17 23.35 15.48
N GLN B 1 -16.49 -23.34 37.33
CA GLN B 1 -17.38 -24.07 36.43
C GLN B 1 -18.81 -23.52 36.51
N VAL B 2 -19.52 -23.54 35.39
CA VAL B 2 -20.91 -23.10 35.36
C VAL B 2 -21.80 -24.21 35.91
N GLN B 3 -22.69 -23.84 36.82
CA GLN B 3 -23.61 -24.79 37.44
C GLN B 3 -25.02 -24.23 37.42
N LEU B 4 -25.99 -25.09 37.11
CA LEU B 4 -27.40 -24.73 37.11
C LEU B 4 -28.15 -25.72 38.00
N LEU B 5 -28.63 -25.25 39.15
CA LEU B 5 -29.34 -26.07 40.11
C LEU B 5 -30.82 -25.70 40.08
N GLU B 6 -31.68 -26.69 39.95
CA GLU B 6 -33.11 -26.48 39.78
C GLU B 6 -33.86 -26.92 41.04
N SER B 7 -34.99 -26.27 41.29
CA SER B 7 -35.81 -26.56 42.45
C SER B 7 -37.25 -26.14 42.16
N GLY B 8 -38.17 -26.65 42.96
CA GLY B 8 -39.57 -26.32 42.86
C GLY B 8 -40.46 -27.43 42.34
N GLY B 9 -39.88 -28.55 41.92
CA GLY B 9 -40.68 -29.64 41.40
C GLY B 9 -41.45 -30.37 42.49
N GLY B 10 -42.45 -31.12 42.06
CA GLY B 10 -43.26 -31.90 42.99
C GLY B 10 -44.57 -32.29 42.34
N LEU B 11 -45.55 -32.60 43.20
CA LEU B 11 -46.87 -33.01 42.77
C LEU B 11 -47.84 -31.83 42.92
N VAL B 12 -48.75 -31.70 41.97
CA VAL B 12 -49.76 -30.65 42.01
C VAL B 12 -51.02 -31.14 41.31
N GLN B 13 -52.17 -30.76 41.86
CA GLN B 13 -53.44 -31.12 41.25
C GLN B 13 -53.66 -30.32 39.98
N PRO B 14 -54.46 -30.83 39.05
CA PRO B 14 -54.79 -30.05 37.84
C PRO B 14 -55.48 -28.75 38.19
N GLY B 15 -55.09 -27.69 37.48
CA GLY B 15 -55.57 -26.36 37.77
C GLY B 15 -54.77 -25.61 38.81
N GLY B 16 -53.82 -26.26 39.47
CA GLY B 16 -53.00 -25.64 40.49
C GLY B 16 -51.89 -24.80 39.90
N SER B 17 -51.01 -24.32 40.77
CA SER B 17 -49.92 -23.47 40.36
C SER B 17 -48.70 -23.73 41.23
N LEU B 18 -47.52 -23.57 40.63
CA LEU B 18 -46.26 -23.68 41.35
C LEU B 18 -45.19 -22.94 40.56
N ARG B 19 -44.15 -22.52 41.26
CA ARG B 19 -43.04 -21.78 40.68
C ARG B 19 -41.75 -22.57 40.83
N LEU B 20 -40.99 -22.66 39.74
CA LEU B 20 -39.71 -23.35 39.73
C LEU B 20 -38.57 -22.34 39.70
N SER B 21 -37.48 -22.67 40.38
CA SER B 21 -36.32 -21.80 40.46
C SER B 21 -35.11 -22.52 39.90
N CYS B 22 -34.24 -21.75 39.24
CA CYS B 22 -33.01 -22.26 38.64
C CYS B 22 -31.88 -21.34 39.11
N ALA B 23 -31.10 -21.81 40.07
CA ALA B 23 -29.99 -21.02 40.60
C ALA B 23 -28.76 -21.28 39.72
N ALA B 24 -28.28 -20.22 39.08
CA ALA B 24 -27.15 -20.32 38.16
C ALA B 24 -25.93 -19.65 38.77
N SER B 25 -24.76 -20.21 38.45
CA SER B 25 -23.50 -19.69 38.95
C SER B 25 -22.40 -20.04 37.96
N GLY B 26 -21.28 -19.34 38.08
CA GLY B 26 -20.13 -19.59 37.24
C GLY B 26 -20.04 -18.77 35.97
N PHE B 27 -20.94 -17.81 35.78
CA PHE B 27 -20.93 -16.98 34.58
C PHE B 27 -21.70 -15.69 34.86
N THR B 28 -21.57 -14.73 33.95
CA THR B 28 -22.31 -13.49 34.05
C THR B 28 -23.76 -13.77 33.68
N PHE B 29 -24.62 -13.87 34.70
CA PHE B 29 -26.00 -14.29 34.49
C PHE B 29 -26.77 -13.30 33.63
N SER B 30 -26.60 -12.01 33.88
CA SER B 30 -27.32 -10.98 33.13
C SER B 30 -26.90 -10.92 31.68
N SER B 31 -25.78 -11.55 31.30
CA SER B 31 -25.25 -11.45 29.96
C SER B 31 -25.80 -12.49 29.00
N TYR B 32 -26.43 -13.54 29.48
CA TYR B 32 -26.88 -14.63 28.63
C TYR B 32 -28.38 -14.85 28.76
N ALA B 33 -28.99 -15.34 27.68
CA ALA B 33 -30.40 -15.70 27.70
C ALA B 33 -30.61 -17.04 28.37
N MET B 34 -31.71 -17.16 29.11
CA MET B 34 -32.04 -18.38 29.84
C MET B 34 -33.37 -18.93 29.32
N SER B 35 -33.53 -20.25 29.43
CA SER B 35 -34.67 -20.92 28.84
C SER B 35 -35.14 -22.05 29.74
N TRP B 36 -36.42 -22.40 29.60
CA TRP B 36 -37.01 -23.56 30.25
C TRP B 36 -37.42 -24.55 29.18
N VAL B 37 -36.94 -25.79 29.31
CA VAL B 37 -37.25 -26.87 28.39
C VAL B 37 -37.88 -28.01 29.18
N ARG B 38 -38.91 -28.63 28.62
CA ARG B 38 -39.63 -29.70 29.28
C ARG B 38 -39.48 -30.99 28.48
N GLN B 39 -39.60 -32.12 29.18
CA GLN B 39 -39.51 -33.43 28.54
C GLN B 39 -40.51 -34.36 29.23
N ALA B 40 -41.56 -34.74 28.52
CA ALA B 40 -42.55 -35.64 29.07
C ALA B 40 -41.96 -37.04 29.23
N PRO B 41 -42.49 -37.84 30.14
CA PRO B 41 -41.99 -39.21 30.33
C PRO B 41 -42.09 -40.01 29.04
N GLY B 42 -40.94 -40.44 28.53
CA GLY B 42 -40.89 -41.19 27.29
C GLY B 42 -41.08 -40.36 26.05
N LYS B 43 -40.92 -39.04 26.14
CA LYS B 43 -41.05 -38.14 25.01
C LYS B 43 -39.74 -37.41 24.77
N GLY B 44 -39.65 -36.75 23.62
CA GLY B 44 -38.52 -35.92 23.29
C GLY B 44 -38.57 -34.56 23.97
N LEU B 45 -37.52 -33.78 23.75
CA LEU B 45 -37.46 -32.45 24.32
C LEU B 45 -38.47 -31.53 23.65
N GLU B 46 -38.84 -30.48 24.36
CA GLU B 46 -39.77 -29.47 23.83
C GLU B 46 -39.50 -28.16 24.54
N TRP B 47 -39.07 -27.16 23.78
CA TRP B 47 -38.82 -25.85 24.37
C TRP B 47 -40.12 -25.27 24.92
N ALA B 48 -40.03 -24.63 26.07
CA ALA B 48 -41.21 -24.11 26.76
C ALA B 48 -41.20 -22.60 26.88
N SER B 49 -40.07 -22.01 27.27
CA SER B 49 -40.02 -20.57 27.45
C SER B 49 -38.57 -20.13 27.47
N ALA B 50 -38.37 -18.81 27.33
CA ALA B 50 -37.04 -18.23 27.31
C ALA B 50 -37.13 -16.74 27.62
N ILE B 51 -36.07 -16.20 28.21
CA ILE B 51 -35.95 -14.78 28.51
C ILE B 51 -34.63 -14.25 27.97
N SER B 52 -34.63 -12.97 27.60
CA SER B 52 -33.38 -12.29 27.32
C SER B 52 -32.59 -12.10 28.62
N GLY B 53 -31.32 -11.72 28.48
CA GLY B 53 -30.47 -11.56 29.65
C GLY B 53 -30.96 -10.49 30.59
N SER B 54 -31.45 -9.37 30.04
CA SER B 54 -31.94 -8.29 30.89
C SER B 54 -33.28 -8.62 31.51
N GLY B 55 -34.05 -9.50 30.88
CA GLY B 55 -35.37 -9.84 31.37
C GLY B 55 -36.51 -9.09 30.72
N GLY B 56 -36.22 -8.18 29.79
CA GLY B 56 -37.28 -7.42 29.16
C GLY B 56 -38.07 -8.17 28.11
N SER B 57 -37.44 -9.15 27.46
CA SER B 57 -38.06 -9.89 26.36
C SER B 57 -38.28 -11.33 26.79
N THR B 58 -39.50 -11.83 26.58
CA THR B 58 -39.86 -13.18 26.95
C THR B 58 -40.56 -13.87 25.80
N TYR B 59 -40.34 -15.18 25.70
CA TYR B 59 -40.98 -16.02 24.70
C TYR B 59 -41.62 -17.22 25.37
N TYR B 60 -42.77 -17.65 24.87
CA TYR B 60 -43.46 -18.83 25.36
C TYR B 60 -43.89 -19.68 24.18
N ALA B 61 -43.87 -21.00 24.39
CA ALA B 61 -44.41 -21.91 23.39
C ALA B 61 -45.92 -21.79 23.34
N ASP B 62 -46.51 -22.23 22.22
CA ASP B 62 -47.95 -22.16 22.06
C ASP B 62 -48.68 -23.00 23.10
N SER B 63 -48.09 -24.13 23.51
CA SER B 63 -48.71 -24.97 24.52
C SER B 63 -48.80 -24.25 25.87
N VAL B 64 -47.87 -23.35 26.16
CA VAL B 64 -47.75 -22.75 27.48
C VAL B 64 -48.10 -21.29 27.51
N GLU B 65 -48.35 -20.66 26.36
CA GLU B 65 -48.57 -19.21 26.34
C GLU B 65 -49.82 -18.84 27.12
N GLY B 66 -49.71 -17.81 27.95
CA GLY B 66 -50.81 -17.36 28.79
C GLY B 66 -50.91 -18.11 30.09
N ARG B 67 -50.58 -19.41 30.06
CA ARG B 67 -50.63 -20.22 31.27
C ARG B 67 -49.43 -19.96 32.16
N PHE B 68 -48.22 -20.04 31.59
CA PHE B 68 -47.00 -19.84 32.34
C PHE B 68 -46.47 -18.43 32.11
N THR B 69 -45.82 -17.89 33.14
CA THR B 69 -45.09 -16.63 33.03
C THR B 69 -43.68 -16.88 33.53
N ILE B 70 -42.70 -16.38 32.78
CA ILE B 70 -41.28 -16.62 33.05
C ILE B 70 -40.64 -15.30 33.50
N SER B 71 -39.80 -15.38 34.53
CA SER B 71 -39.20 -14.19 35.11
C SER B 71 -37.76 -14.49 35.49
N ARG B 72 -37.03 -13.44 35.86
CA ARG B 72 -35.62 -13.56 36.15
C ARG B 72 -35.19 -12.48 37.15
N ASP B 73 -34.38 -12.87 38.12
CA ASP B 73 -33.76 -11.95 39.05
C ASP B 73 -32.25 -12.00 38.85
N ASN B 74 -31.70 -10.96 38.22
CA ASN B 74 -30.26 -10.94 37.94
C ASN B 74 -29.45 -10.81 39.22
N SER B 75 -29.97 -10.09 40.22
CA SER B 75 -29.27 -9.95 41.48
C SER B 75 -29.13 -11.30 42.18
N LYS B 76 -30.20 -12.10 42.20
CA LYS B 76 -30.15 -13.41 42.82
C LYS B 76 -29.50 -14.47 41.95
N ASN B 77 -29.24 -14.17 40.67
CA ASN B 77 -28.74 -15.14 39.71
C ASN B 77 -29.67 -16.35 39.65
N THR B 78 -30.97 -16.09 39.62
CA THR B 78 -31.99 -17.14 39.65
C THR B 78 -32.96 -16.94 38.51
N LEU B 79 -33.38 -18.05 37.90
CA LEU B 79 -34.39 -18.06 36.86
C LEU B 79 -35.66 -18.67 37.40
N TYR B 80 -36.81 -18.08 37.07
CA TYR B 80 -38.09 -18.49 37.61
C TYR B 80 -39.06 -18.83 36.48
N LEU B 81 -39.88 -19.85 36.70
CA LEU B 81 -40.95 -20.23 35.78
C LEU B 81 -42.21 -20.46 36.61
N GLN B 82 -43.16 -19.53 36.54
CA GLN B 82 -44.42 -19.64 37.26
C GLN B 82 -45.44 -20.35 36.37
N MET B 83 -45.89 -21.52 36.81
CA MET B 83 -46.82 -22.35 36.06
C MET B 83 -48.20 -22.24 36.70
N ASN B 84 -49.18 -21.78 35.93
CA ASN B 84 -50.55 -21.61 36.41
C ASN B 84 -51.52 -22.39 35.52
N SER B 85 -52.66 -22.74 36.09
CA SER B 85 -53.71 -23.48 35.41
C SER B 85 -53.16 -24.76 34.78
N LEU B 86 -52.50 -25.56 35.61
CA LEU B 86 -51.79 -26.74 35.14
C LEU B 86 -52.74 -27.82 34.68
N ARG B 87 -52.32 -28.57 33.68
CA ARG B 87 -53.09 -29.69 33.15
C ARG B 87 -52.20 -30.92 33.09
N ALA B 88 -52.82 -32.06 32.79
CA ALA B 88 -52.11 -33.34 32.82
C ALA B 88 -50.96 -33.39 31.83
N GLU B 89 -51.12 -32.76 30.66
CA GLU B 89 -50.06 -32.79 29.66
C GLU B 89 -48.81 -32.05 30.11
N ASP B 90 -48.91 -31.16 31.09
CA ASP B 90 -47.74 -30.44 31.58
C ASP B 90 -46.79 -31.32 32.39
N THR B 91 -47.23 -32.51 32.80
CA THR B 91 -46.37 -33.42 33.55
C THR B 91 -45.12 -33.77 32.75
N ALA B 92 -43.97 -33.31 33.21
CA ALA B 92 -42.72 -33.49 32.49
C ALA B 92 -41.57 -33.11 33.41
N VAL B 93 -40.36 -33.46 32.98
CA VAL B 93 -39.14 -33.02 33.64
C VAL B 93 -38.72 -31.71 33.02
N TYR B 94 -38.55 -30.68 33.85
CA TYR B 94 -38.28 -29.34 33.38
C TYR B 94 -36.81 -29.03 33.59
N TYR B 95 -36.14 -28.58 32.53
CA TYR B 95 -34.74 -28.20 32.57
C TYR B 95 -34.62 -26.70 32.32
N CYS B 96 -33.66 -26.08 32.98
CA CYS B 96 -33.26 -24.72 32.65
C CYS B 96 -31.94 -24.76 31.90
N ALA B 97 -31.87 -23.99 30.81
CA ALA B 97 -30.74 -24.04 29.89
C ALA B 97 -30.21 -22.64 29.63
N LYS B 98 -28.90 -22.50 29.68
CA LYS B 98 -28.20 -21.27 29.30
C LYS B 98 -27.75 -21.36 27.85
N ASP B 99 -28.04 -20.32 27.08
CA ASP B 99 -27.69 -20.32 25.67
C ASP B 99 -26.24 -19.92 25.45
N THR B 100 -25.64 -20.44 24.39
CA THR B 100 -24.28 -20.06 24.03
C THR B 100 -24.23 -18.64 23.48
N GLY B 101 -25.37 -18.07 23.07
CA GLY B 101 -25.37 -16.76 22.48
C GLY B 101 -25.21 -15.66 23.51
N TYR B 102 -24.87 -14.48 23.01
CA TYR B 102 -24.60 -13.32 23.84
C TYR B 102 -25.80 -12.39 23.72
N CYS B 103 -26.58 -12.29 24.79
CA CYS B 103 -27.81 -11.50 24.82
C CYS B 103 -27.76 -10.51 25.97
N GLY B 104 -28.89 -9.93 26.36
CA GLY B 104 -28.91 -9.10 27.54
C GLY B 104 -29.63 -7.77 27.48
N ASP B 105 -28.89 -6.68 27.72
CA ASP B 105 -29.51 -5.38 27.92
C ASP B 105 -30.22 -4.88 26.67
N ASP B 106 -29.51 -4.77 25.55
CA ASP B 106 -30.08 -4.27 24.32
C ASP B 106 -30.35 -5.39 23.31
N CYS B 107 -30.65 -6.60 23.78
CA CYS B 107 -31.05 -7.69 22.91
C CYS B 107 -32.52 -8.00 23.08
N TYR B 108 -33.05 -8.74 22.12
CA TYR B 108 -34.44 -9.18 22.11
C TYR B 108 -34.47 -10.68 21.97
N ILE B 109 -35.35 -11.33 22.74
CA ILE B 109 -35.60 -12.74 22.55
C ILE B 109 -36.41 -12.85 21.27
N LYS B 110 -36.54 -14.08 20.74
CA LYS B 110 -37.23 -14.33 19.47
C LYS B 110 -36.43 -13.78 18.28
N LEU B 111 -35.38 -13.02 18.58
CA LEU B 111 -34.44 -12.54 17.58
C LEU B 111 -33.09 -13.23 17.67
N ILE B 112 -32.95 -14.18 18.58
CA ILE B 112 -31.69 -14.87 18.77
C ILE B 112 -31.75 -16.22 18.08
N ARG B 113 -30.60 -16.85 17.93
CA ARG B 113 -30.52 -18.16 17.29
C ARG B 113 -29.21 -18.80 17.69
N GLY B 114 -29.27 -20.09 18.03
CA GLY B 114 -28.07 -20.76 18.47
C GLY B 114 -28.35 -22.07 19.16
N GLY B 115 -27.76 -22.26 20.34
CA GLY B 115 -27.93 -23.47 21.10
C GLY B 115 -27.66 -23.29 22.57
N PRO B 116 -28.12 -24.25 23.38
CA PRO B 116 -27.89 -24.17 24.83
C PRO B 116 -26.46 -24.53 25.18
N ASP B 117 -25.79 -23.64 25.91
CA ASP B 117 -24.47 -23.93 26.45
C ASP B 117 -24.54 -25.08 27.45
N TYR B 118 -25.27 -24.88 28.55
CA TYR B 118 -25.32 -25.81 29.66
C TYR B 118 -26.77 -26.03 30.09
N TRP B 119 -27.00 -27.17 30.74
CA TRP B 119 -28.33 -27.56 31.21
C TRP B 119 -28.28 -27.86 32.70
N GLY B 120 -29.38 -27.59 33.38
CA GLY B 120 -29.51 -27.96 34.77
C GLY B 120 -29.77 -29.45 34.94
N GLN B 121 -29.79 -29.88 36.20
CA GLN B 121 -30.00 -31.29 36.48
C GLN B 121 -31.41 -31.73 36.11
N GLY B 122 -32.37 -30.82 36.13
CA GLY B 122 -33.74 -31.14 35.78
C GLY B 122 -34.58 -31.49 36.99
N THR B 123 -35.79 -30.93 37.06
CA THR B 123 -36.72 -31.19 38.14
C THR B 123 -38.05 -31.64 37.55
N LEU B 124 -38.69 -32.60 38.21
CA LEU B 124 -39.89 -33.23 37.70
C LEU B 124 -41.13 -32.65 38.39
N VAL B 125 -42.15 -32.35 37.59
CA VAL B 125 -43.45 -31.93 38.09
C VAL B 125 -44.50 -32.89 37.54
N THR B 126 -45.37 -33.37 38.42
CA THR B 126 -46.47 -34.25 38.04
C THR B 126 -47.79 -33.55 38.33
N VAL B 127 -48.68 -33.52 37.33
CA VAL B 127 -50.00 -32.94 37.46
C VAL B 127 -51.01 -34.06 37.38
N SER B 128 -51.67 -34.35 38.51
CA SER B 128 -52.67 -35.41 38.57
C SER B 128 -53.51 -35.19 39.81
N SER B 129 -54.60 -35.96 39.90
CA SER B 129 -55.53 -35.88 41.03
C SER B 129 -55.27 -37.09 41.90
N ALA B 130 -54.30 -36.97 42.80
CA ALA B 130 -53.91 -38.04 43.71
C ALA B 130 -53.04 -37.44 44.80
N SER B 131 -53.08 -38.05 45.98
CA SER B 131 -52.34 -37.58 47.14
C SER B 131 -50.94 -38.18 47.15
N THR B 132 -49.99 -37.40 47.67
CA THR B 132 -48.63 -37.89 47.86
C THR B 132 -48.61 -38.96 48.95
N LYS B 133 -47.73 -39.94 48.75
CA LYS B 133 -47.56 -41.04 49.70
C LYS B 133 -46.09 -41.39 49.79
N GLY B 134 -45.58 -41.47 51.00
CA GLY B 134 -44.20 -41.83 51.23
C GLY B 134 -43.93 -43.28 50.92
N PRO B 135 -42.69 -43.59 50.54
CA PRO B 135 -42.36 -44.96 50.16
C PRO B 135 -42.11 -45.85 51.36
N SER B 136 -42.32 -47.14 51.14
CA SER B 136 -41.93 -48.16 52.10
C SER B 136 -40.67 -48.85 51.59
N VAL B 137 -39.64 -48.88 52.43
CA VAL B 137 -38.34 -49.44 52.05
C VAL B 137 -38.16 -50.76 52.78
N PHE B 138 -37.94 -51.82 52.02
CA PHE B 138 -37.75 -53.13 52.61
C PHE B 138 -36.40 -53.69 52.18
N PRO B 139 -35.72 -54.45 53.03
CA PRO B 139 -34.40 -54.97 52.68
C PRO B 139 -34.52 -56.23 51.83
N LEU B 140 -33.59 -56.35 50.89
CA LEU B 140 -33.41 -57.56 50.10
C LEU B 140 -32.10 -58.16 50.58
N ALA B 141 -32.19 -59.27 51.32
CA ALA B 141 -30.94 -59.58 52.01
C ALA B 141 -30.23 -60.75 51.35
N PRO B 142 -28.90 -60.69 51.32
CA PRO B 142 -28.14 -61.76 50.69
C PRO B 142 -28.23 -63.06 51.48
N SER B 143 -28.13 -64.16 50.75
CA SER B 143 -28.22 -65.50 51.32
C SER B 143 -26.86 -66.18 51.25
N SER B 144 -26.75 -67.28 51.99
CA SER B 144 -25.54 -68.10 51.96
C SER B 144 -25.46 -68.81 50.62
N LYS B 145 -24.67 -68.25 49.70
CA LYS B 145 -24.62 -68.75 48.33
C LYS B 145 -23.30 -68.35 47.71
N SER B 146 -22.69 -69.29 46.99
CA SER B 146 -21.45 -69.05 46.24
C SER B 146 -20.34 -68.48 47.11
N GLY B 150 -18.65 -66.54 44.77
CA GLY B 150 -17.73 -65.43 45.01
C GLY B 150 -18.41 -64.07 44.93
N THR B 151 -19.61 -64.04 44.36
CA THR B 151 -20.38 -62.80 44.22
C THR B 151 -21.78 -63.00 44.76
N ALA B 152 -22.20 -62.10 45.64
CA ALA B 152 -23.54 -62.12 46.23
C ALA B 152 -24.23 -60.79 45.96
N ALA B 153 -25.56 -60.81 45.96
CA ALA B 153 -26.37 -59.64 45.63
C ALA B 153 -27.29 -59.29 46.78
N LEU B 154 -27.44 -57.98 47.01
CA LEU B 154 -28.37 -57.45 48.01
C LEU B 154 -29.00 -56.19 47.44
N GLY B 155 -30.04 -55.71 48.11
CA GLY B 155 -30.71 -54.52 47.61
C GLY B 155 -31.84 -54.09 48.53
N CYS B 156 -32.61 -53.12 48.04
CA CYS B 156 -33.72 -52.54 48.76
C CYS B 156 -34.94 -52.46 47.86
N LEU B 157 -36.12 -52.66 48.45
CA LEU B 157 -37.38 -52.55 47.72
C LEU B 157 -38.09 -51.28 48.16
N VAL B 158 -38.25 -50.34 47.24
CA VAL B 158 -38.95 -49.09 47.48
C VAL B 158 -40.33 -49.25 46.84
N LYS B 159 -41.34 -49.48 47.68
CA LYS B 159 -42.66 -49.87 47.21
C LYS B 159 -43.72 -48.89 47.72
N ASP B 160 -44.77 -48.71 46.91
CA ASP B 160 -45.97 -47.97 47.31
C ASP B 160 -45.64 -46.50 47.62
N TYR B 161 -45.12 -45.80 46.60
CA TYR B 161 -44.88 -44.37 46.71
C TYR B 161 -45.50 -43.67 45.52
N PHE B 162 -45.83 -42.39 45.71
CA PHE B 162 -46.40 -41.58 44.64
C PHE B 162 -46.20 -40.11 44.98
N PRO B 163 -45.83 -39.27 44.01
CA PRO B 163 -45.50 -39.62 42.62
C PRO B 163 -44.02 -39.85 42.43
N GLU B 164 -43.58 -40.01 41.18
CA GLU B 164 -42.17 -40.08 40.88
C GLU B 164 -41.52 -38.70 41.12
N PRO B 165 -40.20 -38.66 41.32
CA PRO B 165 -39.27 -39.78 41.41
C PRO B 165 -38.73 -40.06 42.80
N VAL B 166 -38.03 -41.17 42.98
CA VAL B 166 -37.26 -41.44 44.18
C VAL B 166 -35.81 -41.66 43.76
N THR B 167 -34.90 -41.22 44.63
CA THR B 167 -33.47 -41.37 44.40
C THR B 167 -32.91 -42.32 45.44
N VAL B 168 -32.17 -43.33 44.99
CA VAL B 168 -31.61 -44.35 45.85
C VAL B 168 -30.10 -44.35 45.69
N SER B 169 -29.39 -44.23 46.81
CA SER B 169 -27.94 -44.34 46.85
C SER B 169 -27.55 -45.40 47.86
N TRP B 170 -26.28 -45.82 47.81
CA TRP B 170 -25.78 -46.87 48.69
C TRP B 170 -24.57 -46.36 49.47
N ASN B 171 -24.62 -46.51 50.79
CA ASN B 171 -23.56 -46.07 51.69
C ASN B 171 -23.22 -44.60 51.48
N SER B 172 -24.27 -43.79 51.29
CA SER B 172 -24.14 -42.34 51.13
C SER B 172 -23.20 -41.98 49.97
N GLY B 173 -23.28 -42.73 48.88
CA GLY B 173 -22.47 -42.48 47.71
C GLY B 173 -21.12 -43.14 47.70
N ALA B 174 -20.76 -43.88 48.75
CA ALA B 174 -19.47 -44.56 48.78
C ALA B 174 -19.49 -45.86 47.98
N LEU B 175 -20.67 -46.39 47.69
CA LEU B 175 -20.82 -47.62 46.92
C LEU B 175 -21.46 -47.26 45.58
N THR B 176 -20.68 -47.39 44.51
CA THR B 176 -21.15 -47.06 43.16
C THR B 176 -21.05 -48.22 42.19
N SER B 177 -19.99 -49.04 42.31
CA SER B 177 -19.81 -50.15 41.38
C SER B 177 -20.84 -51.24 41.67
N GLY B 178 -21.47 -51.74 40.61
CA GLY B 178 -22.41 -52.83 40.72
C GLY B 178 -23.81 -52.44 41.16
N VAL B 179 -24.09 -51.16 41.32
CA VAL B 179 -25.40 -50.70 41.76
C VAL B 179 -26.31 -50.58 40.55
N HIS B 180 -27.48 -51.22 40.62
CA HIS B 180 -28.47 -51.16 39.56
C HIS B 180 -29.82 -50.80 40.17
N THR B 181 -30.27 -49.58 39.94
CA THR B 181 -31.59 -49.13 40.38
C THR B 181 -32.56 -49.27 39.21
N PHE B 182 -33.55 -50.12 39.37
CA PHE B 182 -34.42 -50.43 38.26
C PHE B 182 -35.47 -49.34 38.06
N PRO B 183 -35.93 -49.16 36.83
CA PRO B 183 -37.01 -48.19 36.57
C PRO B 183 -38.27 -48.59 37.32
N ALA B 184 -39.01 -47.60 37.78
CA ALA B 184 -40.22 -47.85 38.54
C ALA B 184 -41.30 -48.46 37.65
N VAL B 185 -42.14 -49.28 38.26
CA VAL B 185 -43.29 -49.87 37.59
C VAL B 185 -44.54 -49.38 38.30
N LEU B 186 -45.57 -49.06 37.52
CA LEU B 186 -46.82 -48.56 38.07
C LEU B 186 -47.72 -49.74 38.41
N GLN B 187 -48.03 -49.90 39.69
CA GLN B 187 -48.87 -50.99 40.13
C GLN B 187 -50.34 -50.67 39.87
N SER B 188 -51.18 -51.69 40.03
CA SER B 188 -52.62 -51.51 39.85
C SER B 188 -53.22 -50.56 40.88
N SER B 189 -52.54 -50.34 42.00
CA SER B 189 -53.02 -49.42 43.03
C SER B 189 -52.76 -47.97 42.68
N GLY B 190 -52.02 -47.69 41.61
CA GLY B 190 -51.66 -46.34 41.26
C GLY B 190 -50.37 -45.86 41.89
N LEU B 191 -49.70 -46.71 42.66
CA LEU B 191 -48.45 -46.36 43.32
C LEU B 191 -47.28 -47.00 42.60
N TYR B 192 -46.11 -46.37 42.72
CA TYR B 192 -44.91 -46.84 42.07
C TYR B 192 -44.12 -47.77 42.98
N SER B 193 -43.34 -48.66 42.36
CA SER B 193 -42.52 -49.61 43.10
C SER B 193 -41.27 -49.90 42.28
N LEU B 194 -40.11 -49.78 42.92
CA LEU B 194 -38.85 -50.11 42.27
C LEU B 194 -37.95 -50.83 43.26
N SER B 195 -36.84 -51.35 42.74
CA SER B 195 -35.85 -52.03 43.54
C SER B 195 -34.48 -51.55 43.10
N SER B 196 -33.60 -51.31 44.07
CA SER B 196 -32.21 -50.95 43.80
C SER B 196 -31.33 -52.02 44.40
N VAL B 197 -30.49 -52.61 43.57
CA VAL B 197 -29.68 -53.75 43.97
C VAL B 197 -28.22 -53.44 43.70
N VAL B 198 -27.35 -54.23 44.32
CA VAL B 198 -25.91 -54.11 44.10
C VAL B 198 -25.32 -55.52 44.22
N THR B 199 -24.37 -55.82 43.34
CA THR B 199 -23.64 -57.08 43.39
C THR B 199 -22.29 -56.81 44.01
N VAL B 200 -21.98 -57.56 45.08
CA VAL B 200 -20.78 -57.30 45.85
C VAL B 200 -20.04 -58.62 46.08
N PRO B 201 -18.72 -58.60 46.29
CA PRO B 201 -18.03 -59.85 46.63
C PRO B 201 -18.59 -60.45 47.92
N SER B 202 -18.67 -61.79 47.92
CA SER B 202 -19.18 -62.50 49.09
C SER B 202 -18.31 -62.29 50.32
N SER B 203 -17.01 -62.05 50.12
CA SER B 203 -16.12 -61.82 51.25
C SER B 203 -16.40 -60.52 51.97
N SER B 204 -17.14 -59.60 51.34
CA SER B 204 -17.47 -58.35 52.00
C SER B 204 -18.68 -58.48 52.92
N LEU B 205 -19.46 -59.55 52.79
CA LEU B 205 -20.59 -59.79 53.68
C LEU B 205 -20.02 -60.32 55.00
N GLY B 206 -20.14 -59.52 56.06
CA GLY B 206 -19.58 -59.83 57.36
C GLY B 206 -18.53 -58.83 57.81
N THR B 207 -17.88 -58.16 56.86
CA THR B 207 -16.93 -57.10 57.14
C THR B 207 -17.46 -55.72 56.80
N GLN B 208 -18.25 -55.60 55.74
CA GLN B 208 -18.76 -54.33 55.25
C GLN B 208 -20.27 -54.25 55.49
N THR B 209 -20.73 -53.15 56.10
CA THR B 209 -22.15 -52.91 56.31
C THR B 209 -22.71 -52.13 55.13
N TYR B 210 -23.88 -52.57 54.62
CA TYR B 210 -24.50 -51.96 53.45
C TYR B 210 -25.82 -51.31 53.83
N ILE B 211 -25.95 -50.02 53.51
CA ILE B 211 -27.13 -49.22 53.82
C ILE B 211 -27.56 -48.51 52.55
N CYS B 212 -28.85 -48.64 52.19
CA CYS B 212 -29.41 -47.94 51.05
C CYS B 212 -30.09 -46.67 51.53
N ASN B 213 -29.84 -45.56 50.84
CA ASN B 213 -30.42 -44.27 51.18
C ASN B 213 -31.48 -43.94 50.14
N VAL B 214 -32.73 -43.87 50.57
CA VAL B 214 -33.86 -43.64 49.69
C VAL B 214 -34.43 -42.26 50.00
N ASN B 215 -34.58 -41.43 48.97
CA ASN B 215 -35.10 -40.09 49.13
C ASN B 215 -36.29 -39.91 48.20
N HIS B 216 -37.43 -39.50 48.77
CA HIS B 216 -38.66 -39.20 48.03
C HIS B 216 -39.00 -37.74 48.27
N LYS B 217 -38.53 -36.87 47.37
CA LYS B 217 -38.76 -35.43 47.52
C LYS B 217 -40.24 -35.04 47.54
N PRO B 218 -41.13 -35.59 46.70
CA PRO B 218 -42.53 -35.14 46.74
C PRO B 218 -43.19 -35.28 48.09
N SER B 219 -42.81 -36.26 48.89
CA SER B 219 -43.32 -36.41 50.24
C SER B 219 -42.36 -35.90 51.30
N ASN B 220 -41.21 -35.33 50.87
CA ASN B 220 -40.20 -34.81 51.78
C ASN B 220 -39.78 -35.87 52.79
N THR B 221 -39.57 -37.09 52.30
CA THR B 221 -39.19 -38.23 53.13
C THR B 221 -37.83 -38.75 52.70
N LYS B 222 -37.04 -39.18 53.69
CA LYS B 222 -35.73 -39.75 53.46
C LYS B 222 -35.55 -40.93 54.41
N VAL B 223 -35.33 -42.12 53.84
CA VAL B 223 -35.27 -43.36 54.60
C VAL B 223 -33.92 -44.02 54.33
N ASP B 224 -33.20 -44.32 55.41
CA ASP B 224 -31.98 -45.12 55.35
C ASP B 224 -32.30 -46.50 55.91
N LYS B 225 -31.98 -47.54 55.15
CA LYS B 225 -32.27 -48.91 55.56
C LYS B 225 -31.00 -49.74 55.42
N ARG B 226 -30.58 -50.37 56.51
CA ARG B 226 -29.42 -51.25 56.50
C ARG B 226 -29.85 -52.65 56.13
N VAL B 227 -29.11 -53.26 55.20
CA VAL B 227 -29.40 -54.61 54.72
C VAL B 227 -28.36 -55.56 55.31
N GLU B 228 -28.83 -56.52 56.11
CA GLU B 228 -27.98 -57.49 56.75
C GLU B 228 -28.36 -58.90 56.33
N PRO B 229 -27.37 -59.77 56.09
CA PRO B 229 -27.67 -61.16 55.69
C PRO B 229 -28.33 -61.92 56.82
N LYS B 230 -29.57 -62.36 56.58
CA LYS B 230 -30.35 -63.07 57.59
C LYS B 230 -30.20 -64.57 57.45
N ASP C 1 -44.11 -23.84 11.71
CA ASP C 1 -42.99 -24.36 12.49
C ASP C 1 -42.17 -25.35 11.69
N ILE C 2 -40.85 -25.29 11.86
CA ILE C 2 -39.95 -26.18 11.14
C ILE C 2 -39.98 -27.54 11.83
N VAL C 3 -40.43 -28.57 11.12
CA VAL C 3 -40.46 -29.93 11.66
C VAL C 3 -39.24 -30.68 11.14
N MET C 4 -38.62 -31.46 12.02
CA MET C 4 -37.43 -32.22 11.67
C MET C 4 -37.65 -33.70 11.97
N THR C 5 -37.24 -34.55 11.02
CA THR C 5 -37.40 -35.99 11.13
C THR C 5 -36.04 -36.66 11.26
N GLN C 6 -35.93 -37.56 12.23
CA GLN C 6 -34.72 -38.33 12.44
C GLN C 6 -34.88 -39.74 11.89
N SER C 7 -33.76 -40.31 11.42
CA SER C 7 -33.75 -41.64 10.84
C SER C 7 -32.46 -42.35 11.25
N PRO C 8 -32.54 -43.55 11.81
CA PRO C 8 -33.75 -44.31 12.19
C PRO C 8 -34.26 -43.91 13.57
N LEU C 9 -35.42 -44.40 13.99
CA LEU C 9 -35.86 -44.15 15.35
C LEU C 9 -35.10 -45.01 16.35
N SER C 10 -34.73 -46.22 15.97
CA SER C 10 -33.87 -47.09 16.76
C SER C 10 -32.68 -47.50 15.91
N LEU C 11 -31.48 -47.41 16.48
CA LEU C 11 -30.24 -47.68 15.74
C LEU C 11 -29.39 -48.68 16.50
N PRO C 12 -29.62 -49.97 16.31
CA PRO C 12 -28.70 -50.98 16.86
C PRO C 12 -27.36 -50.95 16.13
N VAL C 13 -26.28 -51.10 16.90
CA VAL C 13 -24.93 -50.99 16.38
C VAL C 13 -24.01 -51.85 17.25
N THR C 14 -23.00 -52.45 16.63
CA THR C 14 -22.04 -53.23 17.40
C THR C 14 -20.89 -52.36 17.88
N LEU C 15 -20.22 -52.83 18.92
CA LEU C 15 -19.11 -52.09 19.50
C LEU C 15 -17.95 -52.00 18.51
N GLY C 16 -17.44 -50.79 18.31
CA GLY C 16 -16.29 -50.57 17.48
C GLY C 16 -16.57 -50.23 16.03
N GLN C 17 -17.81 -50.36 15.57
CA GLN C 17 -18.12 -50.02 14.19
C GLN C 17 -18.82 -48.68 14.13
N PRO C 18 -18.75 -47.99 12.98
CA PRO C 18 -19.38 -46.67 12.87
C PRO C 18 -20.90 -46.74 12.94
N ALA C 19 -21.49 -45.61 13.33
CA ALA C 19 -22.93 -45.42 13.36
C ALA C 19 -23.28 -44.08 12.72
N SER C 20 -24.46 -44.03 12.10
CA SER C 20 -24.90 -42.86 11.36
C SER C 20 -26.32 -42.50 11.74
N ILE C 21 -26.56 -41.21 11.96
CA ILE C 21 -27.88 -40.67 12.28
C ILE C 21 -28.20 -39.56 11.31
N SER C 22 -29.39 -39.64 10.68
CA SER C 22 -29.82 -38.65 9.69
C SER C 22 -30.90 -37.76 10.27
N CYS C 23 -30.78 -36.46 10.06
CA CYS C 23 -31.77 -35.48 10.48
C CYS C 23 -32.13 -34.61 9.27
N ARG C 24 -33.41 -34.59 8.92
CA ARG C 24 -33.89 -33.83 7.78
C ARG C 24 -34.85 -32.74 8.25
N SER C 25 -34.68 -31.54 7.70
CA SER C 25 -35.47 -30.37 8.06
C SER C 25 -36.48 -30.06 6.97
N SER C 26 -37.70 -29.70 7.38
CA SER C 26 -38.73 -29.32 6.43
C SER C 26 -38.43 -28.00 5.73
N GLN C 27 -37.50 -27.22 6.27
CA GLN C 27 -37.16 -25.90 5.74
C GLN C 27 -35.64 -25.76 5.77
N SER C 28 -35.11 -24.98 4.82
CA SER C 28 -33.68 -24.75 4.78
C SER C 28 -33.20 -24.08 6.05
N LEU C 29 -32.13 -24.61 6.63
CA LEU C 29 -31.61 -24.15 7.90
C LEU C 29 -30.56 -23.07 7.76
N VAL C 30 -30.18 -22.71 6.53
CA VAL C 30 -29.21 -21.65 6.34
C VAL C 30 -29.85 -20.30 6.65
N TYR C 31 -29.02 -19.35 7.08
CA TYR C 31 -29.47 -18.02 7.46
C TYR C 31 -28.75 -16.97 6.62
N SER C 32 -29.22 -15.73 6.74
CA SER C 32 -28.69 -14.61 5.97
C SER C 32 -27.16 -14.56 6.02
N ASP C 33 -26.58 -14.71 7.22
CA ASP C 33 -25.14 -14.61 7.38
C ASP C 33 -24.41 -15.89 6.99
N GLY C 34 -25.05 -16.78 6.23
CA GLY C 34 -24.43 -18.02 5.83
C GLY C 34 -24.15 -18.95 6.99
N ASN C 35 -24.89 -18.83 8.08
CA ASN C 35 -24.72 -19.66 9.25
C ASN C 35 -25.90 -20.62 9.39
N THR C 36 -25.60 -21.88 9.68
CA THR C 36 -26.62 -22.91 9.83
C THR C 36 -26.63 -23.36 11.29
N PHE C 37 -27.74 -23.09 11.98
CA PHE C 37 -27.83 -23.35 13.42
C PHE C 37 -28.55 -24.68 13.65
N LEU C 38 -27.80 -25.77 13.41
CA LEU C 38 -28.26 -27.11 13.74
C LEU C 38 -27.35 -27.67 14.83
N ASN C 39 -27.96 -28.29 15.85
CA ASN C 39 -27.22 -28.83 16.97
C ASN C 39 -27.56 -30.29 17.17
N TRP C 40 -26.60 -31.03 17.73
CA TRP C 40 -26.77 -32.45 18.05
C TRP C 40 -26.59 -32.63 19.54
N PHE C 41 -27.54 -33.32 20.17
CA PHE C 41 -27.54 -33.53 21.60
C PHE C 41 -27.48 -35.03 21.90
N GLN C 42 -26.80 -35.37 22.98
CA GLN C 42 -26.77 -36.73 23.51
C GLN C 42 -27.39 -36.70 24.90
N GLN C 43 -28.36 -37.58 25.13
CA GLN C 43 -29.02 -37.66 26.43
C GLN C 43 -28.89 -39.06 26.97
N ARG C 44 -28.18 -39.19 28.07
CA ARG C 44 -28.10 -40.46 28.79
C ARG C 44 -29.30 -40.58 29.72
N PRO C 45 -29.69 -41.81 30.07
CA PRO C 45 -30.86 -41.97 30.94
C PRO C 45 -30.67 -41.26 32.28
N GLY C 46 -31.69 -40.51 32.69
CA GLY C 46 -31.64 -39.79 33.94
C GLY C 46 -30.71 -38.61 33.98
N GLN C 47 -30.20 -38.16 32.84
CA GLN C 47 -29.25 -37.06 32.80
C GLN C 47 -29.76 -35.95 31.88
N SER C 48 -29.19 -34.77 32.07
CA SER C 48 -29.52 -33.63 31.23
C SER C 48 -28.88 -33.81 29.84
N PRO C 49 -29.54 -33.34 28.79
CA PRO C 49 -28.94 -33.40 27.46
C PRO C 49 -27.66 -32.58 27.39
N ARG C 50 -26.66 -33.10 26.68
CA ARG C 50 -25.43 -32.37 26.43
C ARG C 50 -25.23 -32.22 24.93
N ARG C 51 -24.83 -31.02 24.51
CA ARG C 51 -24.68 -30.72 23.10
C ARG C 51 -23.37 -31.29 22.59
N LEU C 52 -23.46 -32.21 21.63
CA LEU C 52 -22.25 -32.78 21.02
C LEU C 52 -21.69 -31.87 19.94
N ILE C 53 -22.55 -31.33 19.08
CA ILE C 53 -22.12 -30.55 17.92
C ILE C 53 -23.01 -29.32 17.80
N TYR C 54 -22.40 -28.17 17.51
CA TYR C 54 -23.12 -26.94 17.25
C TYR C 54 -22.76 -26.42 15.87
N GLN C 55 -23.75 -25.87 15.17
CA GLN C 55 -23.57 -25.34 13.82
C GLN C 55 -23.02 -26.41 12.87
N VAL C 56 -23.80 -27.48 12.75
CA VAL C 56 -23.62 -28.53 11.75
C VAL C 56 -22.36 -29.37 12.02
N SER C 57 -21.19 -28.73 12.04
CA SER C 57 -19.94 -29.47 12.04
C SER C 57 -19.01 -29.15 13.19
N ASN C 58 -19.26 -28.10 13.98
CA ASN C 58 -18.39 -27.71 15.07
C ASN C 58 -18.74 -28.50 16.32
N ARG C 59 -17.76 -29.17 16.91
CA ARG C 59 -18.01 -29.96 18.11
C ARG C 59 -17.83 -29.09 19.34
N ASP C 60 -18.65 -29.36 20.35
CA ASP C 60 -18.56 -28.63 21.60
C ASP C 60 -17.33 -29.08 22.38
N SER C 61 -16.95 -28.27 23.37
CA SER C 61 -15.84 -28.64 24.23
C SER C 61 -16.18 -29.87 25.05
N GLY C 62 -15.20 -30.75 25.21
CA GLY C 62 -15.40 -32.00 25.91
C GLY C 62 -15.98 -33.12 25.08
N VAL C 63 -16.25 -32.89 23.81
CA VAL C 63 -16.80 -33.92 22.93
C VAL C 63 -15.67 -34.72 22.29
N PRO C 64 -15.68 -36.05 22.39
CA PRO C 64 -14.62 -36.85 21.79
C PRO C 64 -14.62 -36.73 20.27
N ASP C 65 -13.44 -36.96 19.67
CA ASP C 65 -13.29 -36.84 18.23
C ASP C 65 -14.05 -37.90 17.45
N ARG C 66 -14.57 -38.94 18.12
CA ARG C 66 -15.34 -39.96 17.41
C ARG C 66 -16.59 -39.36 16.77
N PHE C 67 -17.17 -38.33 17.39
CA PHE C 67 -18.37 -37.71 16.86
C PHE C 67 -18.01 -36.68 15.81
N SER C 68 -18.72 -36.72 14.69
CA SER C 68 -18.52 -35.75 13.61
C SER C 68 -19.87 -35.43 12.99
N GLY C 69 -19.99 -34.22 12.46
CA GLY C 69 -21.24 -33.77 11.89
C GLY C 69 -21.03 -33.22 10.49
N SER C 70 -22.02 -33.44 9.64
CA SER C 70 -21.96 -32.99 8.26
C SER C 70 -23.37 -32.71 7.76
N GLY C 71 -23.44 -32.12 6.58
CA GLY C 71 -24.69 -31.80 5.93
C GLY C 71 -24.79 -30.32 5.61
N SER C 72 -25.87 -29.98 4.90
CA SER C 72 -26.13 -28.61 4.52
C SER C 72 -27.61 -28.48 4.16
N GLY C 73 -28.08 -27.23 4.16
CA GLY C 73 -29.47 -26.98 3.81
C GLY C 73 -30.45 -27.66 4.72
N THR C 74 -31.09 -28.72 4.21
CA THR C 74 -32.10 -29.46 4.95
C THR C 74 -31.63 -30.82 5.46
N ASP C 75 -30.58 -31.40 4.88
CA ASP C 75 -30.15 -32.74 5.23
C ASP C 75 -28.86 -32.71 6.02
N PHE C 76 -28.84 -33.41 7.15
CA PHE C 76 -27.67 -33.45 8.02
C PHE C 76 -27.47 -34.87 8.53
N THR C 77 -26.23 -35.17 8.92
CA THR C 77 -25.86 -36.50 9.35
C THR C 77 -24.87 -36.41 10.50
N LEU C 78 -25.12 -37.19 11.55
CA LEU C 78 -24.21 -37.33 12.67
C LEU C 78 -23.47 -38.66 12.56
N LYS C 79 -22.14 -38.60 12.60
CA LYS C 79 -21.29 -39.78 12.42
C LYS C 79 -20.53 -40.07 13.71
N ILE C 80 -20.56 -41.34 14.13
CA ILE C 80 -19.73 -41.84 15.22
C ILE C 80 -18.68 -42.75 14.62
N SER C 81 -17.41 -42.41 14.83
CA SER C 81 -16.32 -43.17 14.20
C SER C 81 -16.32 -44.62 14.65
N ARG C 82 -16.17 -44.86 15.94
CA ARG C 82 -16.23 -46.20 16.51
C ARG C 82 -17.02 -46.11 17.81
N VAL C 83 -18.18 -46.77 17.84
CA VAL C 83 -19.10 -46.61 18.97
C VAL C 83 -18.48 -47.27 20.21
N GLU C 84 -18.44 -46.52 21.30
CA GLU C 84 -17.96 -47.02 22.58
C GLU C 84 -19.14 -47.34 23.50
N ALA C 85 -18.83 -47.90 24.67
CA ALA C 85 -19.89 -48.30 25.60
C ALA C 85 -20.64 -47.09 26.15
N GLU C 86 -19.94 -45.98 26.37
CA GLU C 86 -20.58 -44.78 26.91
C GLU C 86 -21.50 -44.09 25.91
N ASP C 87 -21.46 -44.48 24.64
CA ASP C 87 -22.25 -43.81 23.61
C ASP C 87 -23.72 -44.20 23.64
N VAL C 88 -24.11 -45.17 24.48
CA VAL C 88 -25.50 -45.58 24.54
C VAL C 88 -26.36 -44.44 25.07
N GLY C 89 -27.55 -44.29 24.49
CA GLY C 89 -28.46 -43.24 24.86
C GLY C 89 -29.28 -42.80 23.66
N VAL C 90 -29.98 -41.69 23.84
CA VAL C 90 -30.85 -41.12 22.81
C VAL C 90 -30.19 -39.85 22.29
N TYR C 91 -30.16 -39.71 20.96
CA TYR C 91 -29.53 -38.57 20.31
C TYR C 91 -30.60 -37.72 19.62
N TYR C 92 -30.51 -36.41 19.80
CA TYR C 92 -31.47 -35.47 19.24
C TYR C 92 -30.76 -34.44 18.37
N CYS C 93 -31.41 -34.07 17.27
CA CYS C 93 -31.02 -32.90 16.49
C CYS C 93 -32.01 -31.79 16.78
N MET C 94 -31.50 -30.56 16.93
CA MET C 94 -32.34 -29.43 17.27
C MET C 94 -32.13 -28.30 16.27
N GLN C 95 -33.21 -27.61 15.95
CA GLN C 95 -33.20 -26.48 15.03
C GLN C 95 -33.12 -25.20 15.85
N GLY C 96 -32.08 -24.40 15.62
CA GLY C 96 -31.89 -23.18 16.37
C GLY C 96 -32.06 -21.91 15.56
N THR C 97 -32.18 -22.04 14.24
CA THR C 97 -32.20 -20.87 13.38
C THR C 97 -33.49 -20.07 13.52
N HIS C 98 -34.62 -20.73 13.77
CA HIS C 98 -35.92 -20.08 13.77
C HIS C 98 -36.72 -20.50 14.99
N TRP C 99 -37.40 -19.54 15.59
CA TRP C 99 -38.32 -19.89 16.67
C TRP C 99 -39.65 -20.38 16.09
N PRO C 100 -40.25 -21.40 16.71
CA PRO C 100 -39.83 -22.10 17.92
C PRO C 100 -38.71 -23.11 17.66
N ARG C 101 -37.81 -23.26 18.63
CA ARG C 101 -36.76 -24.28 18.52
C ARG C 101 -37.40 -25.65 18.57
N THR C 102 -37.19 -26.44 17.52
CA THR C 102 -37.81 -27.75 17.40
C THR C 102 -36.76 -28.85 17.50
N PHE C 103 -37.24 -30.06 17.82
CA PHE C 103 -36.38 -31.21 18.05
C PHE C 103 -36.82 -32.35 17.14
N GLY C 104 -35.86 -33.22 16.81
CA GLY C 104 -36.19 -34.46 16.15
C GLY C 104 -36.83 -35.45 17.10
N GLN C 105 -37.37 -36.52 16.52
CA GLN C 105 -38.02 -37.55 17.34
C GLN C 105 -37.03 -38.19 18.30
N GLY C 106 -35.75 -38.21 17.94
CA GLY C 106 -34.73 -38.82 18.77
C GLY C 106 -34.48 -40.27 18.40
N THR C 107 -33.21 -40.62 18.25
CA THR C 107 -32.82 -41.98 17.88
C THR C 107 -32.19 -42.67 19.08
N LYS C 108 -32.58 -43.94 19.30
CA LYS C 108 -32.07 -44.73 20.41
C LYS C 108 -30.86 -45.52 19.93
N LEU C 109 -29.68 -45.11 20.37
CA LEU C 109 -28.44 -45.80 20.02
C LEU C 109 -28.18 -46.85 21.09
N GLU C 110 -28.43 -48.11 20.76
CA GLU C 110 -28.13 -49.22 21.65
C GLU C 110 -27.04 -50.08 21.03
N ILE C 111 -26.16 -50.62 21.87
CA ILE C 111 -24.98 -51.35 21.44
C ILE C 111 -25.16 -52.83 21.71
N LYS C 112 -24.53 -53.65 20.88
CA LYS C 112 -24.61 -55.10 21.01
C LYS C 112 -23.21 -55.66 21.21
N ARG C 113 -23.08 -56.55 22.20
CA ARG C 113 -21.78 -57.06 22.61
C ARG C 113 -21.76 -58.57 22.68
N THR C 114 -20.70 -59.13 23.26
CA THR C 114 -20.60 -60.57 23.44
C THR C 114 -21.71 -61.06 24.37
N VAL C 115 -22.27 -62.23 24.05
CA VAL C 115 -23.33 -62.80 24.86
C VAL C 115 -22.81 -63.09 26.26
N ALA C 116 -23.58 -62.66 27.27
CA ALA C 116 -23.21 -62.85 28.66
C ALA C 116 -24.40 -63.44 29.40
N ALA C 117 -24.16 -64.52 30.17
CA ALA C 117 -25.22 -65.16 30.92
C ALA C 117 -25.55 -64.34 32.16
N PRO C 118 -26.82 -64.28 32.56
CA PRO C 118 -27.20 -63.50 33.74
C PRO C 118 -26.81 -64.21 35.03
N SER C 119 -26.48 -63.40 36.04
CA SER C 119 -26.31 -63.87 37.40
C SER C 119 -27.67 -63.79 38.08
N VAL C 120 -28.19 -64.92 38.54
CA VAL C 120 -29.56 -65.02 39.04
C VAL C 120 -29.56 -65.05 40.55
N PHE C 121 -30.33 -64.16 41.17
CA PHE C 121 -30.50 -64.10 42.61
C PHE C 121 -31.98 -64.01 42.95
N ILE C 122 -32.35 -64.57 44.10
CA ILE C 122 -33.73 -64.56 44.57
C ILE C 122 -33.76 -64.01 45.98
N PHE C 123 -34.78 -63.21 46.29
CA PHE C 123 -34.89 -62.53 47.57
C PHE C 123 -36.27 -62.79 48.17
N PRO C 124 -36.37 -63.46 49.31
CA PRO C 124 -37.67 -63.64 49.97
C PRO C 124 -38.19 -62.31 50.51
N PRO C 125 -39.49 -62.18 50.71
CA PRO C 125 -40.02 -60.94 51.28
C PRO C 125 -39.53 -60.72 52.69
N SER C 126 -39.30 -59.45 53.03
CA SER C 126 -38.80 -59.09 54.34
C SER C 126 -39.89 -59.26 55.39
N ASP C 127 -39.45 -59.45 56.64
CA ASP C 127 -40.40 -59.55 57.74
C ASP C 127 -41.17 -58.26 57.93
N GLU C 128 -40.53 -57.12 57.67
CA GLU C 128 -41.22 -55.84 57.79
C GLU C 128 -42.39 -55.75 56.81
N GLN C 129 -42.17 -56.16 55.56
CA GLN C 129 -43.24 -56.14 54.57
C GLN C 129 -44.35 -57.12 54.95
N LEU C 130 -43.98 -58.28 55.50
CA LEU C 130 -44.99 -59.23 55.95
C LEU C 130 -45.84 -58.62 57.06
N LYS C 131 -45.23 -57.82 57.94
CA LYS C 131 -46.00 -57.11 58.95
C LYS C 131 -46.95 -56.10 58.34
N SER C 132 -46.66 -55.63 57.11
CA SER C 132 -47.54 -54.70 56.43
C SER C 132 -48.70 -55.38 55.71
N GLY C 133 -48.67 -56.71 55.59
CA GLY C 133 -49.74 -57.45 54.99
C GLY C 133 -49.51 -57.91 53.56
N THR C 134 -48.37 -57.56 52.96
CA THR C 134 -48.06 -57.97 51.59
C THR C 134 -46.69 -58.64 51.58
N ALA C 135 -46.43 -59.40 50.51
CA ALA C 135 -45.18 -60.10 50.34
C ALA C 135 -44.72 -59.98 48.90
N SER C 136 -43.52 -59.44 48.70
CA SER C 136 -42.94 -59.27 47.38
C SER C 136 -41.69 -60.13 47.26
N VAL C 137 -41.72 -61.08 46.34
CA VAL C 137 -40.57 -61.94 46.06
C VAL C 137 -39.87 -61.39 44.82
N VAL C 138 -38.57 -61.15 44.93
CA VAL C 138 -37.79 -60.48 43.89
C VAL C 138 -36.82 -61.47 43.27
N CYS C 139 -36.73 -61.45 41.94
CA CYS C 139 -35.77 -62.25 41.20
C CYS C 139 -34.91 -61.30 40.36
N LEU C 140 -33.59 -61.43 40.50
CA LEU C 140 -32.64 -60.53 39.86
C LEU C 140 -31.85 -61.25 38.78
N LEU C 141 -31.81 -60.65 37.59
CA LEU C 141 -30.98 -61.11 36.48
C LEU C 141 -29.94 -60.02 36.22
N ASN C 142 -28.70 -60.27 36.61
CA ASN C 142 -27.67 -59.24 36.64
C ASN C 142 -26.67 -59.44 35.51
N ASN C 143 -26.41 -58.37 34.75
CA ASN C 143 -25.31 -58.28 33.80
C ASN C 143 -25.37 -59.39 32.74
N PHE C 144 -26.40 -59.32 31.91
CA PHE C 144 -26.60 -60.27 30.83
C PHE C 144 -26.76 -59.55 29.50
N TYR C 145 -26.53 -60.30 28.42
CA TYR C 145 -26.82 -59.87 27.06
C TYR C 145 -27.00 -61.13 26.22
N PRO C 146 -27.96 -61.16 25.28
CA PRO C 146 -28.87 -60.09 24.84
C PRO C 146 -30.02 -59.81 25.81
N ARG C 147 -30.80 -58.78 25.50
CA ARG C 147 -31.91 -58.36 26.37
C ARG C 147 -33.02 -59.39 26.44
N GLU C 148 -33.16 -60.25 25.43
CA GLU C 148 -34.22 -61.25 25.43
C GLU C 148 -33.96 -62.28 26.52
N ALA C 149 -34.85 -62.34 27.50
CA ALA C 149 -34.76 -63.31 28.57
C ALA C 149 -36.15 -63.56 29.13
N LYS C 150 -36.36 -64.77 29.65
CA LYS C 150 -37.65 -65.19 30.16
C LYS C 150 -37.52 -65.61 31.62
N VAL C 151 -38.42 -65.10 32.46
CA VAL C 151 -38.44 -65.40 33.89
C VAL C 151 -39.78 -66.02 34.23
N GLN C 152 -39.74 -67.15 34.93
CA GLN C 152 -40.96 -67.87 35.31
C GLN C 152 -40.97 -68.09 36.82
N TRP C 153 -42.08 -67.74 37.45
CA TRP C 153 -42.26 -67.92 38.88
C TRP C 153 -43.02 -69.22 39.14
N LYS C 154 -42.51 -70.02 40.08
CA LYS C 154 -43.15 -71.28 40.44
C LYS C 154 -43.33 -71.32 41.95
N VAL C 155 -44.57 -71.55 42.39
CA VAL C 155 -44.91 -71.65 43.80
C VAL C 155 -45.41 -73.07 44.04
N ASP C 156 -44.62 -73.87 44.77
CA ASP C 156 -44.91 -75.29 44.95
C ASP C 156 -45.09 -75.98 43.61
N ASN C 157 -44.20 -75.66 42.67
CA ASN C 157 -44.16 -76.16 41.31
C ASN C 157 -45.36 -75.71 40.48
N ALA C 158 -46.14 -74.76 40.96
CA ALA C 158 -47.26 -74.21 40.21
C ALA C 158 -46.82 -72.90 39.56
N LEU C 159 -46.89 -72.86 38.22
CA LEU C 159 -46.43 -71.70 37.48
C LEU C 159 -47.40 -70.54 37.68
N GLN C 160 -46.89 -69.40 38.14
CA GLN C 160 -47.70 -68.23 38.39
C GLN C 160 -47.66 -67.30 37.19
N SER C 161 -48.79 -66.66 36.91
CA SER C 161 -48.90 -65.72 35.80
C SER C 161 -49.90 -64.64 36.15
N GLY C 162 -49.53 -63.38 35.91
CA GLY C 162 -50.40 -62.25 36.11
C GLY C 162 -50.18 -61.51 37.41
N ASN C 163 -49.46 -62.10 38.37
CA ASN C 163 -49.14 -61.44 39.62
C ASN C 163 -47.68 -61.04 39.70
N SER C 164 -47.01 -60.94 38.56
CA SER C 164 -45.60 -60.58 38.51
C SER C 164 -45.40 -59.42 37.54
N GLN C 165 -44.50 -58.51 37.90
CA GLN C 165 -44.10 -57.38 37.07
C GLN C 165 -42.60 -57.35 36.97
N GLU C 166 -42.09 -57.09 35.77
CA GLU C 166 -40.65 -57.07 35.53
C GLU C 166 -40.24 -55.72 34.95
N SER C 167 -39.00 -55.32 35.27
CA SER C 167 -38.43 -54.09 34.77
C SER C 167 -36.97 -54.34 34.40
N VAL C 168 -36.49 -53.58 33.41
CA VAL C 168 -35.15 -53.75 32.86
C VAL C 168 -34.42 -52.42 32.94
N THR C 169 -33.20 -52.45 33.45
CA THR C 169 -32.38 -51.24 33.46
C THR C 169 -31.93 -50.91 32.05
N GLU C 170 -31.57 -49.65 31.84
CA GLU C 170 -30.97 -49.24 30.59
C GLU C 170 -29.61 -49.91 30.42
N GLN C 171 -29.18 -50.02 29.17
CA GLN C 171 -27.91 -50.67 28.88
C GLN C 171 -26.76 -49.96 29.59
N ASP C 172 -25.99 -50.70 30.36
CA ASP C 172 -24.96 -50.11 31.21
C ASP C 172 -23.86 -49.46 30.38
N SER C 173 -23.49 -48.24 30.77
CA SER C 173 -22.41 -47.53 30.09
C SER C 173 -21.05 -48.16 30.39
N LYS C 174 -20.96 -48.97 31.44
CA LYS C 174 -19.68 -49.54 31.84
C LYS C 174 -19.35 -50.83 31.10
N ASP C 175 -20.33 -51.72 30.91
CA ASP C 175 -20.05 -53.01 30.31
C ASP C 175 -21.08 -53.42 29.26
N SER C 176 -22.00 -52.52 28.87
CA SER C 176 -22.93 -52.75 27.77
C SER C 176 -23.90 -53.89 28.04
N THR C 177 -24.13 -54.25 29.30
CA THR C 177 -25.02 -55.33 29.67
C THR C 177 -26.33 -54.78 30.22
N TYR C 178 -27.29 -55.67 30.42
CA TYR C 178 -28.59 -55.33 30.97
C TYR C 178 -28.80 -56.02 32.30
N SER C 179 -29.78 -55.53 33.05
CA SER C 179 -30.21 -56.14 34.29
C SER C 179 -31.73 -56.15 34.33
N LEU C 180 -32.29 -57.19 34.95
CA LEU C 180 -33.74 -57.38 34.99
C LEU C 180 -34.18 -57.69 36.41
N SER C 181 -35.28 -57.07 36.81
CA SER C 181 -35.88 -57.29 38.14
C SER C 181 -37.33 -57.70 37.97
N SER C 182 -37.67 -58.89 38.44
CA SER C 182 -39.03 -59.39 38.39
C SER C 182 -39.54 -59.54 39.82
N THR C 183 -40.74 -59.03 40.08
CA THR C 183 -41.32 -59.00 41.42
C THR C 183 -42.64 -59.73 41.43
N LEU C 184 -42.75 -60.75 42.28
CA LEU C 184 -43.99 -61.49 42.48
C LEU C 184 -44.66 -60.96 43.75
N THR C 185 -45.87 -60.43 43.59
CA THR C 185 -46.59 -59.79 44.68
C THR C 185 -47.73 -60.68 45.14
N LEU C 186 -47.72 -61.05 46.41
CA LEU C 186 -48.76 -61.87 47.02
C LEU C 186 -49.21 -61.24 48.33
N SER C 187 -50.42 -61.60 48.75
CA SER C 187 -50.91 -61.19 50.06
C SER C 187 -50.20 -61.98 51.15
N LYS C 188 -50.32 -61.48 52.38
CA LYS C 188 -49.66 -62.14 53.51
C LYS C 188 -50.18 -63.56 53.70
N ALA C 189 -51.50 -63.75 53.59
CA ALA C 189 -52.06 -65.09 53.74
C ALA C 189 -51.58 -66.02 52.64
N ASP C 190 -51.57 -65.55 51.39
CA ASP C 190 -51.15 -66.39 50.28
C ASP C 190 -49.69 -66.81 50.40
N TYR C 191 -48.84 -65.89 50.85
CA TYR C 191 -47.43 -66.23 51.03
C TYR C 191 -47.24 -67.27 52.12
N GLU C 192 -47.97 -67.15 53.23
CA GLU C 192 -47.84 -68.09 54.33
C GLU C 192 -48.55 -69.42 54.07
N LYS C 193 -49.31 -69.52 52.98
CA LYS C 193 -49.99 -70.77 52.64
C LYS C 193 -49.13 -71.70 51.79
N HIS C 194 -47.94 -71.27 51.39
CA HIS C 194 -47.07 -72.07 50.53
C HIS C 194 -45.66 -72.09 51.10
N LYS C 195 -44.86 -73.02 50.59
CA LYS C 195 -43.51 -73.25 51.12
C LYS C 195 -42.42 -72.93 50.11
N VAL C 196 -42.45 -73.53 48.92
CA VAL C 196 -41.37 -73.42 47.95
C VAL C 196 -41.67 -72.31 46.96
N TYR C 197 -40.74 -71.37 46.81
CA TYR C 197 -40.82 -70.30 45.82
C TYR C 197 -39.58 -70.36 44.96
N ALA C 198 -39.77 -70.49 43.64
CA ALA C 198 -38.67 -70.69 42.70
C ALA C 198 -38.76 -69.71 41.55
N CYS C 199 -37.60 -69.27 41.07
CA CYS C 199 -37.49 -68.40 39.89
C CYS C 199 -36.67 -69.13 38.83
N GLU C 200 -37.26 -69.32 37.66
CA GLU C 200 -36.60 -70.01 36.56
C GLU C 200 -36.25 -69.01 35.47
N VAL C 201 -35.00 -69.01 35.04
CA VAL C 201 -34.48 -68.04 34.08
C VAL C 201 -34.04 -68.78 32.83
N THR C 202 -34.53 -68.33 31.68
CA THR C 202 -34.13 -68.85 30.38
C THR C 202 -33.44 -67.73 29.61
N HIS C 203 -32.24 -68.01 29.10
CA HIS C 203 -31.48 -66.99 28.39
C HIS C 203 -30.57 -67.68 27.38
N GLN C 204 -30.18 -66.92 26.35
CA GLN C 204 -29.32 -67.46 25.31
C GLN C 204 -27.96 -67.87 25.86
N GLY C 205 -27.41 -67.08 26.78
CA GLY C 205 -26.11 -67.41 27.36
C GLY C 205 -26.12 -68.58 28.31
N LEU C 206 -27.29 -69.13 28.62
CA LEU C 206 -27.41 -70.29 29.50
C LEU C 206 -27.70 -71.53 28.67
N SER C 207 -26.87 -72.57 28.83
CA SER C 207 -27.11 -73.81 28.12
C SER C 207 -28.39 -74.49 28.60
N SER C 208 -28.75 -74.31 29.86
CA SER C 208 -29.96 -74.86 30.44
C SER C 208 -30.58 -73.80 31.35
N PRO C 209 -31.90 -73.84 31.53
CA PRO C 209 -32.53 -72.88 32.43
C PRO C 209 -31.97 -72.98 33.84
N VAL C 210 -31.80 -71.83 34.49
CA VAL C 210 -31.24 -71.74 35.82
C VAL C 210 -32.36 -71.38 36.79
N THR C 211 -32.50 -72.19 37.84
CA THR C 211 -33.55 -72.00 38.84
C THR C 211 -32.94 -71.68 40.18
N LYS C 212 -33.38 -70.57 40.78
CA LYS C 212 -33.01 -70.19 42.14
C LYS C 212 -34.26 -70.19 42.99
N SER C 213 -34.23 -70.94 44.10
CA SER C 213 -35.41 -71.16 44.90
C SER C 213 -35.07 -71.03 46.37
N PHE C 214 -36.12 -70.82 47.18
CA PHE C 214 -35.98 -70.79 48.63
C PHE C 214 -37.23 -71.39 49.24
N ASN C 215 -37.09 -71.84 50.49
CA ASN C 215 -38.20 -72.36 51.28
C ASN C 215 -38.57 -71.35 52.35
N ARG C 216 -39.86 -71.08 52.50
CA ARG C 216 -40.31 -70.08 53.47
C ARG C 216 -39.99 -70.53 54.89
N GLY C 217 -39.31 -69.65 55.63
CA GLY C 217 -38.96 -69.95 57.00
C GLY C 217 -37.71 -70.78 57.18
N GLU C 218 -36.86 -70.88 56.17
CA GLU C 218 -35.63 -71.67 56.24
C GLU C 218 -34.45 -70.82 55.83
N CYS C 219 -33.42 -70.80 56.68
CA CYS C 219 -32.19 -70.06 56.40
C CYS C 219 -31.01 -70.66 57.17
N ASN D 2 -6.86 -57.34 -29.36
CA ASN D 2 -6.27 -56.06 -29.72
C ASN D 2 -6.03 -55.20 -28.48
N LEU D 3 -6.20 -53.89 -28.64
CA LEU D 3 -6.03 -52.94 -27.55
C LEU D 3 -7.34 -52.78 -26.80
N CYS D 4 -7.25 -52.78 -25.47
CA CYS D 4 -8.44 -52.68 -24.65
C CYS D 4 -9.10 -51.32 -24.86
N PRO D 5 -10.42 -51.25 -25.05
CA PRO D 5 -11.06 -49.97 -25.38
C PRO D 5 -11.29 -49.10 -24.15
N PHE D 6 -10.19 -48.62 -23.58
CA PHE D 6 -10.30 -47.67 -22.47
C PHE D 6 -10.72 -46.30 -22.95
N GLY D 7 -10.41 -45.97 -24.21
CA GLY D 7 -10.86 -44.70 -24.76
C GLY D 7 -12.36 -44.60 -24.87
N GLU D 8 -13.03 -45.73 -25.14
CA GLU D 8 -14.48 -45.72 -25.19
C GLU D 8 -15.09 -45.34 -23.84
N VAL D 9 -14.43 -45.72 -22.74
CA VAL D 9 -14.96 -45.41 -21.41
C VAL D 9 -14.58 -44.00 -21.00
N PHE D 10 -13.30 -43.67 -21.08
CA PHE D 10 -12.83 -42.34 -20.66
C PHE D 10 -13.24 -41.26 -21.65
N ASN D 11 -12.91 -41.45 -22.93
CA ASN D 11 -13.20 -40.47 -23.97
C ASN D 11 -14.62 -40.68 -24.49
N ALA D 12 -15.59 -40.57 -23.59
CA ALA D 12 -17.01 -40.71 -23.91
C ALA D 12 -17.70 -39.35 -23.88
N THR D 13 -18.60 -39.12 -24.84
CA THR D 13 -19.26 -37.82 -24.92
C THR D 13 -20.19 -37.60 -23.74
N ARG D 14 -20.86 -38.66 -23.29
CA ARG D 14 -21.79 -38.60 -22.17
C ARG D 14 -21.39 -39.58 -21.08
N PHE D 15 -21.56 -39.16 -19.83
CA PHE D 15 -21.36 -40.01 -18.67
C PHE D 15 -22.69 -40.27 -17.98
N ALA D 16 -22.67 -41.24 -17.06
CA ALA D 16 -23.88 -41.67 -16.37
C ALA D 16 -23.98 -41.01 -15.01
N SER D 17 -25.21 -40.99 -14.48
CA SER D 17 -25.41 -40.51 -13.13
C SER D 17 -24.83 -41.50 -12.12
N VAL D 18 -24.52 -40.99 -10.93
CA VAL D 18 -23.83 -41.81 -9.94
C VAL D 18 -24.73 -42.95 -9.46
N TYR D 19 -26.04 -42.70 -9.35
CA TYR D 19 -26.94 -43.78 -8.95
C TYR D 19 -27.12 -44.81 -10.04
N ALA D 20 -26.85 -44.45 -11.30
CA ALA D 20 -26.97 -45.37 -12.43
C ALA D 20 -25.61 -45.54 -13.10
N TRP D 21 -24.57 -45.77 -12.31
CA TRP D 21 -23.21 -45.83 -12.83
C TRP D 21 -23.06 -46.92 -13.88
N ASN D 22 -22.33 -46.60 -14.94
CA ASN D 22 -22.09 -47.52 -16.03
C ASN D 22 -20.90 -48.42 -15.72
N ARG D 23 -20.95 -49.65 -16.22
CA ARG D 23 -19.89 -50.62 -16.04
C ARG D 23 -19.52 -51.22 -17.38
N LYS D 24 -18.23 -51.22 -17.71
CA LYS D 24 -17.71 -51.80 -18.94
C LYS D 24 -16.85 -53.01 -18.60
N ARG D 25 -17.07 -54.11 -19.28
CA ARG D 25 -16.31 -55.34 -19.06
C ARG D 25 -15.15 -55.38 -20.05
N ILE D 26 -13.93 -55.46 -19.52
CA ILE D 26 -12.71 -55.46 -20.33
C ILE D 26 -12.10 -56.85 -20.28
N SER D 27 -12.02 -57.50 -21.43
CA SER D 27 -11.46 -58.85 -21.50
C SER D 27 -10.98 -59.11 -22.92
N ASN D 28 -10.05 -60.07 -23.03
CA ASN D 28 -9.50 -60.52 -24.31
C ASN D 28 -8.86 -59.36 -25.08
N CYS D 29 -7.94 -58.68 -24.41
CA CYS D 29 -7.22 -57.56 -24.98
C CYS D 29 -6.01 -57.26 -24.10
N VAL D 30 -5.06 -56.53 -24.66
CA VAL D 30 -3.90 -56.04 -23.91
C VAL D 30 -4.18 -54.61 -23.49
N ALA D 31 -3.96 -54.32 -22.20
CA ALA D 31 -4.25 -53.01 -21.62
C ALA D 31 -2.94 -52.29 -21.34
N ASP D 32 -2.67 -51.25 -22.11
CA ASP D 32 -1.49 -50.41 -21.89
C ASP D 32 -1.89 -49.22 -21.04
N TYR D 33 -1.36 -49.16 -19.82
CA TYR D 33 -1.67 -48.10 -18.88
C TYR D 33 -0.70 -46.91 -18.97
N SER D 34 0.23 -46.95 -19.93
CA SER D 34 1.22 -45.87 -20.04
C SER D 34 0.55 -44.53 -20.29
N VAL D 35 -0.49 -44.52 -21.13
CA VAL D 35 -1.22 -43.27 -21.39
C VAL D 35 -1.91 -42.77 -20.13
N LEU D 36 -2.37 -43.69 -19.28
CA LEU D 36 -3.18 -43.30 -18.12
C LEU D 36 -2.33 -42.67 -17.01
N TYR D 37 -1.38 -43.43 -16.47
CA TYR D 37 -0.64 -42.93 -15.31
C TYR D 37 0.38 -41.86 -15.67
N ASN D 38 0.70 -41.68 -16.95
CA ASN D 38 1.58 -40.61 -17.40
C ASN D 38 0.82 -39.45 -18.03
N SER D 39 -0.43 -39.25 -17.62
CA SER D 39 -1.25 -38.14 -18.10
C SER D 39 -1.47 -37.16 -16.96
N ALA D 40 -1.29 -35.87 -17.26
CA ALA D 40 -1.45 -34.81 -16.27
C ALA D 40 -2.84 -34.21 -16.29
N SER D 41 -3.79 -34.83 -17.01
CA SER D 41 -5.16 -34.35 -17.09
C SER D 41 -6.08 -35.05 -16.11
N PHE D 42 -5.54 -35.56 -15.00
CA PHE D 42 -6.32 -36.25 -13.97
C PHE D 42 -6.12 -35.54 -12.64
N SER D 43 -7.23 -35.16 -12.01
CA SER D 43 -7.16 -34.51 -10.71
C SER D 43 -6.87 -35.52 -9.60
N THR D 44 -7.39 -36.73 -9.73
CA THR D 44 -7.18 -37.78 -8.72
C THR D 44 -6.83 -39.08 -9.43
N PHE D 45 -5.75 -39.72 -8.97
CA PHE D 45 -5.34 -41.03 -9.50
C PHE D 45 -4.76 -41.82 -8.32
N LYS D 46 -5.62 -42.57 -7.65
CA LYS D 46 -5.24 -43.33 -6.47
C LYS D 46 -5.50 -44.81 -6.71
N CYS D 47 -4.48 -45.63 -6.49
CA CYS D 47 -4.58 -47.07 -6.67
C CYS D 47 -4.44 -47.78 -5.32
N TYR D 48 -5.16 -48.90 -5.19
CA TYR D 48 -5.19 -49.67 -3.95
C TYR D 48 -4.82 -51.11 -4.27
N GLY D 49 -3.78 -51.61 -3.61
CA GLY D 49 -3.32 -52.97 -3.79
C GLY D 49 -2.56 -53.24 -5.06
N VAL D 50 -2.44 -52.25 -5.95
CA VAL D 50 -1.72 -52.41 -7.21
C VAL D 50 -0.93 -51.12 -7.48
N SER D 51 0.30 -51.28 -7.95
CA SER D 51 1.10 -50.11 -8.31
C SER D 51 0.85 -49.74 -9.78
N PRO D 52 0.74 -48.45 -10.09
CA PRO D 52 0.49 -48.06 -11.49
C PRO D 52 1.62 -48.47 -12.43
N THR D 53 2.87 -48.36 -11.99
CA THR D 53 3.98 -48.78 -12.82
C THR D 53 4.00 -50.29 -13.00
N LYS D 54 3.68 -51.04 -11.95
CA LYS D 54 3.66 -52.49 -12.00
C LYS D 54 2.48 -53.03 -12.78
N LEU D 55 1.53 -52.17 -13.16
CA LEU D 55 0.33 -52.62 -13.86
C LEU D 55 0.67 -53.30 -15.18
N ASN D 56 1.65 -52.77 -15.91
CA ASN D 56 2.03 -53.35 -17.19
C ASN D 56 2.71 -54.70 -17.05
N ASP D 57 3.09 -55.10 -15.83
CA ASP D 57 3.75 -56.38 -15.59
C ASP D 57 2.82 -57.39 -14.94
N LEU D 58 1.51 -57.17 -15.00
CA LEU D 58 0.53 -58.07 -14.40
C LEU D 58 -0.47 -58.52 -15.46
N CYS D 59 -1.27 -59.52 -15.08
CA CYS D 59 -2.32 -60.07 -15.92
C CYS D 59 -3.52 -60.37 -15.03
N PHE D 60 -4.70 -60.00 -15.50
CA PHE D 60 -5.94 -60.18 -14.73
C PHE D 60 -6.97 -60.92 -15.56
N THR D 61 -7.89 -61.60 -14.86
CA THR D 61 -8.96 -62.31 -15.53
C THR D 61 -9.88 -61.35 -16.28
N ASN D 62 -10.38 -60.33 -15.57
CA ASN D 62 -11.25 -59.33 -16.17
C ASN D 62 -11.01 -57.98 -15.51
N VAL D 63 -11.35 -56.92 -16.24
CA VAL D 63 -11.25 -55.55 -15.74
C VAL D 63 -12.62 -54.90 -15.89
N TYR D 64 -13.03 -54.16 -14.86
CA TYR D 64 -14.31 -53.46 -14.86
C TYR D 64 -14.05 -51.96 -14.76
N ALA D 65 -14.54 -51.22 -15.75
CA ALA D 65 -14.39 -49.77 -15.80
C ALA D 65 -15.74 -49.15 -15.47
N ASP D 66 -15.90 -48.69 -14.23
CA ASP D 66 -17.13 -48.04 -13.80
C ASP D 66 -16.98 -46.53 -13.99
N SER D 67 -18.01 -45.91 -14.58
CA SER D 67 -17.96 -44.49 -14.89
C SER D 67 -19.25 -43.82 -14.42
N PHE D 68 -19.09 -42.65 -13.80
CA PHE D 68 -20.22 -41.85 -13.33
C PHE D 68 -19.73 -40.42 -13.12
N VAL D 69 -20.65 -39.56 -12.65
CA VAL D 69 -20.36 -38.16 -12.41
C VAL D 69 -20.83 -37.79 -11.01
N ILE D 70 -19.95 -37.16 -10.24
CA ILE D 70 -20.26 -36.62 -8.93
C ILE D 70 -19.65 -35.22 -8.85
N ARG D 71 -19.78 -34.59 -7.68
CA ARG D 71 -19.15 -33.31 -7.42
C ARG D 71 -17.80 -33.52 -6.73
N GLY D 72 -17.01 -32.45 -6.70
CA GLY D 72 -15.64 -32.56 -6.18
C GLY D 72 -15.58 -32.98 -4.73
N ASP D 73 -16.46 -32.42 -3.89
CA ASP D 73 -16.43 -32.74 -2.47
C ASP D 73 -16.77 -34.19 -2.20
N GLU D 74 -17.39 -34.89 -3.14
CA GLU D 74 -17.77 -36.28 -2.98
C GLU D 74 -16.75 -37.23 -3.59
N VAL D 75 -15.67 -36.71 -4.17
CA VAL D 75 -14.65 -37.57 -4.77
C VAL D 75 -13.98 -38.42 -3.69
N ARG D 76 -13.79 -37.86 -2.49
CA ARG D 76 -13.16 -38.60 -1.42
C ARG D 76 -13.98 -39.82 -1.00
N GLN D 77 -15.28 -39.84 -1.31
CA GLN D 77 -16.11 -40.97 -0.95
C GLN D 77 -15.86 -42.18 -1.84
N ILE D 78 -15.17 -42.01 -2.97
CA ILE D 78 -14.85 -43.16 -3.84
C ILE D 78 -13.53 -43.72 -3.31
N ALA D 79 -13.65 -44.55 -2.27
CA ALA D 79 -12.52 -45.18 -1.60
C ALA D 79 -13.05 -46.27 -0.67
N PRO D 80 -12.26 -47.31 -0.42
CA PRO D 80 -12.72 -48.38 0.49
C PRO D 80 -12.99 -47.86 1.89
N GLY D 81 -14.06 -48.36 2.51
CA GLY D 81 -14.34 -48.04 3.90
C GLY D 81 -14.87 -46.65 4.15
N GLN D 82 -15.37 -45.97 3.13
CA GLN D 82 -15.84 -44.60 3.29
C GLN D 82 -17.35 -44.55 3.56
N THR D 83 -17.78 -43.40 4.10
CA THR D 83 -19.18 -43.11 4.37
C THR D 83 -19.56 -41.80 3.69
N GLY D 84 -20.86 -41.53 3.68
CA GLY D 84 -21.41 -40.39 2.98
C GLY D 84 -22.54 -40.80 2.06
N LYS D 85 -23.18 -39.77 1.49
CA LYS D 85 -24.35 -40.02 0.65
C LYS D 85 -23.99 -40.86 -0.56
N ILE D 86 -22.89 -40.55 -1.23
CA ILE D 86 -22.48 -41.32 -2.41
C ILE D 86 -22.04 -42.72 -2.00
N ALA D 87 -21.21 -42.82 -0.97
CA ALA D 87 -20.66 -44.12 -0.58
C ALA D 87 -21.73 -45.04 -0.02
N ASP D 88 -22.74 -44.50 0.66
CA ASP D 88 -23.75 -45.36 1.29
C ASP D 88 -24.90 -45.69 0.36
N TYR D 89 -25.35 -44.74 -0.46
CA TYR D 89 -26.56 -44.90 -1.23
C TYR D 89 -26.38 -44.86 -2.74
N ASN D 90 -25.18 -44.54 -3.24
CA ASN D 90 -24.97 -44.40 -4.67
C ASN D 90 -23.94 -45.37 -5.23
N TYR D 91 -22.74 -45.41 -4.65
CA TYR D 91 -21.66 -46.25 -5.17
C TYR D 91 -20.75 -46.64 -4.02
N LYS D 92 -20.66 -47.93 -3.74
CA LYS D 92 -19.91 -48.45 -2.59
C LYS D 92 -18.78 -49.33 -3.08
N LEU D 93 -17.57 -49.05 -2.61
CA LEU D 93 -16.39 -49.86 -2.85
C LEU D 93 -16.14 -50.82 -1.70
N PRO D 94 -15.68 -52.04 -1.98
CA PRO D 94 -15.44 -53.00 -0.90
C PRO D 94 -14.23 -52.60 -0.06
N ASP D 95 -14.19 -53.14 1.16
CA ASP D 95 -13.08 -52.87 2.06
C ASP D 95 -11.78 -53.45 1.51
N ASP D 96 -11.86 -54.56 0.79
CA ASP D 96 -10.71 -55.19 0.16
C ASP D 96 -10.56 -54.81 -1.31
N PHE D 97 -10.93 -53.57 -1.66
CA PHE D 97 -10.91 -53.13 -3.05
C PHE D 97 -9.49 -53.20 -3.61
N THR D 98 -9.38 -53.71 -4.83
CA THR D 98 -8.11 -53.83 -5.55
C THR D 98 -8.27 -53.18 -6.91
N GLY D 99 -7.65 -52.02 -7.10
CA GLY D 99 -7.81 -51.29 -8.33
C GLY D 99 -7.47 -49.82 -8.12
N CYS D 100 -7.84 -49.02 -9.14
CA CYS D 100 -7.52 -47.61 -9.17
C CYS D 100 -8.79 -46.79 -9.36
N VAL D 101 -8.78 -45.58 -8.79
CA VAL D 101 -9.86 -44.62 -8.96
C VAL D 101 -9.30 -43.39 -9.66
N ILE D 102 -9.92 -43.02 -10.78
CA ILE D 102 -9.48 -41.89 -11.59
C ILE D 102 -10.62 -40.89 -11.69
N ALA D 103 -10.31 -39.61 -11.50
CA ALA D 103 -11.32 -38.56 -11.53
C ALA D 103 -10.70 -37.29 -12.08
N TRP D 104 -11.46 -36.56 -12.89
CA TRP D 104 -11.01 -35.30 -13.46
C TRP D 104 -12.17 -34.32 -13.52
N ASN D 105 -11.84 -33.03 -13.40
CA ASN D 105 -12.86 -32.00 -13.46
C ASN D 105 -13.49 -31.95 -14.84
N SER D 106 -14.82 -31.84 -14.87
CA SER D 106 -15.59 -31.80 -16.10
C SER D 106 -16.60 -30.66 -16.06
N ASN D 107 -16.20 -29.52 -15.49
CA ASN D 107 -17.10 -28.38 -15.43
C ASN D 107 -17.40 -27.84 -16.82
N ASN D 108 -16.45 -27.95 -17.75
CA ASN D 108 -16.66 -27.44 -19.10
C ASN D 108 -17.64 -28.29 -19.90
N LEU D 109 -17.79 -29.57 -19.55
CA LEU D 109 -18.60 -30.50 -20.33
C LEU D 109 -19.98 -30.73 -19.74
N ASP D 110 -20.06 -30.99 -18.44
CA ASP D 110 -21.28 -31.45 -17.79
C ASP D 110 -22.00 -30.36 -17.03
N SER D 111 -21.67 -29.10 -17.29
CA SER D 111 -22.27 -27.98 -16.57
C SER D 111 -22.76 -26.93 -17.55
N LYS D 112 -23.87 -26.29 -17.21
CA LYS D 112 -24.42 -25.21 -18.01
C LYS D 112 -24.98 -24.13 -17.09
N VAL D 113 -24.96 -22.89 -17.58
CA VAL D 113 -25.60 -21.79 -16.86
C VAL D 113 -27.08 -22.10 -16.74
N GLY D 114 -27.63 -21.92 -15.54
CA GLY D 114 -28.99 -22.30 -15.25
C GLY D 114 -29.14 -23.68 -14.65
N GLY D 115 -28.07 -24.46 -14.61
CA GLY D 115 -28.08 -25.77 -13.97
C GLY D 115 -28.23 -26.93 -14.94
N ASN D 116 -27.34 -27.91 -14.83
CA ASN D 116 -27.45 -29.16 -15.57
C ASN D 116 -28.13 -30.18 -14.66
N TYR D 117 -29.34 -30.60 -15.05
CA TYR D 117 -30.16 -31.46 -14.19
C TYR D 117 -30.27 -32.88 -14.75
N ASN D 118 -29.36 -33.27 -15.64
CA ASN D 118 -29.34 -34.65 -16.13
C ASN D 118 -28.66 -35.59 -15.15
N TYR D 119 -27.75 -35.08 -14.33
CA TYR D 119 -27.02 -35.93 -13.39
C TYR D 119 -27.73 -35.91 -12.04
N LEU D 120 -28.02 -37.11 -11.51
CA LEU D 120 -28.76 -37.28 -10.29
C LEU D 120 -27.97 -38.14 -9.31
N TYR D 121 -28.35 -38.04 -8.03
CA TYR D 121 -27.76 -38.86 -6.98
C TYR D 121 -28.87 -39.32 -6.05
N ARG D 122 -28.69 -40.51 -5.47
CA ARG D 122 -29.66 -41.04 -4.53
C ARG D 122 -29.45 -40.39 -3.16
N LEU D 123 -30.49 -39.75 -2.65
CA LEU D 123 -30.44 -39.03 -1.38
C LEU D 123 -31.00 -39.83 -0.22
N PHE D 124 -32.03 -40.64 -0.44
CA PHE D 124 -32.67 -41.41 0.61
C PHE D 124 -32.61 -42.90 0.29
N ARG D 125 -32.32 -43.70 1.33
CA ARG D 125 -32.35 -45.15 1.23
C ARG D 125 -32.36 -45.73 2.63
N LYS D 126 -33.12 -46.82 2.82
CA LYS D 126 -33.27 -47.40 4.15
C LYS D 126 -31.96 -48.00 4.65
N SER D 127 -31.19 -48.64 3.76
CA SER D 127 -29.97 -49.32 4.15
C SER D 127 -28.84 -48.95 3.19
N ASN D 128 -27.62 -49.17 3.65
CA ASN D 128 -26.45 -48.88 2.82
C ASN D 128 -26.33 -49.88 1.69
N LEU D 129 -25.64 -49.46 0.64
CA LEU D 129 -25.37 -50.32 -0.50
C LEU D 129 -24.22 -51.27 -0.19
N LYS D 130 -24.37 -52.53 -0.57
CA LYS D 130 -23.25 -53.44 -0.53
C LYS D 130 -22.27 -53.08 -1.66
N PRO D 131 -21.01 -53.54 -1.56
CA PRO D 131 -20.02 -53.15 -2.57
C PRO D 131 -20.47 -53.48 -3.99
N PHE D 132 -20.26 -52.52 -4.90
CA PHE D 132 -20.59 -52.65 -6.31
C PHE D 132 -22.08 -52.92 -6.54
N GLU D 133 -22.93 -52.40 -5.67
CA GLU D 133 -24.37 -52.51 -5.84
C GLU D 133 -24.89 -51.31 -6.61
N ARG D 134 -25.85 -51.54 -7.49
CA ARG D 134 -26.43 -50.51 -8.33
C ARG D 134 -27.94 -50.47 -8.10
N ASP D 135 -28.40 -49.45 -7.39
CA ASP D 135 -29.81 -49.30 -7.05
C ASP D 135 -30.37 -48.14 -7.86
N ILE D 136 -31.26 -48.44 -8.79
CA ILE D 136 -31.92 -47.44 -9.62
C ILE D 136 -33.41 -47.36 -9.31
N SER D 137 -33.82 -47.87 -8.15
CA SER D 137 -35.22 -47.82 -7.75
C SER D 137 -35.69 -46.38 -7.57
N THR D 138 -36.94 -46.11 -7.96
CA THR D 138 -37.56 -44.82 -7.78
C THR D 138 -38.73 -44.87 -6.82
N GLU D 139 -38.80 -45.92 -5.99
CA GLU D 139 -39.87 -46.04 -5.01
C GLU D 139 -39.81 -44.91 -4.00
N ILE D 140 -40.98 -44.43 -3.58
CA ILE D 140 -41.04 -43.30 -2.67
C ILE D 140 -40.47 -43.73 -1.31
N TYR D 141 -39.54 -42.94 -0.80
CA TYR D 141 -38.90 -43.26 0.48
C TYR D 141 -39.83 -42.89 1.63
N GLN D 142 -40.03 -43.83 2.55
CA GLN D 142 -40.91 -43.64 3.70
C GLN D 142 -40.06 -43.23 4.89
N ALA D 143 -40.06 -41.94 5.21
CA ALA D 143 -39.35 -41.44 6.37
C ALA D 143 -40.15 -41.52 7.66
N GLY D 144 -41.43 -41.89 7.57
CA GLY D 144 -42.26 -42.03 8.75
C GLY D 144 -42.91 -43.39 8.86
N SER D 145 -44.00 -43.47 9.60
CA SER D 145 -44.73 -44.73 9.80
C SER D 145 -45.94 -44.85 8.90
N THR D 146 -46.23 -43.84 8.09
CA THR D 146 -47.37 -43.88 7.18
C THR D 146 -46.95 -44.41 5.81
N PRO D 147 -47.60 -45.44 5.29
CA PRO D 147 -47.25 -45.94 3.96
C PRO D 147 -47.45 -44.86 2.90
N CYS D 148 -46.52 -44.81 1.95
CA CYS D 148 -46.54 -43.75 0.94
C CYS D 148 -47.48 -44.09 -0.21
N ASN D 149 -47.52 -45.35 -0.63
CA ASN D 149 -48.38 -45.80 -1.71
C ASN D 149 -48.08 -45.06 -3.01
N GLY D 150 -46.80 -44.77 -3.24
CA GLY D 150 -46.37 -44.25 -4.52
C GLY D 150 -46.67 -42.80 -4.80
N VAL D 151 -47.17 -42.05 -3.81
CA VAL D 151 -47.48 -40.64 -3.99
C VAL D 151 -46.59 -39.84 -3.04
N GLU D 152 -45.99 -38.77 -3.56
CA GLU D 152 -45.12 -37.93 -2.75
C GLU D 152 -45.95 -37.13 -1.74
N GLY D 153 -45.28 -36.68 -0.70
CA GLY D 153 -45.95 -35.92 0.34
C GLY D 153 -45.06 -35.78 1.55
N PHE D 154 -45.68 -35.43 2.68
CA PHE D 154 -44.95 -35.34 3.93
C PHE D 154 -44.50 -36.74 4.36
N ASN D 155 -43.23 -36.84 4.76
CA ASN D 155 -42.60 -38.11 5.14
C ASN D 155 -42.60 -39.12 4.01
N CYS D 156 -42.72 -38.64 2.77
CA CYS D 156 -42.71 -39.51 1.59
C CYS D 156 -42.01 -38.73 0.47
N TYR D 157 -40.72 -39.00 0.28
CA TYR D 157 -39.88 -38.18 -0.59
C TYR D 157 -39.31 -39.01 -1.72
N PHE D 158 -39.13 -38.35 -2.86
CA PHE D 158 -38.48 -38.99 -4.00
C PHE D 158 -37.02 -39.26 -3.67
N PRO D 159 -36.53 -40.48 -3.88
CA PRO D 159 -35.17 -40.82 -3.43
C PRO D 159 -34.07 -40.07 -4.15
N LEU D 160 -34.33 -39.54 -5.35
CA LEU D 160 -33.30 -38.90 -6.15
C LEU D 160 -33.35 -37.38 -6.03
N GLN D 161 -32.17 -36.77 -6.18
CA GLN D 161 -32.02 -35.33 -6.28
C GLN D 161 -31.05 -35.01 -7.40
N SER D 162 -31.18 -33.80 -7.94
CA SER D 162 -30.36 -33.34 -9.05
C SER D 162 -29.22 -32.46 -8.52
N TYR D 163 -28.05 -32.60 -9.15
CA TYR D 163 -26.92 -31.76 -8.77
C TYR D 163 -27.14 -30.32 -9.20
N GLY D 164 -27.66 -30.11 -10.41
CA GLY D 164 -27.84 -28.77 -10.93
C GLY D 164 -26.52 -28.06 -11.12
N PHE D 165 -25.62 -28.67 -11.88
CA PHE D 165 -24.27 -28.13 -12.04
C PHE D 165 -24.30 -26.83 -12.81
N GLN D 166 -23.67 -25.80 -12.24
CA GLN D 166 -23.49 -24.52 -12.88
C GLN D 166 -22.00 -24.16 -12.91
N PRO D 167 -21.51 -23.54 -13.98
CA PRO D 167 -20.09 -23.17 -14.03
C PRO D 167 -19.70 -22.16 -12.97
N THR D 168 -20.65 -21.40 -12.44
CA THR D 168 -20.37 -20.44 -11.38
C THR D 168 -20.24 -21.08 -10.01
N ASN D 169 -20.53 -22.38 -9.88
CA ASN D 169 -20.38 -23.07 -8.62
C ASN D 169 -18.91 -23.18 -8.23
N GLY D 170 -18.67 -23.32 -6.93
CA GLY D 170 -17.32 -23.53 -6.47
C GLY D 170 -16.75 -24.86 -6.92
N VAL D 171 -15.43 -24.99 -6.82
CA VAL D 171 -14.75 -26.19 -7.30
C VAL D 171 -15.24 -27.43 -6.54
N GLY D 172 -15.69 -27.27 -5.30
CA GLY D 172 -16.23 -28.39 -4.56
C GLY D 172 -17.58 -28.87 -5.05
N TYR D 173 -18.32 -28.01 -5.76
CA TYR D 173 -19.63 -28.36 -6.29
C TYR D 173 -19.62 -28.49 -7.81
N GLN D 174 -18.46 -28.44 -8.45
CA GLN D 174 -18.38 -28.62 -9.89
C GLN D 174 -18.40 -30.10 -10.24
N PRO D 175 -18.88 -30.44 -11.45
CA PRO D 175 -18.98 -31.86 -11.81
C PRO D 175 -17.60 -32.47 -12.08
N TYR D 176 -17.40 -33.67 -11.55
CA TYR D 176 -16.19 -34.45 -11.78
C TYR D 176 -16.57 -35.80 -12.34
N ARG D 177 -15.92 -36.18 -13.44
CA ARG D 177 -16.12 -37.49 -14.04
C ARG D 177 -15.16 -38.48 -13.39
N VAL D 178 -15.70 -39.60 -12.92
CA VAL D 178 -14.96 -40.58 -12.14
C VAL D 178 -14.99 -41.91 -12.87
N VAL D 179 -13.81 -42.52 -13.02
CA VAL D 179 -13.70 -43.86 -13.60
C VAL D 179 -13.00 -44.74 -12.58
N VAL D 180 -13.64 -45.84 -12.22
CA VAL D 180 -13.10 -46.80 -11.25
C VAL D 180 -12.70 -48.06 -12.00
N LEU D 181 -11.42 -48.39 -11.98
CA LEU D 181 -10.90 -49.59 -12.62
C LEU D 181 -10.72 -50.66 -11.56
N SER D 182 -11.53 -51.72 -11.65
CA SER D 182 -11.45 -52.85 -10.73
C SER D 182 -10.82 -54.02 -11.47
N PHE D 183 -9.74 -54.55 -10.92
CA PHE D 183 -9.03 -55.67 -11.51
C PHE D 183 -9.43 -56.93 -10.73
N GLU D 184 -10.32 -57.71 -11.32
CA GLU D 184 -10.84 -58.90 -10.67
C GLU D 184 -9.94 -60.09 -10.94
N LEU D 185 -9.86 -60.99 -9.96
CA LEU D 185 -9.06 -62.20 -10.05
C LEU D 185 -10.01 -63.39 -9.93
N LEU D 186 -10.36 -63.99 -11.07
CA LEU D 186 -11.29 -65.10 -11.11
C LEU D 186 -10.57 -66.35 -11.62
N HIS D 187 -11.26 -67.49 -11.48
CA HIS D 187 -10.70 -68.79 -11.85
C HIS D 187 -11.04 -69.09 -13.31
N ALA D 188 -10.37 -68.34 -14.19
CA ALA D 188 -10.54 -68.42 -15.62
C ALA D 188 -9.23 -67.96 -16.25
N PRO D 189 -8.96 -68.33 -17.50
CA PRO D 189 -7.72 -67.87 -18.15
C PRO D 189 -7.66 -66.35 -18.18
N ALA D 190 -6.47 -65.82 -17.88
CA ALA D 190 -6.31 -64.38 -17.87
C ALA D 190 -6.35 -63.85 -19.30
N THR D 191 -7.13 -62.79 -19.51
CA THR D 191 -7.33 -62.24 -20.84
C THR D 191 -6.90 -60.78 -20.96
N VAL D 192 -6.40 -60.17 -19.88
CA VAL D 192 -5.95 -58.78 -19.89
C VAL D 192 -4.53 -58.76 -19.36
N CYS D 193 -3.61 -58.19 -20.13
CA CYS D 193 -2.22 -58.10 -19.74
C CYS D 193 -1.64 -56.77 -20.21
N GLY D 194 -0.49 -56.42 -19.65
CA GLY D 194 0.16 -55.17 -19.99
C GLY D 194 1.02 -55.25 -21.24
N GLN E 1 -32.63 -17.13 -33.66
CA GLN E 1 -33.29 -16.71 -32.42
C GLN E 1 -34.32 -17.76 -31.99
N VAL E 2 -34.50 -17.90 -30.68
CA VAL E 2 -35.50 -18.80 -30.13
C VAL E 2 -36.87 -18.14 -30.22
N GLN E 3 -37.84 -18.88 -30.74
CA GLN E 3 -39.20 -18.37 -30.91
C GLN E 3 -40.20 -19.39 -30.37
N LEU E 4 -41.20 -18.90 -29.65
CA LEU E 4 -42.28 -19.73 -29.13
C LEU E 4 -43.61 -19.15 -29.60
N LEU E 5 -44.29 -19.87 -30.48
CA LEU E 5 -45.57 -19.44 -31.04
C LEU E 5 -46.67 -20.31 -30.44
N GLU E 6 -47.70 -19.66 -29.90
CA GLU E 6 -48.77 -20.33 -29.20
C GLU E 6 -50.07 -20.28 -30.00
N SER E 7 -50.90 -21.30 -29.83
CA SER E 7 -52.16 -21.39 -30.54
C SER E 7 -53.11 -22.29 -29.74
N GLY E 8 -54.39 -22.21 -30.08
CA GLY E 8 -55.41 -23.05 -29.48
C GLY E 8 -56.35 -22.33 -28.56
N GLY E 9 -56.13 -21.05 -28.28
CA GLY E 9 -56.99 -20.32 -27.38
C GLY E 9 -58.34 -20.02 -28.00
N GLY E 10 -59.29 -19.66 -27.15
CA GLY E 10 -60.62 -19.32 -27.60
C GLY E 10 -61.61 -19.41 -26.46
N LEU E 11 -62.89 -19.52 -26.83
CA LEU E 11 -63.98 -19.60 -25.89
C LEU E 11 -64.42 -21.06 -25.74
N VAL E 12 -64.78 -21.44 -24.52
CA VAL E 12 -65.26 -22.79 -24.24
C VAL E 12 -66.23 -22.71 -23.07
N GLN E 13 -67.29 -23.52 -23.15
CA GLN E 13 -68.25 -23.60 -22.06
C GLN E 13 -67.64 -24.34 -20.88
N PRO E 14 -68.15 -24.09 -19.67
CA PRO E 14 -67.64 -24.84 -18.50
C PRO E 14 -67.89 -26.33 -18.66
N GLY E 15 -66.89 -27.12 -18.26
CA GLY E 15 -66.92 -28.55 -18.44
C GLY E 15 -66.38 -29.02 -19.78
N GLY E 16 -66.09 -28.11 -20.71
CA GLY E 16 -65.58 -28.47 -22.01
C GLY E 16 -64.10 -28.76 -21.97
N SER E 17 -63.54 -28.95 -23.17
CA SER E 17 -62.13 -29.29 -23.28
C SER E 17 -61.55 -28.70 -24.56
N LEU E 18 -60.27 -28.35 -24.50
CA LEU E 18 -59.54 -27.88 -25.67
C LEU E 18 -58.05 -28.08 -25.41
N ARG E 19 -57.28 -28.16 -26.49
CA ARG E 19 -55.85 -28.39 -26.44
C ARG E 19 -55.11 -27.19 -27.00
N LEU E 20 -54.09 -26.74 -26.29
CA LEU E 20 -53.24 -25.64 -26.72
C LEU E 20 -51.90 -26.20 -27.19
N SER E 21 -51.35 -25.58 -28.23
CA SER E 21 -50.08 -26.00 -28.81
C SER E 21 -49.09 -24.86 -28.74
N CYS E 22 -47.82 -25.21 -28.52
CA CYS E 22 -46.73 -24.25 -28.43
C CYS E 22 -45.63 -24.74 -29.36
N ALA E 23 -45.52 -24.12 -30.53
CA ALA E 23 -44.50 -24.48 -31.51
C ALA E 23 -43.22 -23.72 -31.19
N ALA E 24 -42.16 -24.44 -30.88
CA ALA E 24 -40.88 -23.84 -30.50
C ALA E 24 -39.85 -24.05 -31.59
N SER E 25 -38.95 -23.08 -31.73
CA SER E 25 -37.90 -23.13 -32.73
C SER E 25 -36.73 -22.29 -32.25
N GLY E 26 -35.57 -22.55 -32.85
CA GLY E 26 -34.36 -21.83 -32.51
C GLY E 26 -33.49 -22.46 -31.45
N PHE E 27 -33.81 -23.68 -31.01
CA PHE E 27 -33.04 -24.37 -30.00
C PHE E 27 -33.35 -25.86 -30.08
N THR E 28 -32.54 -26.65 -29.39
CA THR E 28 -32.78 -28.09 -29.30
C THR E 28 -33.95 -28.33 -28.36
N PHE E 29 -35.12 -28.60 -28.94
CA PHE E 29 -36.35 -28.69 -28.15
C PHE E 29 -36.29 -29.84 -27.16
N SER E 30 -35.79 -31.00 -27.59
CA SER E 30 -35.72 -32.15 -26.71
C SER E 30 -34.73 -31.97 -25.57
N SER E 31 -33.87 -30.95 -25.64
CA SER E 31 -32.82 -30.74 -24.67
C SER E 31 -33.25 -29.91 -23.46
N TYR E 32 -34.36 -29.19 -23.54
CA TYR E 32 -34.78 -28.28 -22.47
C TYR E 32 -36.18 -28.63 -21.99
N ALA E 33 -36.44 -28.35 -20.71
CA ALA E 33 -37.76 -28.54 -20.13
C ALA E 33 -38.69 -27.41 -20.52
N MET E 34 -39.96 -27.74 -20.73
CA MET E 34 -40.99 -26.79 -21.14
C MET E 34 -42.08 -26.73 -20.09
N SER E 35 -42.74 -25.57 -20.00
CA SER E 35 -43.72 -25.31 -18.96
C SER E 35 -44.89 -24.50 -19.52
N TRP E 36 -46.04 -24.62 -18.86
CA TRP E 36 -47.20 -23.80 -19.15
C TRP E 36 -47.50 -22.94 -17.93
N VAL E 37 -47.60 -21.63 -18.14
CA VAL E 37 -47.92 -20.66 -17.10
C VAL E 37 -49.18 -19.92 -17.49
N ARG E 38 -50.04 -19.65 -16.52
CA ARG E 38 -51.31 -18.98 -16.76
C ARG E 38 -51.35 -17.66 -16.01
N GLN E 39 -52.13 -16.72 -16.52
CA GLN E 39 -52.30 -15.42 -15.86
C GLN E 39 -53.75 -14.98 -16.05
N ALA E 40 -54.51 -14.96 -14.97
CA ALA E 40 -55.89 -14.53 -15.01
C ALA E 40 -55.98 -13.03 -15.26
N PRO E 41 -57.08 -12.56 -15.84
CA PRO E 41 -57.23 -11.11 -16.08
C PRO E 41 -57.10 -10.31 -14.80
N GLY E 42 -56.10 -9.45 -14.75
CA GLY E 42 -55.84 -8.64 -13.58
C GLY E 42 -55.21 -9.38 -12.43
N LYS E 43 -54.63 -10.55 -12.67
CA LYS E 43 -53.97 -11.34 -11.65
C LYS E 43 -52.51 -11.56 -12.03
N GLY E 44 -51.73 -12.05 -11.07
CA GLY E 44 -50.35 -12.40 -11.30
C GLY E 44 -50.22 -13.74 -11.98
N LEU E 45 -48.96 -14.10 -12.27
CA LEU E 45 -48.67 -15.38 -12.89
C LEU E 45 -48.94 -16.52 -11.92
N GLU E 46 -49.16 -17.71 -12.50
CA GLU E 46 -49.38 -18.92 -11.72
C GLU E 46 -48.93 -20.09 -12.58
N TRP E 47 -47.90 -20.81 -12.13
CA TRP E 47 -47.43 -21.98 -12.85
C TRP E 47 -48.52 -23.04 -12.90
N ALA E 48 -48.66 -23.67 -14.07
CA ALA E 48 -49.72 -24.63 -14.30
C ALA E 48 -49.20 -26.04 -14.52
N SER E 49 -48.17 -26.20 -15.36
CA SER E 49 -47.65 -27.52 -15.64
C SER E 49 -46.25 -27.39 -16.23
N ALA E 50 -45.54 -28.51 -16.30
CA ALA E 50 -44.20 -28.56 -16.83
C ALA E 50 -43.86 -29.99 -17.21
N ILE E 51 -42.99 -30.14 -18.22
CA ILE E 51 -42.49 -31.45 -18.64
C ILE E 51 -40.97 -31.41 -18.71
N SER E 52 -40.35 -32.55 -18.47
CA SER E 52 -38.94 -32.72 -18.76
C SER E 52 -38.71 -32.73 -20.28
N GLY E 53 -37.44 -32.62 -20.66
CA GLY E 53 -37.12 -32.59 -22.08
C GLY E 53 -37.52 -33.85 -22.81
N SER E 54 -37.31 -35.01 -22.17
CA SER E 54 -37.65 -36.28 -22.81
C SER E 54 -39.14 -36.53 -22.83
N GLY E 55 -39.89 -35.93 -21.91
CA GLY E 55 -41.32 -36.16 -21.81
C GLY E 55 -41.73 -37.19 -20.81
N GLY E 56 -40.77 -37.81 -20.12
CA GLY E 56 -41.11 -38.84 -19.15
C GLY E 56 -41.64 -38.30 -17.83
N SER E 57 -41.24 -37.09 -17.45
CA SER E 57 -41.60 -36.50 -16.17
C SER E 57 -42.51 -35.31 -16.39
N THR E 58 -43.64 -35.28 -15.69
CA THR E 58 -44.60 -34.19 -15.78
C THR E 58 -44.98 -33.72 -14.39
N TYR E 59 -45.25 -32.41 -14.29
CA TYR E 59 -45.71 -31.80 -13.04
C TYR E 59 -46.97 -30.99 -13.32
N TYR E 60 -47.88 -30.99 -12.36
CA TYR E 60 -49.11 -30.21 -12.45
C TYR E 60 -49.33 -29.48 -11.15
N ALA E 61 -49.91 -28.27 -11.25
CA ALA E 61 -50.31 -27.54 -10.07
C ALA E 61 -51.53 -28.20 -9.43
N ASP E 62 -51.74 -27.90 -8.14
CA ASP E 62 -52.88 -28.49 -7.43
C ASP E 62 -54.20 -28.05 -8.04
N SER E 63 -54.26 -26.82 -8.56
CA SER E 63 -55.50 -26.35 -9.19
C SER E 63 -55.82 -27.13 -10.45
N VAL E 64 -54.81 -27.64 -11.14
CA VAL E 64 -54.98 -28.25 -12.46
C VAL E 64 -54.73 -29.75 -12.45
N GLU E 65 -54.29 -30.32 -11.34
CA GLU E 65 -53.94 -31.73 -11.33
C GLU E 65 -55.16 -32.61 -11.63
N GLY E 66 -54.97 -33.58 -12.52
CA GLY E 66 -56.04 -34.47 -12.91
C GLY E 66 -56.92 -33.90 -14.00
N ARG E 67 -57.14 -32.58 -13.98
CA ARG E 67 -57.95 -31.94 -15.00
C ARG E 67 -57.18 -31.79 -16.30
N PHE E 68 -55.98 -31.22 -16.23
CA PHE E 68 -55.17 -31.00 -17.41
C PHE E 68 -54.13 -32.11 -17.53
N THR E 69 -53.79 -32.46 -18.77
CA THR E 69 -52.70 -33.36 -19.06
C THR E 69 -51.77 -32.68 -20.05
N ILE E 70 -50.48 -32.74 -19.79
CA ILE E 70 -49.48 -32.03 -20.59
C ILE E 70 -48.65 -33.05 -21.34
N SER E 71 -48.37 -32.76 -22.61
CA SER E 71 -47.65 -33.68 -23.48
C SER E 71 -46.70 -32.89 -24.36
N ARG E 72 -45.85 -33.61 -25.07
CA ARG E 72 -44.81 -32.99 -25.89
C ARG E 72 -44.47 -33.91 -27.05
N ASP E 73 -44.32 -33.32 -28.23
CA ASP E 73 -43.85 -34.03 -29.41
C ASP E 73 -42.51 -33.42 -29.80
N ASN E 74 -41.43 -34.15 -29.51
CA ASN E 74 -40.09 -33.63 -29.81
C ASN E 74 -39.84 -33.56 -31.32
N SER E 75 -40.42 -34.47 -32.09
CA SER E 75 -40.25 -34.43 -33.54
C SER E 75 -40.87 -33.17 -34.13
N LYS E 76 -42.08 -32.82 -33.69
CA LYS E 76 -42.74 -31.61 -34.17
C LYS E 76 -42.20 -30.34 -33.54
N ASN E 77 -41.37 -30.44 -32.49
CA ASN E 77 -40.94 -29.28 -31.71
C ASN E 77 -42.14 -28.51 -31.17
N THR E 78 -43.12 -29.24 -30.66
CA THR E 78 -44.37 -28.65 -30.18
C THR E 78 -44.67 -29.11 -28.76
N LEU E 79 -45.17 -28.19 -27.95
CA LEU E 79 -45.63 -28.47 -26.60
C LEU E 79 -47.16 -28.38 -26.57
N TYR E 80 -47.79 -29.32 -25.88
CA TYR E 80 -49.23 -29.43 -25.84
C TYR E 80 -49.75 -29.38 -24.42
N LEU E 81 -50.91 -28.74 -24.23
CA LEU E 81 -51.61 -28.73 -22.95
C LEU E 81 -53.08 -29.04 -23.20
N GLN E 82 -53.50 -30.24 -22.84
CA GLN E 82 -54.90 -30.65 -22.98
C GLN E 82 -55.65 -30.31 -21.71
N MET E 83 -56.65 -29.43 -21.81
CA MET E 83 -57.41 -28.94 -20.68
C MET E 83 -58.78 -29.60 -20.68
N ASN E 84 -59.11 -30.31 -19.62
CA ASN E 84 -60.38 -31.01 -19.49
C ASN E 84 -61.12 -30.54 -18.24
N SER E 85 -62.44 -30.71 -18.27
CA SER E 85 -63.31 -30.33 -17.17
C SER E 85 -63.09 -28.87 -16.76
N LEU E 86 -63.18 -28.00 -17.74
CA LEU E 86 -62.84 -26.59 -17.53
C LEU E 86 -63.88 -25.90 -16.67
N ARG E 87 -63.39 -24.95 -15.86
CA ARG E 87 -64.24 -24.15 -14.99
C ARG E 87 -63.90 -22.68 -15.19
N ALA E 88 -64.73 -21.82 -14.58
CA ALA E 88 -64.60 -20.38 -14.81
C ALA E 88 -63.24 -19.85 -14.35
N GLU E 89 -62.68 -20.42 -13.28
CA GLU E 89 -61.39 -19.96 -12.78
C GLU E 89 -60.26 -20.23 -13.77
N ASP E 90 -60.45 -21.15 -14.71
CA ASP E 90 -59.42 -21.44 -15.70
C ASP E 90 -59.28 -20.33 -16.75
N THR E 91 -60.23 -19.40 -16.82
CA THR E 91 -60.15 -18.29 -17.75
C THR E 91 -58.89 -17.47 -17.50
N ALA E 92 -57.95 -17.51 -18.43
CA ALA E 92 -56.65 -16.85 -18.25
C ALA E 92 -55.93 -16.83 -19.58
N VAL E 93 -54.86 -16.03 -19.62
CA VAL E 93 -53.92 -16.04 -20.73
C VAL E 93 -52.84 -17.06 -20.42
N TYR E 94 -52.64 -18.02 -21.33
CA TYR E 94 -51.72 -19.12 -21.10
C TYR E 94 -50.45 -18.91 -21.90
N TYR E 95 -49.30 -18.96 -21.21
CA TYR E 95 -47.99 -18.81 -21.83
C TYR E 95 -47.22 -20.12 -21.74
N CYS E 96 -46.44 -20.41 -22.77
CA CYS E 96 -45.46 -21.49 -22.72
C CYS E 96 -44.07 -20.90 -22.57
N ALA E 97 -43.29 -21.50 -21.67
CA ALA E 97 -41.99 -20.96 -21.31
C ALA E 97 -40.94 -22.06 -21.39
N LYS E 98 -39.79 -21.73 -21.97
CA LYS E 98 -38.63 -22.62 -21.96
C LYS E 98 -37.74 -22.23 -20.79
N ASP E 99 -37.34 -23.22 -20.01
CA ASP E 99 -36.54 -22.95 -18.82
C ASP E 99 -35.07 -22.79 -19.19
N THR E 100 -34.35 -21.99 -18.40
CA THR E 100 -32.93 -21.81 -18.56
C THR E 100 -32.14 -23.05 -18.16
N GLY E 101 -32.78 -23.97 -17.44
CA GLY E 101 -32.09 -25.15 -16.98
C GLY E 101 -31.89 -26.18 -18.07
N TYR E 102 -30.99 -27.11 -17.79
CA TYR E 102 -30.60 -28.15 -18.73
C TYR E 102 -31.23 -29.47 -18.23
N CYS E 103 -32.24 -29.94 -18.96
CA CYS E 103 -33.00 -31.13 -18.60
C CYS E 103 -32.96 -32.08 -19.80
N GLY E 104 -33.84 -33.07 -19.80
CA GLY E 104 -33.96 -33.92 -20.97
C GLY E 104 -34.06 -35.41 -20.76
N ASP E 105 -33.11 -36.16 -21.31
CA ASP E 105 -33.24 -37.62 -21.37
C ASP E 105 -33.23 -38.26 -19.99
N ASP E 106 -32.17 -38.04 -19.21
CA ASP E 106 -32.04 -38.62 -17.88
C ASP E 106 -32.31 -37.62 -16.76
N CYS E 107 -33.18 -36.64 -16.99
CA CYS E 107 -33.57 -35.71 -15.95
C CYS E 107 -35.00 -35.98 -15.49
N TYR E 108 -35.33 -35.42 -14.34
CA TYR E 108 -36.63 -35.55 -13.72
C TYR E 108 -37.20 -34.16 -13.46
N ILE E 109 -38.49 -33.98 -13.73
CA ILE E 109 -39.16 -32.76 -13.33
C ILE E 109 -39.34 -32.82 -11.81
N LYS E 110 -39.67 -31.69 -11.19
CA LYS E 110 -39.85 -31.58 -9.74
C LYS E 110 -38.51 -31.73 -9.03
N LEU E 111 -37.45 -32.06 -9.78
CA LEU E 111 -36.10 -32.08 -9.26
C LEU E 111 -35.24 -30.95 -9.81
N ILE E 112 -35.81 -30.08 -10.63
CA ILE E 112 -35.07 -28.99 -11.24
C ILE E 112 -35.39 -27.71 -10.50
N ARG E 113 -34.58 -26.68 -10.75
CA ARG E 113 -34.78 -25.38 -10.11
C ARG E 113 -34.05 -24.33 -10.94
N GLY E 114 -34.71 -23.20 -11.16
CA GLY E 114 -34.12 -22.17 -11.97
C GLY E 114 -35.11 -21.12 -12.45
N GLY E 115 -35.11 -20.85 -13.74
CA GLY E 115 -35.99 -19.87 -14.31
C GLY E 115 -36.24 -20.05 -15.79
N PRO E 116 -37.30 -19.42 -16.30
CA PRO E 116 -37.62 -19.51 -17.73
C PRO E 116 -36.69 -18.65 -18.56
N ASP E 117 -36.10 -19.26 -19.59
CA ASP E 117 -35.33 -18.50 -20.58
C ASP E 117 -36.22 -17.54 -21.35
N TYR E 118 -37.20 -18.07 -22.08
CA TYR E 118 -38.02 -17.29 -22.99
C TYR E 118 -39.49 -17.65 -22.80
N TRP E 119 -40.35 -16.74 -23.22
CA TRP E 119 -41.80 -16.90 -23.10
C TRP E 119 -42.44 -16.71 -24.47
N GLY E 120 -43.53 -17.45 -24.70
CA GLY E 120 -44.30 -17.26 -25.91
C GLY E 120 -45.17 -16.02 -25.84
N GLN E 121 -45.83 -15.71 -26.96
CA GLN E 121 -46.66 -14.52 -27.00
C GLN E 121 -47.89 -14.64 -26.11
N GLY E 122 -48.36 -15.86 -25.86
CA GLY E 122 -49.49 -16.04 -24.98
C GLY E 122 -50.82 -16.10 -25.71
N THR E 123 -51.65 -17.07 -25.35
CA THR E 123 -52.98 -17.22 -25.93
C THR E 123 -54.01 -17.27 -24.82
N LEU E 124 -55.16 -16.63 -25.05
CA LEU E 124 -56.19 -16.47 -24.04
C LEU E 124 -57.31 -17.48 -24.24
N VAL E 125 -57.76 -18.07 -23.14
CA VAL E 125 -58.92 -18.95 -23.13
C VAL E 125 -59.93 -18.40 -22.14
N THR E 126 -61.20 -18.33 -22.55
CA THR E 126 -62.28 -17.87 -21.70
C THR E 126 -63.26 -19.01 -21.48
N VAL E 127 -63.59 -19.27 -20.22
CA VAL E 127 -64.52 -20.31 -19.86
C VAL E 127 -65.77 -19.63 -19.29
N SER E 128 -66.87 -19.71 -20.05
CA SER E 128 -68.14 -19.14 -19.62
C SER E 128 -69.23 -19.77 -20.46
N SER E 129 -70.48 -19.53 -20.06
CA SER E 129 -71.64 -20.07 -20.74
C SER E 129 -72.28 -18.92 -21.51
N ALA E 130 -71.78 -18.71 -22.73
CA ALA E 130 -72.26 -17.65 -23.60
C ALA E 130 -71.72 -17.92 -25.00
N SER E 131 -72.46 -17.46 -26.00
CA SER E 131 -72.10 -17.69 -27.39
C SER E 131 -71.15 -16.62 -27.89
N THR E 132 -70.25 -17.02 -28.78
CA THR E 132 -69.36 -16.08 -29.44
C THR E 132 -70.15 -15.17 -30.38
N LYS E 133 -69.72 -13.91 -30.46
CA LYS E 133 -70.37 -12.94 -31.32
C LYS E 133 -69.30 -12.06 -31.95
N GLY E 134 -69.36 -11.91 -33.27
CA GLY E 134 -68.42 -11.09 -33.98
C GLY E 134 -68.63 -9.61 -33.70
N PRO E 135 -67.57 -8.83 -33.80
CA PRO E 135 -67.69 -7.40 -33.51
C PRO E 135 -68.25 -6.61 -34.68
N SER E 136 -68.86 -5.48 -34.34
CA SER E 136 -69.28 -4.48 -35.32
C SER E 136 -68.31 -3.31 -35.25
N VAL E 137 -67.75 -2.93 -36.39
CA VAL E 137 -66.73 -1.89 -36.46
C VAL E 137 -67.36 -0.65 -37.10
N PHE E 138 -67.29 0.47 -36.39
CA PHE E 138 -67.84 1.72 -36.86
C PHE E 138 -66.74 2.77 -36.91
N PRO E 139 -66.80 3.68 -37.88
CA PRO E 139 -65.74 4.68 -38.01
C PRO E 139 -65.96 5.86 -37.08
N LEU E 140 -64.84 6.38 -36.56
CA LEU E 140 -64.80 7.62 -35.81
C LEU E 140 -64.07 8.62 -36.71
N ALA E 141 -64.81 9.58 -37.27
CA ALA E 141 -64.21 10.32 -38.36
C ALA E 141 -63.78 11.70 -37.89
N PRO E 142 -62.64 12.19 -38.38
CA PRO E 142 -62.17 13.51 -37.96
C PRO E 142 -63.03 14.63 -38.51
N SER E 143 -63.01 15.75 -37.80
CA SER E 143 -63.79 16.92 -38.18
C SER E 143 -62.99 18.20 -37.98
N GLY E 150 -53.70 21.79 -36.24
CA GLY E 150 -52.62 21.14 -36.98
C GLY E 150 -52.58 19.63 -36.76
N THR E 151 -53.30 19.17 -35.74
CA THR E 151 -53.36 17.75 -35.41
C THR E 151 -54.82 17.33 -35.28
N ALA E 152 -55.20 16.27 -35.99
CA ALA E 152 -56.54 15.74 -35.94
C ALA E 152 -56.50 14.26 -35.54
N ALA E 153 -57.60 13.79 -34.96
CA ALA E 153 -57.69 12.43 -34.45
C ALA E 153 -58.83 11.68 -35.12
N LEU E 154 -58.59 10.40 -35.41
CA LEU E 154 -59.61 9.52 -35.96
C LEU E 154 -59.42 8.13 -35.33
N GLY E 155 -60.40 7.27 -35.54
CA GLY E 155 -60.32 5.95 -34.95
C GLY E 155 -61.49 5.09 -35.35
N CYS E 156 -61.55 3.92 -34.70
CA CYS E 156 -62.57 2.92 -34.97
C CYS E 156 -63.17 2.44 -33.65
N LEU E 157 -64.46 2.16 -33.67
CA LEU E 157 -65.17 1.63 -32.50
C LEU E 157 -65.50 0.17 -32.74
N VAL E 158 -64.90 -0.72 -31.94
CA VAL E 158 -65.13 -2.15 -32.03
C VAL E 158 -66.10 -2.49 -30.90
N LYS E 159 -67.37 -2.71 -31.25
CA LYS E 159 -68.43 -2.80 -30.26
C LYS E 159 -69.19 -4.11 -30.40
N ASP E 160 -69.70 -4.59 -29.26
CA ASP E 160 -70.63 -5.72 -29.19
C ASP E 160 -69.99 -7.01 -29.70
N TYR E 161 -68.90 -7.40 -29.04
CA TYR E 161 -68.25 -8.67 -29.33
C TYR E 161 -68.02 -9.44 -28.04
N PHE E 162 -67.88 -10.76 -28.19
CA PHE E 162 -67.61 -11.64 -27.08
C PHE E 162 -67.00 -12.93 -27.62
N PRO E 163 -65.95 -13.47 -26.98
CA PRO E 163 -65.24 -12.94 -25.81
C PRO E 163 -64.03 -12.11 -26.19
N GLU E 164 -63.21 -11.76 -25.21
CA GLU E 164 -61.93 -11.13 -25.47
C GLU E 164 -61.00 -12.13 -26.17
N PRO E 165 -59.98 -11.65 -26.89
CA PRO E 165 -59.65 -10.25 -27.19
C PRO E 165 -59.88 -9.88 -28.65
N VAL E 166 -59.75 -8.60 -28.99
CA VAL E 166 -59.68 -8.16 -30.38
C VAL E 166 -58.37 -7.42 -30.57
N THR E 167 -57.80 -7.54 -31.76
CA THR E 167 -56.56 -6.88 -32.13
C THR E 167 -56.85 -5.87 -33.23
N VAL E 168 -56.40 -4.63 -33.03
CA VAL E 168 -56.65 -3.54 -33.97
C VAL E 168 -55.32 -3.01 -34.46
N SER E 169 -55.16 -2.94 -35.78
CA SER E 169 -53.99 -2.35 -36.42
C SER E 169 -54.46 -1.29 -37.40
N TRP E 170 -53.52 -0.46 -37.85
CA TRP E 170 -53.83 0.64 -38.77
C TRP E 170 -52.93 0.54 -40.00
N ASN E 171 -53.55 0.61 -41.18
CA ASN E 171 -52.85 0.52 -42.45
C ASN E 171 -52.02 -0.76 -42.55
N SER E 172 -52.61 -1.86 -42.08
CA SER E 172 -51.97 -3.18 -42.12
C SER E 172 -50.61 -3.17 -41.42
N GLY E 173 -50.54 -2.43 -40.31
CA GLY E 173 -49.33 -2.34 -39.53
C GLY E 173 -48.36 -1.27 -39.96
N ALA E 174 -48.67 -0.51 -41.01
CA ALA E 174 -47.79 0.56 -41.44
C ALA E 174 -47.92 1.82 -40.60
N LEU E 175 -49.00 1.94 -39.84
CA LEU E 175 -49.25 3.09 -38.97
C LEU E 175 -49.15 2.64 -37.53
N THR E 176 -48.10 3.10 -36.84
CA THR E 176 -47.86 2.74 -35.45
C THR E 176 -47.77 3.94 -34.52
N SER E 177 -47.20 5.05 -34.98
CA SER E 177 -47.05 6.22 -34.14
C SER E 177 -48.40 6.88 -33.89
N GLY E 178 -48.67 7.21 -32.62
CA GLY E 178 -49.89 7.90 -32.26
C GLY E 178 -51.11 7.02 -32.11
N VAL E 179 -50.97 5.71 -32.25
CA VAL E 179 -52.10 4.79 -32.15
C VAL E 179 -52.31 4.42 -30.69
N HIS E 180 -53.55 4.57 -30.22
CA HIS E 180 -53.92 4.19 -28.85
C HIS E 180 -55.14 3.28 -28.92
N THR E 181 -54.94 2.00 -28.62
CA THR E 181 -56.02 1.03 -28.55
C THR E 181 -56.43 0.87 -27.09
N PHE E 182 -57.65 1.27 -26.76
CA PHE E 182 -58.08 1.29 -25.38
C PHE E 182 -58.52 -0.10 -24.91
N PRO E 183 -58.36 -0.39 -23.62
CA PRO E 183 -58.86 -1.66 -23.09
C PRO E 183 -60.36 -1.77 -23.22
N ALA E 184 -60.83 -2.99 -23.46
CA ALA E 184 -62.26 -3.22 -23.64
C ALA E 184 -63.01 -3.01 -22.33
N VAL E 185 -64.25 -2.58 -22.45
CA VAL E 185 -65.14 -2.41 -21.30
C VAL E 185 -66.33 -3.35 -21.47
N LEU E 186 -66.73 -3.98 -20.37
CA LEU E 186 -67.84 -4.92 -20.40
C LEU E 186 -69.13 -4.17 -20.19
N GLN E 187 -69.99 -4.18 -21.20
CA GLN E 187 -71.26 -3.47 -21.15
C GLN E 187 -72.29 -4.28 -20.37
N SER E 188 -73.42 -3.63 -20.08
CA SER E 188 -74.51 -4.30 -19.37
C SER E 188 -75.11 -5.44 -20.17
N SER E 189 -74.91 -5.45 -21.50
CA SER E 189 -75.40 -6.52 -22.34
C SER E 189 -74.52 -7.77 -22.26
N GLY E 190 -73.38 -7.69 -21.59
CA GLY E 190 -72.46 -8.81 -21.51
C GLY E 190 -71.44 -8.87 -22.63
N LEU E 191 -71.46 -7.91 -23.55
CA LEU E 191 -70.53 -7.88 -24.67
C LEU E 191 -69.46 -6.83 -24.45
N TYR E 192 -68.31 -7.02 -25.08
CA TYR E 192 -67.19 -6.11 -24.94
C TYR E 192 -67.23 -5.05 -26.01
N SER E 193 -66.63 -3.89 -25.70
CA SER E 193 -66.55 -2.78 -26.63
C SER E 193 -65.30 -1.98 -26.33
N LEU E 194 -64.50 -1.72 -27.36
CA LEU E 194 -63.32 -0.87 -27.21
C LEU E 194 -63.20 0.02 -28.44
N SER E 195 -62.29 0.99 -28.34
CA SER E 195 -62.03 1.92 -29.43
C SER E 195 -60.53 2.09 -29.58
N SER E 196 -60.08 2.16 -30.83
CA SER E 196 -58.68 2.40 -31.14
C SER E 196 -58.60 3.68 -31.97
N VAL E 197 -57.78 4.62 -31.53
CA VAL E 197 -57.69 5.92 -32.16
C VAL E 197 -56.25 6.20 -32.54
N VAL E 198 -56.06 7.16 -33.43
CA VAL E 198 -54.74 7.59 -33.86
C VAL E 198 -54.80 9.08 -34.15
N THR E 199 -53.75 9.80 -33.76
CA THR E 199 -53.62 11.23 -34.03
C THR E 199 -52.63 11.45 -35.16
N VAL E 200 -53.08 12.17 -36.19
CA VAL E 200 -52.30 12.42 -37.40
C VAL E 200 -52.35 13.90 -37.72
N PRO E 201 -51.34 14.42 -38.42
CA PRO E 201 -51.39 15.82 -38.85
C PRO E 201 -52.61 16.10 -39.71
N SER E 202 -53.18 17.30 -39.54
CA SER E 202 -54.38 17.67 -40.29
C SER E 202 -54.11 17.69 -41.79
N SER E 203 -52.88 17.97 -42.20
CA SER E 203 -52.56 17.99 -43.63
C SER E 203 -52.58 16.60 -44.24
N SER E 204 -52.53 15.54 -43.44
CA SER E 204 -52.56 14.19 -43.97
C SER E 204 -53.98 13.71 -44.27
N LEU E 205 -55.00 14.40 -43.76
CA LEU E 205 -56.38 14.07 -44.09
C LEU E 205 -56.66 14.65 -45.48
N GLY E 206 -56.87 13.77 -46.45
CA GLY E 206 -57.07 14.17 -47.84
C GLY E 206 -56.00 13.64 -48.77
N THR E 207 -54.80 13.38 -48.23
CA THR E 207 -53.71 12.78 -48.99
C THR E 207 -53.46 11.33 -48.60
N GLN E 208 -53.62 10.99 -47.33
CA GLN E 208 -53.37 9.66 -46.82
C GLN E 208 -54.69 9.00 -46.41
N THR E 209 -54.91 7.78 -46.90
CA THR E 209 -56.10 7.00 -46.53
C THR E 209 -55.81 6.15 -45.30
N TYR E 210 -56.74 6.16 -44.35
CA TYR E 210 -56.60 5.45 -43.09
C TYR E 210 -57.63 4.34 -42.97
N ILE E 211 -57.15 3.12 -42.73
CA ILE E 211 -57.99 1.94 -42.58
C ILE E 211 -57.57 1.21 -41.31
N CYS E 212 -58.54 0.88 -40.46
CA CYS E 212 -58.29 0.10 -39.25
C CYS E 212 -58.60 -1.36 -39.53
N ASN E 213 -57.70 -2.25 -39.10
CA ASN E 213 -57.84 -3.68 -39.28
C ASN E 213 -58.15 -4.32 -37.94
N VAL E 214 -59.34 -4.89 -37.81
CA VAL E 214 -59.81 -5.49 -36.56
C VAL E 214 -59.90 -7.00 -36.76
N ASN E 215 -59.27 -7.75 -35.87
CA ASN E 215 -59.25 -9.20 -35.93
C ASN E 215 -59.78 -9.76 -34.61
N HIS E 216 -60.82 -10.59 -34.69
CA HIS E 216 -61.41 -11.25 -33.53
C HIS E 216 -61.29 -12.75 -33.75
N LYS E 217 -60.20 -13.33 -33.23
CA LYS E 217 -59.97 -14.75 -33.42
C LYS E 217 -61.06 -15.65 -32.85
N PRO E 218 -61.60 -15.40 -31.64
CA PRO E 218 -62.64 -16.31 -31.13
C PRO E 218 -63.85 -16.48 -32.04
N SER E 219 -64.19 -15.46 -32.82
CA SER E 219 -65.26 -15.57 -33.81
C SER E 219 -64.73 -15.77 -35.22
N ASN E 220 -63.41 -15.86 -35.37
CA ASN E 220 -62.77 -16.05 -36.69
C ASN E 220 -63.23 -14.98 -37.68
N THR E 221 -63.27 -13.73 -37.22
CA THR E 221 -63.70 -12.62 -38.05
C THR E 221 -62.57 -11.60 -38.20
N LYS E 222 -62.47 -11.03 -39.40
CA LYS E 222 -61.50 -9.99 -39.69
C LYS E 222 -62.19 -8.94 -40.55
N VAL E 223 -62.25 -7.71 -40.03
CA VAL E 223 -62.97 -6.62 -40.68
C VAL E 223 -62.00 -5.47 -40.89
N ASP E 224 -61.92 -4.99 -42.12
CA ASP E 224 -61.18 -3.78 -42.45
C ASP E 224 -62.17 -2.66 -42.68
N LYS E 225 -61.96 -1.53 -42.01
CA LYS E 225 -62.86 -0.39 -42.11
C LYS E 225 -62.05 0.85 -42.44
N ARG E 226 -62.41 1.52 -43.53
CA ARG E 226 -61.76 2.76 -43.93
C ARG E 226 -62.47 3.93 -43.27
N VAL E 227 -61.70 4.84 -42.69
CA VAL E 227 -62.23 6.00 -41.98
C VAL E 227 -62.02 7.22 -42.86
N GLU E 228 -63.11 7.86 -43.27
CA GLU E 228 -63.04 9.02 -44.14
C GLU E 228 -63.67 10.23 -43.46
N PRO E 229 -63.04 11.40 -43.55
CA PRO E 229 -63.61 12.61 -42.93
C PRO E 229 -64.90 13.01 -43.64
N LYS E 230 -65.99 12.98 -42.89
CA LYS E 230 -67.31 13.30 -43.44
C LYS E 230 -67.65 14.77 -43.24
N ASP F 1 -46.32 -24.55 0.53
CA ASP F 1 -45.82 -23.74 -0.58
C ASP F 1 -45.19 -22.46 -0.07
N ILE F 2 -44.10 -22.05 -0.70
CA ILE F 2 -43.39 -20.83 -0.32
C ILE F 2 -44.15 -19.63 -0.86
N VAL F 3 -44.64 -18.79 0.05
CA VAL F 3 -45.35 -17.57 -0.35
C VAL F 3 -44.37 -16.41 -0.28
N MET F 4 -44.45 -15.53 -1.27
CA MET F 4 -43.56 -14.37 -1.35
C MET F 4 -44.39 -13.11 -1.47
N THR F 5 -44.04 -12.11 -0.67
CA THR F 5 -44.75 -10.82 -0.65
C THR F 5 -43.84 -9.74 -1.18
N GLN F 6 -44.36 -8.92 -2.11
CA GLN F 6 -43.65 -7.80 -2.68
C GLN F 6 -44.09 -6.49 -2.05
N SER F 7 -43.16 -5.54 -1.99
CA SER F 7 -43.40 -4.24 -1.40
C SER F 7 -42.70 -3.16 -2.23
N PRO F 8 -43.42 -2.10 -2.64
CA PRO F 8 -44.86 -1.86 -2.46
C PRO F 8 -45.68 -2.51 -3.57
N LEU F 9 -47.00 -2.50 -3.47
CA LEU F 9 -47.82 -2.98 -4.58
C LEU F 9 -47.87 -1.97 -5.72
N SER F 10 -47.86 -0.68 -5.40
CA SER F 10 -47.75 0.39 -6.38
C SER F 10 -46.57 1.27 -6.01
N LEU F 11 -45.74 1.61 -7.00
CA LEU F 11 -44.52 2.37 -6.77
C LEU F 11 -44.47 3.56 -7.71
N PRO F 12 -45.06 4.69 -7.33
CA PRO F 12 -44.88 5.91 -8.11
C PRO F 12 -43.44 6.39 -8.03
N VAL F 13 -42.91 6.87 -9.16
CA VAL F 13 -41.51 7.25 -9.26
C VAL F 13 -41.38 8.35 -10.31
N THR F 14 -40.45 9.26 -10.08
CA THR F 14 -40.19 10.31 -11.07
C THR F 14 -39.11 9.84 -12.04
N LEU F 15 -39.09 10.47 -13.21
CA LEU F 15 -38.13 10.11 -14.24
C LEU F 15 -36.72 10.48 -13.80
N GLY F 16 -35.80 9.52 -13.92
CA GLY F 16 -34.40 9.78 -13.62
C GLY F 16 -33.96 9.44 -12.21
N GLN F 17 -34.88 9.14 -11.30
CA GLN F 17 -34.48 8.80 -9.94
C GLN F 17 -34.52 7.29 -9.73
N PRO F 18 -33.76 6.78 -8.78
CA PRO F 18 -33.73 5.34 -8.55
C PRO F 18 -35.07 4.81 -8.03
N ALA F 19 -35.29 3.52 -8.26
CA ALA F 19 -36.45 2.82 -7.76
C ALA F 19 -36.03 1.53 -7.10
N SER F 20 -36.77 1.12 -6.07
CA SER F 20 -36.46 -0.07 -5.29
C SER F 20 -37.71 -0.92 -5.10
N ILE F 21 -37.56 -2.22 -5.29
CA ILE F 21 -38.63 -3.19 -5.08
C ILE F 21 -38.12 -4.26 -4.13
N SER F 22 -38.89 -4.54 -3.08
CA SER F 22 -38.50 -5.51 -2.07
C SER F 22 -39.33 -6.77 -2.23
N CYS F 23 -38.67 -7.93 -2.20
CA CYS F 23 -39.31 -9.22 -2.25
C CYS F 23 -38.81 -10.06 -1.09
N ARG F 24 -39.72 -10.49 -0.23
CA ARG F 24 -39.38 -11.30 0.94
C ARG F 24 -40.06 -12.66 0.84
N SER F 25 -39.30 -13.70 1.15
CA SER F 25 -39.74 -15.08 1.04
C SER F 25 -40.09 -15.67 2.40
N SER F 26 -41.17 -16.45 2.44
CA SER F 26 -41.58 -17.10 3.68
C SER F 26 -40.61 -18.18 4.12
N GLN F 27 -39.73 -18.62 3.22
CA GLN F 27 -38.76 -19.68 3.51
C GLN F 27 -37.43 -19.28 2.91
N SER F 28 -36.34 -19.74 3.54
CA SER F 28 -35.01 -19.44 3.04
C SER F 28 -34.84 -20.02 1.64
N LEU F 29 -34.35 -19.19 0.73
CA LEU F 29 -34.22 -19.55 -0.68
C LEU F 29 -32.86 -20.13 -1.04
N VAL F 30 -31.92 -20.18 -0.09
CA VAL F 30 -30.63 -20.78 -0.38
C VAL F 30 -30.76 -22.29 -0.47
N TYR F 31 -29.88 -22.92 -1.24
CA TYR F 31 -29.91 -24.36 -1.47
C TYR F 31 -28.57 -24.97 -1.07
N SER F 32 -28.54 -26.31 -1.04
CA SER F 32 -27.36 -27.06 -0.63
C SER F 32 -26.09 -26.54 -1.32
N ASP F 33 -26.16 -26.31 -2.62
CA ASP F 33 -24.99 -25.87 -3.39
C ASP F 33 -24.70 -24.38 -3.23
N GLY F 34 -25.28 -23.73 -2.21
CA GLY F 34 -25.07 -22.31 -1.99
C GLY F 34 -25.62 -21.45 -3.10
N ASN F 35 -26.63 -21.93 -3.82
CA ASN F 35 -27.26 -21.18 -4.89
C ASN F 35 -28.65 -20.75 -4.48
N THR F 36 -28.99 -19.50 -4.76
CA THR F 36 -30.30 -18.93 -4.43
C THR F 36 -31.02 -18.65 -5.74
N PHE F 37 -32.12 -19.37 -5.98
CA PHE F 37 -32.85 -19.29 -7.24
C PHE F 37 -34.04 -18.35 -7.09
N LEU F 38 -33.74 -17.06 -7.08
CA LEU F 38 -34.76 -16.01 -7.13
C LEU F 38 -34.60 -15.24 -8.43
N ASN F 39 -35.73 -14.99 -9.10
CA ASN F 39 -35.72 -14.31 -10.39
C ASN F 39 -36.62 -13.08 -10.36
N TRP F 40 -36.28 -12.10 -11.19
CA TRP F 40 -37.07 -10.89 -11.34
C TRP F 40 -37.54 -10.76 -12.78
N PHE F 41 -38.84 -10.52 -12.95
CA PHE F 41 -39.44 -10.43 -14.27
C PHE F 41 -40.06 -9.05 -14.47
N GLN F 42 -40.00 -8.56 -15.71
CA GLN F 42 -40.67 -7.35 -16.12
C GLN F 42 -41.72 -7.70 -17.15
N GLN F 43 -42.94 -7.23 -16.94
CA GLN F 43 -44.05 -7.48 -17.86
C GLN F 43 -44.62 -6.15 -18.32
N ARG F 44 -44.51 -5.89 -19.62
CA ARG F 44 -45.15 -4.73 -20.22
C ARG F 44 -46.60 -5.06 -20.54
N PRO F 45 -47.47 -4.07 -20.61
CA PRO F 45 -48.89 -4.36 -20.88
C PRO F 45 -49.07 -5.07 -22.21
N GLY F 46 -49.84 -6.15 -22.19
CA GLY F 46 -50.11 -6.91 -23.39
C GLY F 46 -48.95 -7.69 -23.95
N GLN F 47 -47.86 -7.84 -23.19
CA GLN F 47 -46.67 -8.52 -23.66
C GLN F 47 -46.29 -9.64 -22.71
N SER F 48 -45.46 -10.55 -23.20
CA SER F 48 -44.99 -11.65 -22.37
C SER F 48 -43.96 -11.15 -21.36
N PRO F 49 -43.94 -11.70 -20.15
CA PRO F 49 -42.91 -11.30 -19.18
C PRO F 49 -41.51 -11.65 -19.66
N ARG F 50 -40.55 -10.78 -19.36
CA ARG F 50 -39.15 -11.04 -19.66
C ARG F 50 -38.34 -10.98 -18.37
N ARG F 51 -37.41 -11.94 -18.22
CA ARG F 51 -36.64 -12.07 -17.00
C ARG F 51 -35.52 -11.05 -16.98
N LEU F 52 -35.57 -10.15 -15.98
CA LEU F 52 -34.52 -9.14 -15.83
C LEU F 52 -33.28 -9.70 -15.14
N ILE F 53 -33.49 -10.42 -14.04
CA ILE F 53 -32.39 -10.91 -13.21
C ILE F 53 -32.67 -12.36 -12.85
N TYR F 54 -31.63 -13.18 -12.91
CA TYR F 54 -31.69 -14.57 -12.48
C TYR F 54 -30.67 -14.81 -11.38
N GLN F 55 -31.06 -15.64 -10.41
CA GLN F 55 -30.21 -15.97 -9.25
C GLN F 55 -29.79 -14.71 -8.50
N VAL F 56 -30.81 -13.98 -8.01
CA VAL F 56 -30.67 -12.87 -7.08
C VAL F 56 -30.01 -11.66 -7.71
N SER F 57 -28.77 -11.81 -8.21
CA SER F 57 -27.97 -10.66 -8.59
C SER F 57 -27.47 -10.67 -10.03
N ASN F 58 -27.57 -11.78 -10.74
CA ASN F 58 -27.08 -11.88 -12.11
C ASN F 58 -28.16 -11.40 -13.08
N ARG F 59 -27.81 -10.45 -13.94
CA ARG F 59 -28.78 -9.94 -14.90
C ARG F 59 -28.75 -10.79 -16.16
N ASP F 60 -29.92 -10.94 -16.76
CA ASP F 60 -30.03 -11.72 -17.99
C ASP F 60 -29.47 -10.92 -19.17
N SER F 61 -29.21 -11.62 -20.27
CA SER F 61 -28.74 -10.99 -21.48
C SER F 61 -29.81 -10.07 -22.05
N GLY F 62 -29.39 -8.91 -22.57
CA GLY F 62 -30.31 -7.92 -23.07
C GLY F 62 -30.88 -6.99 -22.03
N VAL F 63 -30.52 -7.17 -20.76
CA VAL F 63 -31.01 -6.32 -19.69
C VAL F 63 -30.07 -5.12 -19.52
N PRO F 64 -30.59 -3.90 -19.53
CA PRO F 64 -29.72 -2.73 -19.34
C PRO F 64 -29.08 -2.72 -17.97
N ASP F 65 -27.94 -2.04 -17.87
CA ASP F 65 -27.18 -1.98 -16.63
C ASP F 65 -27.91 -1.22 -15.52
N ARG F 66 -28.99 -0.52 -15.84
CA ARG F 66 -29.75 0.18 -14.81
C ARG F 66 -30.33 -0.79 -13.79
N PHE F 67 -30.70 -1.99 -14.23
CA PHE F 67 -31.30 -2.98 -13.34
C PHE F 67 -30.22 -3.73 -12.58
N SER F 68 -30.43 -3.89 -11.28
CA SER F 68 -29.51 -4.64 -10.43
C SER F 68 -30.31 -5.41 -9.39
N GLY F 69 -29.76 -6.52 -8.95
CA GLY F 69 -30.43 -7.37 -7.98
C GLY F 69 -29.52 -7.67 -6.80
N SER F 70 -30.13 -7.76 -5.62
CA SER F 70 -29.39 -8.03 -4.40
C SER F 70 -30.29 -8.75 -3.41
N GLY F 71 -29.68 -9.20 -2.31
CA GLY F 71 -30.38 -9.85 -1.24
C GLY F 71 -29.81 -11.23 -0.93
N SER F 72 -30.34 -11.81 0.13
CA SER F 72 -29.92 -13.13 0.57
C SER F 72 -30.99 -13.70 1.50
N GLY F 73 -30.95 -15.02 1.66
CA GLY F 73 -31.88 -15.69 2.54
C GLY F 73 -33.34 -15.49 2.17
N THR F 74 -34.05 -14.68 2.95
CA THR F 74 -35.47 -14.43 2.72
C THR F 74 -35.75 -13.07 2.10
N ASP F 75 -34.86 -12.10 2.25
CA ASP F 75 -35.11 -10.73 1.81
C ASP F 75 -34.27 -10.42 0.58
N PHE F 76 -34.92 -9.86 -0.44
CA PHE F 76 -34.26 -9.53 -1.70
C PHE F 76 -34.78 -8.18 -2.19
N THR F 77 -33.98 -7.52 -3.02
CA THR F 77 -34.31 -6.18 -3.50
C THR F 77 -33.88 -6.03 -4.95
N LEU F 78 -34.77 -5.49 -5.77
CA LEU F 78 -34.48 -5.15 -7.15
C LEU F 78 -34.28 -3.65 -7.27
N LYS F 79 -33.14 -3.24 -7.82
CA LYS F 79 -32.77 -1.83 -7.92
C LYS F 79 -32.74 -1.40 -9.38
N ILE F 80 -33.37 -0.27 -9.67
CA ILE F 80 -33.27 0.41 -10.96
C ILE F 80 -32.47 1.68 -10.73
N SER F 81 -31.34 1.81 -11.43
CA SER F 81 -30.44 2.93 -11.19
C SER F 81 -31.12 4.26 -11.50
N ARG F 82 -31.59 4.43 -12.72
CA ARG F 82 -32.29 5.64 -13.13
C ARG F 82 -33.47 5.23 -14.00
N VAL F 83 -34.69 5.48 -13.52
CA VAL F 83 -35.88 4.99 -14.19
C VAL F 83 -36.07 5.74 -15.51
N GLU F 84 -36.26 4.99 -16.58
CA GLU F 84 -36.53 5.54 -17.90
C GLU F 84 -38.01 5.38 -18.23
N ALA F 85 -38.41 5.96 -19.38
CA ALA F 85 -39.82 5.91 -19.78
C ALA F 85 -40.27 4.49 -20.09
N GLU F 86 -39.38 3.69 -20.67
CA GLU F 86 -39.71 2.32 -21.06
C GLU F 86 -39.85 1.38 -19.86
N ASP F 87 -39.43 1.81 -18.67
CA ASP F 87 -39.45 0.94 -17.49
C ASP F 87 -40.84 0.77 -16.89
N VAL F 88 -41.86 1.48 -17.39
CA VAL F 88 -43.20 1.35 -16.85
C VAL F 88 -43.71 -0.07 -17.09
N GLY F 89 -44.42 -0.60 -16.11
CA GLY F 89 -44.96 -1.94 -16.19
C GLY F 89 -45.03 -2.57 -14.81
N VAL F 90 -45.28 -3.87 -14.80
CA VAL F 90 -45.45 -4.65 -13.58
C VAL F 90 -44.22 -5.54 -13.41
N TYR F 91 -43.68 -5.56 -12.20
CA TYR F 91 -42.48 -6.34 -11.89
C TYR F 91 -42.83 -7.46 -10.92
N TYR F 92 -42.32 -8.66 -11.21
CA TYR F 92 -42.57 -9.84 -10.40
C TYR F 92 -41.26 -10.45 -9.95
N CYS F 93 -41.24 -10.94 -8.70
CA CYS F 93 -40.19 -11.82 -8.23
C CYS F 93 -40.73 -13.24 -8.16
N MET F 94 -39.92 -14.20 -8.58
CA MET F 94 -40.35 -15.59 -8.63
C MET F 94 -39.37 -16.48 -7.87
N GLN F 95 -39.91 -17.49 -7.20
CA GLN F 95 -39.15 -18.46 -6.44
C GLN F 95 -38.94 -19.68 -7.34
N GLY F 96 -37.67 -20.02 -7.59
CA GLY F 96 -37.37 -21.14 -8.46
C GLY F 96 -36.72 -22.31 -7.74
N THR F 97 -36.36 -22.12 -6.47
CA THR F 97 -35.60 -23.15 -5.76
C THR F 97 -36.45 -24.37 -5.45
N HIS F 98 -37.74 -24.19 -5.19
CA HIS F 98 -38.60 -25.28 -4.75
C HIS F 98 -39.90 -25.29 -5.54
N TRP F 99 -40.34 -26.49 -5.91
CA TRP F 99 -41.65 -26.62 -6.54
C TRP F 99 -42.74 -26.63 -5.46
N PRO F 100 -43.87 -25.96 -5.70
CA PRO F 100 -44.25 -25.25 -6.92
C PRO F 100 -43.59 -23.87 -7.03
N ARG F 101 -43.27 -23.45 -8.24
CA ARG F 101 -42.74 -22.11 -8.46
C ARG F 101 -43.82 -21.08 -8.15
N THR F 102 -43.55 -20.21 -7.19
CA THR F 102 -44.51 -19.21 -6.75
C THR F 102 -44.05 -17.81 -7.14
N PHE F 103 -45.01 -16.88 -7.17
CA PHE F 103 -44.78 -15.52 -7.61
C PHE F 103 -45.23 -14.54 -6.54
N GLY F 104 -44.59 -13.38 -6.53
CA GLY F 104 -45.08 -12.28 -5.72
C GLY F 104 -46.33 -11.65 -6.31
N GLN F 105 -46.98 -10.82 -5.50
CA GLN F 105 -48.20 -10.16 -5.96
C GLN F 105 -47.93 -9.27 -7.17
N GLY F 106 -46.71 -8.76 -7.30
CA GLY F 106 -46.38 -7.89 -8.40
C GLY F 106 -46.56 -6.43 -8.07
N THR F 107 -45.56 -5.63 -8.40
CA THR F 107 -45.57 -4.19 -8.14
C THR F 107 -45.76 -3.43 -9.45
N LYS F 108 -46.65 -2.43 -9.41
CA LYS F 108 -46.95 -1.61 -10.59
C LYS F 108 -46.04 -0.39 -10.56
N LEU F 109 -45.05 -0.37 -11.45
CA LEU F 109 -44.12 0.75 -11.56
C LEU F 109 -44.68 1.76 -12.54
N GLU F 110 -45.23 2.85 -12.02
CA GLU F 110 -45.70 3.96 -12.84
C GLU F 110 -44.81 5.17 -12.61
N ILE F 111 -44.58 5.94 -13.66
CA ILE F 111 -43.64 7.06 -13.63
C ILE F 111 -44.42 8.35 -13.66
N LYS F 112 -43.84 9.38 -13.04
CA LYS F 112 -44.46 10.70 -12.97
C LYS F 112 -43.57 11.72 -13.66
N ARG F 113 -44.18 12.51 -14.54
CA ARG F 113 -43.46 13.44 -15.41
C ARG F 113 -44.06 14.84 -15.35
N THR F 114 -43.63 15.69 -16.28
CA THR F 114 -44.18 17.04 -16.36
C THR F 114 -45.67 16.99 -16.69
N VAL F 115 -46.44 17.87 -16.05
CA VAL F 115 -47.87 17.93 -16.29
C VAL F 115 -48.14 18.28 -17.75
N ALA F 116 -49.04 17.53 -18.39
CA ALA F 116 -49.38 17.75 -19.78
C ALA F 116 -50.90 17.81 -19.92
N ALA F 117 -51.38 18.84 -20.61
CA ALA F 117 -52.82 19.00 -20.82
C ALA F 117 -53.33 18.01 -21.86
N PRO F 118 -54.54 17.50 -21.69
CA PRO F 118 -55.08 16.54 -22.66
C PRO F 118 -55.52 17.23 -23.95
N SER F 119 -55.36 16.51 -25.05
CA SER F 119 -55.95 16.91 -26.32
C SER F 119 -57.34 16.29 -26.41
N VAL F 120 -58.37 17.13 -26.51
CA VAL F 120 -59.75 16.70 -26.40
C VAL F 120 -60.39 16.66 -27.78
N PHE F 121 -60.96 15.51 -28.13
CA PHE F 121 -61.68 15.33 -29.38
C PHE F 121 -63.01 14.67 -29.10
N ILE F 122 -64.00 14.97 -29.92
CA ILE F 122 -65.35 14.40 -29.80
C ILE F 122 -65.74 13.78 -31.14
N PHE F 123 -66.41 12.64 -31.08
CA PHE F 123 -66.79 11.90 -32.28
C PHE F 123 -68.27 11.57 -32.23
N PRO F 124 -69.08 12.08 -33.15
CA PRO F 124 -70.50 11.71 -33.20
C PRO F 124 -70.66 10.27 -33.62
N PRO F 125 -71.79 9.64 -33.30
CA PRO F 125 -72.02 8.26 -33.73
C PRO F 125 -72.10 8.16 -35.25
N SER F 126 -71.59 7.05 -35.78
CA SER F 126 -71.59 6.84 -37.21
C SER F 126 -73.00 6.52 -37.70
N ASP F 127 -73.24 6.79 -38.98
CA ASP F 127 -74.53 6.49 -39.58
C ASP F 127 -74.81 5.00 -39.60
N GLU F 128 -73.77 4.17 -39.75
CA GLU F 128 -73.96 2.73 -39.72
C GLU F 128 -74.48 2.28 -38.35
N GLN F 129 -73.91 2.82 -37.27
CA GLN F 129 -74.38 2.48 -35.94
C GLN F 129 -75.80 2.98 -35.72
N LEU F 130 -76.13 4.16 -36.26
CA LEU F 130 -77.49 4.66 -36.15
C LEU F 130 -78.48 3.74 -36.85
N LYS F 131 -78.06 3.14 -37.97
CA LYS F 131 -78.90 2.15 -38.64
C LYS F 131 -79.09 0.91 -37.77
N SER F 132 -78.17 0.64 -36.85
CA SER F 132 -78.28 -0.51 -35.96
C SER F 132 -79.17 -0.25 -34.75
N GLY F 133 -79.55 1.00 -34.51
CA GLY F 133 -80.45 1.33 -33.42
C GLY F 133 -79.80 1.92 -32.19
N THR F 134 -78.47 2.04 -32.17
CA THR F 134 -77.76 2.61 -31.04
C THR F 134 -76.85 3.74 -31.52
N ALA F 135 -76.44 4.58 -30.59
CA ALA F 135 -75.56 5.72 -30.90
C ALA F 135 -74.52 5.84 -29.80
N SER F 136 -73.25 5.79 -30.19
CA SER F 136 -72.14 5.92 -29.25
C SER F 136 -71.36 7.19 -29.57
N VAL F 137 -71.35 8.12 -28.62
CA VAL F 137 -70.58 9.35 -28.75
C VAL F 137 -69.29 9.20 -27.94
N VAL F 138 -68.16 9.43 -28.58
CA VAL F 138 -66.85 9.15 -28.00
C VAL F 138 -66.13 10.46 -27.73
N CYS F 139 -65.52 10.56 -26.56
CA CYS F 139 -64.67 11.69 -26.20
C CYS F 139 -63.28 11.17 -25.88
N LEU F 140 -62.27 11.74 -26.53
CA LEU F 140 -60.90 11.28 -26.42
C LEU F 140 -60.04 12.33 -25.71
N LEU F 141 -59.30 11.89 -24.70
CA LEU F 141 -58.32 12.72 -24.01
C LEU F 141 -56.95 12.10 -24.28
N ASN F 142 -56.16 12.74 -25.14
CA ASN F 142 -54.93 12.16 -25.66
C ASN F 142 -53.71 12.80 -25.05
N ASN F 143 -52.77 11.98 -24.56
CA ASN F 143 -51.43 12.39 -24.19
C ASN F 143 -51.46 13.47 -23.10
N PHE F 144 -51.94 13.06 -21.92
CA PHE F 144 -52.01 13.94 -20.77
C PHE F 144 -51.33 13.30 -19.57
N TYR F 145 -50.99 14.16 -18.60
CA TYR F 145 -50.51 13.74 -17.29
C TYR F 145 -50.80 14.87 -16.31
N PRO F 146 -51.23 14.58 -15.07
CA PRO F 146 -51.40 13.26 -14.43
C PRO F 146 -52.62 12.49 -14.90
N ARG F 147 -52.76 11.24 -14.43
CA ARG F 147 -53.86 10.39 -14.84
C ARG F 147 -55.21 10.91 -14.36
N GLU F 148 -55.24 11.68 -13.29
CA GLU F 148 -56.49 12.19 -12.75
C GLU F 148 -57.10 13.20 -13.71
N ALA F 149 -58.28 12.88 -14.24
CA ALA F 149 -59.00 13.76 -15.14
C ALA F 149 -60.48 13.44 -15.04
N LYS F 150 -61.32 14.45 -15.29
CA LYS F 150 -62.76 14.32 -15.18
C LYS F 150 -63.43 14.68 -16.50
N VAL F 151 -64.34 13.81 -16.94
CA VAL F 151 -65.06 13.99 -18.19
C VAL F 151 -66.56 14.06 -17.88
N GLN F 152 -67.22 15.07 -18.42
CA GLN F 152 -68.66 15.27 -18.21
C GLN F 152 -69.37 15.36 -19.54
N TRP F 153 -70.44 14.58 -19.69
CA TRP F 153 -71.25 14.59 -20.90
C TRP F 153 -72.46 15.48 -20.68
N LYS F 154 -72.74 16.35 -21.65
CA LYS F 154 -73.88 17.25 -21.58
C LYS F 154 -74.72 17.10 -22.85
N VAL F 155 -76.01 16.83 -22.66
CA VAL F 155 -76.95 16.69 -23.76
C VAL F 155 -77.97 17.81 -23.63
N ASP F 156 -77.92 18.78 -24.55
CA ASP F 156 -78.71 20.00 -24.47
C ASP F 156 -78.54 20.69 -23.12
N ASN F 157 -77.29 20.78 -22.68
CA ASN F 157 -76.86 21.38 -21.42
C ASN F 157 -77.35 20.61 -20.19
N ALA F 158 -77.85 19.39 -20.37
CA ALA F 158 -78.25 18.54 -19.26
C ALA F 158 -77.12 17.55 -18.98
N LEU F 159 -76.59 17.60 -17.75
CA LEU F 159 -75.45 16.76 -17.41
C LEU F 159 -75.90 15.32 -17.28
N GLN F 160 -75.25 14.44 -18.05
CA GLN F 160 -75.59 13.02 -18.07
C GLN F 160 -74.70 12.24 -17.12
N SER F 161 -75.28 11.24 -16.46
CA SER F 161 -74.55 10.38 -15.54
C SER F 161 -75.16 8.99 -15.58
N GLY F 162 -74.30 7.97 -15.66
CA GLY F 162 -74.72 6.59 -15.61
C GLY F 162 -74.84 5.90 -16.96
N ASN F 163 -74.88 6.66 -18.06
CA ASN F 163 -74.94 6.09 -19.39
C ASN F 163 -73.62 6.21 -20.13
N SER F 164 -72.52 6.40 -19.42
CA SER F 164 -71.20 6.55 -20.01
C SER F 164 -70.22 5.58 -19.37
N GLN F 165 -69.31 5.05 -20.17
CA GLN F 165 -68.25 4.17 -19.72
C GLN F 165 -66.93 4.71 -20.25
N GLU F 166 -65.91 4.70 -19.39
CA GLU F 166 -64.60 5.22 -19.75
C GLU F 166 -63.52 4.18 -19.52
N SER F 167 -62.47 4.24 -20.34
CA SER F 167 -61.31 3.37 -20.22
C SER F 167 -60.06 4.19 -20.45
N VAL F 168 -58.97 3.78 -19.81
CA VAL F 168 -57.71 4.51 -19.83
C VAL F 168 -56.61 3.57 -20.30
N THR F 169 -55.81 4.02 -21.26
CA THR F 169 -54.66 3.25 -21.68
C THR F 169 -53.59 3.25 -20.59
N GLU F 170 -52.73 2.24 -20.64
CA GLU F 170 -51.57 2.21 -19.76
C GLU F 170 -50.62 3.35 -20.11
N GLN F 171 -49.78 3.72 -19.14
CA GLN F 171 -48.84 4.81 -19.33
C GLN F 171 -47.91 4.50 -20.49
N ASP F 172 -47.85 5.42 -21.46
CA ASP F 172 -47.12 5.19 -22.69
C ASP F 172 -45.63 5.09 -22.41
N SER F 173 -44.99 4.08 -23.00
CA SER F 173 -43.55 3.93 -22.87
C SER F 173 -42.78 5.01 -23.62
N LYS F 174 -43.43 5.70 -24.55
CA LYS F 174 -42.74 6.68 -25.37
C LYS F 174 -42.66 8.05 -24.70
N ASP F 175 -43.74 8.50 -24.06
CA ASP F 175 -43.76 9.84 -23.49
C ASP F 175 -44.35 9.88 -22.08
N SER F 176 -44.61 8.74 -21.46
CA SER F 176 -45.04 8.64 -20.06
C SER F 176 -46.39 9.31 -19.80
N THR F 177 -47.22 9.45 -20.84
CA THR F 177 -48.52 10.07 -20.71
C THR F 177 -49.62 9.02 -20.75
N TYR F 178 -50.85 9.47 -20.45
CA TYR F 178 -52.02 8.62 -20.46
C TYR F 178 -53.01 9.08 -21.52
N SER F 179 -53.93 8.21 -21.87
CA SER F 179 -55.03 8.53 -22.78
C SER F 179 -56.32 7.95 -22.21
N LEU F 180 -57.42 8.64 -22.47
CA LEU F 180 -58.72 8.27 -21.93
C LEU F 180 -59.77 8.29 -23.02
N SER F 181 -60.64 7.29 -23.01
CA SER F 181 -61.75 7.19 -23.96
C SER F 181 -63.05 7.05 -23.18
N SER F 182 -63.96 8.01 -23.36
CA SER F 182 -65.27 7.99 -22.74
C SER F 182 -66.34 7.85 -23.82
N THR F 183 -67.27 6.94 -23.61
CA THR F 183 -68.29 6.62 -24.61
C THR F 183 -69.66 6.84 -24.00
N LEU F 184 -70.45 7.72 -24.61
CA LEU F 184 -71.82 7.96 -24.21
C LEU F 184 -72.74 7.17 -25.13
N THR F 185 -73.50 6.24 -24.54
CA THR F 185 -74.33 5.31 -25.29
C THR F 185 -75.79 5.70 -25.14
N LEU F 186 -76.45 5.95 -26.26
CA LEU F 186 -77.86 6.31 -26.29
C LEU F 186 -78.59 5.45 -27.31
N SER F 187 -79.90 5.31 -27.12
CA SER F 187 -80.72 4.65 -28.12
C SER F 187 -80.88 5.54 -29.34
N LYS F 188 -81.34 4.94 -30.45
CA LYS F 188 -81.51 5.71 -31.68
C LYS F 188 -82.51 6.83 -31.49
N ALA F 189 -83.63 6.56 -30.83
CA ALA F 189 -84.63 7.60 -30.60
C ALA F 189 -84.08 8.70 -29.69
N ASP F 190 -83.38 8.32 -28.61
CA ASP F 190 -82.87 9.31 -27.68
C ASP F 190 -81.84 10.22 -28.33
N TYR F 191 -80.98 9.67 -29.19
CA TYR F 191 -80.00 10.50 -29.87
C TYR F 191 -80.66 11.50 -30.81
N GLU F 192 -81.70 11.06 -31.52
CA GLU F 192 -82.40 11.93 -32.46
C GLU F 192 -83.35 12.91 -31.78
N LYS F 193 -83.56 12.79 -30.47
CA LYS F 193 -84.41 13.71 -29.74
C LYS F 193 -83.68 14.96 -29.24
N HIS F 194 -82.37 15.04 -29.42
CA HIS F 194 -81.57 16.14 -28.93
C HIS F 194 -80.66 16.67 -30.02
N LYS F 195 -80.11 17.85 -29.79
CA LYS F 195 -79.29 18.56 -30.77
C LYS F 195 -77.84 18.71 -30.34
N VAL F 196 -77.60 19.28 -29.16
CA VAL F 196 -76.25 19.64 -28.73
C VAL F 196 -75.68 18.53 -27.86
N TYR F 197 -74.52 18.02 -28.24
CA TYR F 197 -73.79 17.03 -27.45
C TYR F 197 -72.39 17.57 -27.17
N ALA F 198 -72.05 17.66 -25.89
CA ALA F 198 -70.81 18.30 -25.47
C ALA F 198 -70.05 17.41 -24.50
N CYS F 199 -68.72 17.49 -24.59
CA CYS F 199 -67.82 16.80 -23.67
C CYS F 199 -66.99 17.85 -22.96
N GLU F 200 -67.07 17.88 -21.63
CA GLU F 200 -66.31 18.83 -20.83
C GLU F 200 -65.22 18.10 -20.07
N VAL F 201 -64.00 18.59 -20.19
CA VAL F 201 -62.82 17.95 -19.61
C VAL F 201 -62.23 18.88 -18.57
N THR F 202 -62.01 18.36 -17.36
CA THR F 202 -61.35 19.08 -16.29
C THR F 202 -60.04 18.35 -15.99
N HIS F 203 -58.94 19.09 -15.97
CA HIS F 203 -57.64 18.47 -15.77
C HIS F 203 -56.71 19.48 -15.12
N GLN F 204 -55.70 18.95 -14.43
CA GLN F 204 -54.74 19.81 -13.72
C GLN F 204 -53.97 20.69 -14.69
N GLY F 205 -53.59 20.14 -15.85
CA GLY F 205 -52.85 20.91 -16.84
C GLY F 205 -53.68 21.94 -17.58
N LEU F 206 -54.99 21.98 -17.34
CA LEU F 206 -55.87 22.96 -17.98
C LEU F 206 -56.23 24.05 -17.00
N SER F 207 -55.99 25.30 -17.38
CA SER F 207 -56.36 26.43 -16.54
C SER F 207 -57.88 26.54 -16.38
N SER F 208 -58.63 26.15 -17.39
CA SER F 208 -60.08 26.16 -17.36
C SER F 208 -60.61 24.90 -18.01
N PRO F 209 -61.80 24.45 -17.63
CA PRO F 209 -62.38 23.26 -18.27
C PRO F 209 -62.54 23.47 -19.77
N VAL F 210 -62.26 22.41 -20.54
CA VAL F 210 -62.30 22.45 -22.00
C VAL F 210 -63.53 21.68 -22.46
N THR F 211 -64.36 22.34 -23.28
CA THR F 211 -65.58 21.73 -23.79
C THR F 211 -65.47 21.60 -25.30
N LYS F 212 -65.66 20.37 -25.80
CA LYS F 212 -65.76 20.10 -27.23
C LYS F 212 -67.16 19.58 -27.51
N SER F 213 -67.85 20.22 -28.45
CA SER F 213 -69.25 19.92 -28.69
C SER F 213 -69.52 19.87 -30.18
N PHE F 214 -70.63 19.23 -30.53
CA PHE F 214 -71.11 19.19 -31.90
C PHE F 214 -72.64 19.21 -31.88
N ASN F 215 -73.21 19.62 -33.01
CA ASN F 215 -74.65 19.62 -33.18
C ASN F 215 -75.03 18.48 -34.12
N ARG F 216 -76.05 17.72 -33.72
CA ARG F 216 -76.46 16.56 -34.51
C ARG F 216 -76.97 17.00 -35.88
N GLY F 217 -76.40 16.42 -36.93
CA GLY F 217 -76.80 16.76 -38.28
C GLY F 217 -76.15 17.97 -38.87
N GLU F 218 -75.06 18.46 -38.29
CA GLU F 218 -74.35 19.64 -38.80
C GLU F 218 -72.88 19.31 -38.97
N CYS F 219 -72.35 19.60 -40.17
CA CYS F 219 -70.93 19.39 -40.46
C CYS F 219 -70.49 20.28 -41.62
N ASN G 2 50.42 -58.18 -6.40
CA ASN G 2 49.13 -58.67 -5.92
C ASN G 2 48.27 -59.14 -7.09
N LEU G 3 46.97 -58.90 -6.99
CA LEU G 3 46.02 -59.29 -8.04
C LEU G 3 45.88 -58.14 -9.03
N CYS G 4 45.92 -58.47 -10.32
CA CYS G 4 45.87 -57.44 -11.35
C CYS G 4 44.54 -56.71 -11.30
N PRO G 5 44.54 -55.37 -11.34
CA PRO G 5 43.29 -54.60 -11.20
C PRO G 5 42.47 -54.55 -12.49
N PHE G 6 41.93 -55.71 -12.88
CA PHE G 6 41.00 -55.74 -14.00
C PHE G 6 39.68 -55.06 -13.67
N GLY G 7 39.33 -54.96 -12.40
CA GLY G 7 38.10 -54.27 -12.02
C GLY G 7 38.14 -52.78 -12.34
N GLU G 8 39.31 -52.17 -12.20
CA GLU G 8 39.44 -50.75 -12.52
C GLU G 8 39.21 -50.49 -14.01
N VAL G 9 39.56 -51.46 -14.87
CA VAL G 9 39.38 -51.29 -16.30
C VAL G 9 37.94 -51.61 -16.70
N PHE G 10 37.43 -52.76 -16.27
CA PHE G 10 36.09 -53.17 -16.67
C PHE G 10 35.01 -52.41 -15.90
N ASN G 11 35.04 -52.50 -14.58
CA ASN G 11 34.03 -51.83 -13.74
C ASN G 11 34.49 -50.41 -13.42
N ALA G 12 34.51 -49.59 -14.46
CA ALA G 12 34.88 -48.19 -14.36
C ALA G 12 33.65 -47.32 -14.56
N THR G 13 33.51 -46.28 -13.73
CA THR G 13 32.36 -45.40 -13.83
C THR G 13 32.34 -44.66 -15.16
N ARG G 14 33.50 -44.25 -15.66
CA ARG G 14 33.61 -43.53 -16.92
C ARG G 14 34.46 -44.31 -17.90
N PHE G 15 34.12 -44.17 -19.19
CA PHE G 15 34.87 -44.81 -20.26
C PHE G 15 35.25 -43.76 -21.29
N ALA G 16 36.38 -43.97 -21.94
CA ALA G 16 36.90 -43.00 -22.91
C ALA G 16 36.22 -43.19 -24.27
N SER G 17 36.33 -42.15 -25.09
CA SER G 17 35.84 -42.23 -26.46
C SER G 17 36.78 -43.07 -27.31
N VAL G 18 36.28 -43.50 -28.48
CA VAL G 18 37.04 -44.40 -29.32
C VAL G 18 38.27 -43.70 -29.91
N TYR G 19 38.15 -42.41 -30.24
CA TYR G 19 39.31 -41.69 -30.76
C TYR G 19 40.35 -41.41 -29.67
N ALA G 20 39.93 -41.37 -28.41
CA ALA G 20 40.84 -41.11 -27.30
C ALA G 20 40.86 -42.29 -26.35
N TRP G 21 41.00 -43.49 -26.89
CA TRP G 21 40.92 -44.70 -26.08
C TRP G 21 42.01 -44.72 -25.00
N ASN G 22 41.60 -45.01 -23.77
CA ASN G 22 42.54 -45.11 -22.67
C ASN G 22 43.32 -46.41 -22.74
N ARG G 23 44.54 -46.39 -22.19
CA ARG G 23 45.39 -47.56 -22.13
C ARG G 23 45.92 -47.72 -20.71
N LYS G 24 45.78 -48.91 -20.14
CA LYS G 24 46.24 -49.22 -18.80
C LYS G 24 47.36 -50.24 -18.89
N ARG G 25 48.46 -49.99 -18.18
CA ARG G 25 49.60 -50.90 -18.16
C ARG G 25 49.46 -51.86 -17.01
N ILE G 26 49.48 -53.16 -17.32
CA ILE G 26 49.35 -54.23 -16.33
C ILE G 26 50.70 -54.92 -16.21
N SER G 27 51.29 -54.85 -15.01
CA SER G 27 52.58 -55.50 -14.77
C SER G 27 52.72 -55.76 -13.28
N ASN G 28 53.59 -56.72 -12.95
CA ASN G 28 53.91 -57.08 -11.57
C ASN G 28 52.67 -57.48 -10.78
N CYS G 29 51.89 -58.40 -11.36
CA CYS G 29 50.71 -58.92 -10.70
C CYS G 29 50.31 -60.24 -11.36
N VAL G 30 49.48 -61.00 -10.66
CA VAL G 30 48.92 -62.25 -11.18
C VAL G 30 47.54 -61.96 -11.72
N ALA G 31 47.30 -62.34 -12.98
CA ALA G 31 46.05 -62.05 -13.68
C ALA G 31 45.21 -63.32 -13.73
N ASP G 32 44.11 -63.33 -12.98
CA ASP G 32 43.16 -64.44 -12.98
C ASP G 32 42.04 -64.09 -13.94
N TYR G 33 41.91 -64.86 -15.02
CA TYR G 33 40.92 -64.61 -16.05
C TYR G 33 39.62 -65.37 -15.83
N SER G 34 39.50 -66.08 -14.71
CA SER G 34 38.29 -66.88 -14.45
C SER G 34 37.05 -65.99 -14.38
N VAL G 35 37.17 -64.81 -13.78
CA VAL G 35 36.03 -63.91 -13.69
C VAL G 35 35.61 -63.41 -15.07
N LEU G 36 36.57 -63.22 -15.98
CA LEU G 36 36.27 -62.60 -17.27
C LEU G 36 35.54 -63.56 -18.22
N TYR G 37 36.18 -64.68 -18.59
CA TYR G 37 35.58 -65.54 -19.59
C TYR G 37 34.38 -66.34 -19.06
N ASN G 38 34.18 -66.37 -17.75
CA ASN G 38 33.01 -67.01 -17.14
C ASN G 38 31.97 -66.00 -16.70
N SER G 39 31.90 -64.85 -17.37
CA SER G 39 30.91 -63.83 -17.08
C SER G 39 29.89 -63.79 -18.20
N ALA G 40 28.61 -63.86 -17.84
CA ALA G 40 27.51 -63.82 -18.81
C ALA G 40 27.14 -62.41 -19.22
N SER G 41 27.82 -61.39 -18.68
CA SER G 41 27.55 -60.00 -18.98
C SER G 41 28.46 -59.46 -20.06
N PHE G 42 28.90 -60.30 -21.00
CA PHE G 42 29.75 -59.91 -22.10
C PHE G 42 29.08 -60.27 -23.42
N SER G 43 28.87 -59.27 -24.27
CA SER G 43 28.26 -59.52 -25.58
C SER G 43 29.23 -60.19 -26.53
N THR G 44 30.49 -59.76 -26.54
CA THR G 44 31.51 -60.28 -27.44
C THR G 44 32.76 -60.59 -26.64
N PHE G 45 33.29 -61.81 -26.81
CA PHE G 45 34.54 -62.23 -26.16
C PHE G 45 35.30 -63.09 -27.18
N LYS G 46 36.14 -62.45 -27.98
CA LYS G 46 36.87 -63.12 -29.04
C LYS G 46 38.37 -62.92 -28.81
N CYS G 47 39.14 -64.00 -28.90
CA CYS G 47 40.57 -63.97 -28.73
C CYS G 47 41.27 -64.36 -30.03
N TYR G 48 42.44 -63.77 -30.27
CA TYR G 48 43.20 -63.99 -31.49
C TYR G 48 44.61 -64.42 -31.13
N GLY G 49 45.04 -65.57 -31.64
CA GLY G 49 46.37 -66.08 -31.41
C GLY G 49 46.56 -66.81 -30.10
N VAL G 50 45.69 -66.60 -29.12
CA VAL G 50 45.78 -67.24 -27.81
C VAL G 50 44.40 -67.72 -27.40
N SER G 51 44.32 -68.95 -26.91
CA SER G 51 43.05 -69.45 -26.38
C SER G 51 42.76 -68.82 -25.03
N PRO G 52 41.51 -68.40 -24.78
CA PRO G 52 41.16 -67.89 -23.45
C PRO G 52 41.30 -68.93 -22.35
N THR G 53 41.24 -70.21 -22.69
CA THR G 53 41.38 -71.27 -21.70
C THR G 53 42.82 -71.37 -21.21
N LYS G 54 43.78 -71.43 -22.12
CA LYS G 54 45.19 -71.56 -21.78
C LYS G 54 45.83 -70.23 -21.41
N LEU G 55 45.04 -69.15 -21.38
CA LEU G 55 45.58 -67.82 -21.09
C LEU G 55 46.21 -67.76 -19.70
N ASN G 56 45.59 -68.42 -18.73
CA ASN G 56 46.08 -68.33 -17.35
C ASN G 56 47.48 -68.91 -17.21
N ASP G 57 47.76 -70.01 -17.90
CA ASP G 57 49.09 -70.63 -17.82
C ASP G 57 50.17 -69.70 -18.37
N LEU G 58 49.89 -69.06 -19.50
CA LEU G 58 50.92 -68.30 -20.20
C LEU G 58 51.35 -67.09 -19.40
N CYS G 59 52.63 -66.74 -19.54
CA CYS G 59 53.21 -65.56 -18.93
C CYS G 59 53.66 -64.60 -20.02
N PHE G 60 53.40 -63.31 -19.83
CA PHE G 60 53.73 -62.29 -20.80
C PHE G 60 54.53 -61.19 -20.12
N THR G 61 55.30 -60.46 -20.93
CA THR G 61 56.12 -59.37 -20.41
C THR G 61 55.24 -58.28 -19.81
N ASN G 62 54.27 -57.79 -20.57
CA ASN G 62 53.35 -56.77 -20.09
C ASN G 62 52.00 -56.95 -20.76
N VAL G 63 50.97 -56.41 -20.12
CA VAL G 63 49.59 -56.48 -20.62
C VAL G 63 49.05 -55.06 -20.71
N TYR G 64 48.45 -54.74 -21.85
CA TYR G 64 47.86 -53.43 -22.09
C TYR G 64 46.35 -53.57 -22.20
N ALA G 65 45.61 -52.84 -21.37
CA ALA G 65 44.16 -52.89 -21.34
C ALA G 65 43.63 -51.59 -21.94
N ASP G 66 43.14 -51.66 -23.17
CA ASP G 66 42.59 -50.51 -23.87
C ASP G 66 41.08 -50.50 -23.74
N SER G 67 40.53 -49.36 -23.29
CA SER G 67 39.11 -49.25 -23.04
C SER G 67 38.53 -48.05 -23.79
N PHE G 68 37.37 -48.26 -24.38
CA PHE G 68 36.66 -47.21 -25.12
C PHE G 68 35.20 -47.62 -25.26
N VAL G 69 34.43 -46.77 -25.94
CA VAL G 69 33.01 -47.00 -26.16
C VAL G 69 32.68 -46.75 -27.63
N ILE G 70 31.99 -47.70 -28.24
CA ILE G 70 31.52 -47.60 -29.63
C ILE G 70 30.07 -48.08 -29.67
N ARG G 71 29.50 -48.06 -30.87
CA ARG G 71 28.16 -48.59 -31.09
C ARG G 71 28.23 -50.07 -31.47
N GLY G 72 27.06 -50.71 -31.47
CA GLY G 72 27.02 -52.15 -31.72
C GLY G 72 27.47 -52.52 -33.13
N ASP G 73 27.04 -51.75 -34.13
CA ASP G 73 27.37 -52.09 -35.51
C ASP G 73 28.85 -51.94 -35.81
N GLU G 74 29.59 -51.20 -34.99
CA GLU G 74 31.02 -51.01 -35.18
C GLU G 74 31.87 -51.97 -34.36
N VAL G 75 31.24 -52.87 -33.60
CA VAL G 75 32.00 -53.81 -32.78
C VAL G 75 32.79 -54.77 -33.68
N ARG G 76 32.22 -55.16 -34.83
CA ARG G 76 32.91 -56.05 -35.74
C ARG G 76 34.17 -55.42 -36.34
N GLN G 77 34.30 -54.09 -36.25
CA GLN G 77 35.49 -53.43 -36.75
C GLN G 77 36.68 -53.54 -35.81
N ILE G 78 36.47 -53.98 -34.57
CA ILE G 78 37.57 -54.12 -33.60
C ILE G 78 38.14 -55.52 -33.81
N ALA G 79 39.00 -55.64 -34.82
CA ALA G 79 39.60 -56.91 -35.19
C ALA G 79 40.73 -56.66 -36.18
N PRO G 80 41.75 -57.52 -36.23
CA PRO G 80 42.84 -57.32 -37.19
C PRO G 80 42.34 -57.38 -38.63
N GLY G 81 42.95 -56.57 -39.49
CA GLY G 81 42.63 -56.59 -40.90
C GLY G 81 41.28 -56.02 -41.26
N GLN G 82 40.67 -55.25 -40.38
CA GLN G 82 39.36 -54.68 -40.65
C GLN G 82 39.48 -53.29 -41.26
N THR G 83 38.40 -52.85 -41.90
CA THR G 83 38.30 -51.52 -42.47
C THR G 83 37.03 -50.85 -41.96
N GLY G 84 37.00 -49.53 -42.06
CA GLY G 84 35.88 -48.73 -41.60
C GLY G 84 36.34 -47.51 -40.86
N LYS G 85 35.36 -46.73 -40.40
CA LYS G 85 35.66 -45.49 -39.71
C LYS G 85 36.43 -45.74 -38.41
N ILE G 86 35.99 -46.73 -37.63
CA ILE G 86 36.67 -47.03 -36.37
C ILE G 86 38.03 -47.66 -36.63
N ALA G 87 38.09 -48.63 -37.56
CA ALA G 87 39.33 -49.35 -37.79
C ALA G 87 40.40 -48.46 -38.39
N ASP G 88 40.03 -47.57 -39.31
CA ASP G 88 41.00 -46.76 -40.03
C ASP G 88 41.36 -45.46 -39.32
N TYR G 89 40.41 -44.86 -38.60
CA TYR G 89 40.60 -43.50 -38.09
C TYR G 89 40.51 -43.37 -36.58
N ASN G 90 40.04 -44.39 -35.86
CA ASN G 90 39.87 -44.29 -34.42
C ASN G 90 40.74 -45.27 -33.65
N TYR G 91 40.69 -46.55 -33.98
CA TYR G 91 41.46 -47.56 -33.26
C TYR G 91 41.79 -48.70 -34.23
N LYS G 92 43.07 -48.92 -34.48
CA LYS G 92 43.53 -49.91 -35.45
C LYS G 92 44.30 -51.00 -34.72
N LEU G 93 43.97 -52.26 -35.02
CA LEU G 93 44.70 -53.40 -34.50
C LEU G 93 45.60 -53.99 -35.57
N PRO G 94 46.82 -54.39 -35.20
CA PRO G 94 47.74 -54.95 -36.19
C PRO G 94 47.28 -56.31 -36.70
N ASP G 95 47.75 -56.66 -37.90
CA ASP G 95 47.36 -57.93 -38.51
C ASP G 95 47.82 -59.12 -37.68
N ASP G 96 48.93 -58.98 -36.95
CA ASP G 96 49.46 -60.04 -36.09
C ASP G 96 49.08 -59.82 -34.63
N PHE G 97 47.88 -59.30 -34.39
CA PHE G 97 47.46 -59.00 -33.02
C PHE G 97 47.40 -60.26 -32.17
N THR G 98 47.88 -60.13 -30.93
CA THR G 98 47.87 -61.23 -29.96
C THR G 98 47.15 -60.72 -28.71
N GLY G 99 45.91 -61.17 -28.53
CA GLY G 99 45.13 -60.77 -27.38
C GLY G 99 43.66 -61.09 -27.59
N CYS G 100 42.84 -60.51 -26.71
CA CYS G 100 41.40 -60.72 -26.73
C CYS G 100 40.67 -59.39 -26.79
N VAL G 101 39.49 -59.40 -27.42
CA VAL G 101 38.62 -58.23 -27.51
C VAL G 101 37.34 -58.55 -26.78
N ILE G 102 36.97 -57.71 -25.81
CA ILE G 102 35.82 -57.92 -24.95
C ILE G 102 34.89 -56.72 -25.09
N ALA G 103 33.60 -56.98 -25.32
CA ALA G 103 32.61 -55.92 -25.49
C ALA G 103 31.31 -56.33 -24.83
N TRP G 104 30.66 -55.36 -24.18
CA TRP G 104 29.36 -55.60 -23.57
C TRP G 104 28.51 -54.36 -23.69
N ASN G 105 27.19 -54.56 -23.78
CA ASN G 105 26.27 -53.45 -23.94
C ASN G 105 26.22 -52.62 -22.66
N SER G 106 26.14 -51.30 -22.84
CA SER G 106 26.07 -50.37 -21.72
C SER G 106 25.01 -49.31 -21.99
N ASN G 107 23.86 -49.73 -22.50
CA ASN G 107 22.79 -48.78 -22.80
C ASN G 107 22.23 -48.13 -21.53
N ASN G 108 22.15 -48.90 -20.44
CA ASN G 108 21.63 -48.36 -19.20
C ASN G 108 22.56 -47.34 -18.56
N LEU G 109 23.83 -47.33 -18.91
CA LEU G 109 24.83 -46.46 -18.29
C LEU G 109 25.24 -45.29 -19.17
N ASP G 110 25.48 -45.53 -20.46
CA ASP G 110 26.06 -44.54 -21.35
C ASP G 110 25.04 -43.89 -22.27
N SER G 111 23.75 -44.03 -21.99
CA SER G 111 22.71 -43.49 -22.85
C SER G 111 21.67 -42.75 -22.01
N LYS G 112 21.10 -41.70 -22.60
CA LYS G 112 20.08 -40.91 -21.95
C LYS G 112 19.08 -40.43 -23.00
N VAL G 113 17.85 -40.17 -22.55
CA VAL G 113 16.84 -39.60 -23.44
C VAL G 113 17.28 -38.20 -23.83
N GLY G 114 17.24 -37.91 -25.14
CA GLY G 114 17.75 -36.68 -25.67
C GLY G 114 19.16 -36.75 -26.21
N GLY G 115 19.85 -37.88 -25.98
CA GLY G 115 21.17 -38.08 -26.55
C GLY G 115 22.32 -37.86 -25.59
N ASN G 116 23.24 -38.82 -25.54
CA ASN G 116 24.47 -38.68 -24.78
C ASN G 116 25.60 -38.37 -25.76
N TYR G 117 26.20 -37.18 -25.62
CA TYR G 117 27.17 -36.68 -26.57
C TYR G 117 28.57 -36.60 -26.00
N ASN G 118 28.85 -37.33 -24.91
CA ASN G 118 30.21 -37.41 -24.39
C ASN G 118 31.10 -38.28 -25.24
N TYR G 119 30.53 -39.27 -25.94
CA TYR G 119 31.31 -40.21 -26.73
C TYR G 119 31.37 -39.75 -28.17
N LEU G 120 32.59 -39.70 -28.73
CA LEU G 120 32.83 -39.17 -30.05
C LEU G 120 33.67 -40.16 -30.85
N TYR G 121 33.60 -40.03 -32.17
CA TYR G 121 34.40 -40.85 -33.07
C TYR G 121 34.98 -39.96 -34.16
N ARG G 122 36.17 -40.34 -34.65
CA ARG G 122 36.83 -39.58 -35.71
C ARG G 122 36.23 -39.96 -37.06
N LEU G 123 35.85 -38.94 -37.83
CA LEU G 123 35.19 -39.14 -39.12
C LEU G 123 36.13 -38.90 -40.31
N PHE G 124 37.03 -37.93 -40.21
CA PHE G 124 37.91 -37.58 -41.31
C PHE G 124 39.37 -37.68 -40.89
N ARG G 125 40.20 -38.19 -41.79
CA ARG G 125 41.64 -38.23 -41.60
C ARG G 125 42.30 -38.45 -42.95
N LYS G 126 43.44 -37.79 -43.17
CA LYS G 126 44.11 -37.87 -44.47
C LYS G 126 44.61 -39.29 -44.75
N SER G 127 45.13 -39.97 -43.74
CA SER G 127 45.70 -41.30 -43.92
C SER G 127 45.20 -42.24 -42.83
N ASN G 128 45.28 -43.54 -43.11
CA ASN G 128 44.87 -44.54 -42.16
C ASN G 128 45.82 -44.60 -40.97
N LEU G 129 45.30 -45.03 -39.83
CA LEU G 129 46.10 -45.14 -38.62
C LEU G 129 47.05 -46.33 -38.71
N LYS G 130 48.27 -46.14 -38.22
CA LYS G 130 49.17 -47.26 -38.01
C LYS G 130 48.71 -48.07 -36.81
N PRO G 131 49.18 -49.32 -36.68
CA PRO G 131 48.73 -50.15 -35.55
C PRO G 131 49.02 -49.48 -34.21
N PHE G 132 48.02 -49.55 -33.32
CA PHE G 132 48.11 -48.98 -31.97
C PHE G 132 48.42 -47.48 -32.01
N GLU G 133 47.83 -46.77 -32.97
CA GLU G 133 47.99 -45.34 -33.09
C GLU G 133 46.79 -44.62 -32.48
N ARG G 134 47.06 -43.55 -31.75
CA ARG G 134 46.04 -42.77 -31.06
C ARG G 134 46.12 -41.33 -31.55
N ASP G 135 45.18 -40.94 -32.41
CA ASP G 135 45.13 -39.60 -32.99
C ASP G 135 43.99 -38.84 -32.32
N ILE G 136 44.34 -37.87 -31.49
CA ILE G 136 43.35 -37.03 -30.81
C ILE G 136 43.36 -35.61 -31.36
N SER G 137 43.90 -35.42 -32.56
CA SER G 137 43.96 -34.10 -33.16
C SER G 137 42.56 -33.58 -33.48
N THR G 138 42.36 -32.28 -33.28
CA THR G 138 41.11 -31.61 -33.61
C THR G 138 41.29 -30.63 -34.76
N GLU G 139 42.37 -30.76 -35.52
CA GLU G 139 42.63 -29.84 -36.63
C GLU G 139 41.56 -29.99 -37.71
N ILE G 140 41.22 -28.88 -38.34
CA ILE G 140 40.16 -28.88 -39.35
C ILE G 140 40.62 -29.67 -40.56
N TYR G 141 39.77 -30.61 -41.00
CA TYR G 141 40.10 -31.44 -42.15
C TYR G 141 39.91 -30.64 -43.43
N GLN G 142 40.93 -30.65 -44.29
CA GLN G 142 40.92 -29.92 -45.55
C GLN G 142 40.51 -30.88 -46.66
N ALA G 143 39.24 -30.84 -47.04
CA ALA G 143 38.71 -31.67 -48.11
C ALA G 143 38.91 -31.08 -49.49
N GLY G 144 39.39 -29.84 -49.59
CA GLY G 144 39.63 -29.20 -50.86
C GLY G 144 41.05 -28.69 -51.00
N SER G 145 41.28 -27.79 -51.96
CA SER G 145 42.60 -27.21 -52.20
C SER G 145 42.78 -25.86 -51.51
N THR G 146 41.76 -25.36 -50.81
CA THR G 146 41.86 -24.09 -50.09
C THR G 146 42.28 -24.35 -48.65
N PRO G 147 43.34 -23.70 -48.17
CA PRO G 147 43.73 -23.87 -46.77
C PRO G 147 42.62 -23.41 -45.83
N CYS G 148 42.44 -24.15 -44.75
CA CYS G 148 41.33 -23.89 -43.84
C CYS G 148 41.65 -22.84 -42.79
N ASN G 149 42.91 -22.78 -42.34
CA ASN G 149 43.35 -21.81 -41.34
C ASN G 149 42.52 -21.87 -40.06
N GLY G 150 42.13 -23.09 -39.68
CA GLY G 150 41.51 -23.32 -38.39
C GLY G 150 40.06 -22.91 -38.27
N VAL G 151 39.41 -22.51 -39.36
CA VAL G 151 38.01 -22.11 -39.33
C VAL G 151 37.22 -23.08 -40.20
N GLU G 152 36.10 -23.58 -39.66
CA GLU G 152 35.27 -24.51 -40.40
C GLU G 152 34.55 -23.80 -41.54
N GLY G 153 34.13 -24.59 -42.53
CA GLY G 153 33.45 -24.06 -43.68
C GLY G 153 33.33 -25.11 -44.77
N PHE G 154 33.13 -24.66 -45.99
CA PHE G 154 33.08 -25.57 -47.11
C PHE G 154 34.46 -26.18 -47.35
N ASN G 155 34.51 -27.49 -47.52
CA ASN G 155 35.75 -28.25 -47.65
C ASN G 155 36.65 -28.09 -46.43
N CYS G 156 36.07 -27.73 -45.28
CA CYS G 156 36.82 -27.57 -44.03
C CYS G 156 35.89 -27.99 -42.90
N TYR G 157 36.05 -29.23 -42.43
CA TYR G 157 35.11 -29.83 -41.50
C TYR G 157 35.82 -30.30 -40.23
N PHE G 158 35.09 -30.26 -39.12
CA PHE G 158 35.61 -30.75 -37.86
C PHE G 158 35.78 -32.27 -37.93
N PRO G 159 36.96 -32.80 -37.60
CA PRO G 159 37.20 -34.24 -37.80
C PRO G 159 36.36 -35.14 -36.92
N LEU G 160 35.86 -34.65 -35.79
CA LEU G 160 35.15 -35.49 -34.82
C LEU G 160 33.65 -35.33 -34.95
N GLN G 161 32.94 -36.42 -34.69
CA GLN G 161 31.48 -36.42 -34.66
C GLN G 161 31.00 -37.19 -33.45
N SER G 162 29.79 -36.88 -33.00
CA SER G 162 29.22 -37.48 -31.79
C SER G 162 28.27 -38.61 -32.15
N TYR G 163 28.29 -39.66 -31.33
CA TYR G 163 27.36 -40.77 -31.53
C TYR G 163 25.93 -40.36 -31.19
N GLY G 164 25.74 -39.63 -30.10
CA GLY G 164 24.40 -39.25 -29.68
C GLY G 164 23.56 -40.45 -29.27
N PHE G 165 24.04 -41.20 -28.29
CA PHE G 165 23.35 -42.42 -27.88
C PHE G 165 22.01 -42.09 -27.22
N GLN G 166 20.95 -42.75 -27.69
CA GLN G 166 19.63 -42.64 -27.10
C GLN G 166 19.09 -44.05 -26.81
N PRO G 167 18.31 -44.21 -25.75
CA PRO G 167 17.75 -45.53 -25.45
C PRO G 167 16.81 -46.04 -26.53
N THR G 168 16.24 -45.16 -27.35
CA THR G 168 15.36 -45.57 -28.44
C THR G 168 16.12 -46.07 -29.65
N ASN G 169 17.45 -45.95 -29.67
CA ASN G 169 18.23 -46.42 -30.81
C ASN G 169 18.24 -47.94 -30.85
N GLY G 170 18.46 -48.47 -32.05
CA GLY G 170 18.56 -49.91 -32.20
C GLY G 170 19.79 -50.47 -31.52
N VAL G 171 19.77 -51.79 -31.32
CA VAL G 171 20.87 -52.44 -30.61
C VAL G 171 22.20 -52.24 -31.33
N GLY G 172 22.17 -52.08 -32.65
CA GLY G 172 23.39 -51.80 -33.38
C GLY G 172 23.91 -50.39 -33.18
N TYR G 173 23.06 -49.46 -32.74
CA TYR G 173 23.45 -48.09 -32.49
C TYR G 173 23.52 -47.77 -31.00
N GLN G 174 23.36 -48.76 -30.14
CA GLN G 174 23.45 -48.54 -28.70
C GLN G 174 24.91 -48.56 -28.25
N PRO G 175 25.22 -47.87 -27.15
CA PRO G 175 26.61 -47.84 -26.69
C PRO G 175 27.09 -49.20 -26.22
N TYR G 176 28.34 -49.53 -26.56
CA TYR G 176 28.99 -50.76 -26.14
C TYR G 176 30.38 -50.43 -25.60
N ARG G 177 30.66 -50.89 -24.38
CA ARG G 177 31.98 -50.72 -23.81
C ARG G 177 32.88 -51.86 -24.27
N VAL G 178 34.05 -51.51 -24.80
CA VAL G 178 34.98 -52.47 -25.37
C VAL G 178 36.29 -52.39 -24.61
N VAL G 179 36.80 -53.55 -24.19
CA VAL G 179 38.11 -53.66 -23.55
C VAL G 179 38.96 -54.61 -24.37
N VAL G 180 40.13 -54.15 -24.78
CA VAL G 180 41.06 -54.94 -25.59
C VAL G 180 42.30 -55.22 -24.76
N LEU G 181 42.53 -56.49 -24.45
CA LEU G 181 43.69 -56.91 -23.68
C LEU G 181 44.78 -57.36 -24.65
N SER G 182 45.90 -56.68 -24.63
CA SER G 182 47.03 -56.96 -25.52
C SER G 182 48.19 -57.50 -24.68
N PHE G 183 48.64 -58.70 -25.03
CA PHE G 183 49.74 -59.36 -24.32
C PHE G 183 50.99 -59.28 -25.19
N GLU G 184 51.98 -58.51 -24.74
CA GLU G 184 53.23 -58.37 -25.48
C GLU G 184 54.28 -59.35 -24.97
N ALA G 190 59.11 -61.70 -17.90
CA ALA G 190 57.66 -61.69 -17.79
C ALA G 190 57.22 -61.25 -16.39
N THR G 191 56.27 -60.32 -16.34
CA THR G 191 55.77 -59.80 -15.07
C THR G 191 54.29 -60.08 -14.84
N VAL G 192 53.59 -60.66 -15.82
CA VAL G 192 52.18 -61.00 -15.68
C VAL G 192 52.00 -62.47 -16.04
N CYS G 193 51.36 -63.22 -15.15
CA CYS G 193 51.05 -64.62 -15.41
C CYS G 193 49.61 -64.93 -15.04
N GLN H 1 13.01 -30.01 -7.66
CA GLN H 1 12.69 -29.54 -9.00
C GLN H 1 13.81 -28.67 -9.55
N VAL H 2 14.03 -28.74 -10.86
CA VAL H 2 15.04 -27.93 -11.52
C VAL H 2 14.50 -26.52 -11.73
N GLN H 3 15.30 -25.53 -11.36
CA GLN H 3 14.93 -24.12 -11.48
C GLN H 3 16.07 -23.35 -12.12
N LEU H 4 15.72 -22.45 -13.05
CA LEU H 4 16.69 -21.58 -13.72
C LEU H 4 16.25 -20.14 -13.50
N LEU H 5 17.03 -19.39 -12.71
CA LEU H 5 16.73 -18.01 -12.40
C LEU H 5 17.72 -17.11 -13.13
N GLU H 6 17.21 -16.11 -13.84
CA GLU H 6 18.01 -15.23 -14.67
C GLU H 6 18.08 -13.84 -14.08
N SER H 7 19.20 -13.15 -14.32
CA SER H 7 19.41 -11.82 -13.81
C SER H 7 20.40 -11.10 -14.72
N GLY H 8 20.44 -9.77 -14.59
CA GLY H 8 21.37 -8.95 -15.33
C GLY H 8 20.74 -8.10 -16.42
N GLY H 9 19.45 -8.25 -16.69
CA GLY H 9 18.81 -7.46 -17.72
C GLY H 9 18.61 -6.02 -17.32
N GLY H 10 18.36 -5.18 -18.32
CA GLY H 10 18.13 -3.77 -18.07
C GLY H 10 18.33 -2.96 -19.35
N LEU H 11 18.56 -1.66 -19.15
CA LEU H 11 18.77 -0.72 -20.23
C LEU H 11 20.26 -0.44 -20.41
N VAL H 12 20.69 -0.29 -21.66
CA VAL H 12 22.08 0.00 -21.98
C VAL H 12 22.12 0.79 -23.28
N GLN H 13 23.04 1.75 -23.35
CA GLN H 13 23.23 2.54 -24.56
C GLN H 13 23.88 1.68 -25.63
N PRO H 14 23.68 2.03 -26.91
CA PRO H 14 24.36 1.29 -27.99
C PRO H 14 25.87 1.37 -27.84
N GLY H 15 26.53 0.24 -28.10
CA GLY H 15 27.96 0.13 -27.91
C GLY H 15 28.37 -0.25 -26.50
N GLY H 16 27.44 -0.30 -25.56
CA GLY H 16 27.74 -0.65 -24.19
C GLY H 16 27.89 -2.15 -24.00
N SER H 17 28.01 -2.55 -22.74
CA SER H 17 28.22 -3.93 -22.40
C SER H 17 27.53 -4.25 -21.07
N LEU H 18 27.07 -5.50 -20.94
CA LEU H 18 26.48 -5.99 -19.71
C LEU H 18 26.57 -7.50 -19.70
N ARG H 19 26.52 -8.07 -18.50
CA ARG H 19 26.64 -9.51 -18.28
C ARG H 19 25.37 -10.04 -17.66
N LEU H 20 24.85 -11.13 -18.21
CA LEU H 20 23.66 -11.80 -17.69
C LEU H 20 24.07 -13.09 -16.98
N SER H 21 23.36 -13.42 -15.91
CA SER H 21 23.64 -14.60 -15.11
C SER H 21 22.41 -15.51 -15.09
N CYS H 22 22.67 -16.81 -15.10
CA CYS H 22 21.61 -17.83 -15.08
C CYS H 22 21.96 -18.84 -13.99
N ALA H 23 21.32 -18.72 -12.83
CA ALA H 23 21.56 -19.61 -11.70
C ALA H 23 20.67 -20.84 -11.84
N ALA H 24 21.29 -22.01 -11.97
CA ALA H 24 20.59 -23.27 -12.13
C ALA H 24 20.73 -24.13 -10.88
N SER H 25 19.68 -24.91 -10.60
CA SER H 25 19.66 -25.78 -9.43
C SER H 25 18.74 -26.95 -9.72
N GLY H 26 18.90 -28.01 -8.92
CA GLY H 26 18.07 -29.19 -9.04
C GLY H 26 18.61 -30.28 -9.93
N PHE H 27 19.84 -30.14 -10.43
CA PHE H 27 20.44 -31.13 -11.31
C PHE H 27 21.95 -30.95 -11.29
N THR H 28 22.65 -31.94 -11.85
CA THR H 28 24.10 -31.86 -11.96
C THR H 28 24.43 -30.86 -13.06
N PHE H 29 24.84 -29.65 -12.66
CA PHE H 29 25.03 -28.56 -13.61
C PHE H 29 26.15 -28.86 -14.60
N SER H 30 27.26 -29.42 -14.11
CA SER H 30 28.38 -29.75 -14.99
C SER H 30 28.05 -30.88 -15.96
N SER H 31 26.93 -31.57 -15.75
CA SER H 31 26.55 -32.72 -16.55
C SER H 31 25.75 -32.37 -17.79
N TYR H 32 25.19 -31.17 -17.88
CA TYR H 32 24.32 -30.81 -18.98
C TYR H 32 24.82 -29.56 -19.69
N ALA H 33 24.52 -29.48 -20.99
CA ALA H 33 24.87 -28.32 -21.79
C ALA H 33 23.87 -27.19 -21.54
N MET H 34 24.37 -25.96 -21.54
CA MET H 34 23.56 -24.77 -21.30
C MET H 34 23.60 -23.86 -22.53
N SER H 35 22.53 -23.09 -22.70
CA SER H 35 22.37 -22.26 -23.89
C SER H 35 21.70 -20.95 -23.53
N TRP H 36 21.93 -19.94 -24.35
CA TRP H 36 21.24 -18.66 -24.28
C TRP H 36 20.43 -18.47 -25.56
N VAL H 37 19.13 -18.21 -25.39
CA VAL H 37 18.23 -17.99 -26.52
C VAL H 37 17.59 -16.61 -26.37
N ARG H 38 17.43 -15.90 -27.48
CA ARG H 38 16.88 -14.55 -27.49
C ARG H 38 15.59 -14.53 -28.30
N GLN H 39 14.72 -13.58 -27.95
CA GLN H 39 13.44 -13.39 -28.64
C GLN H 39 13.16 -11.90 -28.69
N ALA H 40 13.20 -11.33 -29.89
CA ALA H 40 12.90 -9.92 -30.05
C ALA H 40 11.40 -9.67 -29.85
N PRO H 41 11.01 -8.46 -29.46
CA PRO H 41 9.58 -8.16 -29.27
C PRO H 41 8.81 -8.40 -30.56
N GLY H 42 7.85 -9.32 -30.49
CA GLY H 42 7.05 -9.68 -31.65
C GLY H 42 7.76 -10.53 -32.66
N LYS H 43 8.85 -11.19 -32.28
CA LYS H 43 9.60 -12.07 -33.17
C LYS H 43 9.60 -13.49 -32.59
N GLY H 44 10.02 -14.44 -33.43
CA GLY H 44 10.19 -15.80 -33.00
C GLY H 44 11.48 -16.00 -32.24
N LEU H 45 11.67 -17.22 -31.74
CA LEU H 45 12.88 -17.55 -31.01
C LEU H 45 14.08 -17.59 -31.96
N GLU H 46 15.26 -17.41 -31.38
CA GLU H 46 16.51 -17.45 -32.14
C GLU H 46 17.63 -17.87 -31.20
N TRP H 47 18.25 -19.00 -31.49
CA TRP H 47 19.38 -19.45 -30.69
C TRP H 47 20.54 -18.47 -30.79
N ALA H 48 21.19 -18.22 -29.66
CA ALA H 48 22.26 -17.23 -29.60
C ALA H 48 23.61 -17.83 -29.26
N SER H 49 23.69 -18.70 -28.26
CA SER H 49 24.96 -19.28 -27.86
C SER H 49 24.70 -20.53 -27.02
N ALA H 50 25.76 -21.31 -26.83
CA ALA H 50 25.67 -22.55 -26.06
C ALA H 50 27.06 -22.97 -25.62
N ILE H 51 27.12 -23.69 -24.50
CA ILE H 51 28.36 -24.25 -23.99
C ILE H 51 28.15 -25.74 -23.71
N SER H 52 29.22 -26.50 -23.84
CA SER H 52 29.22 -27.87 -23.35
C SER H 52 29.21 -27.88 -21.82
N GLY H 53 28.96 -29.05 -21.26
CA GLY H 53 28.89 -29.17 -19.81
C GLY H 53 30.21 -28.84 -19.13
N SER H 54 31.32 -29.27 -19.72
CA SER H 54 32.63 -29.01 -19.13
C SER H 54 33.05 -27.56 -19.30
N GLY H 55 32.52 -26.88 -20.32
CA GLY H 55 32.89 -25.50 -20.61
C GLY H 55 33.98 -25.31 -21.62
N GLY H 56 34.55 -26.39 -22.16
CA GLY H 56 35.63 -26.26 -23.12
C GLY H 56 35.18 -25.87 -24.51
N SER H 57 33.95 -26.22 -24.89
CA SER H 57 33.43 -25.97 -26.24
C SER H 57 32.31 -24.95 -26.18
N THR H 58 32.39 -23.92 -27.03
CA THR H 58 31.38 -22.89 -27.10
C THR H 58 30.96 -22.65 -28.55
N TYR H 59 29.70 -22.30 -28.73
CA TYR H 59 29.15 -21.96 -30.03
C TYR H 59 28.44 -20.62 -29.96
N TYR H 60 28.54 -19.84 -31.02
CA TYR H 60 27.86 -18.55 -31.13
C TYR H 60 27.18 -18.44 -32.47
N ALA H 61 26.05 -17.75 -32.50
CA ALA H 61 25.39 -17.48 -33.76
C ALA H 61 26.17 -16.45 -34.56
N ASP H 62 25.91 -16.42 -35.87
CA ASP H 62 26.62 -15.48 -36.74
C ASP H 62 26.33 -14.04 -36.35
N SER H 63 25.11 -13.76 -35.88
CA SER H 63 24.77 -12.40 -35.45
C SER H 63 25.56 -11.99 -34.22
N VAL H 64 25.95 -12.94 -33.38
CA VAL H 64 26.53 -12.64 -32.08
C VAL H 64 28.00 -13.03 -31.98
N GLU H 65 28.56 -13.67 -32.99
CA GLU H 65 29.94 -14.15 -32.89
C GLU H 65 30.90 -12.98 -32.75
N GLY H 66 31.83 -13.09 -31.80
CA GLY H 66 32.79 -12.04 -31.56
C GLY H 66 32.27 -10.95 -30.65
N ARG H 67 30.97 -10.66 -30.76
CA ARG H 67 30.37 -9.63 -29.91
C ARG H 67 30.12 -10.16 -28.51
N PHE H 68 29.45 -11.30 -28.40
CA PHE H 68 29.14 -11.89 -27.10
C PHE H 68 30.12 -13.01 -26.79
N THR H 69 30.43 -13.18 -25.51
CA THR H 69 31.22 -14.29 -25.04
C THR H 69 30.45 -14.98 -23.91
N ILE H 70 30.39 -16.31 -23.97
CA ILE H 70 29.61 -17.11 -23.04
C ILE H 70 30.56 -17.92 -22.18
N SER H 71 30.25 -17.99 -20.88
CA SER H 71 31.11 -18.66 -19.91
C SER H 71 30.25 -19.41 -18.91
N ARG H 72 30.91 -20.22 -18.08
CA ARG H 72 30.20 -21.06 -17.13
C ARG H 72 31.10 -21.32 -15.93
N ASP H 73 30.52 -21.24 -14.73
CA ASP H 73 31.19 -21.58 -13.48
C ASP H 73 30.48 -22.77 -12.87
N ASN H 74 31.12 -23.94 -12.94
CA ASN H 74 30.50 -25.15 -12.40
C ASN H 74 30.39 -25.11 -10.88
N SER H 75 31.35 -24.47 -10.21
CA SER H 75 31.28 -24.35 -8.75
C SER H 75 30.07 -23.54 -8.32
N LYS H 76 29.82 -22.41 -8.99
CA LYS H 76 28.67 -21.57 -8.68
C LYS H 76 27.38 -22.11 -9.27
N ASN H 77 27.44 -23.08 -10.17
CA ASN H 77 26.27 -23.56 -10.92
C ASN H 77 25.58 -22.42 -11.64
N THR H 78 26.38 -21.55 -12.28
CA THR H 78 25.88 -20.35 -12.94
C THR H 78 26.37 -20.29 -14.37
N LEU H 79 25.49 -19.83 -15.26
CA LEU H 79 25.83 -19.59 -16.66
C LEU H 79 25.87 -18.09 -16.91
N TYR H 80 26.87 -17.64 -17.67
CA TYR H 80 27.10 -16.22 -17.90
C TYR H 80 27.12 -15.92 -19.39
N LEU H 81 26.57 -14.76 -19.75
CA LEU H 81 26.62 -14.26 -21.12
C LEU H 81 27.07 -12.81 -21.08
N GLN H 82 28.30 -12.55 -21.49
CA GLN H 82 28.83 -11.20 -21.56
C GLN H 82 28.58 -10.64 -22.96
N MET H 83 27.78 -9.59 -23.04
CA MET H 83 27.39 -8.98 -24.30
C MET H 83 28.14 -7.66 -24.46
N ASN H 84 28.93 -7.55 -25.52
CA ASN H 84 29.73 -6.37 -25.80
C ASN H 84 29.37 -5.80 -27.17
N SER H 85 29.65 -4.50 -27.32
CA SER H 85 29.35 -3.76 -28.55
C SER H 85 27.88 -3.92 -28.93
N LEU H 86 27.01 -3.62 -27.98
CA LEU H 86 25.58 -3.85 -28.16
C LEU H 86 24.98 -2.88 -29.17
N ARG H 87 24.00 -3.38 -29.91
CA ARG H 87 23.28 -2.60 -30.91
C ARG H 87 21.78 -2.76 -30.67
N ALA H 88 21.00 -1.96 -31.42
CA ALA H 88 19.56 -1.93 -31.20
C ALA H 88 18.92 -3.28 -31.48
N GLU H 89 19.42 -4.03 -32.45
CA GLU H 89 18.84 -5.33 -32.77
C GLU H 89 19.00 -6.33 -31.63
N ASP H 90 19.95 -6.11 -30.72
CA ASP H 90 20.12 -7.02 -29.59
C ASP H 90 19.02 -6.88 -28.56
N THR H 91 18.22 -5.81 -28.61
CA THR H 91 17.10 -5.63 -27.69
C THR H 91 16.12 -6.79 -27.81
N ALA H 92 16.04 -7.62 -26.78
CA ALA H 92 15.21 -8.83 -26.82
C ALA H 92 15.12 -9.38 -25.40
N VAL H 93 14.20 -10.32 -25.23
CA VAL H 93 14.11 -11.09 -23.99
C VAL H 93 14.99 -12.32 -24.14
N TYR H 94 15.94 -12.48 -23.23
CA TYR H 94 16.93 -13.54 -23.29
C TYR H 94 16.59 -14.63 -22.28
N TYR H 95 16.54 -15.86 -22.75
CA TYR H 95 16.27 -17.02 -21.91
C TYR H 95 17.51 -17.91 -21.86
N CYS H 96 17.74 -18.52 -20.71
CA CYS H 96 18.74 -19.59 -20.60
C CYS H 96 18.01 -20.92 -20.52
N ALA H 97 18.52 -21.90 -21.26
CA ALA H 97 17.84 -23.18 -21.42
C ALA H 97 18.81 -24.31 -21.13
N LYS H 98 18.35 -25.29 -20.35
CA LYS H 98 19.09 -26.53 -20.12
C LYS H 98 18.62 -27.54 -21.15
N ASP H 99 19.58 -28.17 -21.82
CA ASP H 99 19.25 -29.07 -22.91
C ASP H 99 18.90 -30.46 -22.37
N THR H 100 18.04 -31.16 -23.13
CA THR H 100 17.70 -32.53 -22.80
C THR H 100 18.85 -33.48 -23.09
N GLY H 101 19.84 -33.04 -23.86
CA GLY H 101 20.95 -33.90 -24.20
C GLY H 101 21.93 -34.05 -23.06
N TYR H 102 22.76 -35.07 -23.16
CA TYR H 102 23.75 -35.41 -22.16
C TYR H 102 25.14 -35.05 -22.68
N CYS H 103 25.73 -34.01 -22.10
CA CYS H 103 27.04 -33.52 -22.50
C CYS H 103 27.91 -33.48 -21.24
N GLY H 104 29.04 -32.79 -21.33
CA GLY H 104 29.87 -32.59 -20.15
C GLY H 104 31.32 -32.94 -20.38
N ASP H 105 31.83 -33.88 -19.60
CA ASP H 105 33.24 -34.22 -19.67
C ASP H 105 33.55 -34.88 -21.00
N ASP H 106 34.55 -34.33 -21.70
CA ASP H 106 35.00 -34.84 -23.00
C ASP H 106 33.89 -34.81 -24.06
N CYS H 107 32.97 -33.85 -23.96
CA CYS H 107 31.98 -33.64 -25.02
C CYS H 107 32.28 -32.34 -25.75
N TYR H 108 31.69 -32.21 -26.93
CA TYR H 108 31.88 -31.03 -27.77
C TYR H 108 30.53 -30.43 -28.15
N ILE H 109 30.45 -29.10 -28.09
CA ILE H 109 29.31 -28.37 -28.61
C ILE H 109 29.39 -28.42 -30.13
N LYS H 110 28.31 -28.04 -30.82
CA LYS H 110 28.21 -28.05 -32.27
C LYS H 110 28.15 -29.47 -32.82
N LEU H 111 28.36 -30.45 -31.94
CA LEU H 111 28.19 -31.86 -32.28
C LEU H 111 26.98 -32.48 -31.62
N ILE H 112 26.20 -31.68 -30.89
CA ILE H 112 25.04 -32.19 -30.18
C ILE H 112 23.78 -31.86 -30.97
N ARG H 113 22.68 -32.49 -30.59
CA ARG H 113 21.41 -32.29 -31.26
C ARG H 113 20.29 -32.76 -30.33
N GLY H 114 19.23 -31.96 -30.22
CA GLY H 114 18.15 -32.32 -29.34
C GLY H 114 17.20 -31.18 -29.03
N GLY H 115 16.93 -30.95 -27.76
CA GLY H 115 16.03 -29.90 -27.35
C GLY H 115 16.26 -29.44 -25.93
N PRO H 116 15.73 -28.27 -25.59
CA PRO H 116 15.89 -27.75 -24.22
C PRO H 116 14.94 -28.45 -23.25
N ASP H 117 15.50 -28.98 -22.16
CA ASP H 117 14.69 -29.54 -21.10
C ASP H 117 13.84 -28.46 -20.45
N TYR H 118 14.49 -27.46 -19.84
CA TYR H 118 13.80 -26.44 -19.07
C TYR H 118 14.30 -25.06 -19.49
N TRP H 119 13.48 -24.06 -19.23
CA TRP H 119 13.78 -22.68 -19.57
C TRP H 119 13.66 -21.81 -18.33
N GLY H 120 14.50 -20.78 -18.27
CA GLY H 120 14.40 -19.80 -17.21
C GLY H 120 13.22 -18.86 -17.43
N GLN H 121 13.00 -18.01 -16.43
CA GLN H 121 11.87 -17.08 -16.51
C GLN H 121 12.06 -16.05 -17.61
N GLY H 122 13.31 -15.74 -17.96
CA GLY H 122 13.58 -14.77 -19.00
C GLY H 122 13.81 -13.37 -18.47
N THR H 123 14.85 -12.71 -18.99
CA THR H 123 15.19 -11.35 -18.60
C THR H 123 15.27 -10.48 -19.84
N LEU H 124 14.80 -9.24 -19.72
CA LEU H 124 14.70 -8.32 -20.85
C LEU H 124 15.88 -7.34 -20.84
N VAL H 125 16.47 -7.14 -22.00
CA VAL H 125 17.52 -6.14 -22.21
C VAL H 125 17.08 -5.20 -23.33
N THR H 126 17.20 -3.90 -23.08
CA THR H 126 16.85 -2.88 -24.06
C THR H 126 18.09 -2.08 -24.42
N VAL H 127 18.34 -1.93 -25.71
CA VAL H 127 19.45 -1.15 -26.22
C VAL H 127 18.85 0.05 -26.96
N SER H 128 19.02 1.25 -26.39
CA SER H 128 18.50 2.46 -27.00
C SER H 128 19.21 3.65 -26.37
N SER H 129 19.02 4.81 -26.98
CA SER H 129 19.64 6.05 -26.54
C SER H 129 18.56 6.90 -25.86
N ALA H 130 18.36 6.66 -24.57
CA ALA H 130 17.39 7.39 -23.77
C ALA H 130 17.66 7.10 -22.31
N SER H 131 17.31 8.06 -21.46
CA SER H 131 17.57 7.96 -20.03
C SER H 131 16.43 7.23 -19.34
N THR H 132 16.77 6.46 -18.30
CA THR H 132 15.76 5.82 -17.47
C THR H 132 14.97 6.85 -16.69
N LYS H 133 13.67 6.58 -16.52
CA LYS H 133 12.78 7.46 -15.78
C LYS H 133 11.79 6.60 -15.00
N GLY H 134 11.64 6.89 -13.71
CA GLY H 134 10.72 6.16 -12.88
C GLY H 134 9.27 6.42 -13.24
N PRO H 135 8.40 5.46 -12.97
CA PRO H 135 6.99 5.60 -13.34
C PRO H 135 6.21 6.42 -12.32
N SER H 136 5.12 7.02 -12.82
CA SER H 136 4.13 7.68 -11.98
C SER H 136 2.89 6.80 -11.90
N VAL H 137 2.44 6.51 -10.68
CA VAL H 137 1.32 5.62 -10.43
C VAL H 137 0.14 6.45 -9.94
N PHE H 138 -0.99 6.34 -10.63
CA PHE H 138 -2.19 7.08 -10.29
C PHE H 138 -3.35 6.12 -10.04
N PRO H 139 -4.24 6.46 -9.10
CA PRO H 139 -5.38 5.56 -8.81
C PRO H 139 -6.55 5.79 -9.75
N LEU H 140 -7.19 4.69 -10.15
CA LEU H 140 -8.43 4.73 -10.92
C LEU H 140 -9.56 4.16 -10.06
N ALA H 141 -10.40 5.04 -9.52
CA ALA H 141 -11.39 4.62 -8.54
C ALA H 141 -12.81 4.96 -8.96
N PRO H 142 -13.78 4.06 -8.70
CA PRO H 142 -15.19 4.39 -9.01
C PRO H 142 -15.78 5.37 -8.01
N SER H 143 -17.08 5.69 -8.14
CA SER H 143 -17.78 6.49 -7.14
C SER H 143 -19.22 6.06 -6.89
N SER H 144 -19.69 5.01 -7.56
CA SER H 144 -21.05 4.54 -7.39
C SER H 144 -21.13 3.03 -7.43
N GLY H 150 -23.31 -4.70 -8.59
CA GLY H 150 -22.77 -5.72 -7.72
C GLY H 150 -21.28 -5.97 -7.92
N THR H 151 -20.75 -5.47 -9.04
CA THR H 151 -19.34 -5.62 -9.37
C THR H 151 -18.77 -4.25 -9.72
N ALA H 152 -17.66 -3.90 -9.08
CA ALA H 152 -16.99 -2.64 -9.32
C ALA H 152 -15.55 -2.89 -9.73
N ALA H 153 -14.98 -1.95 -10.48
CA ALA H 153 -13.64 -2.08 -11.01
C ALA H 153 -12.77 -0.93 -10.52
N LEU H 154 -11.52 -1.25 -10.20
CA LEU H 154 -10.52 -0.26 -9.81
C LEU H 154 -9.19 -0.67 -10.40
N GLY H 155 -8.22 0.24 -10.34
CA GLY H 155 -6.91 -0.06 -10.90
C GLY H 155 -5.94 1.08 -10.71
N CYS H 156 -4.78 0.93 -11.34
CA CYS H 156 -3.69 1.89 -11.26
C CYS H 156 -3.17 2.18 -12.65
N LEU H 157 -2.78 3.42 -12.89
CA LEU H 157 -2.22 3.85 -14.17
C LEU H 157 -0.72 4.09 -13.98
N VAL H 158 0.09 3.30 -14.68
CA VAL H 158 1.54 3.40 -14.63
C VAL H 158 1.98 4.15 -15.89
N LYS H 159 2.32 5.42 -15.74
CA LYS H 159 2.54 6.31 -16.88
C LYS H 159 3.91 6.96 -16.77
N ASP H 160 4.49 7.25 -17.95
CA ASP H 160 5.72 8.04 -18.08
C ASP H 160 6.91 7.34 -17.41
N TYR H 161 7.20 6.14 -17.89
CA TYR H 161 8.36 5.39 -17.46
C TYR H 161 9.12 4.90 -18.68
N PHE H 162 10.42 4.64 -18.49
CA PHE H 162 11.25 4.10 -19.56
C PHE H 162 12.46 3.45 -18.91
N PRO H 163 12.90 2.28 -19.40
CA PRO H 163 12.29 1.47 -20.46
C PRO H 163 11.37 0.40 -19.90
N GLU H 164 10.92 -0.52 -20.76
CA GLU H 164 10.19 -1.68 -20.29
C GLU H 164 11.13 -2.59 -19.49
N PRO H 165 10.59 -3.43 -18.60
CA PRO H 165 9.18 -3.57 -18.22
C PRO H 165 8.89 -3.07 -16.80
N VAL H 166 7.62 -3.02 -16.42
CA VAL H 166 7.20 -2.79 -15.04
C VAL H 166 6.36 -3.98 -14.61
N THR H 167 6.45 -4.32 -13.32
CA THR H 167 5.70 -5.42 -12.74
C THR H 167 4.70 -4.86 -11.74
N VAL H 168 3.44 -5.26 -11.90
CA VAL H 168 2.34 -4.77 -11.07
C VAL H 168 1.69 -5.97 -10.38
N SER H 169 1.58 -5.89 -9.05
CA SER H 169 0.87 -6.88 -8.25
C SER H 169 -0.15 -6.16 -7.39
N TRP H 170 -1.07 -6.93 -6.82
CA TRP H 170 -2.14 -6.39 -5.99
C TRP H 170 -2.12 -7.07 -4.62
N ASN H 171 -2.13 -6.24 -3.57
CA ASN H 171 -2.11 -6.74 -2.19
C ASN H 171 -0.92 -7.66 -1.94
N SER H 172 0.24 -7.27 -2.49
CA SER H 172 1.49 -8.03 -2.35
C SER H 172 1.33 -9.47 -2.84
N GLY H 173 0.59 -9.63 -3.94
CA GLY H 173 0.39 -10.93 -4.54
C GLY H 173 -0.77 -11.73 -3.98
N ALA H 174 -1.51 -11.19 -3.01
CA ALA H 174 -2.64 -11.91 -2.45
C ALA H 174 -3.89 -11.81 -3.32
N LEU H 175 -3.93 -10.84 -4.23
CA LEU H 175 -5.08 -10.64 -5.11
C LEU H 175 -4.66 -11.00 -6.53
N THR H 176 -5.21 -12.10 -7.05
CA THR H 176 -4.88 -12.59 -8.37
C THR H 176 -6.09 -12.73 -9.28
N SER H 177 -7.24 -13.13 -8.75
CA SER H 177 -8.43 -13.31 -9.57
C SER H 177 -8.98 -11.96 -10.02
N GLY H 178 -9.29 -11.86 -11.32
CA GLY H 178 -9.87 -10.66 -11.88
C GLY H 178 -8.89 -9.56 -12.22
N VAL H 179 -7.60 -9.79 -12.05
CA VAL H 179 -6.58 -8.79 -12.32
C VAL H 179 -6.21 -8.84 -13.80
N HIS H 180 -6.25 -7.69 -14.46
CA HIS H 180 -5.86 -7.57 -15.87
C HIS H 180 -4.86 -6.44 -16.01
N THR H 181 -3.60 -6.79 -16.27
CA THR H 181 -2.54 -5.81 -16.51
C THR H 181 -2.36 -5.67 -18.02
N PHE H 182 -2.64 -4.47 -18.55
CA PHE H 182 -2.62 -4.27 -19.98
C PHE H 182 -1.20 -4.06 -20.49
N PRO H 183 -0.93 -4.46 -21.74
CA PRO H 183 0.39 -4.18 -22.33
C PRO H 183 0.63 -2.68 -22.46
N ALA H 184 1.89 -2.29 -22.29
CA ALA H 184 2.26 -0.89 -22.36
C ALA H 184 2.13 -0.38 -23.79
N VAL H 185 1.83 0.92 -23.91
CA VAL H 185 1.77 1.60 -25.19
C VAL H 185 2.82 2.70 -25.20
N LEU H 186 3.49 2.86 -26.33
CA LEU H 186 4.55 3.86 -26.47
C LEU H 186 3.94 5.18 -26.88
N GLN H 187 4.07 6.19 -26.02
CA GLN H 187 3.51 7.51 -26.29
C GLN H 187 4.41 8.28 -27.25
N SER H 188 3.88 9.41 -27.73
CA SER H 188 4.66 10.26 -28.62
C SER H 188 5.88 10.87 -27.93
N SER H 189 5.89 10.92 -26.60
CA SER H 189 7.03 11.41 -25.85
C SER H 189 8.16 10.40 -25.74
N GLY H 190 7.94 9.17 -26.19
CA GLY H 190 8.94 8.12 -26.06
C GLY H 190 8.87 7.32 -24.77
N LEU H 191 7.92 7.63 -23.90
CA LEU H 191 7.78 6.92 -22.63
C LEU H 191 6.59 5.95 -22.71
N TYR H 192 6.66 4.91 -21.89
CA TYR H 192 5.62 3.89 -21.88
C TYR H 192 4.57 4.20 -20.82
N SER H 193 3.36 3.70 -21.05
CA SER H 193 2.25 3.89 -20.13
C SER H 193 1.32 2.70 -20.23
N LEU H 194 1.00 2.10 -19.08
CA LEU H 194 0.05 1.00 -19.03
C LEU H 194 -0.83 1.16 -17.80
N SER H 195 -1.87 0.34 -17.73
CA SER H 195 -2.79 0.33 -16.61
C SER H 195 -3.09 -1.10 -16.21
N SER H 196 -3.16 -1.35 -14.91
CA SER H 196 -3.52 -2.65 -14.37
C SER H 196 -4.78 -2.48 -13.54
N VAL H 197 -5.82 -3.25 -13.85
CA VAL H 197 -7.12 -3.11 -13.22
C VAL H 197 -7.52 -4.45 -12.63
N VAL H 198 -8.49 -4.39 -11.72
CA VAL H 198 -9.05 -5.58 -11.09
C VAL H 198 -10.51 -5.31 -10.81
N THR H 199 -11.35 -6.33 -11.03
CA THR H 199 -12.76 -6.27 -10.74
C THR H 199 -13.05 -7.02 -9.45
N VAL H 200 -13.70 -6.35 -8.51
CA VAL H 200 -13.99 -6.90 -7.19
C VAL H 200 -15.46 -6.68 -6.89
N PRO H 201 -16.04 -7.52 -6.02
CA PRO H 201 -17.44 -7.31 -5.63
C PRO H 201 -17.63 -5.94 -4.99
N SER H 202 -18.78 -5.33 -5.28
CA SER H 202 -19.09 -4.03 -4.71
C SER H 202 -19.15 -4.10 -3.19
N SER H 203 -19.50 -5.26 -2.64
CA SER H 203 -19.56 -5.44 -1.20
C SER H 203 -18.19 -5.40 -0.54
N SER H 204 -17.10 -5.56 -1.31
CA SER H 204 -15.77 -5.52 -0.75
C SER H 204 -15.21 -4.12 -0.58
N LEU H 205 -15.81 -3.11 -1.21
CA LEU H 205 -15.34 -1.73 -1.09
C LEU H 205 -15.76 -1.15 0.25
N GLY H 206 -14.79 -0.88 1.13
CA GLY H 206 -15.05 -0.39 2.47
C GLY H 206 -14.54 -1.31 3.56
N THR H 207 -14.40 -2.60 3.26
CA THR H 207 -13.84 -3.57 4.19
C THR H 207 -12.44 -4.02 3.81
N GLN H 208 -12.16 -4.13 2.51
CA GLN H 208 -10.88 -4.58 2.01
C GLN H 208 -10.16 -3.41 1.36
N THR H 209 -8.91 -3.19 1.76
CA THR H 209 -8.08 -2.15 1.16
C THR H 209 -7.31 -2.75 -0.01
N TYR H 210 -7.30 -2.03 -1.13
CA TYR H 210 -6.66 -2.48 -2.35
C TYR H 210 -5.46 -1.59 -2.63
N ILE H 211 -4.29 -2.21 -2.78
CA ILE H 211 -3.04 -1.51 -3.03
C ILE H 211 -2.36 -2.17 -4.20
N CYS H 212 -1.96 -1.38 -5.18
CA CYS H 212 -1.20 -1.87 -6.33
C CYS H 212 0.28 -1.64 -6.07
N ASN H 213 1.08 -2.67 -6.31
CA ASN H 213 2.52 -2.61 -6.09
C ASN H 213 3.21 -2.58 -7.45
N VAL H 214 3.88 -1.46 -7.74
CA VAL H 214 4.55 -1.24 -9.02
C VAL H 214 6.05 -1.23 -8.79
N ASN H 215 6.76 -2.05 -9.56
CA ASN H 215 8.21 -2.14 -9.47
C ASN H 215 8.80 -1.89 -10.85
N HIS H 216 9.72 -0.93 -10.94
CA HIS H 216 10.42 -0.61 -12.18
C HIS H 216 11.90 -0.87 -11.94
N LYS H 217 12.33 -2.07 -12.31
CA LYS H 217 13.72 -2.48 -12.08
C LYS H 217 14.75 -1.59 -12.75
N PRO H 218 14.59 -1.15 -14.01
CA PRO H 218 15.63 -0.31 -14.62
C PRO H 218 15.92 0.98 -13.86
N SER H 219 14.92 1.55 -13.17
CA SER H 219 15.14 2.73 -12.35
C SER H 219 15.23 2.42 -10.87
N ASN H 220 15.13 1.15 -10.48
CA ASN H 220 15.20 0.73 -9.08
C ASN H 220 14.18 1.49 -8.23
N THR H 221 12.96 1.58 -8.74
CA THR H 221 11.89 2.28 -8.06
C THR H 221 10.78 1.30 -7.71
N LYS H 222 10.19 1.48 -6.53
CA LYS H 222 9.11 0.63 -6.06
C LYS H 222 8.08 1.51 -5.37
N VAL H 223 6.86 1.52 -5.90
CA VAL H 223 5.80 2.40 -5.43
C VAL H 223 4.58 1.56 -5.06
N ASP H 224 4.09 1.75 -3.83
CA ASP H 224 2.83 1.18 -3.40
C ASP H 224 1.78 2.28 -3.35
N LYS H 225 0.65 2.04 -4.01
CA LYS H 225 -0.41 3.04 -4.13
C LYS H 225 -1.73 2.42 -3.71
N ARG H 226 -2.39 3.03 -2.73
CA ARG H 226 -3.69 2.57 -2.27
C ARG H 226 -4.78 3.24 -3.10
N VAL H 227 -5.74 2.44 -3.57
CA VAL H 227 -6.85 2.93 -4.39
C VAL H 227 -8.09 2.97 -3.52
N GLU H 228 -8.63 4.17 -3.32
CA GLU H 228 -9.79 4.37 -2.48
C GLU H 228 -10.94 4.98 -3.28
N PRO H 229 -12.17 4.50 -3.07
CA PRO H 229 -13.32 5.06 -3.78
C PRO H 229 -13.57 6.50 -3.35
N LYS H 230 -13.44 7.43 -4.31
CA LYS H 230 -13.61 8.84 -4.01
C LYS H 230 -15.05 9.30 -4.25
N ASP I 1 21.65 -22.77 -44.07
CA ASP I 1 20.82 -22.98 -42.89
C ASP I 1 19.47 -23.58 -43.25
N ILE I 2 18.99 -24.50 -42.42
CA ILE I 2 17.71 -25.15 -42.64
C ILE I 2 16.61 -24.20 -42.21
N VAL I 3 15.79 -23.77 -43.17
CA VAL I 3 14.66 -22.88 -42.90
C VAL I 3 13.39 -23.72 -42.80
N MET I 4 12.53 -23.37 -41.85
CA MET I 4 11.29 -24.09 -41.60
C MET I 4 10.11 -23.14 -41.70
N THR I 5 9.07 -23.59 -42.40
CA THR I 5 7.87 -22.81 -42.63
C THR I 5 6.69 -23.45 -41.90
N GLN I 6 5.95 -22.64 -41.14
CA GLN I 6 4.76 -23.10 -40.44
C GLN I 6 3.52 -22.65 -41.19
N SER I 7 2.47 -23.48 -41.10
CA SER I 7 1.22 -23.20 -41.77
C SER I 7 0.07 -23.66 -40.88
N PRO I 8 -0.90 -22.78 -40.59
CA PRO I 8 -0.96 -21.36 -40.96
C PRO I 8 -0.22 -20.49 -39.96
N LEU I 9 -0.06 -19.19 -40.23
CA LEU I 9 0.54 -18.30 -39.24
C LEU I 9 -0.44 -17.95 -38.12
N SER I 10 -1.73 -17.86 -38.44
CA SER I 10 -2.79 -17.68 -37.45
C SER I 10 -3.80 -18.79 -37.61
N LEU I 11 -4.19 -19.42 -36.51
CA LEU I 11 -5.09 -20.57 -36.53
C LEU I 11 -6.26 -20.33 -35.57
N PRO I 12 -7.32 -19.67 -36.03
CA PRO I 12 -8.54 -19.59 -35.22
C PRO I 12 -9.21 -20.96 -35.14
N VAL I 13 -9.71 -21.28 -33.96
CA VAL I 13 -10.28 -22.59 -33.68
C VAL I 13 -11.35 -22.43 -32.61
N THR I 14 -12.40 -23.25 -32.70
CA THR I 14 -13.44 -23.22 -31.69
C THR I 14 -13.10 -24.19 -30.55
N LEU I 15 -13.71 -23.94 -29.39
CA LEU I 15 -13.46 -24.76 -28.23
C LEU I 15 -13.99 -26.18 -28.45
N GLY I 16 -13.14 -27.18 -28.19
CA GLY I 16 -13.54 -28.56 -28.28
C GLY I 16 -13.28 -29.25 -29.60
N GLN I 17 -12.90 -28.52 -30.65
CA GLN I 17 -12.64 -29.17 -31.92
C GLN I 17 -11.13 -29.32 -32.14
N PRO I 18 -10.71 -30.28 -32.96
CA PRO I 18 -9.28 -30.49 -33.19
C PRO I 18 -8.63 -29.34 -33.94
N ALA I 19 -7.32 -29.23 -33.77
CA ALA I 19 -6.50 -28.24 -34.47
C ALA I 19 -5.27 -28.92 -35.05
N SER I 20 -4.81 -28.40 -36.19
CA SER I 20 -3.69 -28.97 -36.93
C SER I 20 -2.69 -27.88 -37.31
N ILE I 21 -1.41 -28.17 -37.11
CA ILE I 21 -0.31 -27.26 -37.45
C ILE I 21 0.68 -28.02 -38.33
N SER I 22 1.05 -27.43 -39.46
CA SER I 22 1.97 -28.04 -40.40
C SER I 22 3.32 -27.33 -40.35
N CYS I 23 4.40 -28.12 -40.29
CA CYS I 23 5.76 -27.60 -40.26
C CYS I 23 6.57 -28.29 -41.36
N ARG I 24 7.16 -27.50 -42.25
CA ARG I 24 7.96 -28.03 -43.36
C ARG I 24 9.41 -27.58 -43.21
N SER I 25 10.32 -28.52 -43.43
CA SER I 25 11.75 -28.27 -43.34
C SER I 25 12.34 -28.21 -44.75
N SER I 26 13.25 -27.25 -44.96
CA SER I 26 13.90 -27.12 -46.26
C SER I 26 14.86 -28.27 -46.56
N GLN I 27 15.24 -29.04 -45.54
CA GLN I 27 16.18 -30.13 -45.70
C GLN I 27 15.69 -31.32 -44.89
N SER I 28 16.05 -32.52 -45.34
CA SER I 28 15.64 -33.74 -44.64
C SER I 28 16.16 -33.74 -43.21
N LEU I 29 15.27 -34.01 -42.26
CA LEU I 29 15.59 -33.97 -40.84
C LEU I 29 16.07 -35.29 -40.28
N VAL I 30 16.06 -36.36 -41.08
CA VAL I 30 16.55 -37.65 -40.60
C VAL I 30 18.06 -37.61 -40.48
N TYR I 31 18.60 -38.40 -39.57
CA TYR I 31 20.03 -38.46 -39.29
C TYR I 31 20.52 -39.89 -39.48
N SER I 32 21.85 -40.04 -39.46
CA SER I 32 22.48 -41.34 -39.66
C SER I 32 21.85 -42.44 -38.81
N ASP I 33 21.63 -42.17 -37.53
CA ASP I 33 21.06 -43.15 -36.62
C ASP I 33 19.54 -43.27 -36.74
N GLY I 34 18.95 -42.77 -37.82
CA GLY I 34 17.52 -42.85 -37.99
C GLY I 34 16.70 -42.06 -36.98
N ASN I 35 17.27 -41.01 -36.41
CA ASN I 35 16.58 -40.17 -35.44
C ASN I 35 16.25 -38.82 -36.05
N THR I 36 15.03 -38.35 -35.80
CA THR I 36 14.55 -37.07 -36.31
C THR I 36 14.37 -36.13 -35.14
N PHE I 37 15.17 -35.06 -35.09
CA PHE I 37 15.21 -34.14 -33.96
C PHE I 37 14.36 -32.91 -34.29
N LEU I 38 13.04 -33.10 -34.23
CA LEU I 38 12.09 -32.00 -34.35
C LEU I 38 11.34 -31.85 -33.04
N ASN I 39 11.20 -30.61 -32.58
CA ASN I 39 10.54 -30.32 -31.31
C ASN I 39 9.42 -29.32 -31.52
N TRP I 40 8.40 -29.40 -30.67
CA TRP I 40 7.26 -28.51 -30.70
C TRP I 40 7.16 -27.77 -29.37
N PHE I 41 7.06 -26.46 -29.43
CA PHE I 41 7.00 -25.61 -28.24
C PHE I 41 5.70 -24.83 -28.20
N GLN I 42 5.20 -24.62 -26.98
CA GLN I 42 4.06 -23.75 -26.73
C GLN I 42 4.54 -22.59 -25.87
N GLN I 43 4.24 -21.37 -26.30
CA GLN I 43 4.65 -20.16 -25.59
C GLN I 43 3.41 -19.35 -25.23
N ARG I 44 3.16 -19.22 -23.95
CA ARG I 44 2.09 -18.35 -23.45
C ARG I 44 2.61 -16.93 -23.34
N PRO I 45 1.72 -15.93 -23.41
CA PRO I 45 2.17 -14.54 -23.31
C PRO I 45 2.89 -14.26 -22.01
N GLY I 46 4.04 -13.61 -22.11
CA GLY I 46 4.84 -13.26 -20.95
C GLY I 46 5.51 -14.41 -20.26
N GLN I 47 5.53 -15.60 -20.87
CA GLN I 47 6.12 -16.78 -20.27
C GLN I 47 7.17 -17.37 -21.19
N SER I 48 8.05 -18.19 -20.61
CA SER I 48 9.06 -18.87 -21.39
C SER I 48 8.44 -20.01 -22.19
N PRO I 49 8.96 -20.27 -23.40
CA PRO I 49 8.46 -21.42 -24.17
C PRO I 49 8.70 -22.72 -23.44
N ARG I 50 7.74 -23.63 -23.54
CA ARG I 50 7.86 -24.96 -22.98
C ARG I 50 7.71 -25.99 -24.09
N ARG I 51 8.55 -27.01 -24.06
CA ARG I 51 8.58 -28.01 -25.12
C ARG I 51 7.43 -28.99 -24.94
N LEU I 52 6.53 -29.03 -25.91
CA LEU I 52 5.42 -29.98 -25.86
C LEU I 52 5.85 -31.37 -26.33
N ILE I 53 6.59 -31.43 -27.43
CA ILE I 53 6.95 -32.69 -28.07
C ILE I 53 8.42 -32.62 -28.47
N TYR I 54 9.14 -33.72 -28.24
CA TYR I 54 10.51 -33.87 -28.70
C TYR I 54 10.61 -35.09 -29.58
N GLN I 55 11.44 -35.01 -30.63
CA GLN I 55 11.64 -36.09 -31.59
C GLN I 55 10.32 -36.51 -32.22
N VAL I 56 9.68 -35.54 -32.89
CA VAL I 56 8.52 -35.76 -33.74
C VAL I 56 7.28 -36.16 -32.94
N SER I 57 7.37 -37.28 -32.21
CA SER I 57 6.18 -37.90 -31.62
C SER I 57 6.24 -38.13 -30.12
N ASN I 58 7.40 -37.99 -29.47
CA ASN I 58 7.52 -38.25 -28.05
C ASN I 58 7.14 -37.02 -27.24
N ARG I 59 6.19 -37.20 -26.32
CA ARG I 59 5.68 -36.11 -25.51
C ARG I 59 6.47 -35.99 -24.21
N ASP I 60 6.65 -34.75 -23.74
CA ASP I 60 7.33 -34.50 -22.48
C ASP I 60 6.40 -34.79 -21.30
N SER I 61 7.01 -34.93 -20.12
CA SER I 61 6.24 -35.15 -18.91
C SER I 61 5.41 -33.91 -18.58
N GLY I 62 4.19 -34.14 -18.09
CA GLY I 62 3.27 -33.07 -17.77
C GLY I 62 2.47 -32.54 -18.94
N VAL I 63 2.67 -33.08 -20.15
CA VAL I 63 1.93 -32.64 -21.32
C VAL I 63 0.64 -33.45 -21.44
N PRO I 64 -0.51 -32.79 -21.56
CA PRO I 64 -1.77 -33.53 -21.69
C PRO I 64 -1.82 -34.36 -22.96
N ASP I 65 -2.65 -35.42 -22.92
CA ASP I 65 -2.78 -36.34 -24.04
C ASP I 65 -3.39 -35.70 -25.28
N ARG I 66 -3.96 -34.49 -25.15
CA ARG I 66 -4.56 -33.82 -26.30
C ARG I 66 -3.54 -33.56 -27.40
N PHE I 67 -2.29 -33.28 -27.03
CA PHE I 67 -1.25 -32.96 -28.00
C PHE I 67 -0.66 -34.24 -28.60
N SER I 68 -0.51 -34.26 -29.92
CA SER I 68 0.09 -35.38 -30.61
C SER I 68 0.95 -34.88 -31.76
N GLY I 69 1.98 -35.64 -32.10
CA GLY I 69 2.90 -35.27 -33.16
C GLY I 69 3.10 -36.40 -34.14
N SER I 70 3.24 -36.04 -35.41
CA SER I 70 3.44 -37.02 -36.47
C SER I 70 4.22 -36.38 -37.61
N GLY I 71 4.62 -37.21 -38.56
CA GLY I 71 5.32 -36.77 -39.74
C GLY I 71 6.66 -37.48 -39.92
N SER I 72 7.28 -37.19 -41.05
CA SER I 72 8.57 -37.76 -41.40
C SER I 72 9.21 -36.92 -42.49
N GLY I 73 10.52 -37.08 -42.64
CA GLY I 73 11.27 -36.38 -43.67
C GLY I 73 11.19 -34.88 -43.55
N THR I 74 10.44 -34.25 -44.45
CA THR I 74 10.31 -32.80 -44.48
C THR I 74 8.98 -32.30 -43.93
N ASP I 75 7.95 -33.15 -43.89
CA ASP I 75 6.62 -32.74 -43.50
C ASP I 75 6.30 -33.29 -42.11
N PHE I 76 5.83 -32.42 -41.22
CA PHE I 76 5.47 -32.79 -39.87
C PHE I 76 4.19 -32.05 -39.48
N THR I 77 3.47 -32.61 -38.51
CA THR I 77 2.18 -32.05 -38.11
C THR I 77 2.01 -32.17 -36.61
N LEU I 78 1.57 -31.08 -35.99
CA LEU I 78 1.20 -31.07 -34.58
C LEU I 78 -0.31 -31.08 -34.46
N LYS I 79 -0.85 -32.04 -33.72
CA LYS I 79 -2.28 -32.23 -33.57
C LYS I 79 -2.71 -31.95 -32.14
N ILE I 80 -3.76 -31.16 -31.99
CA ILE I 80 -4.43 -30.96 -30.70
C ILE I 80 -5.78 -31.65 -30.78
N SER I 81 -6.01 -32.62 -29.90
CA SER I 81 -7.23 -33.42 -29.97
C SER I 81 -8.47 -32.56 -29.79
N ARG I 82 -8.57 -31.88 -28.65
CA ARG I 82 -9.69 -30.99 -28.36
C ARG I 82 -9.12 -29.76 -27.67
N VAL I 83 -9.20 -28.61 -28.34
CA VAL I 83 -8.54 -27.40 -27.85
C VAL I 83 -9.26 -26.90 -26.60
N GLU I 84 -8.48 -26.65 -25.55
CA GLU I 84 -8.98 -26.10 -24.30
C GLU I 84 -8.66 -24.62 -24.21
N ALA I 85 -9.15 -23.98 -23.14
CA ALA I 85 -8.93 -22.55 -22.96
C ALA I 85 -7.46 -22.23 -22.73
N GLU I 86 -6.75 -23.12 -22.03
CA GLU I 86 -5.34 -22.89 -21.73
C GLU I 86 -4.45 -23.05 -22.95
N ASP I 87 -4.96 -23.60 -24.05
CA ASP I 87 -4.14 -23.87 -25.23
C ASP I 87 -3.85 -22.61 -26.04
N VAL I 88 -4.44 -21.47 -25.70
CA VAL I 88 -4.17 -20.25 -26.43
C VAL I 88 -2.70 -19.85 -26.25
N GLY I 89 -2.10 -19.36 -27.33
CA GLY I 89 -0.70 -18.99 -27.31
C GLY I 89 -0.09 -19.22 -28.68
N VAL I 90 1.24 -19.14 -28.72
CA VAL I 90 2.00 -19.28 -29.95
C VAL I 90 2.73 -20.62 -29.92
N TYR I 91 2.65 -21.36 -31.02
CA TYR I 91 3.27 -22.67 -31.14
C TYR I 91 4.39 -22.62 -32.17
N TYR I 92 5.54 -23.18 -31.81
CA TYR I 92 6.73 -23.17 -32.65
C TYR I 92 7.21 -24.60 -32.89
N CYS I 93 7.67 -24.87 -34.11
CA CYS I 93 8.45 -26.07 -34.40
C CYS I 93 9.90 -25.67 -34.54
N MET I 94 10.79 -26.49 -33.97
CA MET I 94 12.22 -26.18 -33.96
C MET I 94 13.02 -27.34 -34.53
N GLN I 95 14.07 -27.00 -35.26
CA GLN I 95 14.97 -27.97 -35.87
C GLN I 95 16.20 -28.12 -34.97
N GLY I 96 16.45 -29.34 -34.51
CA GLY I 96 17.59 -29.58 -33.64
C GLY I 96 18.69 -30.44 -34.25
N THR I 97 18.43 -30.99 -35.44
CA THR I 97 19.37 -31.94 -36.02
C THR I 97 20.68 -31.30 -36.48
N HIS I 98 20.62 -30.05 -36.95
CA HIS I 98 21.78 -29.39 -37.51
C HIS I 98 21.92 -27.98 -36.97
N TRP I 99 23.15 -27.59 -36.68
CA TRP I 99 23.41 -26.22 -36.25
C TRP I 99 23.49 -25.31 -37.48
N PRO I 100 22.96 -24.08 -37.40
CA PRO I 100 22.31 -23.46 -36.23
C PRO I 100 20.88 -23.93 -36.02
N ARG I 101 20.43 -24.01 -34.77
CA ARG I 101 19.04 -24.35 -34.48
C ARG I 101 18.12 -23.25 -34.98
N THR I 102 17.21 -23.60 -35.86
CA THR I 102 16.29 -22.65 -36.48
C THR I 102 14.87 -22.89 -35.99
N PHE I 103 14.03 -21.87 -36.15
CA PHE I 103 12.65 -21.89 -35.67
C PHE I 103 11.70 -21.56 -36.82
N GLY I 104 10.49 -22.09 -36.72
CA GLY I 104 9.43 -21.68 -37.61
C GLY I 104 8.93 -20.28 -37.25
N GLN I 105 8.12 -19.72 -38.16
CA GLN I 105 7.58 -18.40 -37.92
C GLN I 105 6.69 -18.36 -36.69
N GLY I 106 6.08 -19.49 -36.33
CA GLY I 106 5.21 -19.56 -35.17
C GLY I 106 3.76 -19.32 -35.53
N THR I 107 2.87 -20.17 -35.03
CA THR I 107 1.45 -20.06 -35.30
C THR I 107 0.72 -19.58 -34.05
N LYS I 108 -0.19 -18.63 -34.23
CA LYS I 108 -0.97 -18.06 -33.14
C LYS I 108 -2.27 -18.83 -33.02
N LEU I 109 -2.39 -19.64 -31.97
CA LEU I 109 -3.60 -20.41 -31.72
C LEU I 109 -4.53 -19.57 -30.84
N GLU I 110 -5.56 -19.00 -31.46
CA GLU I 110 -6.59 -18.27 -30.73
C GLU I 110 -7.90 -19.03 -30.82
N ILE I 111 -8.69 -18.98 -29.75
CA ILE I 111 -9.90 -19.77 -29.62
C ILE I 111 -11.11 -18.85 -29.72
N LYS I 112 -12.21 -19.40 -30.24
CA LYS I 112 -13.46 -18.67 -30.41
C LYS I 112 -14.55 -19.34 -29.59
N ARG I 113 -15.27 -18.54 -28.81
CA ARG I 113 -16.23 -19.06 -27.84
C ARG I 113 -17.59 -18.36 -27.96
N THR I 114 -18.46 -18.60 -26.97
CA THR I 114 -19.75 -17.94 -26.93
C THR I 114 -19.60 -16.43 -26.79
N VAL I 115 -20.46 -15.70 -27.49
CA VAL I 115 -20.42 -14.24 -27.45
C VAL I 115 -20.69 -13.76 -26.03
N ALA I 116 -19.86 -12.82 -25.56
CA ALA I 116 -19.98 -12.27 -24.21
C ALA I 116 -19.95 -10.75 -24.28
N ALA I 117 -20.90 -10.11 -23.61
CA ALA I 117 -20.98 -8.65 -23.59
C ALA I 117 -19.90 -8.07 -22.69
N PRO I 118 -19.32 -6.93 -23.07
CA PRO I 118 -18.28 -6.32 -22.24
C PRO I 118 -18.84 -5.63 -21.00
N SER I 119 -18.04 -5.67 -19.94
CA SER I 119 -18.30 -4.87 -18.75
C SER I 119 -17.57 -3.54 -18.92
N VAL I 120 -18.33 -2.44 -18.93
CA VAL I 120 -17.80 -1.13 -19.28
C VAL I 120 -17.64 -0.30 -18.00
N PHE I 121 -16.43 0.21 -17.78
CA PHE I 121 -16.15 1.08 -16.66
C PHE I 121 -15.39 2.31 -17.17
N ILE I 122 -15.59 3.44 -16.49
CA ILE I 122 -14.93 4.69 -16.83
C ILE I 122 -14.25 5.22 -15.58
N PHE I 123 -13.04 5.77 -15.75
CA PHE I 123 -12.24 6.24 -14.64
C PHE I 123 -11.78 7.66 -14.91
N PRO I 124 -12.19 8.64 -14.12
CA PRO I 124 -11.69 10.00 -14.29
C PRO I 124 -10.22 10.08 -13.90
N PRO I 125 -9.49 11.07 -14.42
CA PRO I 125 -8.09 11.21 -14.03
C PRO I 125 -7.96 11.58 -12.56
N SER I 126 -6.92 11.05 -11.93
CA SER I 126 -6.69 11.31 -10.52
C SER I 126 -6.21 12.75 -10.31
N ASP I 127 -6.42 13.24 -9.09
CA ASP I 127 -5.96 14.58 -8.75
C ASP I 127 -4.44 14.68 -8.80
N GLU I 128 -3.74 13.58 -8.47
CA GLU I 128 -2.28 13.60 -8.54
C GLU I 128 -1.80 13.84 -9.97
N GLN I 129 -2.42 13.18 -10.95
CA GLN I 129 -2.06 13.40 -12.34
C GLN I 129 -2.40 14.82 -12.78
N LEU I 130 -3.52 15.36 -12.29
CA LEU I 130 -3.89 16.73 -12.61
C LEU I 130 -2.85 17.72 -12.11
N LYS I 131 -2.25 17.45 -10.95
CA LYS I 131 -1.17 18.30 -10.45
C LYS I 131 0.06 18.26 -11.35
N SER I 132 0.24 17.20 -12.13
CA SER I 132 1.36 17.10 -13.05
C SER I 132 1.12 17.82 -14.37
N GLY I 133 -0.11 18.26 -14.63
CA GLY I 133 -0.42 19.00 -15.84
C GLY I 133 -1.10 18.20 -16.93
N THR I 134 -1.32 16.90 -16.74
CA THR I 134 -1.98 16.07 -17.73
C THR I 134 -3.16 15.35 -17.09
N ALA I 135 -4.07 14.87 -17.94
CA ALA I 135 -5.26 14.18 -17.49
C ALA I 135 -5.52 13.00 -18.42
N SER I 136 -5.57 11.79 -17.85
CA SER I 136 -5.84 10.58 -18.61
C SER I 136 -7.15 9.98 -18.15
N VAL I 137 -8.12 9.90 -19.05
CA VAL I 137 -9.40 9.28 -18.79
C VAL I 137 -9.37 7.87 -19.37
N VAL I 138 -9.70 6.88 -18.55
CA VAL I 138 -9.56 5.47 -18.90
C VAL I 138 -10.94 4.85 -19.04
N CYS I 139 -11.11 4.06 -20.10
CA CYS I 139 -12.33 3.29 -20.32
C CYS I 139 -11.94 1.81 -20.40
N LEU I 140 -12.61 0.99 -19.60
CA LEU I 140 -12.27 -0.42 -19.47
C LEU I 140 -13.38 -1.27 -20.07
N LEU I 141 -13.00 -2.19 -20.95
CA LEU I 141 -13.91 -3.20 -21.51
C LEU I 141 -13.40 -4.55 -21.05
N ASN I 142 -14.07 -5.16 -20.08
CA ASN I 142 -13.59 -6.35 -19.41
C ASN I 142 -14.38 -7.58 -19.80
N ASN I 143 -13.66 -8.65 -20.17
CA ASN I 143 -14.23 -9.99 -20.34
C ASN I 143 -15.36 -10.01 -21.38
N PHE I 144 -14.96 -9.74 -22.62
CA PHE I 144 -15.89 -9.75 -23.74
C PHE I 144 -15.37 -10.67 -24.85
N TYR I 145 -16.30 -11.08 -25.71
CA TYR I 145 -15.97 -11.80 -26.94
C TYR I 145 -17.14 -11.58 -27.90
N PRO I 146 -16.87 -11.38 -29.21
CA PRO I 146 -15.59 -11.44 -29.91
C PRO I 146 -14.68 -10.23 -29.68
N ARG I 147 -13.44 -10.32 -30.19
CA ARG I 147 -12.47 -9.24 -30.00
C ARG I 147 -12.87 -7.97 -30.72
N GLU I 148 -13.69 -8.07 -31.77
CA GLU I 148 -14.10 -6.90 -32.53
C GLU I 148 -14.99 -6.02 -31.66
N ALA I 149 -14.51 -4.82 -31.35
CA ALA I 149 -15.25 -3.86 -30.54
C ALA I 149 -14.80 -2.46 -30.89
N LYS I 150 -15.71 -1.50 -30.72
CA LYS I 150 -15.47 -0.12 -31.08
C LYS I 150 -15.68 0.76 -29.86
N VAL I 151 -14.73 1.65 -29.59
CA VAL I 151 -14.78 2.56 -28.45
C VAL I 151 -14.75 3.98 -28.99
N GLN I 152 -15.69 4.79 -28.54
CA GLN I 152 -15.80 6.18 -28.96
C GLN I 152 -15.82 7.08 -27.74
N TRP I 153 -14.98 8.10 -27.74
CA TRP I 153 -14.89 9.05 -26.64
C TRP I 153 -15.71 10.29 -26.97
N LYS I 154 -16.52 10.74 -26.02
CA LYS I 154 -17.32 11.95 -26.18
C LYS I 154 -17.06 12.89 -25.01
N VAL I 155 -16.70 14.12 -25.33
CA VAL I 155 -16.47 15.17 -24.34
C VAL I 155 -17.53 16.22 -24.57
N ASP I 156 -18.47 16.33 -23.63
CA ASP I 156 -19.67 17.16 -23.80
C ASP I 156 -20.39 16.79 -25.09
N ASN I 157 -20.52 15.48 -25.32
CA ASN I 157 -21.16 14.87 -26.49
C ASN I 157 -20.44 15.16 -27.80
N ALA I 158 -19.20 15.63 -27.74
CA ALA I 158 -18.39 15.85 -28.93
C ALA I 158 -17.46 14.66 -29.10
N LEU I 159 -17.57 13.97 -30.23
CA LEU I 159 -16.80 12.75 -30.47
C LEU I 159 -15.34 13.09 -30.69
N GLN I 160 -14.46 12.48 -29.89
CA GLN I 160 -13.02 12.73 -29.96
C GLN I 160 -12.35 11.65 -30.81
N SER I 161 -11.34 12.07 -31.58
CA SER I 161 -10.58 11.16 -32.41
C SER I 161 -9.15 11.66 -32.53
N GLY I 162 -8.19 10.75 -32.35
CA GLY I 162 -6.78 11.05 -32.49
C GLY I 162 -6.04 11.31 -31.19
N ASN I 163 -6.78 11.57 -30.10
CA ASN I 163 -6.18 11.77 -28.79
C ASN I 163 -6.43 10.58 -27.86
N SER I 164 -6.72 9.42 -28.43
CA SER I 164 -6.99 8.22 -27.65
C SER I 164 -6.12 7.07 -28.14
N GLN I 165 -5.65 6.26 -27.20
CA GLN I 165 -4.88 5.07 -27.50
C GLN I 165 -5.51 3.89 -26.77
N GLU I 166 -5.62 2.77 -27.46
CA GLU I 166 -6.23 1.57 -26.89
C GLU I 166 -5.28 0.39 -27.01
N SER I 167 -5.39 -0.52 -26.04
CA SER I 167 -4.61 -1.74 -26.03
C SER I 167 -5.50 -2.90 -25.62
N VAL I 168 -5.18 -4.09 -26.11
CA VAL I 168 -6.00 -5.28 -25.90
C VAL I 168 -5.11 -6.35 -25.28
N THR I 169 -5.59 -6.96 -24.20
CA THR I 169 -4.89 -8.08 -23.59
C THR I 169 -5.00 -9.31 -24.47
N GLU I 170 -4.06 -10.23 -24.29
CA GLU I 170 -4.12 -11.51 -24.95
C GLU I 170 -5.33 -12.31 -24.45
N GLN I 171 -5.77 -13.26 -25.27
CA GLN I 171 -6.94 -14.06 -24.93
C GLN I 171 -6.72 -14.79 -23.62
N ASP I 172 -7.62 -14.59 -22.67
CA ASP I 172 -7.45 -15.09 -21.31
C ASP I 172 -7.50 -16.62 -21.29
N SER I 173 -6.55 -17.23 -20.60
CA SER I 173 -6.53 -18.69 -20.47
C SER I 173 -7.64 -19.21 -19.56
N LYS I 174 -8.23 -18.34 -18.75
CA LYS I 174 -9.23 -18.76 -17.77
C LYS I 174 -10.63 -18.83 -18.34
N ASP I 175 -11.02 -17.86 -19.18
CA ASP I 175 -12.38 -17.81 -19.70
C ASP I 175 -12.42 -17.50 -21.20
N SER I 176 -11.29 -17.48 -21.89
CA SER I 176 -11.21 -17.31 -23.34
C SER I 176 -11.74 -15.96 -23.80
N THR I 177 -11.76 -14.95 -22.93
CA THR I 177 -12.26 -13.63 -23.24
C THR I 177 -11.09 -12.65 -23.41
N TYR I 178 -11.41 -11.46 -23.90
CA TYR I 178 -10.45 -10.40 -24.11
C TYR I 178 -10.78 -9.20 -23.22
N SER I 179 -9.80 -8.32 -23.05
CA SER I 179 -9.99 -7.07 -22.33
C SER I 179 -9.32 -5.94 -23.09
N LEU I 180 -9.92 -4.76 -23.02
CA LEU I 180 -9.45 -3.59 -23.76
C LEU I 180 -9.40 -2.38 -22.84
N SER I 181 -8.34 -1.59 -22.96
CA SER I 181 -8.19 -0.36 -22.20
C SER I 181 -7.94 0.79 -23.16
N SER I 182 -8.83 1.79 -23.12
CA SER I 182 -8.70 2.98 -23.95
C SER I 182 -8.45 4.18 -23.05
N THR I 183 -7.46 4.99 -23.42
CA THR I 183 -7.03 6.12 -22.60
C THR I 183 -7.14 7.41 -23.40
N LEU I 184 -7.91 8.36 -22.90
CA LEU I 184 -8.03 9.69 -23.48
C LEU I 184 -7.13 10.65 -22.71
N THR I 185 -6.15 11.22 -23.40
CA THR I 185 -5.15 12.08 -22.77
C THR I 185 -5.43 13.53 -23.14
N LEU I 186 -5.61 14.37 -22.13
CA LEU I 186 -5.86 15.80 -22.32
C LEU I 186 -4.94 16.59 -21.40
N SER I 187 -4.69 17.83 -21.79
CA SER I 187 -3.94 18.73 -20.92
C SER I 187 -4.80 19.15 -19.74
N LYS I 188 -4.14 19.71 -18.72
CA LYS I 188 -4.85 20.13 -17.51
C LYS I 188 -5.88 21.20 -17.83
N ALA I 189 -5.50 22.18 -18.65
CA ALA I 189 -6.44 23.24 -19.02
C ALA I 189 -7.60 22.69 -19.85
N ASP I 190 -7.30 21.83 -20.83
CA ASP I 190 -8.36 21.28 -21.68
C ASP I 190 -9.31 20.40 -20.88
N TYR I 191 -8.79 19.61 -19.94
CA TYR I 191 -9.66 18.77 -19.13
C TYR I 191 -10.57 19.60 -18.24
N GLU I 192 -10.04 20.68 -17.67
CA GLU I 192 -10.83 21.55 -16.78
C GLU I 192 -11.76 22.49 -17.55
N LYS I 193 -11.67 22.53 -18.87
CA LYS I 193 -12.54 23.36 -19.69
C LYS I 193 -13.85 22.67 -20.06
N HIS I 194 -14.01 21.39 -19.72
CA HIS I 194 -15.19 20.62 -20.07
C HIS I 194 -15.72 19.91 -18.83
N LYS I 195 -16.97 19.43 -18.93
CA LYS I 195 -17.67 18.83 -17.80
C LYS I 195 -17.95 17.35 -18.00
N VAL I 196 -18.64 16.98 -19.08
CA VAL I 196 -19.13 15.62 -19.28
C VAL I 196 -18.13 14.84 -20.12
N TYR I 197 -17.68 13.70 -19.60
CA TYR I 197 -16.81 12.79 -20.32
C TYR I 197 -17.49 11.43 -20.36
N ALA I 198 -17.70 10.91 -21.57
CA ALA I 198 -18.48 9.69 -21.76
C ALA I 198 -17.71 8.73 -22.65
N CYS I 199 -17.86 7.43 -22.37
CA CYS I 199 -17.28 6.37 -23.18
C CYS I 199 -18.41 5.53 -23.74
N GLU I 200 -18.48 5.43 -25.07
CA GLU I 200 -19.50 4.66 -25.76
C GLU I 200 -18.87 3.42 -26.37
N VAL I 201 -19.45 2.26 -26.08
CA VAL I 201 -18.90 0.98 -26.50
C VAL I 201 -19.91 0.30 -27.42
N THR I 202 -19.44 -0.13 -28.58
CA THR I 202 -20.24 -0.89 -29.53
C THR I 202 -19.64 -2.28 -29.68
N HIS I 203 -20.48 -3.31 -29.51
CA HIS I 203 -20.02 -4.69 -29.53
C HIS I 203 -21.16 -5.59 -30.01
N GLN I 204 -20.77 -6.75 -30.56
CA GLN I 204 -21.77 -7.69 -31.07
C GLN I 204 -22.68 -8.21 -29.96
N GLY I 205 -22.12 -8.47 -28.78
CA GLY I 205 -22.91 -8.97 -27.67
C GLY I 205 -23.82 -7.93 -27.04
N LEU I 206 -23.74 -6.68 -27.47
CA LEU I 206 -24.62 -5.63 -26.96
C LEU I 206 -25.67 -5.31 -28.00
N SER I 207 -26.94 -5.38 -27.60
CA SER I 207 -28.02 -5.03 -28.52
C SER I 207 -27.98 -3.56 -28.89
N SER I 208 -27.50 -2.71 -27.99
CA SER I 208 -27.35 -1.29 -28.21
C SER I 208 -26.03 -0.84 -27.61
N PRO I 209 -25.44 0.24 -28.14
CA PRO I 209 -24.20 0.75 -27.55
C PRO I 209 -24.39 1.14 -26.09
N VAL I 210 -23.36 0.88 -25.28
CA VAL I 210 -23.39 1.12 -23.85
C VAL I 210 -22.53 2.34 -23.56
N THR I 211 -23.11 3.33 -22.87
CA THR I 211 -22.44 4.58 -22.55
C THR I 211 -22.28 4.70 -21.04
N LYS I 212 -21.04 4.89 -20.60
CA LYS I 212 -20.72 5.18 -19.20
C LYS I 212 -20.08 6.56 -19.14
N SER I 213 -20.63 7.43 -18.30
CA SER I 213 -20.23 8.83 -18.28
C SER I 213 -20.07 9.31 -16.85
N PHE I 214 -19.32 10.40 -16.70
CA PHE I 214 -19.16 11.07 -15.42
C PHE I 214 -19.04 12.57 -15.67
N ASN I 215 -19.33 13.35 -14.64
CA ASN I 215 -19.18 14.80 -14.67
C ASN I 215 -17.98 15.18 -13.83
N ARG I 216 -17.14 16.07 -14.38
CA ARG I 216 -15.94 16.48 -13.68
C ARG I 216 -16.30 17.23 -12.39
N GLY I 217 -15.74 16.77 -11.28
CA GLY I 217 -16.00 17.39 -9.99
C GLY I 217 -17.25 16.92 -9.30
N GLU I 218 -17.83 15.80 -9.72
CA GLU I 218 -19.04 15.29 -9.10
C GLU I 218 -18.87 13.81 -8.74
N ASN J 2 30.89 34.14 -9.72
CA ASN J 2 29.47 34.07 -9.42
C ASN J 2 29.22 34.24 -7.92
N LEU J 3 28.20 33.54 -7.42
CA LEU J 3 27.86 33.57 -6.00
C LEU J 3 28.65 32.51 -5.25
N CYS J 4 29.19 32.89 -4.10
CA CYS J 4 30.00 31.97 -3.32
C CYS J 4 29.14 30.80 -2.83
N PRO J 5 29.61 29.56 -2.95
CA PRO J 5 28.79 28.37 -2.64
C PRO J 5 28.66 28.08 -1.15
N PHE J 6 27.93 28.94 -0.45
CA PHE J 6 27.63 28.67 0.96
C PHE J 6 26.62 27.54 1.12
N GLY J 7 25.78 27.33 0.11
CA GLY J 7 24.83 26.22 0.18
C GLY J 7 25.49 24.86 0.21
N GLU J 8 26.64 24.72 -0.46
CA GLU J 8 27.38 23.46 -0.43
C GLU J 8 27.86 23.14 0.98
N VAL J 9 28.24 24.15 1.75
CA VAL J 9 28.76 23.91 3.10
C VAL J 9 27.63 23.76 4.10
N PHE J 10 26.70 24.71 4.12
CA PHE J 10 25.62 24.68 5.10
C PHE J 10 24.61 23.58 4.77
N ASN J 11 24.02 23.64 3.58
CA ASN J 11 23.02 22.65 3.16
C ASN J 11 23.66 21.44 2.49
N ALA J 12 24.46 20.73 3.27
CA ALA J 12 25.10 19.50 2.83
C ALA J 12 24.38 18.33 3.50
N THR J 13 24.17 17.26 2.72
CA THR J 13 23.39 16.13 3.22
C THR J 13 24.10 15.43 4.36
N ARG J 14 25.43 15.31 4.29
CA ARG J 14 26.22 14.66 5.33
C ARG J 14 27.27 15.65 5.83
N PHE J 15 27.54 15.61 7.13
CA PHE J 15 28.60 16.40 7.73
C PHE J 15 29.72 15.49 8.21
N ALA J 16 30.85 16.11 8.55
CA ALA J 16 32.05 15.39 8.95
C ALA J 16 32.18 15.36 10.47
N SER J 17 32.98 14.42 10.95
CA SER J 17 33.29 14.34 12.37
C SER J 17 34.20 15.50 12.77
N VAL J 18 34.17 15.81 14.07
CA VAL J 18 34.93 16.96 14.56
C VAL J 18 36.43 16.73 14.42
N TYR J 19 36.88 15.50 14.60
CA TYR J 19 38.30 15.19 14.41
C TYR J 19 38.71 15.23 12.94
N ALA J 20 37.75 15.07 12.03
CA ALA J 20 38.03 15.10 10.60
C ALA J 20 37.25 16.22 9.94
N TRP J 21 37.29 17.40 10.54
CA TRP J 21 36.49 18.53 10.07
C TRP J 21 36.84 18.89 8.62
N ASN J 22 35.80 19.16 7.83
CA ASN J 22 35.98 19.53 6.44
C ASN J 22 36.22 21.03 6.33
N ARG J 23 37.01 21.41 5.33
CA ARG J 23 37.32 22.81 5.06
C ARG J 23 37.09 23.11 3.59
N LYS J 24 36.32 24.15 3.32
CA LYS J 24 36.08 24.62 1.96
C LYS J 24 36.73 25.99 1.79
N ARG J 25 37.48 26.16 0.72
CA ARG J 25 38.17 27.41 0.45
C ARG J 25 37.30 28.27 -0.47
N ILE J 26 36.98 29.48 -0.02
CA ILE J 26 36.09 30.38 -0.74
C ILE J 26 36.93 31.52 -1.31
N SER J 27 36.95 31.62 -2.63
CA SER J 27 37.72 32.66 -3.31
C SER J 27 37.13 32.90 -4.69
N ASN J 28 37.40 34.09 -5.22
CA ASN J 28 36.98 34.50 -6.57
C ASN J 28 35.47 34.40 -6.73
N CYS J 29 34.76 35.06 -5.83
CA CYS J 29 33.30 35.11 -5.85
C CYS J 29 32.85 36.23 -4.92
N VAL J 30 31.60 36.65 -5.10
CA VAL J 30 30.97 37.63 -4.23
C VAL J 30 30.14 36.87 -3.19
N ALA J 31 30.32 37.22 -1.92
CA ALA J 31 29.69 36.53 -0.81
C ALA J 31 28.60 37.42 -0.23
N ASP J 32 27.34 37.04 -0.45
CA ASP J 32 26.19 37.74 0.11
C ASP J 32 25.79 37.04 1.40
N TYR J 33 25.94 37.75 2.53
CA TYR J 33 25.63 37.20 3.85
C TYR J 33 24.20 37.44 4.26
N SER J 34 23.38 38.04 3.40
CA SER J 34 21.99 38.34 3.76
C SER J 34 21.22 37.08 4.10
N VAL J 35 21.46 35.99 3.36
CA VAL J 35 20.78 34.73 3.65
C VAL J 35 21.17 34.20 5.02
N LEU J 36 22.41 34.43 5.43
CA LEU J 36 22.91 33.84 6.68
C LEU J 36 22.35 34.55 7.91
N TYR J 37 22.65 35.84 8.06
CA TYR J 37 22.26 36.54 9.28
C TYR J 37 20.76 36.84 9.35
N ASN J 38 20.04 36.71 8.24
CA ASN J 38 18.59 36.87 8.23
C ASN J 38 17.86 35.52 8.18
N SER J 39 18.48 34.47 8.70
CA SER J 39 17.88 33.15 8.79
C SER J 39 17.61 32.83 10.25
N ALA J 40 16.41 32.34 10.54
CA ALA J 40 16.01 32.02 11.91
C ALA J 40 16.26 30.56 12.28
N SER J 41 16.99 29.82 11.44
CA SER J 41 17.29 28.42 11.68
C SER J 41 18.67 28.23 12.32
N PHE J 42 19.17 29.22 13.05
CA PHE J 42 20.48 29.15 13.69
C PHE J 42 20.32 29.33 15.19
N SER J 43 20.82 28.35 15.96
CA SER J 43 20.78 28.44 17.41
C SER J 43 21.86 29.38 17.94
N THR J 44 23.03 29.38 17.31
CA THR J 44 24.16 30.20 17.74
C THR J 44 24.79 30.85 16.51
N PHE J 45 25.04 32.16 16.60
CA PHE J 45 25.72 32.93 15.54
C PHE J 45 26.57 33.98 16.24
N LYS J 46 27.83 33.65 16.50
CA LYS J 46 28.75 34.51 17.23
C LYS J 46 29.93 34.86 16.33
N CYS J 47 30.20 36.16 16.19
CA CYS J 47 31.29 36.65 15.38
C CYS J 47 32.35 37.31 16.26
N TYR J 48 33.60 37.21 15.82
CA TYR J 48 34.73 37.77 16.57
C TYR J 48 35.53 38.68 15.65
N GLY J 49 35.68 39.94 16.05
CA GLY J 49 36.44 40.92 15.30
C GLY J 49 35.74 41.48 14.08
N VAL J 50 34.56 40.99 13.74
CA VAL J 50 33.83 41.45 12.57
C VAL J 50 32.34 41.53 12.94
N SER J 51 31.68 42.60 12.49
CA SER J 51 30.24 42.69 12.72
C SER J 51 29.47 41.98 11.60
N PRO J 52 28.42 41.23 11.94
CA PRO J 52 27.67 40.50 10.90
C PRO J 52 27.02 41.41 9.88
N THR J 53 26.48 42.55 10.30
CA THR J 53 25.85 43.47 9.35
C THR J 53 26.89 44.12 8.43
N LYS J 54 28.05 44.47 8.98
CA LYS J 54 29.11 45.11 8.21
C LYS J 54 29.83 44.13 7.28
N LEU J 55 29.52 42.84 7.37
CA LEU J 55 30.22 41.84 6.55
C LEU J 55 30.05 42.12 5.07
N ASN J 56 28.86 42.54 4.65
CA ASN J 56 28.60 42.81 3.24
C ASN J 56 29.34 44.03 2.72
N ASP J 57 29.93 44.84 3.60
CA ASP J 57 30.67 46.03 3.22
C ASP J 57 32.18 45.86 3.34
N LEU J 58 32.66 44.63 3.39
CA LEU J 58 34.08 44.35 3.54
C LEU J 58 34.57 43.45 2.39
N CYS J 59 35.89 43.31 2.32
CA CYS J 59 36.54 42.46 1.34
C CYS J 59 37.70 41.73 2.01
N PHE J 60 37.81 40.43 1.74
CA PHE J 60 38.85 39.61 2.33
C PHE J 60 39.59 38.86 1.23
N THR J 61 40.84 38.49 1.53
CA THR J 61 41.64 37.73 0.58
C THR J 61 41.03 36.35 0.31
N ASN J 62 40.76 35.60 1.37
CA ASN J 62 40.15 34.28 1.24
C ASN J 62 39.27 34.02 2.45
N VAL J 63 38.30 33.11 2.27
CA VAL J 63 37.41 32.68 3.33
C VAL J 63 37.51 31.16 3.47
N TYR J 64 37.55 30.69 4.71
CA TYR J 64 37.64 29.26 5.01
C TYR J 64 36.39 28.84 5.77
N ALA J 65 35.65 27.88 5.23
CA ALA J 65 34.43 27.38 5.84
C ALA J 65 34.70 25.99 6.40
N ASP J 66 34.91 25.92 7.71
CA ASP J 66 35.12 24.64 8.40
C ASP J 66 33.79 24.12 8.91
N SER J 67 33.52 22.84 8.67
CA SER J 67 32.24 22.24 9.03
C SER J 67 32.46 20.91 9.73
N PHE J 68 31.73 20.71 10.83
CA PHE J 68 31.79 19.45 11.59
C PHE J 68 30.54 19.37 12.46
N VAL J 69 30.44 18.30 13.24
CA VAL J 69 29.30 18.06 14.11
C VAL J 69 29.80 17.74 15.51
N ILE J 70 29.23 18.43 16.50
CA ILE J 70 29.50 18.16 17.91
C ILE J 70 28.17 18.14 18.66
N ARG J 71 28.23 18.00 19.98
CA ARG J 71 27.05 18.08 20.82
C ARG J 71 26.87 19.51 21.33
N GLY J 72 25.67 19.77 21.87
CA GLY J 72 25.33 21.13 22.27
C GLY J 72 26.24 21.68 23.34
N ASP J 73 26.59 20.87 24.34
CA ASP J 73 27.41 21.34 25.45
C ASP J 73 28.82 21.75 25.00
N GLU J 74 29.27 21.29 23.83
CA GLU J 74 30.60 21.60 23.32
C GLU J 74 30.61 22.77 22.35
N VAL J 75 29.45 23.38 22.07
CA VAL J 75 29.41 24.50 21.14
C VAL J 75 30.19 25.69 21.71
N ARG J 76 30.13 25.89 23.02
CA ARG J 76 30.86 27.00 23.64
C ARG J 76 32.36 26.83 23.50
N GLN J 77 32.85 25.62 23.26
CA GLN J 77 34.28 25.39 23.08
C GLN J 77 34.80 25.86 21.73
N ILE J 78 33.91 26.13 20.78
CA ILE J 78 34.33 26.63 19.45
C ILE J 78 34.38 28.15 19.59
N ALA J 79 35.49 28.63 20.13
CA ALA J 79 35.74 30.05 20.37
C ALA J 79 37.20 30.25 20.71
N PRO J 80 37.78 31.41 20.41
CA PRO J 80 39.19 31.64 20.75
C PRO J 80 39.43 31.56 22.25
N GLY J 81 40.56 30.97 22.63
CA GLY J 81 40.94 30.91 24.02
C GLY J 81 40.16 29.94 24.88
N GLN J 82 39.46 28.99 24.27
CA GLN J 82 38.66 28.04 25.02
C GLN J 82 39.45 26.77 25.30
N THR J 83 38.99 26.02 26.30
CA THR J 83 39.58 24.75 26.68
C THR J 83 38.52 23.66 26.66
N GLY J 84 38.96 22.42 26.78
CA GLY J 84 38.10 21.27 26.69
C GLY J 84 38.60 20.26 25.68
N LYS J 85 37.93 19.11 25.65
CA LYS J 85 38.35 18.01 24.78
C LYS J 85 38.29 18.41 23.31
N ILE J 86 37.22 19.10 22.90
CA ILE J 86 37.11 19.52 21.52
C ILE J 86 38.15 20.59 21.20
N ALA J 87 38.29 21.59 22.06
CA ALA J 87 39.21 22.69 21.79
C ALA J 87 40.67 22.24 21.83
N ASP J 88 40.99 21.27 22.68
CA ASP J 88 42.37 20.82 22.83
C ASP J 88 42.75 19.72 21.85
N TYR J 89 41.85 18.77 21.59
CA TYR J 89 42.20 17.58 20.84
C TYR J 89 41.45 17.41 19.52
N ASN J 90 40.46 18.24 19.23
CA ASN J 90 39.68 18.08 18.00
C ASN J 90 39.75 19.28 17.08
N TYR J 91 39.45 20.48 17.58
CA TYR J 91 39.43 21.68 16.74
C TYR J 91 39.74 22.89 17.62
N LYS J 92 40.84 23.58 17.31
CA LYS J 92 41.32 24.69 18.11
C LYS J 92 41.29 25.96 17.28
N LEU J 93 40.69 27.02 17.83
CA LEU J 93 40.71 28.33 17.19
C LEU J 93 41.83 29.19 17.75
N PRO J 94 42.48 29.99 16.92
CA PRO J 94 43.58 30.84 17.41
C PRO J 94 43.05 31.97 18.28
N ASP J 95 43.96 32.52 19.09
CA ASP J 95 43.59 33.63 19.97
C ASP J 95 43.20 34.87 19.18
N ASP J 96 43.80 35.08 18.01
CA ASP J 96 43.49 36.20 17.14
C ASP J 96 42.50 35.84 16.04
N PHE J 97 41.57 34.94 16.35
CA PHE J 97 40.61 34.47 15.35
C PHE J 97 39.74 35.63 14.85
N THR J 98 39.55 35.69 13.54
CA THR J 98 38.73 36.72 12.90
C THR J 98 37.70 36.03 12.03
N GLY J 99 36.44 36.06 12.45
CA GLY J 99 35.39 35.38 11.73
C GLY J 99 34.21 35.10 12.63
N CYS J 100 33.32 34.26 12.12
CA CYS J 100 32.06 33.93 12.78
C CYS J 100 31.93 32.43 12.97
N VAL J 101 31.24 32.05 14.05
CA VAL J 101 30.94 30.64 14.34
C VAL J 101 29.42 30.50 14.31
N ILE J 102 28.94 29.57 13.49
CA ILE J 102 27.51 29.34 13.30
C ILE J 102 27.20 27.89 13.68
N ALA J 103 26.14 27.70 14.44
CA ALA J 103 25.76 26.37 14.90
C ALA J 103 24.25 26.28 14.99
N TRP J 104 23.69 25.13 14.58
CA TRP J 104 22.27 24.88 14.64
C TRP J 104 22.02 23.42 14.98
N ASN J 105 20.92 23.17 15.69
CA ASN J 105 20.58 21.81 16.07
C ASN J 105 20.22 20.97 14.86
N SER J 106 20.73 19.75 14.82
CA SER J 106 20.49 18.80 13.74
C SER J 106 20.10 17.44 14.27
N ASN J 107 19.31 17.42 15.34
CA ASN J 107 18.85 16.15 15.91
C ASN J 107 17.95 15.41 14.94
N ASN J 108 17.19 16.14 14.12
CA ASN J 108 16.29 15.51 13.16
C ASN J 108 17.03 14.84 12.01
N LEU J 109 18.25 15.30 11.70
CA LEU J 109 19.00 14.82 10.54
C LEU J 109 20.07 13.80 10.89
N ASP J 110 20.87 14.07 11.92
CA ASP J 110 22.07 13.29 12.21
C ASP J 110 21.88 12.33 13.38
N SER J 111 20.64 12.03 13.76
CA SER J 111 20.37 11.16 14.89
C SER J 111 19.36 10.09 14.50
N LYS J 112 19.54 8.90 15.06
CA LYS J 112 18.63 7.77 14.85
C LYS J 112 18.46 7.02 16.15
N VAL J 113 17.29 6.39 16.31
CA VAL J 113 17.06 5.52 17.47
C VAL J 113 18.06 4.38 17.46
N GLY J 114 18.66 4.13 18.62
CA GLY J 114 19.73 3.17 18.75
C GLY J 114 21.13 3.76 18.67
N GLY J 115 21.24 5.04 18.33
CA GLY J 115 22.53 5.71 18.31
C GLY J 115 23.14 5.85 16.93
N ASN J 116 23.52 7.07 16.57
CA ASN J 116 24.26 7.32 15.33
C ASN J 116 25.75 7.35 15.66
N TYR J 117 26.50 6.39 15.11
CA TYR J 117 27.90 6.21 15.43
C TYR J 117 28.82 6.62 14.29
N ASN J 118 28.32 7.41 13.34
CA ASN J 118 29.17 7.91 12.28
C ASN J 118 30.01 9.10 12.74
N TYR J 119 29.55 9.84 13.74
CA TYR J 119 30.25 11.02 14.22
C TYR J 119 31.12 10.65 15.41
N LEU J 120 32.40 11.00 15.32
CA LEU J 120 33.40 10.64 16.32
C LEU J 120 34.10 11.88 16.83
N TYR J 121 34.74 11.75 17.99
CA TYR J 121 35.55 12.82 18.55
C TYR J 121 36.81 12.21 19.16
N ARG J 122 37.90 12.97 19.11
CA ARG J 122 39.16 12.53 19.69
C ARG J 122 39.14 12.74 21.20
N LEU J 123 39.35 11.66 21.94
CA LEU J 123 39.33 11.72 23.40
C LEU J 123 40.71 11.79 24.02
N PHE J 124 41.71 11.16 23.41
CA PHE J 124 43.06 11.12 23.95
C PHE J 124 44.05 11.74 22.97
N ARG J 125 45.00 12.51 23.50
CA ARG J 125 46.10 13.05 22.72
C ARG J 125 47.18 13.51 23.67
N LYS J 126 48.44 13.31 23.28
CA LYS J 126 49.56 13.65 24.16
C LYS J 126 49.66 15.15 24.38
N SER J 127 49.41 15.94 23.33
CA SER J 127 49.52 17.39 23.40
C SER J 127 48.29 18.02 22.78
N ASN J 128 48.08 19.30 23.11
CA ASN J 128 46.95 20.03 22.57
C ASN J 128 47.18 20.33 21.08
N LEU J 129 46.07 20.54 20.36
CA LEU J 129 46.15 20.90 18.96
C LEU J 129 46.48 22.37 18.80
N LYS J 130 47.37 22.68 17.86
CA LYS J 130 47.61 24.04 17.45
C LYS J 130 46.42 24.53 16.62
N PRO J 131 46.25 25.85 16.48
CA PRO J 131 45.09 26.38 15.74
C PRO J 131 45.00 25.81 14.34
N PHE J 132 43.77 25.44 13.95
CA PHE J 132 43.47 24.91 12.62
C PHE J 132 44.23 23.63 12.31
N GLU J 133 44.53 22.83 13.33
CA GLU J 133 45.18 21.54 13.12
C GLU J 133 44.12 20.46 12.99
N ARG J 134 44.38 19.50 12.10
CA ARG J 134 43.46 18.40 11.81
C ARG J 134 44.20 17.09 12.05
N ASP J 135 43.87 16.41 13.14
CA ASP J 135 44.52 15.17 13.53
C ASP J 135 43.54 14.03 13.32
N ILE J 136 43.83 13.17 12.35
CA ILE J 136 43.00 12.00 12.07
C ILE J 136 43.74 10.70 12.39
N SER J 137 44.80 10.79 13.19
CA SER J 137 45.57 9.61 13.57
C SER J 137 44.73 8.69 14.44
N THR J 138 44.92 7.38 14.25
CA THR J 138 44.25 6.36 15.04
C THR J 138 45.24 5.55 15.88
N GLU J 139 46.43 6.10 16.11
CA GLU J 139 47.43 5.38 16.90
C GLU J 139 46.94 5.17 18.32
N ILE J 140 47.27 4.01 18.89
CA ILE J 140 46.81 3.66 20.22
C ILE J 140 47.44 4.58 21.25
N TYR J 141 46.61 5.17 22.10
CA TYR J 141 47.09 6.08 23.13
C TYR J 141 47.72 5.31 24.28
N GLN J 142 48.93 5.71 24.67
CA GLN J 142 49.65 5.06 25.75
C GLN J 142 49.44 5.88 27.02
N ALA J 143 48.55 5.39 27.89
CA ALA J 143 48.27 6.04 29.17
C ALA J 143 49.22 5.59 30.28
N GLY J 144 50.08 4.60 30.02
CA GLY J 144 51.03 4.15 31.00
C GLY J 144 52.45 4.16 30.48
N SER J 145 53.32 3.35 31.08
CA SER J 145 54.72 3.27 30.68
C SER J 145 55.02 2.08 29.78
N THR J 146 54.01 1.23 29.50
CA THR J 146 54.21 0.08 28.64
C THR J 146 53.85 0.43 27.20
N PRO J 147 54.75 0.21 26.24
CA PRO J 147 54.42 0.49 24.84
C PRO J 147 53.24 -0.35 24.37
N CYS J 148 52.36 0.28 23.59
CA CYS J 148 51.13 -0.37 23.18
C CYS J 148 51.34 -1.28 21.98
N ASN J 149 52.17 -0.85 21.02
CA ASN J 149 52.46 -1.64 19.82
C ASN J 149 51.18 -1.96 19.04
N GLY J 150 50.25 -1.01 19.02
CA GLY J 150 49.10 -1.11 18.15
C GLY J 150 47.98 -2.03 18.60
N VAL J 151 48.04 -2.55 19.82
CA VAL J 151 47.00 -3.42 20.34
C VAL J 151 46.38 -2.77 21.56
N GLU J 152 45.05 -2.74 21.61
CA GLU J 152 44.34 -2.14 22.74
C GLU J 152 44.48 -3.01 23.99
N GLY J 153 44.26 -2.38 25.13
CA GLY J 153 44.36 -3.08 26.40
C GLY J 153 44.37 -2.08 27.55
N PHE J 154 44.83 -2.55 28.71
CA PHE J 154 44.97 -1.66 29.85
C PHE J 154 46.08 -0.64 29.56
N ASN J 155 45.79 0.63 29.84
CA ASN J 155 46.69 1.75 29.55
C ASN J 155 47.01 1.85 28.06
N CYS J 156 46.15 1.29 27.21
CA CYS J 156 46.32 1.36 25.75
C CYS J 156 44.93 1.44 25.15
N TYR J 157 44.48 2.66 24.84
CA TYR J 157 43.10 2.91 24.47
C TYR J 157 43.04 3.55 23.08
N PHE J 158 41.96 3.23 22.37
CA PHE J 158 41.72 3.85 21.07
C PHE J 158 41.46 5.35 21.25
N PRO J 159 42.17 6.22 20.52
CA PRO J 159 42.03 7.66 20.78
C PRO J 159 40.66 8.23 20.45
N LEU J 160 39.88 7.58 19.59
CA LEU J 160 38.60 8.11 19.16
C LEU J 160 37.45 7.46 19.90
N GLN J 161 36.38 8.23 20.10
CA GLN J 161 35.12 7.74 20.65
C GLN J 161 33.96 8.28 19.83
N SER J 162 32.85 7.56 19.90
CA SER J 162 31.65 7.91 19.17
C SER J 162 30.67 8.65 20.08
N TYR J 163 29.98 9.63 19.51
CA TYR J 163 28.97 10.35 20.27
C TYR J 163 27.74 9.47 20.53
N GLY J 164 27.30 8.71 19.52
CA GLY J 164 26.12 7.91 19.66
C GLY J 164 24.87 8.74 19.85
N PHE J 165 24.60 9.64 18.90
CA PHE J 165 23.49 10.57 19.04
C PHE J 165 22.16 9.84 18.96
N GLN J 166 21.30 10.09 19.97
CA GLN J 166 19.95 9.57 20.00
C GLN J 166 18.94 10.71 20.17
N PRO J 167 17.78 10.62 19.53
CA PRO J 167 16.79 11.70 19.65
C PRO J 167 16.26 11.87 21.07
N THR J 168 16.35 10.85 21.91
CA THR J 168 15.89 10.93 23.29
C THR J 168 16.88 11.65 24.20
N ASN J 169 18.08 11.96 23.72
CA ASN J 169 19.04 12.67 24.54
C ASN J 169 18.59 14.10 24.80
N GLY J 170 19.09 14.67 25.90
CA GLY J 170 18.81 16.05 26.21
C GLY J 170 19.43 17.00 25.20
N VAL J 171 18.96 18.24 25.22
CA VAL J 171 19.41 19.23 24.26
C VAL J 171 20.91 19.47 24.38
N GLY J 172 21.48 19.26 25.57
CA GLY J 172 22.91 19.40 25.75
C GLY J 172 23.72 18.30 25.10
N TYR J 173 23.11 17.14 24.84
CA TYR J 173 23.79 16.02 24.20
C TYR J 173 23.28 15.75 22.79
N GLN J 174 22.43 16.62 22.25
CA GLN J 174 21.95 16.44 20.90
C GLN J 174 22.96 16.98 19.88
N PRO J 175 22.97 16.43 18.67
CA PRO J 175 23.97 16.86 17.68
C PRO J 175 23.71 18.26 17.17
N TYR J 176 24.77 19.05 17.06
CA TYR J 176 24.74 20.39 16.50
C TYR J 176 25.73 20.47 15.36
N ARG J 177 25.28 20.99 14.21
CA ARG J 177 26.16 21.22 13.07
C ARG J 177 26.79 22.60 13.19
N VAL J 178 28.12 22.66 13.07
CA VAL J 178 28.88 23.88 13.30
C VAL J 178 29.63 24.24 12.04
N VAL J 179 29.51 25.49 11.60
CA VAL J 179 30.25 26.03 10.47
C VAL J 179 31.06 27.22 10.96
N VAL J 180 32.37 27.18 10.73
CA VAL J 180 33.28 28.24 11.13
C VAL J 180 33.77 28.97 9.89
N LEU J 181 33.44 30.25 9.79
CA LEU J 181 33.86 31.09 8.67
C LEU J 181 35.05 31.92 9.14
N SER J 182 36.23 31.66 8.57
CA SER J 182 37.45 32.39 8.89
C SER J 182 37.76 33.33 7.72
N PHE J 183 37.88 34.62 8.02
CA PHE J 183 38.18 35.64 7.02
C PHE J 183 39.65 36.01 7.17
N GLU J 184 40.47 35.52 6.26
CA GLU J 184 41.91 35.76 6.32
C GLU J 184 42.27 37.07 5.63
N LEU J 185 43.28 37.74 6.17
CA LEU J 185 43.76 39.02 5.66
C LEU J 185 45.24 38.89 5.39
N LEU J 186 45.61 38.76 4.11
CA LEU J 186 47.00 38.62 3.70
C LEU J 186 47.40 39.77 2.79
N HIS J 187 48.70 39.90 2.57
CA HIS J 187 49.23 40.90 1.64
C HIS J 187 49.18 40.33 0.22
N ALA J 188 47.95 40.10 -0.24
CA ALA J 188 47.68 39.50 -1.53
C ALA J 188 46.38 40.09 -2.05
N PRO J 189 46.15 40.03 -3.37
CA PRO J 189 44.88 40.57 -3.91
C PRO J 189 43.67 39.87 -3.29
N ALA J 190 42.66 40.68 -2.97
CA ALA J 190 41.45 40.17 -2.34
C ALA J 190 40.51 39.57 -3.39
N THR J 191 39.97 38.40 -3.08
CA THR J 191 39.10 37.68 -4.00
C THR J 191 37.69 37.45 -3.46
N VAL J 192 37.38 37.92 -2.25
CA VAL J 192 36.05 37.75 -1.67
C VAL J 192 35.55 39.12 -1.22
N CYS J 193 34.36 39.50 -1.68
CA CYS J 193 33.74 40.76 -1.32
C CYS J 193 32.23 40.55 -1.18
N GLY J 194 31.58 41.52 -0.55
CA GLY J 194 30.15 41.47 -0.36
C GLY J 194 29.36 42.03 -1.52
N GLN K 1 10.04 -5.56 3.66
CA GLN K 1 10.50 -6.12 4.93
C GLN K 1 11.97 -6.51 4.85
N VAL K 2 12.68 -6.36 5.96
CA VAL K 2 14.08 -6.75 6.03
C VAL K 2 14.17 -8.26 6.20
N GLN K 3 15.02 -8.90 5.40
CA GLN K 3 15.19 -10.34 5.43
C GLN K 3 16.67 -10.68 5.46
N LEU K 4 17.02 -11.66 6.30
CA LEU K 4 18.40 -12.14 6.42
C LEU K 4 18.41 -13.65 6.19
N LEU K 5 19.00 -14.08 5.07
CA LEU K 5 19.07 -15.48 4.70
C LEU K 5 20.51 -15.97 4.87
N GLU K 6 20.67 -17.07 5.59
CA GLU K 6 21.97 -17.61 5.93
C GLU K 6 22.23 -18.93 5.19
N SER K 7 23.50 -19.18 4.89
CA SER K 7 23.90 -20.39 4.18
C SER K 7 25.36 -20.70 4.50
N GLY K 8 25.76 -21.93 4.20
CA GLY K 8 27.14 -22.36 4.38
C GLY K 8 27.37 -23.34 5.51
N GLY K 9 26.35 -23.64 6.31
CA GLY K 9 26.53 -24.57 7.40
C GLY K 9 26.65 -26.02 6.93
N GLY K 10 27.15 -26.86 7.83
CA GLY K 10 27.30 -28.27 7.54
C GLY K 10 28.29 -28.91 8.50
N LEU K 11 28.81 -30.06 8.07
CA LEU K 11 29.77 -30.83 8.84
C LEU K 11 31.18 -30.59 8.32
N VAL K 12 32.14 -30.52 9.24
CA VAL K 12 33.55 -30.33 8.88
C VAL K 12 34.41 -31.01 9.94
N GLN K 13 35.52 -31.59 9.49
CA GLN K 13 36.46 -32.21 10.40
C GLN K 13 37.20 -31.15 11.21
N PRO K 14 37.72 -31.50 12.39
CA PRO K 14 38.50 -30.53 13.16
C PRO K 14 39.73 -30.08 12.38
N GLY K 15 40.02 -28.79 12.46
CA GLY K 15 41.10 -28.19 11.70
C GLY K 15 40.70 -27.74 10.30
N GLY K 16 39.49 -28.06 9.86
CA GLY K 16 39.04 -27.67 8.53
C GLY K 16 38.61 -26.22 8.48
N SER K 17 38.04 -25.85 7.33
CA SER K 17 37.63 -24.48 7.10
C SER K 17 36.37 -24.46 6.23
N LEU K 18 35.54 -23.45 6.47
CA LEU K 18 34.35 -23.22 5.66
C LEU K 18 33.93 -21.76 5.82
N ARG K 19 33.18 -21.27 4.83
CA ARG K 19 32.73 -19.89 4.78
C ARG K 19 31.21 -19.85 4.83
N LEU K 20 30.67 -18.98 5.69
CA LEU K 20 29.23 -18.77 5.81
C LEU K 20 28.86 -17.44 5.18
N SER K 21 27.70 -17.41 4.55
CA SER K 21 27.20 -16.22 3.87
C SER K 21 25.87 -15.79 4.46
N CYS K 22 25.65 -14.48 4.54
CA CYS K 22 24.43 -13.91 5.09
C CYS K 22 23.92 -12.86 4.11
N ALA K 23 22.90 -13.22 3.33
CA ALA K 23 22.32 -12.33 2.34
C ALA K 23 21.23 -11.49 3.01
N ALA K 24 21.42 -10.17 3.01
CA ALA K 24 20.50 -9.25 3.64
C ALA K 24 19.78 -8.42 2.57
N SER K 25 18.53 -8.07 2.86
CA SER K 25 17.72 -7.29 1.93
C SER K 25 16.70 -6.48 2.72
N GLY K 26 16.16 -5.46 2.07
CA GLY K 26 15.14 -4.62 2.66
C GLY K 26 15.65 -3.38 3.37
N PHE K 27 16.95 -3.08 3.28
CA PHE K 27 17.51 -1.91 3.92
C PHE K 27 18.85 -1.59 3.24
N THR K 28 19.38 -0.41 3.57
CA THR K 28 20.69 0.01 3.06
C THR K 28 21.76 -0.79 3.81
N PHE K 29 22.32 -1.80 3.12
CA PHE K 29 23.23 -2.73 3.77
C PHE K 29 24.51 -2.02 4.23
N SER K 30 25.05 -1.14 3.40
CA SER K 30 26.27 -0.41 3.75
C SER K 30 26.06 0.54 4.92
N SER K 31 24.80 0.81 5.28
CA SER K 31 24.47 1.78 6.31
C SER K 31 24.46 1.22 7.73
N TYR K 32 24.42 -0.11 7.88
CA TYR K 32 24.31 -0.71 9.20
C TYR K 32 25.44 -1.71 9.45
N ALA K 33 25.81 -1.84 10.71
CA ALA K 33 26.82 -2.82 11.13
C ALA K 33 26.20 -4.22 11.22
N MET K 34 27.00 -5.22 10.84
CA MET K 34 26.55 -6.60 10.86
C MET K 34 27.43 -7.42 11.80
N SER K 35 26.86 -8.50 12.34
CA SER K 35 27.53 -9.30 13.36
C SER K 35 27.21 -10.77 13.16
N TRP K 36 28.10 -11.61 13.66
CA TRP K 36 27.89 -13.06 13.73
C TRP K 36 27.83 -13.49 15.19
N VAL K 37 26.76 -14.19 15.56
CA VAL K 37 26.56 -14.68 16.91
C VAL K 37 26.38 -16.20 16.86
N ARG K 38 26.94 -16.88 17.85
CA ARG K 38 26.91 -18.34 17.90
C ARG K 38 26.15 -18.79 19.14
N GLN K 39 25.56 -19.98 19.06
CA GLN K 39 24.84 -20.58 20.19
C GLN K 39 25.10 -22.08 20.18
N ALA K 40 25.84 -22.56 21.17
CA ALA K 40 26.10 -23.99 21.28
C ALA K 40 24.82 -24.72 21.69
N PRO K 41 24.71 -26.00 21.35
CA PRO K 41 23.51 -26.77 21.75
C PRO K 41 23.35 -26.77 23.26
N GLY K 42 22.23 -26.22 23.71
CA GLY K 42 21.97 -26.12 25.14
C GLY K 42 22.74 -25.04 25.86
N LYS K 43 23.29 -24.07 25.13
CA LYS K 43 24.04 -22.97 25.71
C LYS K 43 23.37 -21.64 25.37
N GLY K 44 23.80 -20.59 26.06
CA GLY K 44 23.34 -19.25 25.78
C GLY K 44 24.03 -18.64 24.58
N LEU K 45 23.59 -17.44 24.23
CA LEU K 45 24.19 -16.73 23.11
C LEU K 45 25.60 -16.27 23.44
N GLU K 46 26.39 -16.06 22.39
CA GLU K 46 27.77 -15.59 22.54
C GLU K 46 28.18 -14.87 21.27
N TRP K 47 28.47 -13.57 21.40
CA TRP K 47 28.92 -12.78 20.26
C TRP K 47 30.25 -13.32 19.73
N ALA K 48 30.38 -13.37 18.41
CA ALA K 48 31.56 -13.95 17.76
C ALA K 48 32.35 -12.93 16.97
N SER K 49 31.68 -12.12 16.14
CA SER K 49 32.39 -11.13 15.32
C SER K 49 31.39 -10.08 14.85
N ALA K 50 31.94 -8.98 14.33
CA ALA K 50 31.13 -7.88 13.85
C ALA K 50 31.96 -7.00 12.92
N ILE K 51 31.28 -6.35 11.99
CA ILE K 51 31.91 -5.40 11.07
C ILE K 51 31.12 -4.09 11.09
N SER K 52 31.83 -2.99 10.87
CA SER K 52 31.19 -1.72 10.62
C SER K 52 30.50 -1.75 9.25
N GLY K 53 29.68 -0.73 9.00
CA GLY K 53 28.95 -0.68 7.74
C GLY K 53 29.85 -0.56 6.54
N SER K 54 30.91 0.24 6.64
CA SER K 54 31.82 0.42 5.52
C SER K 54 32.71 -0.81 5.32
N GLY K 55 32.94 -1.58 6.37
CA GLY K 55 33.80 -2.74 6.30
C GLY K 55 35.22 -2.51 6.75
N GLY K 56 35.57 -1.28 7.14
CA GLY K 56 36.94 -1.01 7.55
C GLY K 56 37.27 -1.49 8.95
N SER K 57 36.28 -1.57 9.83
CA SER K 57 36.48 -1.95 11.22
C SER K 57 35.85 -3.29 11.50
N THR K 58 36.61 -4.20 12.11
CA THR K 58 36.14 -5.53 12.46
C THR K 58 36.50 -5.84 13.90
N TYR K 59 35.63 -6.62 14.55
CA TYR K 59 35.85 -7.07 15.92
C TYR K 59 35.67 -8.57 15.99
N TYR K 60 36.49 -9.22 16.82
CA TYR K 60 36.41 -10.65 17.04
C TYR K 60 36.46 -10.97 18.52
N ALA K 61 35.75 -12.02 18.91
CA ALA K 61 35.82 -12.50 20.28
C ALA K 61 37.18 -13.16 20.55
N ASP K 62 37.51 -13.28 21.83
CA ASP K 62 38.79 -13.89 22.21
C ASP K 62 38.86 -15.36 21.79
N SER K 63 37.72 -16.06 21.84
CA SER K 63 37.70 -17.46 21.41
C SER K 63 37.99 -17.61 19.92
N VAL K 64 37.64 -16.60 19.13
CA VAL K 64 37.69 -16.72 17.67
C VAL K 64 38.76 -15.84 17.03
N GLU K 65 39.45 -15.01 17.81
CA GLU K 65 40.42 -14.08 17.23
C GLU K 65 41.57 -14.84 16.58
N GLY K 66 41.92 -14.43 15.36
CA GLY K 66 42.98 -15.08 14.61
C GLY K 66 42.52 -16.30 13.84
N ARG K 67 41.56 -17.03 14.41
CA ARG K 67 41.04 -18.22 13.74
C ARG K 67 40.07 -17.84 12.62
N PHE K 68 39.08 -17.01 12.94
CA PHE K 68 38.06 -16.61 11.97
C PHE K 68 38.38 -15.22 11.44
N THR K 69 38.02 -15.00 10.17
CA THR K 69 38.09 -13.68 9.56
C THR K 69 36.73 -13.34 8.97
N ILE K 70 36.27 -12.12 9.20
CA ILE K 70 34.94 -11.68 8.80
C ILE K 70 35.09 -10.62 7.72
N SER K 71 34.25 -10.69 6.70
CA SER K 71 34.33 -9.79 5.56
C SER K 71 32.93 -9.42 5.10
N ARG K 72 32.86 -8.46 4.19
CA ARG K 72 31.59 -7.93 3.72
C ARG K 72 31.75 -7.41 2.30
N ASP K 73 30.76 -7.72 1.45
CA ASP K 73 30.69 -7.19 0.09
C ASP K 73 29.43 -6.33 0.00
N ASN K 74 29.63 -5.00 -0.06
CA ASN K 74 28.49 -4.09 -0.13
C ASN K 74 27.75 -4.21 -1.45
N SER K 75 28.47 -4.48 -2.54
CA SER K 75 27.81 -4.63 -3.84
C SER K 75 26.87 -5.83 -3.84
N LYS K 76 27.30 -6.96 -3.28
CA LYS K 76 26.46 -8.15 -3.21
C LYS K 76 25.44 -8.10 -2.08
N ASN K 77 25.56 -7.13 -1.17
CA ASN K 77 24.72 -7.09 0.04
C ASN K 77 24.84 -8.39 0.84
N THR K 78 26.07 -8.88 0.98
CA THR K 78 26.33 -10.17 1.62
C THR K 78 27.37 -10.01 2.71
N LEU K 79 27.16 -10.73 3.82
CA LEU K 79 28.11 -10.80 4.92
C LEU K 79 28.74 -12.18 4.93
N TYR K 80 30.05 -12.23 5.15
CA TYR K 80 30.82 -13.46 5.09
C TYR K 80 31.56 -13.70 6.40
N LEU K 81 31.64 -14.96 6.81
CA LEU K 81 32.41 -15.38 7.97
C LEU K 81 33.25 -16.59 7.58
N GLN K 82 34.56 -16.37 7.41
CA GLN K 82 35.48 -17.45 7.08
C GLN K 82 36.06 -18.02 8.36
N MET K 83 35.78 -19.30 8.62
CA MET K 83 36.20 -19.98 9.84
C MET K 83 37.35 -20.94 9.51
N ASN K 84 38.49 -20.73 10.15
CA ASN K 84 39.67 -21.55 9.94
C ASN K 84 40.14 -22.16 11.26
N SER K 85 40.87 -23.28 11.14
CA SER K 85 41.39 -24.01 12.28
C SER K 85 40.27 -24.37 13.26
N LEU K 86 39.23 -25.01 12.74
CA LEU K 86 38.04 -25.29 13.51
C LEU K 86 38.30 -26.35 14.57
N ARG K 87 37.61 -26.20 15.71
CA ARG K 87 37.69 -27.13 16.81
C ARG K 87 36.29 -27.54 17.24
N ALA K 88 36.22 -28.53 18.14
CA ALA K 88 34.94 -29.09 18.55
C ALA K 88 34.05 -28.06 19.24
N GLU K 89 34.65 -27.15 20.00
CA GLU K 89 33.87 -26.13 20.71
C GLU K 89 33.17 -25.17 19.76
N ASP K 90 33.63 -25.06 18.52
CA ASP K 90 33.00 -24.17 17.56
C ASP K 90 31.65 -24.69 17.06
N THR K 91 31.33 -25.97 17.33
CA THR K 91 30.05 -26.53 16.94
C THR K 91 28.91 -25.77 17.58
N ALA K 92 28.14 -25.05 16.76
CA ALA K 92 27.07 -24.19 17.26
C ALA K 92 26.21 -23.77 16.08
N VAL K 93 25.05 -23.20 16.39
CA VAL K 93 24.20 -22.57 15.40
C VAL K 93 24.61 -21.11 15.28
N TYR K 94 24.93 -20.67 14.06
CA TYR K 94 25.44 -19.34 13.83
C TYR K 94 24.37 -18.45 13.22
N TYR K 95 24.14 -17.29 13.82
CA TYR K 95 23.18 -16.31 13.35
C TYR K 95 23.92 -15.05 12.91
N CYS K 96 23.41 -14.40 11.87
CA CYS K 96 23.86 -13.06 11.50
C CYS K 96 22.79 -12.05 11.90
N ALA K 97 23.25 -10.95 12.50
CA ALA K 97 22.36 -9.96 13.10
C ALA K 97 22.69 -8.57 12.59
N LYS K 98 21.65 -7.82 12.23
CA LYS K 98 21.77 -6.41 11.91
C LYS K 98 21.47 -5.59 13.15
N ASP K 99 22.35 -4.64 13.45
CA ASP K 99 22.22 -3.84 14.67
C ASP K 99 21.25 -2.69 14.48
N THR K 100 20.61 -2.28 15.58
CA THR K 100 19.75 -1.11 15.59
C THR K 100 20.53 0.18 15.46
N GLY K 101 21.84 0.13 15.69
CA GLY K 101 22.65 1.34 15.64
C GLY K 101 22.93 1.79 14.22
N TYR K 102 23.36 3.04 14.11
CA TYR K 102 23.65 3.68 12.83
C TYR K 102 25.16 3.79 12.68
N CYS K 103 25.72 2.99 11.79
CA CYS K 103 27.16 2.96 11.52
C CYS K 103 27.34 3.16 10.02
N GLY K 104 28.54 2.88 9.52
CA GLY K 104 28.77 2.90 8.09
C GLY K 104 30.00 3.69 7.70
N ASP K 105 29.80 4.72 6.87
CA ASP K 105 30.93 5.48 6.37
C ASP K 105 31.57 6.26 7.51
N ASP K 106 32.88 6.10 7.65
CA ASP K 106 33.68 6.79 8.68
C ASP K 106 33.21 6.44 10.10
N CYS K 107 32.68 5.24 10.31
CA CYS K 107 32.37 4.77 11.66
C CYS K 107 33.33 3.66 12.04
N TYR K 108 33.38 3.37 13.34
CA TYR K 108 34.25 2.34 13.87
C TYR K 108 33.46 1.34 14.69
N ILE K 109 33.77 0.06 14.49
CA ILE K 109 33.24 -1.00 15.35
C ILE K 109 33.98 -0.91 16.67
N LYS K 110 33.47 -1.60 17.70
CA LYS K 110 34.04 -1.61 19.04
C LYS K 110 33.88 -0.24 19.71
N LEU K 111 33.40 0.74 18.95
CA LEU K 111 33.03 2.05 19.46
C LEU K 111 31.52 2.25 19.46
N ILE K 112 30.76 1.24 19.07
CA ILE K 112 29.32 1.33 18.99
C ILE K 112 28.71 0.65 20.20
N ARG K 113 27.41 0.89 20.42
CA ARG K 113 26.71 0.30 21.55
C ARG K 113 25.22 0.32 21.25
N GLY K 114 24.55 -0.79 21.52
CA GLY K 114 23.13 -0.89 21.22
C GLY K 114 22.59 -2.31 21.23
N GLY K 115 21.89 -2.68 20.17
CA GLY K 115 21.32 -3.99 20.07
C GLY K 115 21.04 -4.40 18.64
N PRO K 116 20.84 -5.70 18.42
CA PRO K 116 20.55 -6.20 17.07
C PRO K 116 19.11 -5.90 16.67
N ASP K 117 18.93 -5.26 15.52
CA ASP K 117 17.60 -5.05 14.96
C ASP K 117 16.94 -6.38 14.61
N TYR K 118 17.52 -7.13 13.68
CA TYR K 118 16.92 -8.33 13.15
C TYR K 118 17.95 -9.45 13.13
N TRP K 119 17.45 -10.69 13.12
CA TRP K 119 18.29 -11.87 13.12
C TRP K 119 17.91 -12.77 11.96
N GLY K 120 18.92 -13.46 11.42
CA GLY K 120 18.67 -14.47 10.40
C GLY K 120 18.10 -15.75 10.99
N GLN K 121 17.75 -16.67 10.08
CA GLN K 121 17.15 -17.93 10.53
C GLN K 121 18.15 -18.78 11.30
N GLY K 122 19.44 -18.64 11.02
CA GLY K 122 20.45 -19.40 11.72
C GLY K 122 20.85 -20.67 11.00
N THR K 123 22.16 -20.93 10.91
CA THR K 123 22.68 -22.12 10.26
C THR K 123 23.61 -22.85 11.23
N LEU K 124 23.54 -24.18 11.20
CA LEU K 124 24.28 -25.01 12.14
C LEU K 124 25.55 -25.56 11.48
N VAL K 125 26.65 -25.51 12.23
CA VAL K 125 27.91 -26.10 11.81
C VAL K 125 28.36 -27.07 12.90
N THR K 126 28.76 -28.27 12.49
CA THR K 126 29.26 -29.28 13.41
C THR K 126 30.71 -29.60 13.09
N VAL K 127 31.56 -29.55 14.12
CA VAL K 127 32.98 -29.88 13.99
C VAL K 127 33.24 -31.12 14.82
N SER K 128 33.52 -32.24 14.16
CA SER K 128 33.79 -33.48 14.85
C SER K 128 34.51 -34.42 13.89
N SER K 129 35.03 -35.51 14.44
CA SER K 129 35.77 -36.52 13.69
C SER K 129 34.86 -37.75 13.53
N ALA K 130 34.04 -37.73 12.50
CA ALA K 130 33.12 -38.82 12.19
C ALA K 130 32.59 -38.61 10.77
N SER K 131 32.25 -39.72 10.13
CA SER K 131 31.79 -39.68 8.75
C SER K 131 30.28 -39.42 8.69
N THR K 132 29.87 -38.69 7.66
CA THR K 132 28.44 -38.46 7.44
C THR K 132 27.76 -39.76 7.01
N LYS K 133 26.52 -39.92 7.46
CA LYS K 133 25.70 -41.08 7.12
C LYS K 133 24.27 -40.60 6.93
N GLY K 134 23.66 -41.00 5.82
CA GLY K 134 22.29 -40.64 5.55
C GLY K 134 21.33 -41.33 6.50
N PRO K 135 20.18 -40.70 6.75
CA PRO K 135 19.23 -41.27 7.69
C PRO K 135 18.40 -42.38 7.07
N SER K 136 17.93 -43.28 7.93
CA SER K 136 16.96 -44.30 7.54
C SER K 136 15.59 -43.88 8.07
N VAL K 137 14.60 -43.82 7.19
CA VAL K 137 13.26 -43.36 7.54
C VAL K 137 12.33 -44.56 7.53
N PHE K 138 11.67 -44.79 8.66
CA PHE K 138 10.75 -45.90 8.78
C PHE K 138 9.37 -45.40 9.19
N PRO K 139 8.30 -46.02 8.71
CA PRO K 139 6.95 -45.54 9.03
C PRO K 139 6.47 -46.06 10.38
N LEU K 140 5.76 -45.21 11.10
CA LEU K 140 5.06 -45.56 12.32
C LEU K 140 3.56 -45.50 12.00
N ALA K 141 2.92 -46.67 11.93
CA ALA K 141 1.60 -46.67 11.34
C ALA K 141 0.52 -46.86 12.40
N PRO K 142 -0.63 -46.19 12.26
CA PRO K 142 -1.75 -46.29 13.20
C PRO K 142 -2.46 -47.63 13.14
N GLY K 150 -11.52 -41.93 17.93
CA GLY K 150 -11.79 -40.86 17.01
C GLY K 150 -10.53 -40.14 16.54
N THR K 151 -9.43 -40.37 17.25
CA THR K 151 -8.15 -39.76 16.93
C THR K 151 -7.09 -40.86 16.87
N ALA K 152 -6.34 -40.88 15.76
CA ALA K 152 -5.27 -41.83 15.56
C ALA K 152 -3.97 -41.09 15.31
N ALA K 153 -2.86 -41.73 15.62
CA ALA K 153 -1.54 -41.12 15.51
C ALA K 153 -0.68 -41.93 14.56
N LEU K 154 0.12 -41.22 13.75
CA LEU K 154 1.09 -41.83 12.87
C LEU K 154 2.34 -40.96 12.83
N GLY K 155 3.41 -41.49 12.27
CA GLY K 155 4.65 -40.75 12.21
C GLY K 155 5.74 -41.51 11.49
N CYS K 156 6.94 -40.96 11.57
CA CYS K 156 8.12 -41.52 10.93
C CYS K 156 9.27 -41.53 11.91
N LEU K 157 10.11 -42.56 11.82
CA LEU K 157 11.28 -42.70 12.66
C LEU K 157 12.53 -42.43 11.81
N VAL K 158 13.26 -41.37 12.16
CA VAL K 158 14.48 -40.99 11.48
C VAL K 158 15.64 -41.47 12.34
N LYS K 159 16.28 -42.55 11.94
CA LYS K 159 17.27 -43.25 12.76
C LYS K 159 18.60 -43.38 12.01
N ASP K 160 19.68 -43.38 12.78
CA ASP K 160 21.03 -43.68 12.30
C ASP K 160 21.50 -42.67 11.26
N TYR K 161 21.55 -41.41 11.67
CA TYR K 161 22.10 -40.34 10.85
C TYR K 161 23.09 -39.53 11.68
N PHE K 162 24.01 -38.88 10.97
CA PHE K 162 25.00 -38.02 11.63
C PHE K 162 25.54 -37.05 10.59
N PRO K 163 25.71 -35.78 10.94
CA PRO K 163 25.39 -35.14 12.23
C PRO K 163 24.01 -34.49 12.23
N GLU K 164 23.69 -33.74 13.28
CA GLU K 164 22.49 -32.93 13.30
C GLU K 164 22.61 -31.80 12.29
N PRO K 165 21.47 -31.24 11.83
CA PRO K 165 20.09 -31.64 12.11
C PRO K 165 19.40 -32.27 10.91
N VAL K 166 18.19 -32.80 11.11
CA VAL K 166 17.31 -33.21 10.04
C VAL K 166 16.01 -32.43 10.15
N THR K 167 15.40 -32.14 9.01
CA THR K 167 14.14 -31.41 8.95
C THR K 167 13.04 -32.34 8.44
N VAL K 168 11.93 -32.39 9.18
CA VAL K 168 10.81 -33.27 8.86
C VAL K 168 9.56 -32.42 8.64
N SER K 169 8.92 -32.63 7.50
CA SER K 169 7.65 -31.99 7.18
C SER K 169 6.65 -33.08 6.79
N TRP K 170 5.37 -32.70 6.75
CA TRP K 170 4.30 -33.63 6.43
C TRP K 170 3.49 -33.07 5.27
N ASN K 171 3.30 -33.89 4.23
CA ASN K 171 2.54 -33.51 3.05
C ASN K 171 3.11 -32.25 2.41
N SER K 172 4.44 -32.17 2.36
CA SER K 172 5.16 -31.03 1.77
C SER K 172 4.76 -29.71 2.44
N GLY K 173 4.57 -29.75 3.76
CA GLY K 173 4.21 -28.58 4.52
C GLY K 173 2.74 -28.27 4.60
N ALA K 174 1.87 -29.10 3.99
CA ALA K 174 0.45 -28.85 4.04
C ALA K 174 -0.18 -29.30 5.35
N LEU K 175 0.50 -30.15 6.12
CA LEU K 175 0.00 -30.65 7.40
C LEU K 175 0.84 -30.04 8.51
N THR K 176 0.24 -29.17 9.31
CA THR K 176 0.94 -28.48 10.39
C THR K 176 0.30 -28.71 11.76
N SER K 177 -1.03 -28.80 11.83
CA SER K 177 -1.70 -28.99 13.11
C SER K 177 -1.45 -30.40 13.63
N GLY K 178 -1.09 -30.50 14.91
CA GLY K 178 -0.88 -31.77 15.55
C GLY K 178 0.48 -32.42 15.31
N VAL K 179 1.39 -31.74 14.61
CA VAL K 179 2.69 -32.30 14.29
C VAL K 179 3.64 -32.01 15.43
N HIS K 180 4.32 -33.05 15.92
CA HIS K 180 5.31 -32.93 16.99
C HIS K 180 6.59 -33.63 16.55
N THR K 181 7.62 -32.85 16.26
CA THR K 181 8.93 -33.38 15.91
C THR K 181 9.81 -33.38 17.17
N PHE K 182 10.20 -34.57 17.62
CA PHE K 182 10.92 -34.70 18.88
C PHE K 182 12.41 -34.40 18.69
N PRO K 183 13.07 -33.87 19.72
CA PRO K 183 14.52 -33.67 19.64
C PRO K 183 15.25 -34.99 19.48
N ALA K 184 16.34 -34.95 18.72
CA ALA K 184 17.13 -36.15 18.48
C ALA K 184 17.83 -36.60 19.74
N VAL K 185 18.04 -37.91 19.85
CA VAL K 185 18.79 -38.51 20.95
C VAL K 185 20.02 -39.21 20.38
N LEU K 186 21.14 -39.06 21.07
CA LEU K 186 22.40 -39.65 20.61
C LEU K 186 22.51 -41.08 21.14
N GLN K 187 22.56 -42.04 20.22
CA GLN K 187 22.66 -43.43 20.59
C GLN K 187 24.09 -43.78 20.98
N SER K 188 24.27 -44.98 21.54
CA SER K 188 25.61 -45.43 21.91
C SER K 188 26.51 -45.63 20.70
N SER K 189 25.93 -45.78 19.51
CA SER K 189 26.71 -45.94 18.28
C SER K 189 27.26 -44.62 17.75
N GLY K 190 26.88 -43.49 18.34
CA GLY K 190 27.31 -42.19 17.86
C GLY K 190 26.39 -41.56 16.82
N LEU K 191 25.30 -42.22 16.46
CA LEU K 191 24.35 -41.70 15.48
C LEU K 191 23.10 -41.19 16.19
N TYR K 192 22.42 -40.26 15.55
CA TYR K 192 21.23 -39.64 16.11
C TYR K 192 19.98 -40.39 15.66
N SER K 193 18.93 -40.29 16.47
CA SER K 193 17.65 -40.92 16.17
C SER K 193 16.54 -40.07 16.76
N LEU K 194 15.55 -39.73 15.93
CA LEU K 194 14.39 -38.98 16.41
C LEU K 194 13.13 -39.53 15.74
N SER K 195 11.99 -39.05 16.21
CA SER K 195 10.69 -39.43 15.66
C SER K 195 9.82 -38.18 15.53
N SER K 196 9.08 -38.10 14.43
CA SER K 196 8.11 -37.03 14.20
C SER K 196 6.74 -37.65 14.02
N VAL K 197 5.78 -37.19 14.82
CA VAL K 197 4.44 -37.77 14.83
C VAL K 197 3.40 -36.69 14.57
N VAL K 198 2.22 -37.14 14.18
CA VAL K 198 1.08 -36.24 13.95
C VAL K 198 -0.19 -37.00 14.32
N THR K 199 -1.13 -36.28 14.95
CA THR K 199 -2.42 -36.85 15.32
C THR K 199 -3.49 -36.35 14.36
N VAL K 200 -4.22 -37.29 13.76
CA VAL K 200 -5.26 -36.99 12.77
C VAL K 200 -6.52 -37.74 13.14
N PRO K 201 -7.68 -37.26 12.71
CA PRO K 201 -8.93 -37.99 12.96
C PRO K 201 -8.89 -39.38 12.37
N SER K 202 -9.48 -40.34 13.09
CA SER K 202 -9.49 -41.72 12.62
C SER K 202 -10.26 -41.88 11.32
N SER K 203 -11.26 -41.03 11.09
CA SER K 203 -12.04 -41.09 9.85
C SER K 203 -11.24 -40.66 8.63
N SER K 204 -10.10 -40.00 8.82
CA SER K 204 -9.28 -39.53 7.71
C SER K 204 -8.39 -40.61 7.12
N LEU K 205 -8.24 -41.75 7.79
CA LEU K 205 -7.43 -42.86 7.28
C LEU K 205 -8.20 -43.56 6.17
N GLY K 206 -7.69 -43.48 4.94
CA GLY K 206 -8.35 -44.02 3.76
C GLY K 206 -8.66 -42.99 2.70
N THR K 207 -8.82 -41.73 3.09
CA THR K 207 -9.02 -40.63 2.14
C THR K 207 -7.81 -39.74 1.97
N GLN K 208 -7.05 -39.53 3.04
CA GLN K 208 -5.90 -38.64 3.01
C GLN K 208 -4.62 -39.46 3.10
N THR K 209 -3.71 -39.22 2.16
CA THR K 209 -2.41 -39.88 2.18
C THR K 209 -1.43 -39.03 2.97
N TYR K 210 -0.69 -39.66 3.86
CA TYR K 210 0.26 -38.97 4.74
C TYR K 210 1.67 -39.37 4.35
N ILE K 211 2.50 -38.38 4.03
CA ILE K 211 3.88 -38.59 3.62
C ILE K 211 4.76 -37.68 4.45
N CYS K 212 5.80 -38.25 5.07
CA CYS K 212 6.77 -37.49 5.82
C CYS K 212 7.98 -37.21 4.93
N ASN K 213 8.42 -35.95 4.92
CA ASN K 213 9.55 -35.53 4.10
C ASN K 213 10.73 -35.25 5.02
N VAL K 214 11.78 -36.04 4.88
CA VAL K 214 12.98 -35.94 5.71
C VAL K 214 14.12 -35.43 4.85
N ASN K 215 14.78 -34.37 5.31
CA ASN K 215 15.89 -33.76 4.59
C ASN K 215 17.08 -33.69 5.52
N HIS K 216 18.20 -34.26 5.08
CA HIS K 216 19.46 -34.24 5.83
C HIS K 216 20.48 -33.52 4.96
N LYS K 217 20.62 -32.21 5.17
CA LYS K 217 21.53 -31.42 4.36
C LYS K 217 22.99 -31.88 4.44
N PRO K 218 23.56 -32.23 5.61
CA PRO K 218 24.96 -32.64 5.63
C PRO K 218 25.27 -33.83 4.72
N SER K 219 24.32 -34.73 4.51
CA SER K 219 24.51 -35.82 3.56
C SER K 219 23.80 -35.58 2.24
N ASN K 220 23.14 -34.43 2.07
CA ASN K 220 22.43 -34.08 0.85
C ASN K 220 21.46 -35.17 0.44
N THR K 221 20.69 -35.66 1.42
CA THR K 221 19.72 -36.73 1.20
C THR K 221 18.31 -36.20 1.47
N LYS K 222 17.36 -36.64 0.66
CA LYS K 222 15.97 -36.24 0.80
C LYS K 222 15.10 -37.46 0.56
N VAL K 223 14.33 -37.85 1.57
CA VAL K 223 13.54 -39.07 1.55
C VAL K 223 12.07 -38.74 1.82
N ASP K 224 11.20 -39.18 0.93
CA ASP K 224 9.76 -39.12 1.13
C ASP K 224 9.25 -40.52 1.47
N LYS K 225 8.52 -40.63 2.57
CA LYS K 225 8.02 -41.92 3.06
C LYS K 225 6.53 -41.81 3.31
N ARG K 226 5.75 -42.67 2.66
CA ARG K 226 4.31 -42.71 2.85
C ARG K 226 3.97 -43.65 4.00
N VAL K 227 3.10 -43.19 4.90
CA VAL K 227 2.67 -43.96 6.06
C VAL K 227 1.26 -44.46 5.80
N GLU K 228 1.10 -45.78 5.75
CA GLU K 228 -0.19 -46.40 5.50
C GLU K 228 -0.59 -47.29 6.66
N PRO K 229 -1.86 -47.26 7.06
CA PRO K 229 -2.31 -48.13 8.18
C PRO K 229 -2.25 -49.59 7.77
N LYS K 230 -1.40 -50.34 8.46
CA LYS K 230 -1.20 -51.75 8.15
C LYS K 230 -2.09 -52.65 9.00
N ASP L 1 35.55 -8.32 31.55
CA ASP L 1 34.27 -8.43 30.86
C ASP L 1 33.12 -8.31 31.85
N ILE L 2 32.06 -7.62 31.45
CA ILE L 2 30.88 -7.45 32.30
C ILE L 2 30.06 -8.73 32.26
N VAL L 3 29.94 -9.39 33.41
CA VAL L 3 29.15 -10.61 33.54
C VAL L 3 27.78 -10.25 34.12
N MET L 4 26.74 -10.87 33.59
CA MET L 4 25.37 -10.62 34.01
C MET L 4 24.72 -11.92 34.44
N THR L 5 24.02 -11.87 35.58
CA THR L 5 23.37 -13.03 36.16
C THR L 5 21.85 -12.85 36.09
N GLN L 6 21.16 -13.87 35.60
CA GLN L 6 19.71 -13.86 35.53
C GLN L 6 19.12 -14.69 36.68
N SER L 7 17.95 -14.26 37.15
CA SER L 7 17.28 -14.92 38.25
C SER L 7 15.78 -14.92 38.01
N PRO L 8 15.12 -16.07 38.09
CA PRO L 8 15.67 -17.42 38.28
C PRO L 8 16.12 -18.04 36.97
N LEU L 9 16.79 -19.20 37.00
CA LEU L 9 17.13 -19.89 35.76
C LEU L 9 15.91 -20.60 35.17
N SER L 10 15.02 -21.11 36.01
CA SER L 10 13.76 -21.70 35.56
C SER L 10 12.62 -21.00 36.30
N LEU L 11 11.60 -20.59 35.57
CA LEU L 11 10.48 -19.82 36.13
C LEU L 11 9.16 -20.48 35.76
N PRO L 12 8.69 -21.44 36.56
CA PRO L 12 7.33 -21.95 36.35
C PRO L 12 6.30 -20.88 36.70
N VAL L 13 5.25 -20.79 35.88
CA VAL L 13 4.25 -19.74 36.01
C VAL L 13 2.93 -20.27 35.48
N THR L 14 1.83 -19.82 36.09
CA THR L 14 0.51 -20.21 35.60
C THR L 14 0.02 -19.21 34.57
N LEU L 15 -0.91 -19.67 33.74
CA LEU L 15 -1.46 -18.82 32.68
C LEU L 15 -2.25 -17.67 33.28
N GLY L 16 -1.97 -16.46 32.83
CA GLY L 16 -2.71 -15.29 33.25
C GLY L 16 -2.12 -14.52 34.42
N GLN L 17 -1.11 -15.07 35.10
CA GLN L 17 -0.52 -14.36 36.22
C GLN L 17 0.80 -13.71 35.79
N PRO L 18 1.23 -12.67 36.49
CA PRO L 18 2.47 -11.98 36.11
C PRO L 18 3.70 -12.85 36.33
N ALA L 19 4.75 -12.53 35.58
CA ALA L 19 6.05 -13.18 35.69
C ALA L 19 7.13 -12.12 35.76
N SER L 20 8.20 -12.44 36.50
CA SER L 20 9.29 -11.49 36.73
C SER L 20 10.63 -12.15 36.47
N ILE L 21 11.50 -11.45 35.76
CA ILE L 21 12.87 -11.90 35.47
C ILE L 21 13.83 -10.81 35.90
N SER L 22 14.84 -11.18 36.68
CA SER L 22 15.82 -10.25 37.20
C SER L 22 17.14 -10.44 36.48
N CYS L 23 17.77 -9.33 36.06
CA CYS L 23 19.06 -9.34 35.41
C CYS L 23 19.97 -8.39 36.16
N ARG L 24 21.10 -8.90 36.66
CA ARG L 24 22.03 -8.10 37.45
C ARG L 24 23.36 -8.01 36.73
N SER L 25 23.93 -6.80 36.69
CA SER L 25 25.17 -6.53 35.99
C SER L 25 26.33 -6.37 36.98
N SER L 26 27.48 -6.94 36.63
CA SER L 26 28.66 -6.82 37.46
C SER L 26 29.22 -5.40 37.49
N GLN L 27 28.83 -4.56 36.54
CA GLN L 27 29.33 -3.20 36.44
C GLN L 27 28.16 -2.28 36.10
N SER L 28 28.26 -1.03 36.53
CA SER L 28 27.21 -0.06 36.24
C SER L 28 27.02 0.09 34.73
N LEU L 29 25.78 0.00 34.29
CA LEU L 29 25.45 0.02 32.87
C LEU L 29 25.15 1.42 32.34
N VAL L 30 25.16 2.44 33.20
CA VAL L 30 24.94 3.80 32.73
C VAL L 30 26.16 4.27 31.97
N TYR L 31 25.94 5.17 31.00
CA TYR L 31 27.00 5.69 30.15
C TYR L 31 27.04 7.20 30.26
N SER L 32 28.10 7.79 29.68
CA SER L 32 28.33 9.22 29.73
C SER L 32 27.09 10.03 29.37
N ASP L 33 26.41 9.65 28.28
CA ASP L 33 25.23 10.38 27.83
C ASP L 33 23.97 10.02 28.61
N GLY L 34 24.12 9.39 29.77
CA GLY L 34 22.97 9.00 30.57
C GLY L 34 22.09 7.95 29.94
N ASN L 35 22.64 7.14 29.04
CA ASN L 35 21.90 6.09 28.36
C ASN L 35 22.35 4.73 28.88
N THR L 36 21.38 3.85 29.12
CA THR L 36 21.65 2.50 29.62
C THR L 36 21.26 1.51 28.52
N PHE L 37 22.25 0.79 27.99
CA PHE L 37 22.04 -0.10 26.86
C PHE L 37 21.87 -1.52 27.35
N LEU L 38 20.68 -1.81 27.89
CA LEU L 38 20.29 -3.16 28.26
C LEU L 38 19.12 -3.58 27.39
N ASN L 39 19.19 -4.80 26.87
CA ASN L 39 18.16 -5.32 25.98
C ASN L 39 17.64 -6.65 26.52
N TRP L 40 16.39 -6.95 26.19
CA TRP L 40 15.74 -8.19 26.58
C TRP L 40 15.33 -8.95 25.33
N PHE L 41 15.70 -10.23 25.26
CA PHE L 41 15.45 -11.05 24.09
C PHE L 41 14.58 -12.24 24.47
N GLN L 42 13.71 -12.63 23.54
CA GLN L 42 12.91 -13.85 23.67
C GLN L 42 13.29 -14.80 22.54
N GLN L 43 13.60 -16.05 22.90
CA GLN L 43 13.98 -17.05 21.91
C GLN L 43 13.05 -18.25 22.04
N ARG L 44 12.29 -18.51 20.98
CA ARG L 44 11.46 -19.70 20.90
C ARG L 44 12.29 -20.88 20.40
N PRO L 45 11.89 -22.11 20.74
CA PRO L 45 12.66 -23.27 20.29
C PRO L 45 12.76 -23.34 18.77
N GLY L 46 13.97 -23.55 18.27
CA GLY L 46 14.21 -23.62 16.84
C GLY L 46 14.09 -22.31 16.10
N GLN L 47 14.02 -21.19 16.80
CA GLN L 47 13.88 -19.88 16.17
C GLN L 47 14.98 -18.95 16.65
N SER L 48 15.21 -17.90 15.87
CA SER L 48 16.19 -16.90 16.24
C SER L 48 15.65 -16.02 17.37
N PRO L 49 16.54 -15.56 18.26
CA PRO L 49 16.09 -14.64 19.31
C PRO L 49 15.57 -13.34 18.73
N ARG L 50 14.52 -12.81 19.34
CA ARG L 50 13.95 -11.52 18.96
C ARG L 50 14.00 -10.57 20.15
N ARG L 51 14.37 -9.32 19.89
CA ARG L 51 14.55 -8.34 20.95
C ARG L 51 13.19 -7.80 21.38
N LEU L 52 12.83 -8.03 22.64
CA LEU L 52 11.57 -7.51 23.16
C LEU L 52 11.70 -6.05 23.58
N ILE L 53 12.78 -5.72 24.28
CA ILE L 53 12.96 -4.39 24.87
C ILE L 53 14.40 -3.95 24.62
N TYR L 54 14.57 -2.67 24.26
CA TYR L 54 15.88 -2.06 24.12
C TYR L 54 15.98 -0.86 25.05
N GLN L 55 17.17 -0.64 25.60
CA GLN L 55 17.44 0.46 26.52
C GLN L 55 16.50 0.40 27.74
N VAL L 56 16.60 -0.72 28.45
CA VAL L 56 15.96 -0.92 29.76
C VAL L 56 14.44 -1.00 29.64
N SER L 57 13.81 0.05 29.11
CA SER L 57 12.36 0.17 29.17
C SER L 57 11.67 0.36 27.82
N ASN L 58 12.40 0.63 26.75
CA ASN L 58 11.78 0.87 25.46
C ASN L 58 11.52 -0.45 24.75
N ARG L 59 10.26 -0.69 24.39
CA ARG L 59 9.84 -1.91 23.72
C ARG L 59 9.85 -1.72 22.21
N ASP L 60 10.21 -2.79 21.49
CA ASP L 60 10.26 -2.76 20.04
C ASP L 60 8.86 -2.80 19.45
N SER L 61 8.78 -2.44 18.17
CA SER L 61 7.51 -2.51 17.45
C SER L 61 7.08 -3.97 17.29
N GLY L 62 5.78 -4.20 17.42
CA GLY L 62 5.24 -5.54 17.36
C GLY L 62 5.29 -6.30 18.67
N VAL L 63 5.84 -5.71 19.72
CA VAL L 63 5.92 -6.35 21.04
C VAL L 63 4.64 -6.00 21.80
N PRO L 64 3.92 -7.00 22.32
CA PRO L 64 2.70 -6.70 23.08
C PRO L 64 3.00 -5.89 24.34
N ASP L 65 1.98 -5.15 24.80
CA ASP L 65 2.14 -4.31 25.98
C ASP L 65 2.31 -5.12 27.25
N ARG L 66 2.09 -6.43 27.21
CA ARG L 66 2.29 -7.26 28.40
C ARG L 66 3.73 -7.18 28.89
N PHE L 67 4.70 -7.05 27.98
CA PHE L 67 6.10 -6.98 28.35
C PHE L 67 6.46 -5.57 28.78
N SER L 68 7.16 -5.45 29.90
CA SER L 68 7.62 -4.16 30.40
C SER L 68 9.00 -4.33 31.02
N GLY L 69 9.78 -3.26 30.98
CA GLY L 69 11.13 -3.28 31.51
C GLY L 69 11.38 -2.11 32.44
N SER L 70 12.17 -2.37 33.48
CA SER L 70 12.50 -1.35 34.45
C SER L 70 13.87 -1.66 35.05
N GLY L 71 14.37 -0.71 35.83
CA GLY L 71 15.65 -0.85 36.51
C GLY L 71 16.61 0.27 36.14
N SER L 72 17.75 0.24 36.82
CA SER L 72 18.80 1.22 36.60
C SER L 72 20.11 0.67 37.17
N GLY L 73 21.21 1.25 36.72
CA GLY L 73 22.52 0.86 37.21
C GLY L 73 22.87 -0.58 36.94
N THR L 74 22.85 -1.41 38.00
CA THR L 74 23.20 -2.81 37.88
C THR L 74 22.00 -3.76 37.94
N ASP L 75 20.87 -3.32 38.48
CA ASP L 75 19.72 -4.17 38.69
C ASP L 75 18.62 -3.81 37.71
N PHE L 76 18.10 -4.81 37.01
CA PHE L 76 17.04 -4.61 36.03
C PHE L 76 16.03 -5.75 36.15
N THR L 77 14.81 -5.50 35.67
CA THR L 77 13.74 -6.47 35.78
C THR L 77 12.86 -6.43 34.53
N LEU L 78 12.56 -7.61 34.01
CA LEU L 78 11.61 -7.76 32.91
C LEU L 78 10.29 -8.26 33.46
N LYS L 79 9.20 -7.54 33.15
CA LYS L 79 7.89 -7.84 33.68
C LYS L 79 6.96 -8.30 32.56
N ILE L 80 6.26 -9.40 32.79
CA ILE L 80 5.18 -9.85 31.92
C ILE L 80 3.87 -9.65 32.67
N SER L 81 2.98 -8.84 32.11
CA SER L 81 1.74 -8.51 32.81
C SER L 81 0.90 -9.74 33.06
N ARG L 82 0.51 -10.43 31.99
CA ARG L 82 -0.26 -11.68 32.08
C ARG L 82 0.29 -12.64 31.06
N VAL L 83 0.88 -13.74 31.53
CA VAL L 83 1.60 -14.65 30.64
C VAL L 83 0.60 -15.39 29.76
N GLU L 84 0.87 -15.39 28.46
CA GLU L 84 0.06 -16.11 27.48
C GLU L 84 0.79 -17.39 27.05
N ALA L 85 0.11 -18.18 26.22
CA ALA L 85 0.68 -19.46 25.80
C ALA L 85 1.92 -19.25 24.93
N GLU L 86 1.93 -18.20 24.09
CA GLU L 86 3.05 -17.95 23.20
C GLU L 86 4.30 -17.46 23.94
N ASP L 87 4.19 -17.08 25.21
CA ASP L 87 5.31 -16.54 25.95
C ASP L 87 6.31 -17.60 26.40
N VAL L 88 5.99 -18.88 26.21
CA VAL L 88 6.92 -19.94 26.61
C VAL L 88 8.19 -19.84 25.78
N GLY L 89 9.33 -20.08 26.42
CA GLY L 89 10.61 -19.99 25.77
C GLY L 89 11.67 -19.53 26.75
N VAL L 90 12.83 -19.17 26.21
CA VAL L 90 13.97 -18.74 26.99
C VAL L 90 14.15 -17.24 26.77
N TYR L 91 14.34 -16.50 27.86
CA TYR L 91 14.50 -15.06 27.83
C TYR L 91 15.92 -14.69 28.24
N TYR L 92 16.54 -13.80 27.47
CA TYR L 92 17.92 -13.38 27.71
C TYR L 92 17.97 -11.86 27.87
N CYS L 93 18.80 -11.41 28.80
CA CYS L 93 19.20 -10.01 28.87
C CYS L 93 20.62 -9.87 28.33
N MET L 94 20.85 -8.82 27.56
CA MET L 94 22.12 -8.60 26.91
C MET L 94 22.65 -7.22 27.25
N GLN L 95 23.96 -7.14 27.44
CA GLN L 95 24.64 -5.89 27.74
C GLN L 95 25.21 -5.33 26.45
N GLY L 96 24.80 -4.11 26.09
CA GLY L 96 25.25 -3.50 24.86
C GLY L 96 26.16 -2.29 25.07
N THR L 97 26.30 -1.86 26.34
CA THR L 97 27.04 -0.63 26.61
C THR L 97 28.53 -0.78 26.38
N HIS L 98 29.09 -1.97 26.64
CA HIS L 98 30.53 -2.18 26.58
C HIS L 98 30.85 -3.44 25.81
N TRP L 99 31.87 -3.37 24.97
CA TRP L 99 32.34 -4.57 24.28
C TRP L 99 33.26 -5.37 25.21
N PRO L 100 33.17 -6.70 25.19
CA PRO L 100 32.30 -7.52 24.34
C PRO L 100 30.85 -7.57 24.84
N ARG L 101 29.90 -7.67 23.91
CA ARG L 101 28.50 -7.83 24.29
C ARG L 101 28.31 -9.18 24.98
N THR L 102 27.85 -9.15 26.22
CA THR L 102 27.68 -10.36 27.03
C THR L 102 26.20 -10.64 27.26
N PHE L 103 25.92 -11.90 27.61
CA PHE L 103 24.56 -12.37 27.80
C PHE L 103 24.42 -12.98 29.18
N GLY L 104 23.20 -12.93 29.71
CA GLY L 104 22.87 -13.68 30.89
C GLY L 104 22.75 -15.16 30.60
N GLN L 105 22.69 -15.96 31.67
CA GLN L 105 22.56 -17.41 31.51
C GLN L 105 21.29 -17.78 30.77
N GLY L 106 20.25 -16.94 30.87
CA GLY L 106 18.99 -17.23 30.22
C GLY L 106 18.03 -17.94 31.15
N THR L 107 16.79 -17.47 31.19
CA THR L 107 15.76 -18.04 32.04
C THR L 107 14.75 -18.80 31.19
N LYS L 108 14.38 -19.99 31.65
CA LYS L 108 13.42 -20.84 30.94
C LYS L 108 12.03 -20.54 31.49
N LEU L 109 11.21 -19.85 30.71
CA LEU L 109 9.84 -19.54 31.09
C LEU L 109 8.94 -20.66 30.60
N GLU L 110 8.53 -21.53 31.51
CA GLU L 110 7.57 -22.58 31.22
C GLU L 110 6.28 -22.30 31.99
N ILE L 111 5.15 -22.62 31.37
CA ILE L 111 3.85 -22.28 31.91
C ILE L 111 3.16 -23.53 32.41
N LYS L 112 2.30 -23.35 33.42
CA LYS L 112 1.58 -24.45 34.02
C LYS L 112 0.09 -24.23 33.82
N ARG L 113 -0.60 -25.27 33.37
CA ARG L 113 -2.00 -25.18 32.97
C ARG L 113 -2.83 -26.27 33.64
N THR L 114 -4.06 -26.44 33.19
CA THR L 114 -4.91 -27.50 33.72
C THR L 114 -4.30 -28.87 33.40
N VAL L 115 -4.38 -29.78 34.36
CA VAL L 115 -3.83 -31.11 34.19
C VAL L 115 -4.53 -31.81 33.03
N ALA L 116 -3.73 -32.39 32.13
CA ALA L 116 -4.26 -33.08 30.96
C ALA L 116 -3.62 -34.45 30.85
N ALA L 117 -4.45 -35.47 30.66
CA ALA L 117 -3.97 -36.84 30.53
C ALA L 117 -3.35 -37.07 29.15
N PRO L 118 -2.28 -37.84 29.06
CA PRO L 118 -1.65 -38.09 27.75
C PRO L 118 -2.48 -39.05 26.90
N SER L 119 -2.43 -38.82 25.59
CA SER L 119 -2.95 -39.78 24.62
C SER L 119 -1.83 -40.74 24.26
N VAL L 120 -2.03 -42.02 24.54
CA VAL L 120 -0.97 -43.02 24.44
C VAL L 120 -1.17 -43.86 23.19
N PHE L 121 -0.13 -43.93 22.36
CA PHE L 121 -0.12 -44.73 21.15
C PHE L 121 1.15 -45.57 21.13
N ILE L 122 1.06 -46.74 20.49
CA ILE L 122 2.18 -47.66 20.37
C ILE L 122 2.35 -48.02 18.90
N PHE L 123 3.60 -48.10 18.45
CA PHE L 123 3.92 -48.35 17.05
C PHE L 123 4.91 -49.51 16.95
N PRO L 124 4.54 -50.63 16.34
CA PRO L 124 5.50 -51.71 16.12
C PRO L 124 6.54 -51.30 15.11
N PRO L 125 7.72 -51.92 15.12
CA PRO L 125 8.74 -51.60 14.13
C PRO L 125 8.29 -51.99 12.72
N SER L 126 8.70 -51.18 11.75
CA SER L 126 8.33 -51.42 10.37
C SER L 126 9.09 -52.62 9.81
N ASP L 127 8.52 -53.21 8.76
CA ASP L 127 9.16 -54.35 8.11
C ASP L 127 10.50 -53.96 7.49
N GLU L 128 10.62 -52.72 6.99
CA GLU L 128 11.88 -52.28 6.42
C GLU L 128 12.98 -52.25 7.47
N GLN L 129 12.68 -51.75 8.67
CA GLN L 129 13.68 -51.76 9.74
C GLN L 129 14.02 -53.18 10.16
N LEU L 130 13.02 -54.07 10.17
CA LEU L 130 13.29 -55.47 10.49
C LEU L 130 14.24 -56.09 9.47
N LYS L 131 14.09 -55.71 8.19
CA LYS L 131 15.03 -56.15 7.17
C LYS L 131 16.44 -55.61 7.40
N SER L 132 16.57 -54.49 8.12
CA SER L 132 17.88 -53.92 8.41
C SER L 132 18.56 -54.57 9.60
N GLY L 133 17.85 -55.41 10.36
CA GLY L 133 18.43 -56.13 11.48
C GLY L 133 18.14 -55.56 12.85
N THR L 134 17.41 -54.44 12.94
CA THR L 134 17.06 -53.84 14.22
C THR L 134 15.56 -53.64 14.28
N ALA L 135 15.05 -53.46 15.50
CA ALA L 135 13.63 -53.26 15.73
C ALA L 135 13.45 -52.19 16.80
N SER L 136 12.73 -51.12 16.46
CA SER L 136 12.44 -50.04 17.38
C SER L 136 10.94 -49.97 17.63
N VAL L 137 10.54 -50.18 18.88
CA VAL L 137 9.14 -50.07 19.30
C VAL L 137 8.95 -48.70 19.93
N VAL L 138 7.98 -47.95 19.44
CA VAL L 138 7.78 -46.55 19.81
C VAL L 138 6.50 -46.42 20.62
N CYS L 139 6.58 -45.67 21.71
CA CYS L 139 5.42 -45.33 22.53
C CYS L 139 5.31 -43.81 22.61
N LEU L 140 4.12 -43.29 22.28
CA LEU L 140 3.90 -41.86 22.18
C LEU L 140 2.95 -41.40 23.28
N LEU L 141 3.36 -40.37 24.02
CA LEU L 141 2.52 -39.70 25.00
C LEU L 141 2.29 -38.28 24.51
N ASN L 142 1.08 -38.02 23.99
CA ASN L 142 0.80 -36.78 23.27
C ASN L 142 -0.08 -35.85 24.10
N ASN L 143 0.34 -34.59 24.19
CA ASN L 143 -0.49 -33.49 24.71
C ASN L 143 -0.94 -33.77 26.16
N PHE L 144 0.04 -33.79 27.05
CA PHE L 144 -0.21 -34.01 28.46
C PHE L 144 0.40 -32.90 29.30
N TYR L 145 -0.11 -32.78 30.53
CA TYR L 145 0.47 -31.91 31.56
C TYR L 145 0.03 -32.47 32.90
N PRO L 146 0.90 -32.49 33.92
CA PRO L 146 2.27 -31.95 33.98
C PRO L 146 3.30 -32.79 33.22
N ARG L 147 4.53 -32.26 33.13
CA ARG L 147 5.59 -32.94 32.40
C ARG L 147 6.02 -34.24 33.08
N GLU L 148 5.80 -34.36 34.39
CA GLU L 148 6.20 -35.56 35.11
C GLU L 148 5.37 -36.74 34.65
N ALA L 149 6.02 -37.73 34.04
CA ALA L 149 5.36 -38.94 33.57
C ALA L 149 6.36 -40.07 33.53
N LYS L 150 5.86 -41.29 33.72
CA LYS L 150 6.70 -42.48 33.77
C LYS L 150 6.23 -43.47 32.72
N VAL L 151 7.17 -44.01 31.96
CA VAL L 151 6.89 -44.97 30.89
C VAL L 151 7.63 -46.25 31.20
N GLN L 152 6.91 -47.38 31.13
CA GLN L 152 7.48 -48.69 31.40
C GLN L 152 7.23 -49.60 30.21
N TRP L 153 8.28 -50.27 29.75
CA TRP L 153 8.19 -51.22 28.65
C TRP L 153 8.07 -52.63 29.21
N LYS L 154 7.11 -53.39 28.67
CA LYS L 154 6.89 -54.77 29.10
C LYS L 154 6.89 -55.67 27.87
N VAL L 155 7.74 -56.69 27.88
CA VAL L 155 7.84 -57.67 26.80
C VAL L 155 7.46 -59.02 27.38
N ASP L 156 6.29 -59.53 26.98
CA ASP L 156 5.72 -60.75 27.56
C ASP L 156 5.64 -60.63 29.07
N ASN L 157 5.18 -59.47 29.54
CA ASN L 157 5.02 -59.11 30.95
C ASN L 157 6.35 -59.00 31.68
N ALA L 158 7.47 -58.97 30.97
CA ALA L 158 8.78 -58.78 31.58
C ALA L 158 9.16 -57.31 31.45
N LEU L 159 9.38 -56.66 32.59
CA LEU L 159 9.69 -55.23 32.58
C LEU L 159 11.10 -55.00 32.04
N GLN L 160 11.20 -54.15 31.02
CA GLN L 160 12.48 -53.85 30.39
C GLN L 160 13.09 -52.59 30.98
N SER L 161 14.42 -52.59 31.12
CA SER L 161 15.13 -51.44 31.65
C SER L 161 16.52 -51.38 31.01
N GLY L 162 16.91 -50.19 30.55
CA GLY L 162 18.22 -49.97 30.00
C GLY L 162 18.30 -49.99 28.49
N ASN L 163 17.30 -50.55 27.81
CA ASN L 163 17.26 -50.59 26.36
C ASN L 163 16.25 -49.60 25.77
N SER L 164 15.86 -48.58 26.54
CA SER L 164 14.89 -47.60 26.08
C SER L 164 15.43 -46.20 26.26
N GLN L 165 15.11 -45.32 25.30
CA GLN L 165 15.48 -43.92 25.36
C GLN L 165 14.24 -43.07 25.12
N GLU L 166 14.08 -42.03 25.91
CA GLU L 166 12.92 -41.15 25.80
C GLU L 166 13.36 -39.70 25.62
N SER L 167 12.54 -38.94 24.91
CA SER L 167 12.77 -37.52 24.69
C SER L 167 11.45 -36.79 24.82
N VAL L 168 11.52 -35.53 25.26
CA VAL L 168 10.34 -34.71 25.52
C VAL L 168 10.44 -33.45 24.69
N THR L 169 9.36 -33.11 23.99
CA THR L 169 9.31 -31.86 23.25
C THR L 169 9.19 -30.68 24.19
N GLU L 170 9.56 -29.50 23.69
CA GLU L 170 9.37 -28.28 24.43
C GLU L 170 7.87 -28.00 24.60
N GLN L 171 7.54 -27.20 25.60
CA GLN L 171 6.15 -26.89 25.89
C GLN L 171 5.51 -26.21 24.69
N ASP L 172 4.41 -26.77 24.20
CA ASP L 172 3.80 -26.30 22.98
C ASP L 172 3.24 -24.89 23.17
N SER L 173 3.53 -24.01 22.20
CA SER L 173 3.00 -22.66 22.23
C SER L 173 1.51 -22.62 21.97
N LYS L 174 0.95 -23.69 21.40
CA LYS L 174 -0.45 -23.71 21.01
C LYS L 174 -1.38 -24.12 22.15
N ASP L 175 -0.98 -25.11 22.95
CA ASP L 175 -1.86 -25.59 24.01
C ASP L 175 -1.14 -25.82 25.34
N SER L 176 0.12 -25.40 25.47
CA SER L 176 0.87 -25.44 26.73
C SER L 176 1.06 -26.85 27.26
N THR L 177 1.00 -27.85 26.40
CA THR L 177 1.18 -29.25 26.80
C THR L 177 2.54 -29.75 26.34
N TYR L 178 2.88 -30.96 26.82
CA TYR L 178 4.12 -31.62 26.47
C TYR L 178 3.83 -32.90 25.70
N SER L 179 4.87 -33.41 25.03
CA SER L 179 4.79 -34.68 24.34
C SER L 179 6.06 -35.47 24.62
N LEU L 180 5.92 -36.79 24.68
CA LEU L 180 7.02 -37.69 25.03
C LEU L 180 7.06 -38.84 24.05
N SER L 181 8.27 -39.19 23.61
CA SER L 181 8.51 -40.31 22.70
C SER L 181 9.52 -41.25 23.33
N SER L 182 9.12 -42.49 23.57
CA SER L 182 9.99 -43.52 24.11
C SER L 182 10.21 -44.61 23.08
N THR L 183 11.46 -45.00 22.89
CA THR L 183 11.84 -45.96 21.87
C THR L 183 12.54 -47.14 22.53
N LEU L 184 11.99 -48.34 22.34
CA LEU L 184 12.60 -49.57 22.83
C LEU L 184 13.32 -50.23 21.66
N THR L 185 14.63 -50.39 21.80
CA THR L 185 15.48 -50.90 20.72
C THR L 185 15.91 -52.32 21.03
N LEU L 186 15.58 -53.24 20.12
CA LEU L 186 15.94 -54.64 20.24
C LEU L 186 16.55 -55.11 18.93
N SER L 187 17.34 -56.19 19.01
CA SER L 187 17.86 -56.81 17.81
C SER L 187 16.75 -57.55 17.07
N LYS L 188 17.02 -57.91 15.82
CA LYS L 188 16.02 -58.61 15.01
C LYS L 188 15.66 -59.95 15.63
N ALA L 189 16.66 -60.70 16.09
CA ALA L 189 16.40 -61.98 16.73
C ALA L 189 15.60 -61.81 18.03
N ASP L 190 16.00 -60.85 18.86
CA ASP L 190 15.32 -60.65 20.13
C ASP L 190 13.86 -60.23 19.94
N TYR L 191 13.60 -59.37 18.95
CA TYR L 191 12.22 -58.95 18.70
C TYR L 191 11.36 -60.11 18.24
N GLU L 192 11.89 -60.98 17.39
CA GLU L 192 11.14 -62.12 16.88
C GLU L 192 11.04 -63.26 17.90
N LYS L 193 11.73 -63.15 19.03
CA LYS L 193 11.66 -64.16 20.07
C LYS L 193 10.50 -63.96 21.04
N HIS L 194 9.76 -62.86 20.91
CA HIS L 194 8.67 -62.54 21.82
C HIS L 194 7.43 -62.15 21.02
N LYS L 195 6.28 -62.14 21.70
CA LYS L 195 5.00 -61.90 21.06
C LYS L 195 4.35 -60.60 21.52
N VAL L 196 4.17 -60.41 22.82
CA VAL L 196 3.42 -59.29 23.37
C VAL L 196 4.38 -58.17 23.76
N TYR L 197 4.14 -56.97 23.22
CA TYR L 197 4.90 -55.78 23.57
C TYR L 197 3.92 -54.73 24.07
N ALA L 198 4.16 -54.24 25.28
CA ALA L 198 3.22 -53.33 25.95
C ALA L 198 3.96 -52.12 26.48
N CYS L 199 3.27 -50.99 26.44
CA CYS L 199 3.77 -49.73 27.00
C CYS L 199 2.80 -49.29 28.09
N GLU L 200 3.32 -49.11 29.30
CA GLU L 200 2.52 -48.71 30.46
C GLU L 200 2.87 -47.28 30.83
N VAL L 201 1.85 -46.43 30.96
CA VAL L 201 2.01 -45.00 31.21
C VAL L 201 1.39 -44.66 32.55
N THR L 202 2.17 -44.00 33.40
CA THR L 202 1.69 -43.49 34.68
C THR L 202 1.76 -41.98 34.64
N HIS L 203 0.66 -41.31 34.98
CA HIS L 203 0.59 -39.86 34.91
C HIS L 203 -0.41 -39.35 35.94
N GLN L 204 -0.23 -38.09 36.33
CA GLN L 204 -1.11 -37.49 37.33
C GLN L 204 -2.55 -37.40 36.83
N GLY L 205 -2.72 -37.05 35.55
CA GLY L 205 -4.04 -36.92 34.96
C GLY L 205 -4.76 -38.24 34.71
N LEU L 206 -4.10 -39.37 34.93
CA LEU L 206 -4.70 -40.68 34.76
C LEU L 206 -5.02 -41.29 36.12
N SER L 207 -6.29 -41.68 36.30
CA SER L 207 -6.69 -42.32 37.56
C SER L 207 -6.02 -43.67 37.74
N SER L 208 -5.74 -44.37 36.64
CA SER L 208 -5.06 -45.66 36.67
C SER L 208 -4.05 -45.70 35.54
N PRO L 209 -2.99 -46.49 35.68
CA PRO L 209 -2.02 -46.60 34.58
C PRO L 209 -2.68 -47.13 33.32
N VAL L 210 -2.25 -46.59 32.18
CA VAL L 210 -2.81 -46.92 30.87
C VAL L 210 -1.80 -47.77 30.12
N THR L 211 -2.24 -48.93 29.64
CA THR L 211 -1.39 -49.87 28.93
C THR L 211 -1.87 -49.98 27.50
N LYS L 212 -0.96 -49.73 26.54
CA LYS L 212 -1.21 -49.94 25.13
C LYS L 212 -0.27 -51.03 24.64
N SER L 213 -0.82 -52.08 24.03
CA SER L 213 -0.03 -53.25 23.69
C SER L 213 -0.40 -53.74 22.30
N PHE L 214 0.49 -54.52 21.71
CA PHE L 214 0.25 -55.17 20.44
C PHE L 214 0.91 -56.54 20.46
N ASN L 215 0.43 -57.42 19.59
CA ASN L 215 1.00 -58.75 19.40
C ASN L 215 1.74 -58.79 18.08
N ARG L 216 2.96 -59.33 18.09
CA ARG L 216 3.78 -59.37 16.89
C ARG L 216 3.12 -60.26 15.84
N GLY L 217 2.93 -59.70 14.64
CA GLY L 217 2.32 -60.44 13.56
C GLY L 217 0.81 -60.46 13.58
N GLU L 218 0.17 -59.58 14.35
CA GLU L 218 -1.28 -59.52 14.44
C GLU L 218 -1.74 -58.09 14.19
N CYS L 219 -2.68 -57.92 13.27
CA CYS L 219 -3.25 -56.62 12.96
C CYS L 219 -4.64 -56.76 12.34
N ASN M 2 -28.84 30.93 -13.32
CA ASN M 2 -28.63 32.34 -13.64
C ASN M 2 -28.71 32.57 -15.15
N LEU M 3 -27.90 33.51 -15.65
CA LEU M 3 -27.84 33.81 -17.07
C LEU M 3 -26.82 32.91 -17.75
N CYS M 4 -27.20 32.36 -18.90
CA CYS M 4 -26.33 31.45 -19.62
C CYS M 4 -25.10 32.21 -20.12
N PRO M 5 -23.89 31.66 -19.94
CA PRO M 5 -22.66 32.41 -20.29
C PRO M 5 -22.37 32.38 -21.79
N PHE M 6 -23.21 33.07 -22.56
CA PHE M 6 -22.96 33.21 -23.99
C PHE M 6 -21.83 34.20 -24.26
N GLY M 7 -21.60 35.17 -23.37
CA GLY M 7 -20.50 36.10 -23.55
C GLY M 7 -19.14 35.43 -23.50
N GLU M 8 -19.01 34.38 -22.68
CA GLU M 8 -17.76 33.64 -22.61
C GLU M 8 -17.43 32.96 -23.93
N VAL M 9 -18.46 32.55 -24.68
CA VAL M 9 -18.22 31.85 -25.95
C VAL M 9 -17.96 32.83 -27.08
N PHE M 10 -18.82 33.83 -27.23
CA PHE M 10 -18.69 34.77 -28.35
C PHE M 10 -17.51 35.71 -28.16
N ASN M 11 -17.51 36.47 -27.06
CA ASN M 11 -16.45 37.44 -26.80
C ASN M 11 -15.28 36.79 -26.05
N ALA M 12 -14.66 35.81 -26.70
CA ALA M 12 -13.49 35.12 -26.18
C ALA M 12 -12.25 35.60 -26.91
N THR M 13 -11.15 35.75 -26.15
CA THR M 13 -9.92 36.29 -26.73
C THR M 13 -9.33 35.34 -27.76
N ARG M 14 -9.46 34.03 -27.54
CA ARG M 14 -8.93 33.03 -28.46
C ARG M 14 -10.06 32.13 -28.93
N PHE M 15 -9.99 31.75 -30.20
CA PHE M 15 -10.88 30.75 -30.78
C PHE M 15 -10.06 29.52 -31.14
N ALA M 16 -10.77 28.44 -31.45
CA ALA M 16 -10.13 27.16 -31.74
C ALA M 16 -10.01 26.97 -33.25
N SER M 17 -9.10 26.08 -33.64
CA SER M 17 -8.99 25.69 -35.04
C SER M 17 -10.19 24.84 -35.44
N VAL M 18 -10.45 24.81 -36.75
CA VAL M 18 -11.64 24.11 -37.23
C VAL M 18 -11.53 22.61 -36.97
N TYR M 19 -10.31 22.06 -37.08
CA TYR M 19 -10.12 20.64 -36.78
C TYR M 19 -10.19 20.36 -35.28
N ALA M 20 -9.96 21.36 -34.44
CA ALA M 20 -10.01 21.21 -33.00
C ALA M 20 -11.06 22.14 -32.39
N TRP M 21 -12.25 22.16 -32.98
CA TRP M 21 -13.29 23.08 -32.55
C TRP M 21 -13.65 22.88 -31.09
N ASN M 22 -13.82 23.97 -30.37
CA ASN M 22 -14.21 23.93 -28.97
C ASN M 22 -15.72 23.84 -28.84
N ARG M 23 -16.17 23.17 -27.78
CA ARG M 23 -17.58 23.00 -27.51
C ARG M 23 -17.88 23.40 -26.07
N LYS M 24 -18.89 24.24 -25.90
CA LYS M 24 -19.33 24.68 -24.58
C LYS M 24 -20.72 24.13 -24.31
N ARG M 25 -20.91 23.53 -23.15
CA ARG M 25 -22.19 22.94 -22.75
C ARG M 25 -22.96 23.96 -21.92
N ILE M 26 -24.17 24.29 -22.36
CA ILE M 26 -25.01 25.28 -21.71
C ILE M 26 -26.18 24.55 -21.05
N SER M 27 -26.26 24.65 -19.73
CA SER M 27 -27.32 23.98 -18.98
C SER M 27 -27.54 24.70 -17.65
N ASN M 28 -28.73 24.49 -17.10
CA ASN M 28 -29.12 25.05 -15.79
C ASN M 28 -28.99 26.57 -15.78
N CYS M 29 -29.65 27.21 -16.74
CA CYS M 29 -29.66 28.67 -16.85
C CYS M 29 -30.76 29.05 -17.82
N VAL M 30 -31.16 30.32 -17.76
CA VAL M 30 -32.12 30.88 -18.71
C VAL M 30 -31.35 31.59 -19.81
N ALA M 31 -31.67 31.28 -21.06
CA ALA M 31 -30.95 31.81 -22.21
C ALA M 31 -31.86 32.82 -22.92
N ASP M 32 -31.52 34.10 -22.80
CA ASP M 32 -32.21 35.16 -23.53
C ASP M 32 -31.43 35.44 -24.80
N TYR M 33 -32.04 35.15 -25.94
CA TYR M 33 -31.38 35.32 -27.22
C TYR M 33 -31.62 36.70 -27.82
N SER M 34 -32.29 37.60 -27.10
CA SER M 34 -32.59 38.93 -27.63
C SER M 34 -31.30 39.68 -27.95
N VAL M 35 -30.29 39.58 -27.09
CA VAL M 35 -29.02 40.21 -27.38
C VAL M 35 -28.37 39.56 -28.60
N LEU M 36 -28.55 38.25 -28.76
CA LEU M 36 -27.86 37.52 -29.82
C LEU M 36 -28.51 37.77 -31.19
N TYR M 37 -29.79 37.43 -31.35
CA TYR M 37 -30.39 37.53 -32.68
C TYR M 37 -30.65 38.97 -33.09
N ASN M 38 -30.57 39.93 -32.16
CA ASN M 38 -30.69 41.35 -32.49
C ASN M 38 -29.35 42.06 -32.52
N SER M 39 -28.28 41.33 -32.84
CA SER M 39 -26.95 41.91 -32.98
C SER M 39 -26.56 41.89 -34.45
N ALA M 40 -26.10 43.03 -34.96
CA ALA M 40 -25.73 43.19 -36.36
C ALA M 40 -24.23 43.01 -36.61
N SER M 41 -23.49 42.51 -35.64
CA SER M 41 -22.06 42.28 -35.81
C SER M 41 -21.76 40.85 -36.24
N PHE M 42 -22.70 40.21 -36.92
CA PHE M 42 -22.57 38.84 -37.39
C PHE M 42 -22.75 38.83 -38.91
N SER M 43 -21.77 38.25 -39.62
CA SER M 43 -21.87 38.19 -41.07
C SER M 43 -22.88 37.15 -41.53
N THR M 44 -23.00 36.04 -40.81
CA THR M 44 -23.92 34.97 -41.17
C THR M 44 -24.68 34.55 -39.93
N PHE M 45 -26.01 34.45 -40.06
CA PHE M 45 -26.88 33.99 -38.98
C PHE M 45 -27.99 33.17 -39.64
N LYS M 46 -27.77 31.85 -39.74
CA LYS M 46 -28.69 30.95 -40.40
C LYS M 46 -29.20 29.93 -39.40
N CYS M 47 -30.51 29.80 -39.29
CA CYS M 47 -31.13 28.86 -38.37
C CYS M 47 -31.86 27.78 -39.16
N TYR M 48 -31.87 26.57 -38.61
CA TYR M 48 -32.49 25.42 -39.28
C TYR M 48 -33.46 24.76 -38.32
N GLY M 49 -34.73 24.65 -38.73
CA GLY M 49 -35.76 24.02 -37.93
C GLY M 49 -36.28 24.84 -36.77
N VAL M 50 -35.71 26.01 -36.51
CA VAL M 50 -36.13 26.87 -35.41
C VAL M 50 -36.10 28.32 -35.88
N SER M 51 -37.12 29.09 -35.50
CA SER M 51 -37.09 30.51 -35.84
C SER M 51 -36.36 31.28 -34.74
N PRO M 52 -35.53 32.26 -35.11
CA PRO M 52 -34.79 33.01 -34.07
C PRO M 52 -35.67 33.76 -33.10
N THR M 53 -36.78 34.34 -33.57
CA THR M 53 -37.68 35.06 -32.68
C THR M 53 -38.38 34.13 -31.70
N LYS M 54 -38.80 32.95 -32.17
CA LYS M 54 -39.51 31.99 -31.32
C LYS M 54 -38.58 31.29 -30.33
N LEU M 55 -37.27 31.51 -30.42
CA LEU M 55 -36.32 30.82 -29.54
C LEU M 55 -36.61 31.13 -28.08
N ASN M 56 -36.98 32.37 -27.77
CA ASN M 56 -37.24 32.77 -26.40
C ASN M 56 -38.50 32.13 -25.83
N ASP M 57 -39.33 31.49 -26.65
CA ASP M 57 -40.55 30.85 -26.20
C ASP M 57 -40.43 29.33 -26.17
N LEU M 58 -39.21 28.80 -26.17
CA LEU M 58 -38.97 27.37 -26.17
C LEU M 58 -38.09 26.98 -24.99
N CYS M 59 -38.00 25.67 -24.77
CA CYS M 59 -37.17 25.09 -23.73
C CYS M 59 -36.48 23.85 -24.26
N PHE M 60 -35.18 23.72 -23.99
CA PHE M 60 -34.40 22.59 -24.46
C PHE M 60 -33.66 21.95 -23.30
N THR M 61 -33.34 20.66 -23.48
CA THR M 61 -32.59 19.93 -22.47
C THR M 61 -31.20 20.52 -22.27
N ASN M 62 -30.44 20.67 -23.37
CA ASN M 62 -29.11 21.24 -23.31
C ASN M 62 -28.83 22.01 -24.60
N VAL M 63 -27.88 22.94 -24.53
CA VAL M 63 -27.43 23.72 -25.66
C VAL M 63 -25.93 23.53 -25.81
N TYR M 64 -25.47 23.35 -27.05
CA TYR M 64 -24.06 23.16 -27.34
C TYR M 64 -23.58 24.29 -28.24
N ALA M 65 -22.57 25.03 -27.77
CA ALA M 65 -22.00 26.15 -28.50
C ALA M 65 -20.63 25.73 -29.02
N ASP M 66 -20.57 25.38 -30.30
CA ASP M 66 -19.32 25.00 -30.94
C ASP M 66 -18.69 26.23 -31.57
N SER M 67 -17.38 26.41 -31.35
CA SER M 67 -16.68 27.60 -31.82
C SER M 67 -15.39 27.19 -32.51
N PHE M 68 -15.13 27.82 -33.66
CA PHE M 68 -13.91 27.58 -34.43
C PHE M 68 -13.71 28.75 -35.38
N VAL M 69 -12.65 28.68 -36.18
CA VAL M 69 -12.29 29.73 -37.13
C VAL M 69 -12.04 29.09 -38.49
N ILE M 70 -12.67 29.65 -39.51
CA ILE M 70 -12.45 29.27 -40.90
C ILE M 70 -12.31 30.54 -41.73
N ARG M 71 -12.18 30.38 -43.04
CA ARG M 71 -12.18 31.50 -43.97
C ARG M 71 -13.57 31.71 -44.54
N GLY M 72 -13.76 32.88 -45.16
CA GLY M 72 -15.09 33.24 -45.64
C GLY M 72 -15.66 32.28 -46.66
N ASP M 73 -14.82 31.83 -47.59
CA ASP M 73 -15.30 30.94 -48.66
C ASP M 73 -15.78 29.59 -48.14
N GLU M 74 -15.40 29.22 -46.92
CA GLU M 74 -15.78 27.95 -46.33
C GLU M 74 -17.00 28.07 -45.40
N VAL M 75 -17.56 29.26 -45.25
CA VAL M 75 -18.72 29.44 -44.38
C VAL M 75 -19.91 28.66 -44.91
N ARG M 76 -20.06 28.60 -46.24
CA ARG M 76 -21.18 27.87 -46.82
C ARG M 76 -21.13 26.38 -46.51
N GLN M 77 -19.96 25.84 -46.15
CA GLN M 77 -19.84 24.44 -45.81
C GLN M 77 -20.37 24.11 -44.42
N ILE M 78 -20.60 25.10 -43.57
CA ILE M 78 -21.16 24.86 -42.24
C ILE M 78 -22.68 24.90 -42.40
N ALA M 79 -23.24 23.78 -42.86
CA ALA M 79 -24.67 23.65 -43.08
C ALA M 79 -25.01 22.18 -43.33
N PRO M 80 -26.21 21.72 -42.99
CA PRO M 80 -26.56 20.32 -43.24
C PRO M 80 -26.51 19.99 -44.72
N GLY M 81 -26.02 18.79 -45.03
CA GLY M 81 -26.01 18.33 -46.40
C GLY M 81 -24.95 18.96 -47.28
N GLN M 82 -23.94 19.61 -46.69
CA GLN M 82 -22.90 20.27 -47.45
C GLN M 82 -21.70 19.34 -47.66
N THR M 83 -20.91 19.66 -48.67
CA THR M 83 -19.68 18.94 -48.99
C THR M 83 -18.52 19.92 -49.03
N GLY M 84 -17.31 19.36 -49.08
CA GLY M 84 -16.09 20.14 -49.04
C GLY M 84 -15.16 19.65 -47.95
N LYS M 85 -13.96 20.24 -47.96
CA LYS M 85 -12.92 19.81 -47.02
C LYS M 85 -13.35 20.07 -45.58
N ILE M 86 -13.93 21.23 -45.31
CA ILE M 86 -14.36 21.54 -43.94
C ILE M 86 -15.52 20.65 -43.53
N ALA M 87 -16.53 20.51 -44.41
CA ALA M 87 -17.71 19.74 -44.05
C ALA M 87 -17.42 18.25 -43.93
N ASP M 88 -16.49 17.73 -44.74
CA ASP M 88 -16.20 16.31 -44.75
C ASP M 88 -15.13 15.91 -43.74
N TYR M 89 -14.10 16.74 -43.57
CA TYR M 89 -12.94 16.36 -42.79
C TYR M 89 -12.70 17.19 -41.54
N ASN M 90 -13.44 18.28 -41.33
CA ASN M 90 -13.23 19.15 -40.18
C ASN M 90 -14.43 19.25 -39.27
N TYR M 91 -15.61 19.59 -39.81
CA TYR M 91 -16.80 19.79 -38.99
C TYR M 91 -18.03 19.49 -39.81
N LYS M 92 -18.79 18.47 -39.41
CA LYS M 92 -19.95 18.00 -40.15
C LYS M 92 -21.21 18.17 -39.31
N LEU M 93 -22.23 18.80 -39.91
CA LEU M 93 -23.53 18.94 -39.28
C LEU M 93 -24.48 17.86 -39.79
N PRO M 94 -25.35 17.33 -38.94
CA PRO M 94 -26.28 16.29 -39.38
C PRO M 94 -27.35 16.84 -40.32
N ASP M 95 -27.96 15.93 -41.08
CA ASP M 95 -29.00 16.33 -42.01
C ASP M 95 -30.23 16.86 -41.29
N ASP M 96 -30.51 16.35 -40.09
CA ASP M 96 -31.62 16.81 -39.26
C ASP M 96 -31.19 17.84 -38.24
N PHE M 97 -30.21 18.69 -38.59
CA PHE M 97 -29.69 19.66 -37.65
C PHE M 97 -30.78 20.64 -37.24
N THR M 98 -30.85 20.91 -35.94
CA THR M 98 -31.81 21.84 -35.37
C THR M 98 -31.04 22.87 -34.54
N GLY M 99 -30.97 24.09 -35.06
CA GLY M 99 -30.20 25.13 -34.40
C GLY M 99 -29.80 26.21 -35.40
N CYS M 100 -28.89 27.06 -34.94
CA CYS M 100 -28.46 28.22 -35.71
C CYS M 100 -26.93 28.19 -35.88
N VAL M 101 -26.47 28.74 -36.99
CA VAL M 101 -25.06 28.90 -37.28
C VAL M 101 -24.76 30.39 -37.36
N ILE M 102 -23.81 30.86 -36.56
CA ILE M 102 -23.45 32.27 -36.49
C ILE M 102 -21.98 32.44 -36.85
N ALA M 103 -21.70 33.43 -37.68
CA ALA M 103 -20.33 33.68 -38.14
C ALA M 103 -20.14 35.17 -38.35
N TRP M 104 -18.96 35.67 -37.98
CA TRP M 104 -18.62 37.08 -38.15
C TRP M 104 -17.15 37.21 -38.54
N ASN M 105 -16.87 38.25 -39.32
CA ASN M 105 -15.50 38.50 -39.75
C ASN M 105 -14.62 38.88 -38.58
N SER M 106 -13.41 38.31 -38.55
CA SER M 106 -12.44 38.56 -37.49
C SER M 106 -11.06 38.85 -38.09
N ASN M 107 -11.03 39.60 -39.20
CA ASN M 107 -9.75 39.95 -39.81
C ASN M 107 -8.94 40.86 -38.90
N ASN M 108 -9.60 41.70 -38.11
CA ASN M 108 -8.89 42.60 -37.21
C ASN M 108 -8.25 41.86 -36.04
N LEU M 109 -8.76 40.69 -35.68
CA LEU M 109 -8.32 39.97 -34.50
C LEU M 109 -7.35 38.83 -34.82
N ASP M 110 -7.69 38.01 -35.82
CA ASP M 110 -6.99 36.75 -36.08
C ASP M 110 -6.03 36.83 -37.26
N SER M 111 -5.66 38.04 -37.69
CA SER M 111 -4.79 38.20 -38.85
C SER M 111 -3.63 39.12 -38.52
N LYS M 112 -2.47 38.81 -39.09
CA LYS M 112 -1.26 39.62 -38.94
C LYS M 112 -0.51 39.66 -40.26
N VAL M 113 0.21 40.76 -40.48
CA VAL M 113 1.10 40.84 -41.63
C VAL M 113 2.16 39.75 -41.52
N GLY M 114 2.38 39.01 -42.60
CA GLY M 114 3.25 37.87 -42.60
C GLY M 114 2.55 36.54 -42.37
N GLY M 115 1.26 36.56 -42.04
CA GLY M 115 0.51 35.33 -41.88
C GLY M 115 0.31 34.89 -40.45
N ASN M 116 -0.94 34.63 -40.07
CA ASN M 116 -1.26 34.03 -38.78
C ASN M 116 -1.38 32.53 -38.96
N TYR M 117 -0.49 31.77 -38.32
CA TYR M 117 -0.40 30.34 -38.53
C TYR M 117 -0.84 29.53 -37.30
N ASN M 118 -1.63 30.13 -36.40
CA ASN M 118 -2.16 29.39 -35.27
C ASN M 118 -3.38 28.56 -35.65
N TYR M 119 -4.12 28.97 -36.67
CA TYR M 119 -5.34 28.28 -37.07
C TYR M 119 -5.05 27.28 -38.18
N LEU M 120 -5.47 26.04 -37.97
CA LEU M 120 -5.16 24.95 -38.89
C LEU M 120 -6.45 24.28 -39.37
N TYR M 121 -6.32 23.56 -40.48
CA TYR M 121 -7.42 22.78 -41.04
C TYR M 121 -6.90 21.44 -41.52
N ARG M 122 -7.76 20.43 -41.43
CA ARG M 122 -7.42 19.09 -41.89
C ARG M 122 -7.61 19.01 -43.41
N LEU M 123 -6.55 18.63 -44.12
CA LEU M 123 -6.60 18.56 -45.57
C LEU M 123 -6.81 17.14 -46.11
N PHE M 124 -6.30 16.13 -45.43
CA PHE M 124 -6.40 14.75 -45.88
C PHE M 124 -7.11 13.90 -44.84
N ARG M 125 -7.97 13.00 -45.31
CA ARG M 125 -8.62 12.01 -44.45
C ARG M 125 -9.18 10.91 -45.33
N LYS M 126 -9.10 9.67 -44.85
CA LYS M 126 -9.53 8.54 -45.65
C LYS M 126 -11.04 8.55 -45.88
N SER M 127 -11.81 8.93 -44.85
CA SER M 127 -13.26 8.93 -44.93
C SER M 127 -13.81 10.23 -44.38
N ASN M 128 -15.05 10.53 -44.74
CA ASN M 128 -15.69 11.73 -44.24
C ASN M 128 -16.03 11.62 -42.76
N LEU M 129 -16.17 12.77 -42.12
CA LEU M 129 -16.52 12.80 -40.71
C LEU M 129 -18.01 12.55 -40.49
N LYS M 130 -18.32 11.76 -39.47
CA LYS M 130 -19.69 11.61 -39.02
C LYS M 130 -20.13 12.89 -38.33
N PRO M 131 -21.44 13.12 -38.19
CA PRO M 131 -21.91 14.37 -37.60
C PRO M 131 -21.33 14.61 -36.21
N PHE M 132 -20.89 15.85 -35.99
CA PHE M 132 -20.32 16.30 -34.71
C PHE M 132 -19.08 15.49 -34.30
N GLU M 133 -18.33 15.01 -35.28
CA GLU M 133 -17.09 14.30 -35.01
C GLU M 133 -15.92 15.29 -35.00
N ARG M 134 -14.99 15.07 -34.07
CA ARG M 134 -13.83 15.93 -33.89
C ARG M 134 -12.58 15.08 -34.00
N ASP M 135 -11.86 15.21 -35.12
CA ASP M 135 -10.66 14.43 -35.40
C ASP M 135 -9.45 15.37 -35.32
N ILE M 136 -8.62 15.17 -34.32
CA ILE M 136 -7.41 15.97 -34.13
C ILE M 136 -6.16 15.11 -34.32
N SER M 137 -6.29 13.96 -34.98
CA SER M 137 -5.15 13.07 -35.19
C SER M 137 -4.10 13.74 -36.05
N THR M 138 -2.83 13.47 -35.74
CA THR M 138 -1.71 13.99 -36.50
C THR M 138 -0.94 12.88 -37.23
N GLU M 139 -1.56 11.73 -37.41
CA GLU M 139 -0.91 10.63 -38.11
C GLU M 139 -0.69 11.00 -39.58
N ILE M 140 0.44 10.56 -40.12
CA ILE M 140 0.80 10.89 -41.49
C ILE M 140 -0.17 10.20 -42.46
N TYR M 141 -0.72 10.98 -43.38
CA TYR M 141 -1.67 10.44 -44.35
C TYR M 141 -0.95 9.65 -45.43
N GLN M 142 -1.42 8.43 -45.69
CA GLN M 142 -0.82 7.55 -46.69
C GLN M 142 -1.61 7.66 -47.98
N ALA M 143 -1.07 8.41 -48.93
CA ALA M 143 -1.69 8.57 -50.24
C ALA M 143 -1.29 7.47 -51.22
N GLY M 144 -0.35 6.60 -50.85
CA GLY M 144 0.06 5.51 -51.72
C GLY M 144 -0.04 4.17 -51.01
N SER M 145 0.72 3.18 -51.49
CA SER M 145 0.70 1.85 -50.92
C SER M 145 1.88 1.60 -49.97
N THR M 146 2.76 2.57 -49.81
CA THR M 146 3.90 2.42 -48.90
C THR M 146 3.56 2.99 -47.53
N PRO M 147 3.71 2.21 -46.47
CA PRO M 147 3.44 2.75 -45.13
C PRO M 147 4.35 3.93 -44.82
N CYS M 148 3.77 4.96 -44.20
CA CYS M 148 4.52 6.18 -43.95
C CYS M 148 5.38 6.07 -42.70
N ASN M 149 4.86 5.40 -41.66
CA ASN M 149 5.60 5.19 -40.42
C ASN M 149 6.01 6.51 -39.77
N GLY M 150 5.14 7.52 -39.86
CA GLY M 150 5.33 8.75 -39.13
C GLY M 150 6.35 9.72 -39.67
N VAL M 151 6.90 9.46 -40.87
CA VAL M 151 7.86 10.37 -41.49
C VAL M 151 7.26 10.89 -42.79
N GLU M 152 7.33 12.20 -42.99
CA GLU M 152 6.78 12.81 -44.19
C GLU M 152 7.67 12.51 -45.40
N GLY M 153 7.09 12.65 -46.58
CA GLY M 153 7.81 12.38 -47.80
C GLY M 153 6.85 12.37 -48.97
N PHE M 154 7.29 11.76 -50.08
CA PHE M 154 6.41 11.62 -51.22
C PHE M 154 5.28 10.67 -50.89
N ASN M 155 4.05 11.08 -51.19
CA ASN M 155 2.82 10.34 -50.88
C ASN M 155 2.67 10.09 -49.38
N CYS M 156 3.32 10.92 -48.55
CA CYS M 156 3.19 10.82 -47.10
C CYS M 156 3.24 12.24 -46.54
N TYR M 157 2.08 12.82 -46.28
CA TYR M 157 1.94 14.22 -45.95
C TYR M 157 1.28 14.39 -44.59
N PHE M 158 1.67 15.45 -43.89
CA PHE M 158 1.02 15.81 -42.64
C PHE M 158 -0.41 16.22 -42.91
N PRO M 159 -1.40 15.66 -42.21
CA PRO M 159 -2.81 15.93 -42.57
C PRO M 159 -3.24 17.36 -42.37
N LEU M 160 -2.55 18.14 -41.55
CA LEU M 160 -2.99 19.50 -41.23
C LEU M 160 -2.21 20.53 -42.04
N GLN M 161 -2.88 21.63 -42.35
CA GLN M 161 -2.27 22.80 -42.98
C GLN M 161 -2.76 24.07 -42.30
N SER M 162 -1.97 25.12 -42.43
CA SER M 162 -2.26 26.41 -41.83
C SER M 162 -2.91 27.34 -42.84
N TYR M 163 -3.87 28.15 -42.37
CA TYR M 163 -4.51 29.11 -43.24
C TYR M 163 -3.56 30.24 -43.64
N GLY M 164 -2.77 30.72 -42.68
CA GLY M 164 -1.87 31.84 -42.94
C GLY M 164 -2.62 33.12 -43.27
N PHE M 165 -3.47 33.57 -42.34
CA PHE M 165 -4.31 34.73 -42.59
C PHE M 165 -3.47 35.99 -42.64
N GLN M 166 -3.63 36.78 -43.71
CA GLN M 166 -3.00 38.07 -43.85
C GLN M 166 -4.04 39.15 -44.09
N PRO M 167 -3.84 40.35 -43.55
CA PRO M 167 -4.84 41.42 -43.74
C PRO M 167 -4.98 41.87 -45.17
N THR M 168 -3.98 41.63 -46.03
CA THR M 168 -4.08 42.00 -47.43
C THR M 168 -4.87 40.99 -48.26
N ASN M 169 -5.26 39.86 -47.68
CA ASN M 169 -6.04 38.87 -48.41
C ASN M 169 -7.44 39.39 -48.70
N GLY M 170 -8.04 38.83 -49.74
CA GLY M 170 -9.40 39.15 -50.08
C GLY M 170 -10.38 38.70 -49.02
N VAL M 171 -11.60 39.25 -49.09
CA VAL M 171 -12.63 38.96 -48.09
C VAL M 171 -12.96 37.48 -48.07
N GLY M 172 -12.77 36.77 -49.19
CA GLY M 172 -13.00 35.34 -49.24
C GLY M 172 -11.97 34.53 -48.47
N TYR M 173 -10.79 35.10 -48.23
CA TYR M 173 -9.73 34.44 -47.48
C TYR M 173 -9.48 35.06 -46.12
N GLN M 174 -10.34 35.99 -45.69
CA GLN M 174 -10.17 36.58 -44.37
C GLN M 174 -10.75 35.64 -43.31
N PRO M 175 -10.21 35.69 -42.08
CA PRO M 175 -10.70 34.77 -41.05
C PRO M 175 -12.09 35.15 -40.56
N TYR M 176 -12.93 34.14 -40.41
CA TYR M 176 -14.27 34.31 -39.85
C TYR M 176 -14.43 33.40 -38.64
N ARG M 177 -14.91 33.96 -37.54
CA ARG M 177 -15.20 33.20 -36.33
C ARG M 177 -16.63 32.66 -36.41
N VAL M 178 -16.79 31.37 -36.19
CA VAL M 178 -18.06 30.68 -36.39
C VAL M 178 -18.49 30.04 -35.08
N VAL M 179 -19.74 30.28 -34.69
CA VAL M 179 -20.35 29.67 -33.51
C VAL M 179 -21.61 28.93 -33.96
N VAL M 180 -21.67 27.63 -33.64
CA VAL M 180 -22.81 26.79 -33.99
C VAL M 180 -23.56 26.45 -32.72
N LEU M 181 -24.81 26.88 -32.64
CA LEU M 181 -25.66 26.60 -31.48
C LEU M 181 -26.58 25.43 -31.82
N SER M 182 -26.39 24.31 -31.14
CA SER M 182 -27.22 23.12 -31.32
C SER M 182 -28.14 22.98 -30.12
N PHE M 183 -29.45 22.94 -30.37
CA PHE M 183 -30.46 22.81 -29.34
C PHE M 183 -30.95 21.36 -29.34
N GLU M 184 -30.50 20.59 -28.35
CA GLU M 184 -30.83 19.18 -28.28
C GLU M 184 -32.17 18.99 -27.58
N LEU M 185 -32.94 18.00 -28.05
CA LEU M 185 -34.25 17.68 -27.52
C LEU M 185 -34.23 16.22 -27.07
N LEU M 186 -34.23 16.01 -25.77
CA LEU M 186 -34.17 14.68 -25.19
C LEU M 186 -35.36 14.44 -24.27
N HIS M 187 -35.58 13.18 -23.94
CA HIS M 187 -36.63 12.79 -22.99
C HIS M 187 -36.07 12.90 -21.57
N ALA M 188 -35.78 14.15 -21.20
CA ALA M 188 -35.18 14.48 -19.91
C ALA M 188 -35.66 15.86 -19.51
N PRO M 189 -35.61 16.20 -18.22
CA PRO M 189 -36.03 17.54 -17.80
C PRO M 189 -35.22 18.63 -18.49
N ALA M 190 -35.90 19.68 -18.92
CA ALA M 190 -35.27 20.78 -19.62
C ALA M 190 -34.64 21.75 -18.64
N THR M 191 -33.42 22.18 -18.93
CA THR M 191 -32.68 23.07 -18.05
C THR M 191 -32.33 24.40 -18.71
N VAL M 192 -32.73 24.62 -19.96
CA VAL M 192 -32.49 25.86 -20.67
C VAL M 192 -33.81 26.36 -21.23
N CYS M 193 -34.17 27.60 -20.90
CA CYS M 193 -35.41 28.20 -21.36
C CYS M 193 -35.17 29.68 -21.65
N GLY M 194 -36.11 30.27 -22.39
CA GLY M 194 -36.03 31.68 -22.72
C GLY M 194 -36.78 32.58 -21.75
N GLN N 1 12.75 48.45 -28.36
CA GLN N 1 13.27 47.77 -29.55
C GLN N 1 13.51 46.29 -29.28
N VAL N 2 13.31 45.46 -30.29
CA VAL N 2 13.55 44.03 -30.17
C VAL N 2 15.04 43.77 -30.29
N GLN N 3 15.58 42.97 -29.35
CA GLN N 3 16.99 42.64 -29.33
C GLN N 3 17.17 41.14 -29.15
N LEU N 4 18.11 40.56 -29.89
CA LEU N 4 18.45 39.15 -29.79
C LEU N 4 19.95 39.04 -29.51
N LEU N 5 20.29 38.58 -28.31
CA LEU N 5 21.67 38.44 -27.88
C LEU N 5 22.03 36.96 -27.86
N GLU N 6 23.15 36.62 -28.50
CA GLU N 6 23.58 35.23 -28.65
C GLU N 6 24.82 34.97 -27.82
N SER N 7 24.95 33.72 -27.36
CA SER N 7 26.08 33.32 -26.55
C SER N 7 26.26 31.81 -26.67
N GLY N 8 27.44 31.34 -26.27
CA GLY N 8 27.77 29.93 -26.26
C GLY N 8 28.76 29.50 -27.31
N GLY N 9 29.18 30.41 -28.21
CA GLY N 9 30.12 30.04 -29.24
C GLY N 9 31.54 29.87 -28.70
N GLY N 10 32.37 29.21 -29.49
CA GLY N 10 33.76 29.00 -29.13
C GLY N 10 34.34 27.86 -29.95
N LEU N 11 35.43 27.30 -29.43
CA LEU N 11 36.13 26.20 -30.07
C LEU N 11 35.76 24.89 -29.40
N VAL N 12 35.66 23.84 -30.20
CA VAL N 12 35.33 22.51 -29.70
C VAL N 12 35.98 21.48 -30.62
N GLN N 13 36.44 20.38 -30.02
CA GLN N 13 37.03 19.31 -30.79
C GLN N 13 35.95 18.58 -31.58
N PRO N 14 36.32 17.93 -32.68
CA PRO N 14 35.32 17.13 -33.42
C PRO N 14 34.76 16.02 -32.55
N GLY N 15 33.45 15.81 -32.66
CA GLY N 15 32.74 14.89 -31.80
C GLY N 15 32.29 15.48 -30.49
N GLY N 16 32.68 16.71 -30.19
CA GLY N 16 32.30 17.37 -28.96
C GLY N 16 30.89 17.94 -29.01
N SER N 17 30.56 18.68 -27.96
CA SER N 17 29.22 19.23 -27.84
C SER N 17 29.27 20.59 -27.14
N LEU N 18 28.33 21.45 -27.51
CA LEU N 18 28.17 22.75 -26.85
C LEU N 18 26.75 23.24 -27.11
N ARG N 19 26.29 24.12 -26.23
CA ARG N 19 24.94 24.68 -26.30
C ARG N 19 25.01 26.18 -26.50
N LEU N 20 24.22 26.68 -27.46
CA LEU N 20 24.14 28.10 -27.74
C LEU N 20 22.83 28.65 -27.19
N SER N 21 22.87 29.88 -26.68
CA SER N 21 21.71 30.52 -26.11
C SER N 21 21.41 31.81 -26.87
N CYS N 22 20.12 32.11 -27.03
CA CYS N 22 19.66 33.31 -27.72
C CYS N 22 18.61 33.97 -26.84
N ALA N 23 19.02 35.04 -26.15
CA ALA N 23 18.11 35.77 -25.28
C ALA N 23 17.39 36.84 -26.11
N ALA N 24 16.07 36.74 -26.18
CA ALA N 24 15.27 37.66 -26.97
C ALA N 24 14.45 38.55 -26.05
N SER N 25 14.23 39.79 -26.49
CA SER N 25 13.50 40.76 -25.70
C SER N 25 12.87 41.78 -26.64
N GLY N 26 11.86 42.50 -26.12
CA GLY N 26 11.19 43.53 -26.88
C GLY N 26 9.95 43.08 -27.63
N PHE N 27 9.52 41.83 -27.43
CA PHE N 27 8.35 41.31 -28.11
C PHE N 27 7.84 40.11 -27.31
N THR N 28 6.65 39.65 -27.68
CA THR N 28 6.07 38.46 -27.06
C THR N 28 6.80 37.24 -27.58
N PHE N 29 7.68 36.69 -26.75
CA PHE N 29 8.55 35.59 -27.20
C PHE N 29 7.74 34.35 -27.53
N SER N 30 6.76 34.00 -26.71
CA SER N 30 5.95 32.82 -26.96
C SER N 30 5.06 32.96 -28.21
N SER N 31 4.94 34.18 -28.74
CA SER N 31 4.05 34.46 -29.86
C SER N 31 4.69 34.24 -31.22
N TYR N 32 6.01 34.16 -31.30
CA TYR N 32 6.69 34.06 -32.59
C TYR N 32 7.57 32.82 -32.64
N ALA N 33 7.74 32.29 -33.86
CA ALA N 33 8.62 31.16 -34.07
C ALA N 33 10.08 31.62 -34.13
N MET N 34 10.97 30.80 -33.59
CA MET N 34 12.39 31.09 -33.55
C MET N 34 13.15 30.05 -34.34
N SER N 35 14.31 30.44 -34.88
CA SER N 35 15.09 29.59 -35.76
C SER N 35 16.57 29.81 -35.53
N TRP N 36 17.35 28.79 -35.88
CA TRP N 36 18.81 28.88 -35.90
C TRP N 36 19.30 28.71 -37.33
N VAL N 37 20.09 29.68 -37.79
CA VAL N 37 20.67 29.66 -39.13
C VAL N 37 22.19 29.72 -39.00
N ARG N 38 22.87 28.98 -39.87
CA ARG N 38 24.33 28.89 -39.86
C ARG N 38 24.87 29.43 -41.17
N GLN N 39 26.10 29.95 -41.11
CA GLN N 39 26.78 30.49 -42.29
C GLN N 39 28.26 30.15 -42.19
N ALA N 40 28.73 29.26 -43.06
CA ALA N 40 30.14 28.91 -43.07
C ALA N 40 30.97 30.09 -43.59
N PRO N 41 32.24 30.17 -43.21
CA PRO N 41 33.09 31.27 -43.69
C PRO N 41 33.15 31.29 -45.21
N GLY N 42 32.69 32.40 -45.79
CA GLY N 42 32.66 32.54 -47.24
C GLY N 42 31.57 31.77 -47.93
N LYS N 43 30.53 31.35 -47.21
CA LYS N 43 29.41 30.62 -47.78
C LYS N 43 28.12 31.42 -47.56
N GLY N 44 27.07 31.00 -48.25
CA GLY N 44 25.76 31.58 -48.06
C GLY N 44 25.07 31.04 -46.82
N LEU N 45 23.89 31.60 -46.55
CA LEU N 45 23.10 31.15 -45.41
C LEU N 45 22.57 29.75 -45.63
N GLU N 46 22.26 29.08 -44.52
CA GLU N 46 21.70 27.73 -44.55
C GLU N 46 20.88 27.53 -43.28
N TRP N 47 19.58 27.36 -43.45
CA TRP N 47 18.71 27.11 -42.31
C TRP N 47 19.08 25.80 -41.62
N ALA N 48 19.07 25.82 -40.29
CA ALA N 48 19.48 24.66 -39.52
C ALA N 48 18.35 24.06 -38.69
N SER N 49 17.59 24.88 -37.97
CA SER N 49 16.51 24.38 -37.14
C SER N 49 15.57 25.52 -36.80
N ALA N 50 14.39 25.15 -36.30
CA ALA N 50 13.37 26.14 -35.95
C ALA N 50 12.38 25.51 -34.99
N ILE N 51 11.77 26.35 -34.16
CA ILE N 51 10.73 25.94 -33.22
C ILE N 51 9.52 26.85 -33.40
N SER N 52 8.34 26.29 -33.15
CA SER N 52 7.14 27.08 -33.02
C SER N 52 7.19 27.94 -31.75
N GLY N 53 6.25 28.88 -31.66
CA GLY N 53 6.23 29.77 -30.52
C GLY N 53 5.99 29.06 -29.21
N SER N 54 5.09 28.06 -29.22
CA SER N 54 4.79 27.32 -28.00
C SER N 54 5.91 26.36 -27.63
N GLY N 55 6.70 25.91 -28.60
CA GLY N 55 7.77 24.96 -28.36
C GLY N 55 7.42 23.52 -28.62
N GLY N 56 6.18 23.22 -29.02
CA GLY N 56 5.79 21.84 -29.26
C GLY N 56 6.29 21.27 -30.57
N SER N 57 6.49 22.12 -31.57
CA SER N 57 6.88 21.68 -32.91
C SER N 57 8.29 22.16 -33.22
N THR N 58 9.13 21.23 -33.70
CA THR N 58 10.51 21.52 -34.05
C THR N 58 10.83 20.96 -35.43
N TYR N 59 11.70 21.65 -36.16
CA TYR N 59 12.17 21.21 -37.46
C TYR N 59 13.69 21.27 -37.48
N TYR N 60 14.31 20.31 -38.17
CA TYR N 60 15.75 20.26 -38.34
C TYR N 60 16.11 20.01 -39.80
N ALA N 61 17.23 20.59 -40.23
CA ALA N 61 17.74 20.32 -41.55
C ALA N 61 18.31 18.90 -41.60
N ASP N 62 18.43 18.37 -42.82
CA ASP N 62 18.94 17.02 -42.98
C ASP N 62 20.39 16.89 -42.52
N SER N 63 21.18 17.96 -42.70
CA SER N 63 22.57 17.93 -42.24
C SER N 63 22.66 17.82 -40.72
N VAL N 64 21.67 18.34 -40.00
CA VAL N 64 21.73 18.45 -38.55
C VAL N 64 20.75 17.52 -37.84
N GLU N 65 19.89 16.82 -38.58
CA GLU N 65 18.88 15.99 -37.95
C GLU N 65 19.53 14.86 -37.14
N GLY N 66 19.04 14.67 -35.92
CA GLY N 66 19.60 13.66 -35.04
C GLY N 66 20.81 14.13 -34.28
N ARG N 67 21.63 14.97 -34.93
CA ARG N 67 22.83 15.49 -34.28
C ARG N 67 22.50 16.62 -33.31
N PHE N 68 21.77 17.63 -33.78
CA PHE N 68 21.43 18.77 -32.96
C PHE N 68 20.00 18.65 -32.45
N THR N 69 19.77 19.18 -31.25
CA THR N 69 18.43 19.31 -30.69
C THR N 69 18.21 20.75 -30.26
N ILE N 70 17.03 21.27 -30.59
CA ILE N 70 16.69 22.67 -30.36
C ILE N 70 15.59 22.74 -29.31
N SER N 71 15.70 23.69 -28.39
CA SER N 71 14.75 23.83 -27.30
C SER N 71 14.51 25.31 -27.02
N ARG N 72 13.52 25.58 -26.17
CA ARG N 72 13.09 26.94 -25.90
C ARG N 72 12.47 27.02 -24.51
N ASP N 73 12.82 28.08 -23.78
CA ASP N 73 12.21 28.40 -22.48
C ASP N 73 11.48 29.73 -22.62
N ASN N 74 10.14 29.68 -22.64
CA ASN N 74 9.37 30.92 -22.81
C ASN N 74 9.49 31.83 -21.60
N SER N 75 9.62 31.26 -20.39
CA SER N 75 9.76 32.10 -19.20
C SER N 75 11.05 32.90 -19.24
N LYS N 76 12.16 32.27 -19.65
CA LYS N 76 13.44 32.94 -19.75
C LYS N 76 13.57 33.78 -21.01
N ASN N 77 12.64 33.66 -21.96
CA ASN N 77 12.76 34.29 -23.28
C ASN N 77 14.08 33.91 -23.96
N THR N 78 14.41 32.62 -23.89
CA THR N 78 15.68 32.12 -24.40
C THR N 78 15.45 30.98 -25.37
N LEU N 79 16.22 30.98 -26.45
CA LEU N 79 16.24 29.90 -27.42
C LEU N 79 17.55 29.15 -27.30
N TYR N 80 17.48 27.82 -27.34
CA TYR N 80 18.64 26.98 -27.13
C TYR N 80 18.87 26.06 -28.32
N LEU N 81 20.14 25.85 -28.66
CA LEU N 81 20.55 24.91 -29.70
C LEU N 81 21.66 24.05 -29.16
N GLN N 82 21.35 22.79 -28.84
CA GLN N 82 22.35 21.85 -28.35
C GLN N 82 22.93 21.08 -29.52
N MET N 83 24.23 21.25 -29.75
CA MET N 83 24.93 20.64 -30.87
C MET N 83 25.78 19.49 -30.35
N ASN N 84 25.51 18.28 -30.84
CA ASN N 84 26.22 17.08 -30.43
C ASN N 84 26.84 16.40 -31.65
N SER N 85 27.88 15.62 -31.41
CA SER N 85 28.61 14.90 -32.46
C SER N 85 29.08 15.86 -33.54
N LEU N 86 29.77 16.91 -33.12
CA LEU N 86 30.17 17.98 -34.02
C LEU N 86 31.25 17.52 -35.00
N ARG N 87 31.20 18.07 -36.21
CA ARG N 87 32.18 17.79 -37.25
C ARG N 87 32.70 19.10 -37.81
N ALA N 88 33.72 18.99 -38.66
CA ALA N 88 34.41 20.17 -39.18
C ALA N 88 33.48 21.06 -40.01
N GLU N 89 32.55 20.44 -40.75
CA GLU N 89 31.64 21.22 -41.60
C GLU N 89 30.70 22.09 -40.77
N ASP N 90 30.49 21.77 -39.50
CA ASP N 90 29.63 22.58 -38.64
C ASP N 90 30.25 23.91 -38.25
N THR N 91 31.55 24.09 -38.47
CA THR N 91 32.20 25.37 -38.18
C THR N 91 31.56 26.48 -39.00
N ALA N 92 30.86 27.39 -38.33
CA ALA N 92 30.10 28.43 -39.00
C ALA N 92 29.68 29.47 -37.97
N VAL N 93 29.21 30.61 -38.46
CA VAL N 93 28.59 31.63 -37.63
C VAL N 93 27.11 31.31 -37.53
N TYR N 94 26.60 31.18 -36.31
CA TYR N 94 25.23 30.77 -36.06
C TYR N 94 24.42 31.97 -35.61
N TYR N 95 23.30 32.21 -36.29
CA TYR N 95 22.38 33.28 -35.97
C TYR N 95 21.05 32.71 -35.49
N CYS N 96 20.43 33.40 -34.54
CA CYS N 96 19.04 33.12 -34.17
C CYS N 96 18.14 34.20 -34.74
N ALA N 97 17.02 33.78 -35.32
CA ALA N 97 16.14 34.69 -36.05
C ALA N 97 14.71 34.56 -35.55
N LYS N 98 14.07 35.71 -35.35
CA LYS N 98 12.65 35.77 -35.07
C LYS N 98 11.89 35.97 -36.38
N ASP N 99 10.87 35.14 -36.59
CA ASP N 99 10.13 35.17 -37.85
C ASP N 99 9.08 36.27 -37.84
N THR N 100 8.77 36.79 -39.03
CA THR N 100 7.69 37.75 -39.20
C THR N 100 6.33 37.10 -39.08
N GLY N 101 6.27 35.76 -39.17
CA GLY N 101 5.00 35.08 -39.10
C GLY N 101 4.47 34.98 -37.69
N TYR N 102 3.19 34.67 -37.60
CA TYR N 102 2.47 34.59 -36.33
C TYR N 102 2.21 33.12 -36.00
N CYS N 103 2.95 32.61 -35.02
CA CYS N 103 2.84 31.22 -34.59
C CYS N 103 2.59 31.20 -33.08
N GLY N 104 2.75 30.05 -32.45
CA GLY N 104 2.67 30.00 -31.00
C GLY N 104 1.74 28.91 -30.51
N ASP N 105 0.71 29.31 -29.75
CA ASP N 105 -0.18 28.35 -29.14
C ASP N 105 -0.99 27.64 -30.22
N ASP N 106 -0.94 26.31 -30.21
CA ASP N 106 -1.67 25.47 -31.17
C ASP N 106 -1.25 25.73 -32.61
N CYS N 107 0.02 26.10 -32.82
CA CYS N 107 0.56 26.20 -34.18
C CYS N 107 1.59 25.09 -34.38
N TYR N 108 1.92 24.85 -35.65
CA TYR N 108 2.86 23.82 -36.03
C TYR N 108 3.97 24.40 -36.89
N ILE N 109 5.20 23.96 -36.63
CA ILE N 109 6.33 24.28 -37.49
C ILE N 109 6.17 23.44 -38.76
N LYS N 110 6.95 23.78 -39.79
CA LYS N 110 7.01 23.15 -41.13
C LYS N 110 5.68 23.33 -41.85
N LEU N 111 4.70 23.92 -41.18
CA LEU N 111 3.44 24.31 -41.79
C LEU N 111 3.32 25.82 -41.96
N ILE N 112 4.36 26.57 -41.59
CA ILE N 112 4.34 28.01 -41.66
C ILE N 112 5.14 28.45 -42.89
N ARG N 113 5.00 29.73 -43.25
CA ARG N 113 5.71 30.28 -44.40
C ARG N 113 5.78 31.78 -44.26
N GLY N 114 6.96 32.34 -44.53
CA GLY N 114 7.15 33.76 -44.39
C GLY N 114 8.61 34.19 -44.39
N GLY N 115 9.01 34.97 -43.39
CA GLY N 115 10.36 35.44 -43.30
C GLY N 115 10.77 35.84 -41.90
N PRO N 116 12.08 35.96 -41.67
CA PRO N 116 12.58 36.35 -40.35
C PRO N 116 12.40 37.86 -40.13
N ASP N 117 11.78 38.21 -39.02
CA ASP N 117 11.68 39.61 -38.62
C ASP N 117 13.06 40.18 -38.31
N TYR N 118 13.73 39.65 -37.29
CA TYR N 118 14.98 40.19 -36.79
C TYR N 118 15.99 39.07 -36.59
N TRP N 119 17.27 39.44 -36.59
CA TRP N 119 18.37 38.50 -36.43
C TRP N 119 19.25 38.95 -35.28
N GLY N 120 19.84 37.98 -34.58
CA GLY N 120 20.80 38.27 -33.55
C GLY N 120 22.15 38.69 -34.11
N GLN N 121 23.05 39.11 -33.21
CA GLN N 121 24.36 39.56 -33.66
C GLN N 121 25.19 38.44 -34.26
N GLY N 122 24.94 37.19 -33.86
CA GLY N 122 25.67 36.07 -34.40
C GLY N 122 26.87 35.67 -33.57
N THR N 123 27.01 34.37 -33.34
CA THR N 123 28.13 33.83 -32.56
C THR N 123 28.84 32.77 -33.40
N LEU N 124 30.16 32.72 -33.28
CA LEU N 124 31.00 31.85 -34.09
C LEU N 124 31.35 30.59 -33.31
N VAL N 125 31.24 29.44 -33.97
CA VAL N 125 31.67 28.18 -33.41
C VAL N 125 32.66 27.55 -34.38
N THR N 126 33.79 27.09 -33.86
CA THR N 126 34.81 26.42 -34.66
C THR N 126 34.98 25.00 -34.16
N VAL N 127 34.95 24.05 -35.09
CA VAL N 127 35.14 22.63 -34.77
C VAL N 127 36.45 22.21 -35.41
N SER N 128 37.46 21.94 -34.58
CA SER N 128 38.76 21.52 -35.06
C SER N 128 39.53 20.90 -33.91
N SER N 129 40.66 20.27 -34.25
CA SER N 129 41.53 19.61 -33.27
C SER N 129 42.78 20.47 -33.12
N ALA N 130 42.72 21.46 -32.22
CA ALA N 130 43.84 22.35 -31.98
C ALA N 130 43.58 23.10 -30.68
N SER N 131 44.67 23.47 -30.00
CA SER N 131 44.57 24.14 -28.71
C SER N 131 44.41 25.64 -28.88
N THR N 132 43.62 26.24 -27.99
CA THR N 132 43.48 27.69 -27.97
C THR N 132 44.78 28.35 -27.51
N LYS N 133 45.08 29.51 -28.07
CA LYS N 133 46.26 30.26 -27.70
C LYS N 133 45.94 31.76 -27.71
N GLY N 134 46.32 32.44 -26.64
CA GLY N 134 46.09 33.86 -26.53
C GLY N 134 46.95 34.67 -27.48
N PRO N 135 46.47 35.84 -27.88
CA PRO N 135 47.21 36.66 -28.83
C PRO N 135 48.30 37.50 -28.18
N SER N 136 49.31 37.83 -28.99
CA SER N 136 50.34 38.79 -28.63
C SER N 136 50.08 40.09 -29.39
N VAL N 137 50.03 41.20 -28.68
CA VAL N 137 49.69 42.49 -29.25
C VAL N 137 50.95 43.35 -29.30
N PHE N 138 51.28 43.83 -30.50
CA PHE N 138 52.45 44.66 -30.71
C PHE N 138 52.06 46.01 -31.29
N PRO N 139 52.76 47.07 -30.92
CA PRO N 139 52.40 48.41 -31.41
C PRO N 139 52.97 48.70 -32.78
N LEU N 140 52.17 49.39 -33.59
CA LEU N 140 52.60 49.94 -34.87
C LEU N 140 52.63 51.45 -34.70
N ALA N 141 53.83 52.02 -34.67
CA ALA N 141 53.88 53.40 -34.21
C ALA N 141 54.08 54.37 -35.36
N PRO N 142 53.42 55.53 -35.32
CA PRO N 142 53.58 56.51 -36.40
C PRO N 142 54.94 57.17 -36.36
N SER N 143 55.35 57.68 -37.51
CA SER N 143 56.62 58.39 -37.63
C SER N 143 56.50 59.56 -38.60
N GLY N 150 50.23 65.91 -42.58
CA GLY N 150 49.13 66.35 -41.74
C GLY N 150 48.32 65.20 -41.16
N THR N 151 48.51 64.01 -41.73
CA THR N 151 47.80 62.82 -41.28
C THR N 151 48.81 61.72 -41.04
N ALA N 152 48.75 61.09 -39.86
CA ALA N 152 49.64 60.00 -39.49
C ALA N 152 48.81 58.78 -39.13
N ALA N 153 49.42 57.61 -39.27
CA ALA N 153 48.74 56.34 -39.04
C ALA N 153 49.45 55.55 -37.96
N LEU N 154 48.66 54.90 -37.11
CA LEU N 154 49.17 54.01 -36.07
C LEU N 154 48.22 52.83 -35.94
N GLY N 155 48.66 51.82 -35.21
CA GLY N 155 47.84 50.64 -35.04
C GLY N 155 48.47 49.62 -34.13
N CYS N 156 47.84 48.45 -34.09
CA CYS N 156 48.26 47.34 -33.27
C CYS N 156 48.25 46.06 -34.09
N LEU N 157 49.22 45.18 -33.84
CA LEU N 157 49.33 43.90 -34.52
C LEU N 157 48.92 42.79 -33.56
N VAL N 158 47.84 42.09 -33.88
CA VAL N 158 47.34 40.98 -33.08
C VAL N 158 47.79 39.70 -33.77
N LYS N 159 48.83 39.07 -33.22
CA LYS N 159 49.50 37.96 -33.89
C LYS N 159 49.52 36.72 -33.01
N ASP N 160 49.52 35.55 -33.66
CA ASP N 160 49.72 34.26 -33.02
C ASP N 160 48.63 33.95 -32.01
N TYR N 161 47.39 33.92 -32.50
CA TYR N 161 46.23 33.52 -31.71
C TYR N 161 45.42 32.50 -32.46
N PHE N 162 44.64 31.71 -31.70
CA PHE N 162 43.76 30.70 -32.26
C PHE N 162 42.70 30.37 -31.22
N PRO N 163 41.44 30.22 -31.61
CA PRO N 163 40.90 30.41 -32.97
C PRO N 163 40.33 31.81 -33.18
N GLU N 164 39.66 32.02 -34.30
CA GLU N 164 38.93 33.25 -34.53
C GLU N 164 37.73 33.33 -33.57
N PRO N 165 37.23 34.54 -33.30
CA PRO N 165 37.72 35.86 -33.75
C PRO N 165 38.34 36.67 -32.61
N VAL N 166 38.96 37.80 -32.95
CA VAL N 166 39.39 38.79 -31.95
C VAL N 166 38.70 40.11 -32.27
N THR N 167 38.41 40.86 -31.21
CA THR N 167 37.77 42.16 -31.34
C THR N 167 38.75 43.23 -30.89
N VAL N 168 38.93 44.25 -31.72
CA VAL N 168 39.86 45.33 -31.47
C VAL N 168 39.10 46.65 -31.44
N SER N 169 39.27 47.41 -30.35
CA SER N 169 38.69 48.73 -30.22
C SER N 169 39.80 49.72 -29.85
N TRP N 170 39.50 51.00 -29.97
CA TRP N 170 40.46 52.06 -29.70
C TRP N 170 39.88 53.01 -28.66
N ASN N 171 40.67 53.29 -27.62
CA ASN N 171 40.26 54.18 -26.53
C ASN N 171 38.95 53.72 -25.90
N SER N 172 38.82 52.40 -25.73
CA SER N 172 37.63 51.80 -25.12
C SER N 172 36.36 52.20 -25.88
N GLY N 173 36.46 52.24 -27.20
CA GLY N 173 35.34 52.58 -28.04
C GLY N 173 35.14 54.06 -28.29
N ALA N 174 36.00 54.92 -27.74
CA ALA N 174 35.87 56.36 -27.95
C ALA N 174 36.44 56.80 -29.28
N LEU N 175 37.26 55.99 -29.93
CA LEU N 175 37.86 56.31 -31.22
C LEU N 175 37.27 55.38 -32.27
N THR N 176 36.48 55.96 -33.18
CA THR N 176 35.80 55.21 -34.22
C THR N 176 36.14 55.68 -35.63
N SER N 177 36.30 56.99 -35.83
CA SER N 177 36.60 57.51 -37.16
C SER N 177 38.01 57.14 -37.58
N GLY N 178 38.13 56.65 -38.82
CA GLY N 178 39.43 56.31 -39.39
C GLY N 178 39.98 54.96 -38.99
N VAL N 179 39.23 54.15 -38.24
CA VAL N 179 39.70 52.85 -37.77
C VAL N 179 39.41 51.81 -38.84
N HIS N 180 40.44 51.04 -39.21
CA HIS N 180 40.31 49.95 -40.17
C HIS N 180 40.91 48.69 -39.56
N THR N 181 40.04 47.74 -39.22
CA THR N 181 40.46 46.44 -38.70
C THR N 181 40.48 45.43 -39.84
N PHE N 182 41.66 44.92 -40.16
CA PHE N 182 41.82 44.03 -41.31
C PHE N 182 41.41 42.60 -40.96
N PRO N 183 40.90 41.86 -41.94
CA PRO N 183 40.59 40.44 -41.70
C PRO N 183 41.84 39.65 -41.37
N ALA N 184 41.68 38.65 -40.50
CA ALA N 184 42.80 37.83 -40.08
C ALA N 184 43.30 36.96 -41.24
N VAL N 185 44.60 36.66 -41.20
CA VAL N 185 45.23 35.77 -42.16
C VAL N 185 45.80 34.57 -41.41
N LEU N 186 45.61 33.39 -41.97
CA LEU N 186 46.07 32.16 -41.35
C LEU N 186 47.51 31.89 -41.76
N GLN N 187 48.42 31.90 -40.80
CA GLN N 187 49.83 31.68 -41.05
C GLN N 187 50.11 30.18 -41.21
N SER N 188 51.33 29.88 -41.67
CA SER N 188 51.75 28.49 -41.82
C SER N 188 51.82 27.74 -40.50
N SER N 189 51.91 28.47 -39.38
CA SER N 189 51.93 27.85 -38.05
C SER N 189 50.55 27.44 -37.57
N GLY N 190 49.49 27.79 -38.29
CA GLY N 190 48.15 27.50 -37.87
C GLY N 190 47.50 28.55 -37.00
N LEU N 191 48.21 29.64 -36.71
CA LEU N 191 47.69 30.72 -35.89
C LEU N 191 47.29 31.91 -36.75
N TYR N 192 46.35 32.70 -36.25
CA TYR N 192 45.84 33.86 -36.98
C TYR N 192 46.61 35.11 -36.59
N SER N 193 46.64 36.08 -37.52
CA SER N 193 47.30 37.36 -37.30
C SER N 193 46.57 38.43 -38.09
N LEU N 194 46.23 39.53 -37.41
CA LEU N 194 45.61 40.67 -38.08
C LEU N 194 46.18 41.96 -37.51
N SER N 195 45.84 43.06 -38.17
CA SER N 195 46.26 44.39 -37.75
C SER N 195 45.09 45.35 -37.85
N SER N 196 44.98 46.23 -36.86
CA SER N 196 43.97 47.29 -36.84
C SER N 196 44.67 48.63 -36.80
N VAL N 197 44.34 49.52 -37.73
CA VAL N 197 45.03 50.80 -37.87
C VAL N 197 44.01 51.92 -37.80
N VAL N 198 44.52 53.12 -37.51
CA VAL N 198 43.70 54.33 -37.46
C VAL N 198 44.55 55.51 -37.90
N THR N 199 43.95 56.42 -38.66
CA THR N 199 44.61 57.64 -39.12
C THR N 199 44.12 58.81 -38.28
N VAL N 200 45.06 59.54 -37.69
CA VAL N 200 44.76 60.67 -36.80
C VAL N 200 45.59 61.86 -37.22
N PRO N 201 45.13 63.08 -36.90
CA PRO N 201 45.92 64.28 -37.21
C PRO N 201 47.29 64.23 -36.54
N SER N 202 48.30 64.74 -37.26
CA SER N 202 49.66 64.74 -36.74
C SER N 202 49.79 65.60 -35.50
N SER N 203 48.96 66.66 -35.38
CA SER N 203 49.03 67.52 -34.22
C SER N 203 48.53 66.84 -32.95
N SER N 204 47.81 65.72 -33.08
CA SER N 204 47.28 65.00 -31.93
C SER N 204 48.31 64.10 -31.27
N LEU N 205 49.44 63.81 -31.93
CA LEU N 205 50.49 62.98 -31.35
C LEU N 205 51.26 63.82 -30.34
N GLY N 206 51.13 63.45 -29.05
CA GLY N 206 51.74 64.19 -27.96
C GLY N 206 50.73 64.75 -26.97
N THR N 207 49.50 64.99 -27.44
CA THR N 207 48.40 65.45 -26.60
C THR N 207 47.37 64.38 -26.33
N GLN N 208 47.10 63.50 -27.29
CA GLN N 208 46.10 62.46 -27.16
C GLN N 208 46.79 61.10 -27.06
N THR N 209 46.41 60.32 -26.04
CA THR N 209 46.94 58.98 -25.85
C THR N 209 46.05 57.98 -26.58
N TYR N 210 46.67 57.06 -27.31
CA TYR N 210 45.96 56.07 -28.11
C TYR N 210 46.23 54.69 -27.54
N ILE N 211 45.16 53.96 -27.21
CA ILE N 211 45.26 52.61 -26.63
C ILE N 211 44.32 51.70 -27.41
N CYS N 212 44.86 50.57 -27.87
CA CYS N 212 44.07 49.56 -28.55
C CYS N 212 43.66 48.48 -27.57
N ASN N 213 42.37 48.11 -27.59
CA ASN N 213 41.82 47.09 -26.70
C ASN N 213 41.49 45.85 -27.51
N VAL N 214 42.19 44.75 -27.22
CA VAL N 214 42.04 43.50 -27.93
C VAL N 214 41.43 42.47 -26.99
N ASN N 215 40.35 41.82 -27.43
CA ASN N 215 39.66 40.81 -26.65
C ASN N 215 39.59 39.51 -27.45
N HIS N 216 40.08 38.42 -26.85
CA HIS N 216 40.04 37.10 -27.45
C HIS N 216 39.23 36.21 -26.51
N LYS N 217 37.92 36.10 -26.80
CA LYS N 217 37.03 35.33 -25.94
C LYS N 217 37.39 33.85 -25.81
N PRO N 218 37.76 33.13 -26.88
CA PRO N 218 38.06 31.69 -26.70
C PRO N 218 39.16 31.41 -25.69
N SER N 219 40.12 32.30 -25.52
CA SER N 219 41.16 32.15 -24.51
C SER N 219 40.91 33.02 -23.27
N ASN N 220 39.80 33.76 -23.25
CA ASN N 220 39.45 34.63 -22.12
C ASN N 220 40.58 35.59 -21.78
N THR N 221 41.14 36.21 -22.81
CA THR N 221 42.24 37.15 -22.65
C THR N 221 41.81 38.53 -23.12
N LYS N 222 42.26 39.56 -22.40
CA LYS N 222 41.96 40.94 -22.73
C LYS N 222 43.20 41.78 -22.49
N VAL N 223 43.72 42.39 -23.54
CA VAL N 223 44.99 43.12 -23.48
C VAL N 223 44.76 44.54 -23.98
N ASP N 224 45.17 45.51 -23.18
CA ASP N 224 45.20 46.92 -23.59
C ASP N 224 46.64 47.33 -23.85
N LYS N 225 46.89 47.91 -25.03
CA LYS N 225 48.23 48.29 -25.44
C LYS N 225 48.21 49.74 -25.90
N ARG N 226 49.07 50.56 -25.32
CA ARG N 226 49.17 51.97 -25.69
C ARG N 226 50.17 52.12 -26.84
N VAL N 227 49.77 52.89 -27.87
CA VAL N 227 50.58 53.14 -29.05
C VAL N 227 51.10 54.56 -28.98
N GLU N 228 52.44 54.70 -28.94
CA GLU N 228 53.07 56.00 -28.85
C GLU N 228 53.95 56.25 -30.06
N PRO N 229 53.94 57.47 -30.62
CA PRO N 229 54.74 57.74 -31.82
C PRO N 229 56.25 57.71 -31.56
N LYS N 230 56.93 56.74 -32.17
CA LYS N 230 58.38 56.58 -31.98
C LYS N 230 59.17 57.26 -33.08
N ASP O 1 13.86 19.71 -52.81
CA ASP O 1 14.05 21.08 -52.33
C ASP O 1 14.06 22.06 -53.49
N ILE O 2 13.44 23.23 -53.27
CA ILE O 2 13.41 24.27 -54.28
C ILE O 2 14.75 24.98 -54.31
N VAL O 3 15.44 24.90 -55.44
CA VAL O 3 16.73 25.56 -55.62
C VAL O 3 16.51 26.86 -56.35
N MET O 4 17.21 27.91 -55.93
CA MET O 4 17.08 29.24 -56.50
C MET O 4 18.44 29.74 -56.96
N THR O 5 18.48 30.30 -58.16
CA THR O 5 19.71 30.80 -58.76
C THR O 5 19.65 32.31 -58.86
N GLN O 6 20.72 32.97 -58.41
CA GLN O 6 20.84 34.42 -58.49
C GLN O 6 21.73 34.81 -59.66
N SER O 7 21.43 35.96 -60.25
CA SER O 7 22.19 36.46 -61.39
C SER O 7 22.31 37.97 -61.28
N PRO O 8 23.53 38.52 -61.36
CA PRO O 8 24.81 37.81 -61.46
C PRO O 8 25.34 37.44 -60.09
N LEU O 9 26.42 36.67 -60.00
CA LEU O 9 27.03 36.39 -58.71
C LEU O 9 27.83 37.58 -58.20
N SER O 10 28.44 38.34 -59.10
CA SER O 10 29.12 39.59 -58.77
C SER O 10 28.54 40.70 -59.63
N LEU O 11 28.19 41.83 -59.01
CA LEU O 11 27.54 42.93 -59.70
C LEU O 11 28.29 44.23 -59.42
N PRO O 12 29.31 44.55 -60.21
CA PRO O 12 29.93 45.87 -60.10
C PRO O 12 28.98 46.94 -60.60
N VAL O 13 28.95 48.07 -59.88
CA VAL O 13 28.00 49.14 -60.16
C VAL O 13 28.62 50.45 -59.73
N THR O 14 28.32 51.52 -60.46
CA THR O 14 28.79 52.84 -60.08
C THR O 14 27.79 53.53 -59.17
N LEU O 15 28.28 54.50 -58.41
CA LEU O 15 27.43 55.24 -57.48
C LEU O 15 26.40 56.06 -58.24
N GLY O 16 25.14 55.94 -57.83
CA GLY O 16 24.07 56.73 -58.39
C GLY O 16 23.31 56.10 -59.55
N GLN O 17 23.78 54.99 -60.08
CA GLN O 17 23.07 54.35 -61.18
C GLN O 17 22.27 53.15 -60.66
N PRO O 18 21.21 52.76 -61.36
CA PRO O 18 20.40 51.63 -60.89
C PRO O 18 21.15 50.30 -60.96
N ALA O 19 20.69 49.37 -60.13
CA ALA O 19 21.23 48.02 -60.10
C ALA O 19 20.07 47.03 -60.11
N SER O 20 20.30 45.87 -60.74
CA SER O 20 19.29 44.84 -60.89
C SER O 20 19.85 43.49 -60.50
N ILE O 21 19.06 42.73 -59.73
CA ILE O 21 19.42 41.38 -59.30
C ILE O 21 18.28 40.45 -59.67
N SER O 22 18.60 39.34 -60.32
CA SER O 22 17.60 38.37 -60.77
C SER O 22 17.66 37.13 -59.89
N CYS O 23 16.49 36.66 -59.46
CA CYS O 23 16.36 35.44 -58.65
C CYS O 23 15.35 34.53 -59.34
N ARG O 24 15.77 33.31 -59.65
CA ARG O 24 14.93 32.35 -60.35
C ARG O 24 14.65 31.16 -59.45
N SER O 25 13.40 30.72 -59.42
CA SER O 25 12.95 29.61 -58.58
C SER O 25 12.72 28.38 -59.45
N SER O 26 13.17 27.22 -58.94
CA SER O 26 12.95 25.97 -59.65
C SER O 26 11.50 25.56 -59.68
N GLN O 27 10.66 26.14 -58.83
CA GLN O 27 9.26 25.79 -58.73
C GLN O 27 8.46 27.07 -58.56
N SER O 28 7.21 27.05 -59.03
CA SER O 28 6.34 28.21 -58.89
C SER O 28 6.17 28.56 -57.41
N LEU O 29 6.36 29.83 -57.08
CA LEU O 29 6.34 30.28 -55.70
C LEU O 29 4.97 30.74 -55.23
N VAL O 30 3.97 30.76 -56.12
CA VAL O 30 2.62 31.15 -55.70
C VAL O 30 2.01 30.03 -54.85
N TYR O 31 1.11 30.43 -53.96
CA TYR O 31 0.47 29.50 -53.03
C TYR O 31 -1.04 29.58 -53.19
N SER O 32 -1.74 28.65 -52.53
CA SER O 32 -3.20 28.56 -52.63
C SER O 32 -3.86 29.92 -52.42
N ASP O 33 -3.42 30.66 -51.41
CA ASP O 33 -4.02 31.96 -51.09
C ASP O 33 -3.51 33.08 -51.99
N GLY O 34 -2.88 32.74 -53.12
CA GLY O 34 -2.36 33.76 -54.02
C GLY O 34 -1.25 34.58 -53.42
N ASN O 35 -0.52 34.03 -52.46
CA ASN O 35 0.58 34.73 -51.81
C ASN O 35 1.91 34.10 -52.23
N THR O 36 2.88 34.96 -52.53
CA THR O 36 4.22 34.54 -52.94
C THR O 36 5.20 34.95 -51.84
N PHE O 37 5.80 33.96 -51.18
CA PHE O 37 6.66 34.21 -50.04
C PHE O 37 8.12 34.17 -50.49
N LEU O 38 8.53 35.23 -51.16
CA LEU O 38 9.92 35.47 -51.52
C LEU O 38 10.43 36.70 -50.78
N ASN O 39 11.62 36.60 -50.21
CA ASN O 39 12.21 37.68 -49.44
C ASN O 39 13.59 38.02 -49.98
N TRP O 40 13.97 39.28 -49.77
CA TRP O 40 15.27 39.79 -50.19
C TRP O 40 16.03 40.28 -48.96
N PHE O 41 17.27 39.82 -48.80
CA PHE O 41 18.08 40.14 -47.65
C PHE O 41 19.36 40.87 -48.08
N GLN O 42 19.80 41.80 -47.24
CA GLN O 42 21.09 42.46 -47.41
C GLN O 42 21.97 42.11 -46.22
N GLN O 43 23.19 41.66 -46.50
CA GLN O 43 24.14 41.28 -45.47
C GLN O 43 25.41 42.11 -45.60
N ARG O 44 25.68 42.93 -44.62
CA ARG O 44 26.93 43.68 -44.55
C ARG O 44 28.02 42.83 -43.93
N PRO O 45 29.29 43.11 -44.23
CA PRO O 45 30.39 42.31 -43.68
C PRO O 45 30.38 42.34 -42.16
N GLY O 46 30.50 41.17 -41.55
CA GLY O 46 30.53 41.05 -40.11
C GLY O 46 29.22 41.35 -39.41
N GLN O 47 28.13 41.46 -40.15
CA GLN O 47 26.83 41.79 -39.59
C GLN O 47 25.80 40.73 -39.95
N SER O 48 24.72 40.70 -39.19
CA SER O 48 23.63 39.79 -39.47
C SER O 48 22.83 40.25 -40.69
N PRO O 49 22.30 39.32 -41.47
CA PRO O 49 21.45 39.72 -42.61
C PRO O 49 20.20 40.44 -42.14
N ARG O 50 19.81 41.47 -42.90
CA ARG O 50 18.58 42.20 -42.65
C ARG O 50 17.68 42.11 -43.87
N ARG O 51 16.39 41.88 -43.63
CA ARG O 51 15.43 41.68 -44.71
C ARG O 51 15.03 43.02 -45.29
N LEU O 52 15.31 43.22 -46.58
CA LEU O 52 14.90 44.45 -47.26
C LEU O 52 13.44 44.39 -47.70
N ILE O 53 13.03 43.28 -48.30
CA ILE O 53 11.71 43.14 -48.90
C ILE O 53 11.13 41.78 -48.53
N TYR O 54 9.84 41.75 -48.20
CA TYR O 54 9.12 40.53 -47.93
C TYR O 54 7.94 40.42 -48.89
N GLN O 55 7.65 39.20 -49.33
CA GLN O 55 6.55 38.91 -50.27
C GLN O 55 6.70 39.73 -51.55
N VAL O 56 7.82 39.49 -52.24
CA VAL O 56 8.09 39.97 -53.59
C VAL O 56 8.29 41.49 -53.62
N SER O 57 7.26 42.24 -53.21
CA SER O 57 7.27 43.68 -53.43
C SER O 57 7.09 44.53 -52.17
N ASN O 58 6.74 43.95 -51.03
CA ASN O 58 6.51 44.73 -49.82
C ASN O 58 7.83 44.94 -49.09
N ARG O 59 8.18 46.21 -48.87
CA ARG O 59 9.41 46.58 -48.19
C ARG O 59 9.19 46.76 -46.70
N ASP O 60 10.20 46.39 -45.92
CA ASP O 60 10.14 46.50 -44.47
C ASP O 60 10.31 47.95 -44.02
N SER O 61 9.94 48.20 -42.77
CA SER O 61 10.13 49.52 -42.18
C SER O 61 11.61 49.81 -42.00
N GLY O 62 11.99 51.06 -42.25
CA GLY O 62 13.38 51.45 -42.20
C GLY O 62 14.17 51.18 -43.46
N VAL O 63 13.54 50.59 -44.47
CA VAL O 63 14.20 50.32 -45.76
C VAL O 63 14.01 51.54 -46.65
N PRO O 64 15.09 52.09 -47.21
CA PRO O 64 14.94 53.26 -48.09
C PRO O 64 14.13 52.93 -49.33
N ASP O 65 13.51 53.96 -49.90
CA ASP O 65 12.67 53.80 -51.07
C ASP O 65 13.45 53.39 -52.31
N ARG O 66 14.79 53.47 -52.26
CA ARG O 66 15.59 53.07 -53.41
C ARG O 66 15.39 51.60 -53.76
N PHE O 67 15.15 50.74 -52.76
CA PHE O 67 14.97 49.33 -53.01
C PHE O 67 13.53 49.04 -53.43
N SER O 68 13.37 48.23 -54.48
CA SER O 68 12.07 47.82 -54.95
C SER O 68 12.15 46.38 -55.43
N GLY O 69 11.03 45.68 -55.33
CA GLY O 69 10.96 44.28 -55.72
C GLY O 69 9.81 44.02 -56.66
N SER O 70 10.02 43.11 -57.61
CA SER O 70 9.02 42.78 -58.59
C SER O 70 9.21 41.34 -59.04
N GLY O 71 8.26 40.85 -59.82
CA GLY O 71 8.29 39.51 -60.36
C GLY O 71 7.07 38.70 -60.00
N SER O 72 7.01 37.51 -60.58
CA SER O 72 5.90 36.59 -60.34
C SER O 72 6.33 35.19 -60.76
N GLY O 73 5.58 34.21 -60.27
CA GLY O 73 5.83 32.82 -60.61
C GLY O 73 7.21 32.34 -60.21
N THR O 74 8.09 32.15 -61.21
CA THR O 74 9.43 31.65 -60.96
C THR O 74 10.51 32.73 -61.06
N ASP O 75 10.24 33.84 -61.74
CA ASP O 75 11.23 34.87 -61.99
C ASP O 75 10.93 36.10 -61.15
N PHE O 76 11.95 36.60 -60.45
CA PHE O 76 11.82 37.78 -59.60
C PHE O 76 13.05 38.64 -59.75
N THR O 77 12.89 39.93 -59.44
CA THR O 77 13.97 40.90 -59.61
C THR O 77 13.96 41.90 -58.48
N LEU O 78 15.13 42.17 -57.92
CA LEU O 78 15.32 43.22 -56.92
C LEU O 78 15.97 44.43 -57.57
N LYS O 79 15.34 45.59 -57.43
CA LYS O 79 15.79 46.82 -58.07
C LYS O 79 16.27 47.82 -57.03
N ILE O 80 17.44 48.39 -57.27
CA ILE O 80 17.96 49.51 -56.48
C ILE O 80 17.92 50.75 -57.36
N SER O 81 17.17 51.77 -56.93
CA SER O 81 16.97 52.96 -57.75
C SER O 81 18.30 53.67 -58.03
N ARG O 82 18.98 54.10 -56.97
CA ARG O 82 20.29 54.74 -57.10
C ARG O 82 21.18 54.21 -55.99
N VAL O 83 22.22 53.47 -56.37
CA VAL O 83 23.05 52.78 -55.37
C VAL O 83 23.85 53.80 -54.58
N GLU O 84 23.79 53.69 -53.25
CA GLU O 84 24.56 54.54 -52.36
C GLU O 84 25.76 53.77 -51.82
N ALA O 85 26.60 54.49 -51.05
CA ALA O 85 27.81 53.88 -50.52
C ALA O 85 27.50 52.77 -49.52
N GLU O 86 26.43 52.92 -48.74
CA GLU O 86 26.06 51.92 -47.75
C GLU O 86 25.50 50.64 -48.37
N ASP O 87 25.20 50.66 -49.67
CA ASP O 87 24.57 49.51 -50.33
C ASP O 87 25.54 48.38 -50.62
N VAL O 88 26.84 48.57 -50.38
CA VAL O 88 27.81 47.51 -50.63
C VAL O 88 27.55 46.34 -49.68
N GLY O 89 27.69 45.13 -50.19
CA GLY O 89 27.45 43.94 -49.41
C GLY O 89 26.92 42.83 -50.29
N VAL O 90 26.44 41.77 -49.64
CA VAL O 90 25.93 40.58 -50.32
C VAL O 90 24.42 40.56 -50.16
N TYR O 91 23.71 40.31 -51.26
CA TYR O 91 22.26 40.28 -51.28
C TYR O 91 21.78 38.86 -51.57
N TYR O 92 20.80 38.40 -50.79
CA TYR O 92 20.25 37.05 -50.91
C TYR O 92 18.75 37.13 -51.13
N CYS O 93 18.25 36.25 -52.00
CA CYS O 93 16.83 35.97 -52.09
C CYS O 93 16.54 34.64 -51.41
N MET O 94 15.45 34.59 -50.66
CA MET O 94 15.12 33.40 -49.88
C MET O 94 13.69 32.95 -50.20
N GLN O 95 13.51 31.64 -50.25
CA GLN O 95 12.21 31.02 -50.51
C GLN O 95 11.60 30.63 -49.17
N GLY O 96 10.40 31.15 -48.89
CA GLY O 96 9.75 30.86 -47.64
C GLY O 96 8.48 30.04 -47.81
N THR O 97 8.06 29.84 -49.06
CA THR O 97 6.78 29.18 -49.31
C THR O 97 6.79 27.69 -48.97
N HIS O 98 7.93 27.02 -49.13
CA HIS O 98 8.01 25.58 -48.96
C HIS O 98 9.21 25.21 -48.09
N TRP O 99 9.00 24.28 -47.17
CA TRP O 99 10.11 23.78 -46.39
C TRP O 99 10.86 22.70 -47.17
N PRO O 100 12.20 22.67 -47.08
CA PRO O 100 13.06 23.55 -46.29
C PRO O 100 13.27 24.92 -46.93
N ARG O 101 13.40 25.97 -46.11
CA ARG O 101 13.70 27.29 -46.62
C ARG O 101 15.09 27.31 -47.24
N THR O 102 15.16 27.65 -48.53
CA THR O 102 16.41 27.64 -49.27
C THR O 102 16.82 29.07 -49.64
N PHE O 103 18.10 29.22 -49.96
CA PHE O 103 18.69 30.51 -50.26
C PHE O 103 19.35 30.48 -51.63
N GLY O 104 19.41 31.65 -52.26
CA GLY O 104 20.21 31.80 -53.46
C GLY O 104 21.69 31.82 -53.13
N GLN O 105 22.49 31.72 -54.19
CA GLN O 105 23.94 31.73 -54.00
C GLN O 105 24.42 33.05 -53.40
N GLY O 106 23.67 34.12 -53.62
CA GLY O 106 24.05 35.42 -53.10
C GLY O 106 24.86 36.22 -54.10
N THR O 107 24.50 37.48 -54.29
CA THR O 107 25.19 38.36 -55.22
C THR O 107 26.00 39.40 -54.45
N LYS O 108 27.24 39.61 -54.89
CA LYS O 108 28.14 40.56 -54.24
C LYS O 108 27.99 41.90 -54.95
N LEU O 109 27.35 42.86 -54.28
CA LEU O 109 27.15 44.20 -54.82
C LEU O 109 28.34 45.05 -54.37
N GLU O 110 29.27 45.31 -55.30
CA GLU O 110 30.40 46.19 -55.05
C GLU O 110 30.25 47.44 -55.90
N ILE O 111 30.66 48.57 -55.34
CA ILE O 111 30.46 49.87 -55.97
C ILE O 111 31.80 50.41 -56.45
N LYS O 112 31.75 51.21 -57.51
CA LYS O 112 32.95 51.81 -58.09
C LYS O 112 32.82 53.33 -58.04
N ARG O 113 33.89 53.99 -57.60
CA ARG O 113 33.87 55.42 -57.37
C ARG O 113 35.04 56.07 -58.11
N THR O 114 35.30 57.34 -57.84
CA THR O 114 36.44 58.01 -58.45
C THR O 114 37.74 57.36 -57.98
N VAL O 115 38.69 57.23 -58.91
CA VAL O 115 39.97 56.60 -58.59
C VAL O 115 40.68 57.43 -57.52
N ALA O 116 41.14 56.75 -56.47
CA ALA O 116 41.85 57.40 -55.37
C ALA O 116 43.13 56.63 -55.08
N ALA O 117 44.24 57.36 -55.00
CA ALA O 117 45.53 56.74 -54.72
C ALA O 117 45.64 56.38 -53.24
N PRO O 118 46.28 55.26 -52.90
CA PRO O 118 46.41 54.88 -51.50
C PRO O 118 47.40 55.75 -50.74
N SER O 119 47.14 55.93 -49.46
CA SER O 119 48.10 56.53 -48.54
C SER O 119 48.97 55.41 -47.99
N VAL O 120 50.27 55.49 -48.23
CA VAL O 120 51.20 54.40 -47.96
C VAL O 120 51.98 54.70 -46.69
N PHE O 121 51.95 53.76 -45.74
CA PHE O 121 52.70 53.86 -44.50
C PHE O 121 53.45 52.55 -44.27
N ILE O 122 54.60 52.64 -43.60
CA ILE O 122 55.42 51.49 -43.29
C ILE O 122 55.71 51.49 -41.80
N PHE O 123 55.69 50.30 -41.20
CA PHE O 123 55.86 50.16 -39.75
C PHE O 123 56.93 49.11 -39.47
N PRO O 124 58.04 49.49 -38.85
CA PRO O 124 59.05 48.49 -38.47
C PRO O 124 58.54 47.60 -37.35
N PRO O 125 59.10 46.41 -37.19
CA PRO O 125 58.66 45.54 -36.09
C PRO O 125 59.00 46.15 -34.74
N SER O 126 58.13 45.90 -33.76
CA SER O 126 58.33 46.45 -32.43
C SER O 126 59.47 45.74 -31.72
N ASP O 127 60.05 46.43 -30.75
CA ASP O 127 61.13 45.85 -29.96
C ASP O 127 60.65 44.66 -29.14
N GLU O 128 59.40 44.70 -28.67
CA GLU O 128 58.84 43.58 -27.94
C GLU O 128 58.77 42.33 -28.80
N GLN O 129 58.33 42.49 -30.06
CA GLN O 129 58.30 41.36 -30.98
C GLN O 129 59.71 40.86 -31.28
N LEU O 130 60.67 41.77 -31.39
CA LEU O 130 62.05 41.37 -31.59
C LEU O 130 62.55 40.54 -30.42
N LYS O 131 62.14 40.89 -29.20
CA LYS O 131 62.47 40.08 -28.03
C LYS O 131 61.83 38.70 -28.09
N SER O 132 60.74 38.56 -28.85
CA SER O 132 60.08 37.26 -29.00
C SER O 132 60.73 36.38 -30.06
N GLY O 133 61.65 36.91 -30.86
CA GLY O 133 62.36 36.12 -31.84
C GLY O 133 61.88 36.26 -33.26
N THR O 134 60.83 37.03 -33.52
CA THR O 134 60.30 37.23 -34.86
C THR O 134 60.20 38.73 -35.14
N ALA O 135 60.11 39.06 -36.42
CA ALA O 135 60.01 40.45 -36.85
C ALA O 135 58.99 40.55 -37.98
N SER O 136 57.96 41.37 -37.79
CA SER O 136 56.93 41.60 -38.79
C SER O 136 56.98 43.05 -39.24
N VAL O 137 57.24 43.26 -40.52
CA VAL O 137 57.23 44.60 -41.12
C VAL O 137 55.90 44.78 -41.84
N VAL O 138 55.19 45.85 -41.51
CA VAL O 138 53.83 46.08 -42.01
C VAL O 138 53.84 47.26 -42.96
N CYS O 139 53.16 47.10 -44.08
CA CYS O 139 52.94 48.17 -45.06
C CYS O 139 51.45 48.36 -45.23
N LEU O 140 50.99 49.61 -45.08
CA LEU O 140 49.57 49.93 -45.09
C LEU O 140 49.23 50.75 -46.34
N LEU O 141 48.19 50.30 -47.05
CA LEU O 141 47.63 51.03 -48.19
C LEU O 141 46.21 51.43 -47.80
N ASN O 142 46.00 52.71 -47.51
CA ASN O 142 44.77 53.19 -46.90
C ASN O 142 43.94 53.98 -47.91
N ASN O 143 42.65 53.62 -47.99
CA ASN O 143 41.62 54.40 -48.69
C ASN O 143 41.99 54.62 -50.17
N PHE O 144 41.99 53.51 -50.90
CA PHE O 144 42.26 53.52 -52.33
C PHE O 144 41.14 52.84 -53.10
N TYR O 145 41.08 53.16 -54.40
CA TYR O 145 40.23 52.49 -55.36
C TYR O 145 40.84 52.69 -56.73
N PRO O 146 40.85 51.68 -57.61
CA PRO O 146 40.23 50.34 -57.49
C PRO O 146 40.97 49.38 -56.56
N ARG O 147 40.38 48.21 -56.34
CA ARG O 147 40.96 47.21 -55.43
C ARG O 147 42.28 46.66 -55.96
N GLU O 148 42.50 46.70 -57.28
CA GLU O 148 43.72 46.17 -57.86
C GLU O 148 44.91 47.03 -57.46
N ALA O 149 45.84 46.43 -56.71
CA ALA O 149 47.05 47.12 -56.27
C ALA O 149 48.14 46.08 -56.05
N LYS O 150 49.39 46.51 -56.25
CA LYS O 150 50.54 45.62 -56.16
C LYS O 150 51.52 46.15 -55.13
N VAL O 151 51.97 45.28 -54.23
CA VAL O 151 52.91 45.62 -53.17
C VAL O 151 54.13 44.74 -53.32
N GLN O 152 55.32 45.35 -53.32
CA GLN O 152 56.57 44.64 -53.45
C GLN O 152 57.49 45.01 -52.29
N TRP O 153 58.06 44.00 -51.63
CA TRP O 153 58.97 44.19 -50.52
C TRP O 153 60.40 44.11 -51.01
N LYS O 154 61.24 45.06 -50.59
CA LYS O 154 62.64 45.10 -50.96
C LYS O 154 63.49 45.22 -49.71
N VAL O 155 64.43 44.30 -49.55
CA VAL O 155 65.35 44.29 -48.42
C VAL O 155 66.76 44.49 -48.97
N ASP O 156 67.35 45.66 -48.69
CA ASP O 156 68.62 46.07 -49.27
C ASP O 156 68.56 45.99 -50.80
N ASN O 157 67.46 46.50 -51.35
CA ASN O 157 67.15 46.54 -52.78
C ASN O 157 66.99 45.16 -53.39
N ALA O 158 66.87 44.11 -52.58
CA ALA O 158 66.61 42.76 -53.05
C ALA O 158 65.12 42.48 -52.91
N LEU O 159 64.46 42.18 -54.02
CA LEU O 159 63.03 41.96 -54.02
C LEU O 159 62.70 40.65 -53.31
N GLN O 160 61.85 40.72 -52.30
CA GLN O 160 61.44 39.56 -51.53
C GLN O 160 60.14 39.00 -52.06
N SER O 161 60.02 37.67 -52.04
CA SER O 161 58.81 37.00 -52.51
C SER O 161 58.62 35.73 -51.72
N GLY O 162 57.39 35.50 -51.25
CA GLY O 162 57.01 34.29 -50.56
C GLY O 162 56.98 34.39 -49.05
N ASN O 163 57.59 35.43 -48.48
CA ASN O 163 57.58 35.66 -47.04
C ASN O 163 56.68 36.81 -46.64
N SER O 164 55.72 37.18 -47.50
CA SER O 164 54.81 38.28 -47.23
C SER O 164 53.37 37.82 -47.41
N GLN O 165 52.49 38.33 -46.55
CA GLN O 165 51.06 38.06 -46.63
C GLN O 165 50.31 39.38 -46.58
N GLU O 166 49.28 39.51 -47.43
CA GLU O 166 48.50 40.72 -47.50
C GLU O 166 47.02 40.40 -47.29
N SER O 167 46.30 41.36 -46.71
CA SER O 167 44.87 41.22 -46.48
C SER O 167 44.19 42.54 -46.82
N VAL O 168 42.95 42.44 -47.27
CA VAL O 168 42.18 43.60 -47.74
C VAL O 168 40.87 43.65 -46.96
N THR O 169 40.54 44.82 -46.42
CA THR O 169 39.25 45.02 -45.79
C THR O 169 38.15 45.07 -46.84
N GLU O 170 36.93 44.79 -46.39
CA GLU O 170 35.78 44.93 -47.26
C GLU O 170 35.57 46.39 -47.63
N GLN O 171 34.85 46.61 -48.72
CA GLN O 171 34.63 47.95 -49.22
C GLN O 171 33.92 48.79 -48.17
N ASP O 172 34.52 49.92 -47.82
CA ASP O 172 34.03 50.74 -46.73
C ASP O 172 32.67 51.34 -47.08
N SER O 173 31.72 51.24 -46.14
CA SER O 173 30.40 51.83 -46.35
C SER O 173 30.44 53.35 -46.31
N LYS O 174 31.50 53.94 -45.76
CA LYS O 174 31.58 55.38 -45.58
C LYS O 174 32.09 56.11 -46.82
N ASP O 175 33.09 55.56 -47.51
CA ASP O 175 33.68 56.25 -48.65
C ASP O 175 33.93 55.33 -49.84
N SER O 176 33.46 54.08 -49.79
CA SER O 176 33.52 53.14 -50.92
C SER O 176 34.96 52.80 -51.32
N THR O 177 35.91 52.95 -50.40
CA THR O 177 37.31 52.65 -50.67
C THR O 177 37.72 51.36 -49.99
N TYR O 178 38.92 50.90 -50.33
CA TYR O 178 39.50 49.69 -49.76
C TYR O 178 40.76 50.04 -48.99
N SER O 179 41.19 49.11 -48.15
CA SER O 179 42.44 49.22 -47.43
C SER O 179 43.17 47.88 -47.47
N LEU O 180 44.49 47.95 -47.51
CA LEU O 180 45.31 46.75 -47.65
C LEU O 180 46.45 46.79 -46.63
N SER O 181 46.71 45.64 -46.01
CA SER O 181 47.78 45.48 -45.04
C SER O 181 48.66 44.32 -45.49
N SER O 182 49.94 44.61 -45.72
CA SER O 182 50.91 43.61 -46.11
C SER O 182 51.94 43.43 -45.01
N THR O 183 52.22 42.18 -44.65
CA THR O 183 53.09 41.86 -43.53
C THR O 183 54.25 41.00 -44.01
N LEU O 184 55.46 41.49 -43.80
CA LEU O 184 56.68 40.74 -44.11
C LEU O 184 57.20 40.11 -42.82
N THR O 185 57.29 38.79 -42.81
CA THR O 185 57.67 38.04 -41.61
C THR O 185 59.08 37.51 -41.77
N LEU O 186 59.96 37.91 -40.85
CA LEU O 186 61.35 37.48 -40.84
C LEU O 186 61.73 37.02 -39.44
N SER O 187 62.76 36.18 -39.38
CA SER O 187 63.33 35.80 -38.09
C SER O 187 64.12 36.98 -37.50
N LYS O 188 64.42 36.89 -36.21
CA LYS O 188 65.16 37.96 -35.55
C LYS O 188 66.54 38.13 -36.17
N ALA O 189 67.24 37.02 -36.43
CA ALA O 189 68.56 37.12 -37.03
C ALA O 189 68.50 37.71 -38.44
N ASP O 190 67.53 37.25 -39.23
CA ASP O 190 67.41 37.75 -40.61
C ASP O 190 67.08 39.23 -40.64
N TYR O 191 66.22 39.69 -39.72
CA TYR O 191 65.87 41.11 -39.69
C TYR O 191 67.08 41.96 -39.32
N GLU O 192 67.87 41.51 -38.35
CA GLU O 192 69.04 42.27 -37.90
C GLU O 192 70.23 42.14 -38.85
N LYS O 193 70.15 41.29 -39.87
CA LYS O 193 71.23 41.14 -40.83
C LYS O 193 71.16 42.14 -41.97
N HIS O 194 70.12 42.96 -42.05
CA HIS O 194 69.92 43.90 -43.13
C HIS O 194 69.59 45.28 -42.56
N LYS O 195 69.69 46.29 -43.43
CA LYS O 195 69.51 47.68 -43.01
C LYS O 195 68.26 48.32 -43.63
N VAL O 196 68.14 48.30 -44.95
CA VAL O 196 67.10 49.04 -45.66
C VAL O 196 65.91 48.11 -45.92
N TYR O 197 64.73 48.54 -45.48
CA TYR O 197 63.47 47.84 -45.74
C TYR O 197 62.52 48.81 -46.42
N ALA O 198 62.04 48.43 -47.61
CA ALA O 198 61.24 49.31 -48.43
C ALA O 198 59.97 48.61 -48.89
N CYS O 199 58.90 49.38 -49.00
CA CYS O 199 57.63 48.90 -49.53
C CYS O 199 57.29 49.71 -50.77
N GLU O 200 57.13 49.03 -51.90
CA GLU O 200 56.83 49.67 -53.17
C GLU O 200 55.39 49.35 -53.56
N VAL O 201 54.62 50.39 -53.87
CA VAL O 201 53.19 50.28 -54.16
C VAL O 201 52.94 50.72 -55.59
N THR O 202 52.26 49.88 -56.35
CA THR O 202 51.84 50.20 -57.72
C THR O 202 50.32 50.22 -57.76
N HIS O 203 49.77 51.31 -58.28
CA HIS O 203 48.31 51.47 -58.31
C HIS O 203 47.93 52.36 -59.50
N GLN O 204 46.68 52.21 -59.93
CA GLN O 204 46.19 52.97 -61.08
C GLN O 204 46.19 54.46 -60.79
N GLY O 205 45.82 54.85 -59.57
CA GLY O 205 45.78 56.26 -59.21
C GLY O 205 47.15 56.89 -59.02
N LEU O 206 48.22 56.11 -59.08
CA LEU O 206 49.58 56.62 -58.95
C LEU O 206 50.24 56.65 -60.33
N SER O 207 50.75 57.83 -60.70
CA SER O 207 51.46 57.94 -61.97
C SER O 207 52.76 57.15 -61.96
N SER O 208 53.39 57.01 -60.80
CA SER O 208 54.62 56.26 -60.64
C SER O 208 54.53 55.45 -59.35
N PRO O 209 55.23 54.32 -59.27
CA PRO O 209 55.24 53.55 -58.01
C PRO O 209 55.78 54.37 -56.85
N VAL O 210 55.16 54.19 -55.68
CA VAL O 210 55.51 54.94 -54.48
C VAL O 210 56.25 54.00 -53.54
N THR O 211 57.42 54.43 -53.09
CA THR O 211 58.27 53.63 -52.21
C THR O 211 58.37 54.32 -50.86
N LYS O 212 58.04 53.59 -49.80
CA LYS O 212 58.24 54.03 -48.42
C LYS O 212 59.22 53.10 -47.76
N SER O 213 60.29 53.65 -47.20
CA SER O 213 61.38 52.85 -46.68
C SER O 213 61.84 53.39 -45.34
N PHE O 214 62.54 52.52 -44.59
CA PHE O 214 63.15 52.92 -43.34
C PHE O 214 64.46 52.16 -43.18
N ASN O 215 65.35 52.70 -42.34
CA ASN O 215 66.60 52.07 -42.00
C ASN O 215 66.52 51.55 -40.57
N ARG O 216 66.96 50.30 -40.37
CA ARG O 216 66.88 49.69 -39.06
C ARG O 216 67.77 50.44 -38.08
N GLY O 217 67.18 50.84 -36.95
CA GLY O 217 67.92 51.56 -35.93
C GLY O 217 68.03 53.05 -36.15
N GLU O 218 67.21 53.63 -37.03
CA GLU O 218 67.24 55.06 -37.30
C GLU O 218 65.82 55.62 -37.19
N CYS O 219 65.66 56.66 -36.38
CA CYS O 219 64.38 57.34 -36.22
C CYS O 219 64.58 58.80 -35.81
N ASN P 2 74.24 38.92 37.54
CA ASN P 2 73.68 37.67 37.02
C ASN P 2 73.00 37.93 35.68
N LEU P 3 71.93 37.19 35.39
CA LEU P 3 71.15 37.41 34.18
C LEU P 3 70.04 38.40 34.48
N CYS P 4 69.87 39.38 33.59
CA CYS P 4 68.85 40.41 33.82
C CYS P 4 67.45 39.81 33.77
N PRO P 5 66.59 40.13 34.72
CA PRO P 5 65.24 39.52 34.82
C PRO P 5 64.24 40.14 33.84
N PHE P 6 64.45 39.88 32.55
CA PHE P 6 63.51 40.34 31.55
C PHE P 6 62.20 39.54 31.61
N GLY P 7 62.26 38.30 32.11
CA GLY P 7 61.05 37.52 32.27
C GLY P 7 60.08 38.13 33.26
N GLU P 8 60.61 38.79 34.30
CA GLU P 8 59.74 39.46 35.26
C GLU P 8 58.93 40.57 34.61
N VAL P 9 59.50 41.25 33.61
CA VAL P 9 58.80 42.36 32.98
C VAL P 9 57.87 41.86 31.87
N PHE P 10 58.38 41.04 30.96
CA PHE P 10 57.58 40.61 29.82
C PHE P 10 56.51 39.60 30.23
N ASN P 11 56.94 38.47 30.79
CA ASN P 11 56.01 37.41 31.20
C ASN P 11 55.53 37.63 32.63
N ALA P 12 54.83 38.75 32.82
CA ALA P 12 54.22 39.10 34.09
C ALA P 12 52.73 38.84 34.01
N THR P 13 52.17 38.35 35.12
CA THR P 13 50.75 37.96 35.12
C THR P 13 49.85 39.16 34.90
N ARG P 14 50.19 40.30 35.51
CA ARG P 14 49.43 41.52 35.37
C ARG P 14 50.31 42.66 34.89
N PHE P 15 49.75 43.52 34.04
CA PHE P 15 50.40 44.74 33.60
C PHE P 15 49.67 45.94 34.20
N ALA P 16 50.30 47.10 34.07
CA ALA P 16 49.78 48.33 34.65
C ALA P 16 49.01 49.14 33.63
N SER P 17 48.18 50.05 34.12
CA SER P 17 47.47 50.98 33.24
C SER P 17 48.46 51.99 32.65
N VAL P 18 48.06 52.57 31.52
CA VAL P 18 48.97 53.47 30.81
C VAL P 18 49.24 54.73 31.63
N TYR P 19 48.23 55.23 32.34
CA TYR P 19 48.44 56.41 33.18
C TYR P 19 49.27 56.09 34.42
N ALA P 20 49.30 54.83 34.85
CA ALA P 20 50.07 54.41 36.01
C ALA P 20 51.10 53.36 35.62
N TRP P 21 51.83 53.61 34.54
CA TRP P 21 52.76 52.63 34.00
C TRP P 21 53.81 52.23 35.03
N ASN P 22 54.11 50.93 35.08
CA ASN P 22 55.10 50.41 36.00
C ASN P 22 56.50 50.55 35.42
N ARG P 23 57.49 50.71 36.30
CA ARG P 23 58.88 50.84 35.90
C ARG P 23 59.71 49.86 36.69
N LYS P 24 60.53 49.08 35.98
CA LYS P 24 61.45 48.13 36.59
C LYS P 24 62.88 48.59 36.35
N ARG P 25 63.69 48.59 37.40
CA ARG P 25 65.09 49.00 37.32
C ARG P 25 65.96 47.78 37.08
N ILE P 26 66.72 47.81 36.00
CA ILE P 26 67.58 46.70 35.60
C ILE P 26 69.02 47.15 35.81
N SER P 27 69.73 46.47 36.71
CA SER P 27 71.11 46.83 37.01
C SER P 27 71.84 45.62 37.58
N ASN P 28 73.16 45.66 37.47
CA ASN P 28 74.05 44.62 37.99
C ASN P 28 73.67 43.24 37.43
N CYS P 29 73.64 43.17 36.10
CA CYS P 29 73.33 41.93 35.40
C CYS P 29 73.73 42.09 33.94
N VAL P 30 73.86 40.94 33.26
CA VAL P 30 74.11 40.92 31.83
C VAL P 30 72.77 40.71 31.12
N ALA P 31 72.51 41.53 30.11
CA ALA P 31 71.24 41.52 29.40
C ALA P 31 71.46 40.90 28.02
N ASP P 32 70.94 39.69 27.83
CA ASP P 32 70.99 39.03 26.53
C ASP P 32 69.68 39.33 25.81
N TYR P 33 69.78 40.07 24.71
CA TYR P 33 68.62 40.49 23.94
C TYR P 33 68.25 39.51 22.83
N SER P 34 68.94 38.37 22.75
CA SER P 34 68.68 37.42 21.67
C SER P 34 67.26 36.90 21.70
N VAL P 35 66.72 36.64 22.90
CA VAL P 35 65.35 36.14 23.01
C VAL P 35 64.36 37.18 22.49
N LEU P 36 64.63 38.46 22.69
CA LEU P 36 63.66 39.50 22.35
C LEU P 36 63.56 39.74 20.84
N TYR P 37 64.67 40.16 20.22
CA TYR P 37 64.60 40.54 18.82
C TYR P 37 64.47 39.36 17.87
N ASN P 38 64.71 38.13 18.34
CA ASN P 38 64.50 36.94 17.53
C ASN P 38 63.21 36.20 17.89
N SER P 39 62.21 36.93 18.39
CA SER P 39 60.91 36.37 18.70
C SER P 39 59.88 36.96 17.73
N ALA P 40 59.05 36.09 17.17
CA ALA P 40 58.04 36.50 16.21
C ALA P 40 56.68 36.76 16.84
N SER P 41 56.62 36.81 18.18
CA SER P 41 55.38 37.07 18.90
C SER P 41 55.22 38.53 19.29
N PHE P 42 55.82 39.44 18.53
CA PHE P 42 55.75 40.87 18.80
C PHE P 42 55.15 41.60 17.60
N SER P 43 54.10 42.38 17.83
CA SER P 43 53.48 43.14 16.76
C SER P 43 54.32 44.35 16.38
N THR P 44 54.98 44.98 17.35
CA THR P 44 55.81 46.16 17.12
C THR P 44 57.12 45.99 17.87
N PHE P 45 58.24 46.22 17.18
CA PHE P 45 59.56 46.18 17.80
C PHE P 45 60.39 47.27 17.10
N LYS P 46 60.36 48.47 17.66
CA LYS P 46 61.03 49.63 17.08
C LYS P 46 62.05 50.19 18.05
N CYS P 47 63.28 50.34 17.58
CA CYS P 47 64.37 50.88 18.38
C CYS P 47 64.82 52.22 17.83
N TYR P 48 65.25 53.10 18.72
CA TYR P 48 65.66 54.46 18.36
C TYR P 48 67.07 54.71 18.89
N GLY P 49 67.98 55.07 18.00
CA GLY P 49 69.35 55.38 18.36
C GLY P 49 70.23 54.18 18.64
N VAL P 50 69.68 52.96 18.62
CA VAL P 50 70.43 51.74 18.88
C VAL P 50 69.96 50.67 17.90
N SER P 51 70.91 49.89 17.36
CA SER P 51 70.52 48.79 16.50
C SER P 51 70.24 47.54 17.32
N PRO P 52 69.18 46.79 16.98
CA PRO P 52 68.86 45.58 17.77
C PRO P 52 69.94 44.53 17.76
N THR P 53 70.62 44.33 16.63
CA THR P 53 71.70 43.34 16.58
C THR P 53 72.90 43.79 17.41
N LYS P 54 73.23 45.08 17.36
CA LYS P 54 74.37 45.62 18.10
C LYS P 54 74.11 45.71 19.60
N LEU P 55 72.88 45.46 20.05
CA LEU P 55 72.55 45.60 21.47
C LEU P 55 73.41 44.70 22.35
N ASN P 56 73.67 43.47 21.90
CA ASN P 56 74.48 42.55 22.68
C ASN P 56 75.94 42.94 22.75
N ASP P 57 76.38 43.92 21.94
CA ASP P 57 77.75 44.38 21.92
C ASP P 57 77.92 45.74 22.59
N LEU P 58 76.98 46.15 23.42
CA LEU P 58 77.02 47.43 24.10
C LEU P 58 76.92 47.23 25.61
N CYS P 59 77.18 48.31 26.34
CA CYS P 59 77.09 48.32 27.79
C CYS P 59 76.48 49.63 28.25
N PHE P 60 75.54 49.56 29.18
CA PHE P 60 74.84 50.73 29.69
C PHE P 60 74.91 50.76 31.21
N THR P 61 74.79 51.96 31.77
CA THR P 61 74.79 52.12 33.22
C THR P 61 73.56 51.46 33.85
N ASN P 62 72.37 51.80 33.35
CA ASN P 62 71.14 51.22 33.86
C ASN P 62 70.14 51.09 32.73
N VAL P 63 69.18 50.18 32.91
CA VAL P 63 68.10 49.95 31.97
C VAL P 63 66.78 50.11 32.71
N TYR P 64 65.82 50.77 32.06
CA TYR P 64 64.49 50.98 32.62
C TYR P 64 63.46 50.29 31.75
N ALA P 65 62.70 49.39 32.35
CA ALA P 65 61.67 48.61 31.65
C ALA P 65 60.31 49.15 32.08
N ASP P 66 59.70 49.98 31.24
CA ASP P 66 58.37 50.51 31.50
C ASP P 66 57.32 49.62 30.85
N SER P 67 56.28 49.29 31.59
CA SER P 67 55.25 48.37 31.12
C SER P 67 53.86 48.95 31.38
N PHE P 68 52.99 48.85 30.37
CA PHE P 68 51.62 49.31 30.48
C PHE P 68 50.79 48.64 29.39
N VAL P 69 49.50 48.97 29.36
CA VAL P 69 48.56 48.40 28.40
C VAL P 69 47.80 49.53 27.72
N ILE P 70 47.78 49.51 26.39
CA ILE P 70 47.01 50.45 25.59
C ILE P 70 46.25 49.67 24.52
N ARG P 71 45.57 50.41 23.64
CA ARG P 71 44.91 49.84 22.48
C ARG P 71 45.82 49.92 21.26
N GLY P 72 45.46 49.17 20.22
CA GLY P 72 46.33 49.07 19.06
C GLY P 72 46.54 50.39 18.35
N ASP P 73 45.48 51.19 18.20
CA ASP P 73 45.59 52.46 17.48
C ASP P 73 46.50 53.47 18.19
N GLU P 74 46.74 53.29 19.48
CA GLU P 74 47.58 54.21 20.25
C GLU P 74 49.01 53.74 20.39
N VAL P 75 49.35 52.57 19.84
CA VAL P 75 50.72 52.07 19.92
C VAL P 75 51.66 53.00 19.15
N ARG P 76 51.19 53.55 18.03
CA ARG P 76 52.02 54.44 17.23
C ARG P 76 52.38 55.71 17.98
N GLN P 77 51.62 56.07 19.02
CA GLN P 77 51.91 57.26 19.81
C GLN P 77 53.09 57.06 20.76
N ILE P 78 53.52 55.82 20.98
CA ILE P 78 54.69 55.55 21.84
C ILE P 78 55.91 55.63 20.95
N ALA P 79 56.36 56.86 20.72
CA ALA P 79 57.51 57.15 19.86
C ALA P 79 57.94 58.59 20.09
N PRO P 80 59.22 58.92 19.89
CA PRO P 80 59.67 60.30 20.09
C PRO P 80 58.97 61.25 19.13
N GLY P 81 58.63 62.43 19.64
CA GLY P 81 58.06 63.47 18.81
C GLY P 81 56.61 63.25 18.41
N GLN P 82 55.90 62.37 19.10
CA GLN P 82 54.51 62.06 18.75
C GLN P 82 53.55 62.93 19.55
N THR P 83 52.33 63.04 19.03
CA THR P 83 51.24 63.75 19.68
C THR P 83 50.04 62.82 19.82
N GLY P 84 49.05 63.26 20.59
CA GLY P 84 47.89 62.45 20.89
C GLY P 84 47.64 62.38 22.39
N LYS P 85 46.51 61.75 22.72
CA LYS P 85 46.08 61.67 24.11
C LYS P 85 47.09 60.90 24.97
N ILE P 86 47.58 59.76 24.47
CA ILE P 86 48.54 58.98 25.22
C ILE P 86 49.88 59.70 25.31
N ALA P 87 50.36 60.23 24.18
CA ALA P 87 51.68 60.86 24.14
C ALA P 87 51.73 62.13 24.95
N ASP P 88 50.62 62.87 25.03
CA ASP P 88 50.61 64.15 25.73
C ASP P 88 50.28 64.00 27.21
N TYR P 89 49.35 63.11 27.55
CA TYR P 89 48.81 63.06 28.90
C TYR P 89 49.07 61.75 29.64
N ASN P 90 49.63 60.73 29.00
CA ASN P 90 49.84 59.45 29.65
C ASN P 90 51.31 59.04 29.71
N TYR P 91 52.00 59.02 28.57
CA TYR P 91 53.38 58.56 28.54
C TYR P 91 54.08 59.24 27.36
N LYS P 92 55.09 60.06 27.66
CA LYS P 92 55.78 60.85 26.64
C LYS P 92 57.25 60.47 26.58
N LEU P 93 57.74 60.18 25.38
CA LEU P 93 59.15 59.92 25.16
C LEU P 93 59.86 61.17 24.64
N PRO P 94 61.10 61.40 25.05
CA PRO P 94 61.83 62.59 24.59
C PRO P 94 62.22 62.47 23.13
N ASP P 95 62.51 63.63 22.53
CA ASP P 95 62.91 63.66 21.12
C ASP P 95 64.23 62.94 20.89
N ASP P 96 65.12 62.96 21.89
CA ASP P 96 66.40 62.26 21.81
C ASP P 96 66.34 60.89 22.48
N PHE P 97 65.20 60.21 22.39
CA PHE P 97 65.02 58.92 23.05
C PHE P 97 66.00 57.89 22.52
N THR P 98 66.58 57.12 23.44
CA THR P 98 67.53 56.05 23.10
C THR P 98 67.02 54.77 23.76
N GLY P 99 66.52 53.85 22.94
CA GLY P 99 65.96 52.63 23.45
C GLY P 99 64.99 52.03 22.43
N CYS P 100 64.25 51.03 22.90
CA CYS P 100 63.34 50.27 22.05
C CYS P 100 61.94 50.27 22.65
N VAL P 101 60.94 50.24 21.77
CA VAL P 101 59.54 50.12 22.16
C VAL P 101 59.01 48.81 21.59
N ILE P 102 58.46 47.96 22.47
CA ILE P 102 57.95 46.65 22.10
C ILE P 102 56.48 46.56 22.48
N ALA P 103 55.67 46.04 21.57
CA ALA P 103 54.24 45.92 21.81
C ALA P 103 53.71 44.66 21.14
N TRP P 104 52.80 43.96 21.82
CA TRP P 104 52.18 42.76 21.28
C TRP P 104 50.72 42.70 21.72
N ASN P 105 49.91 42.08 20.87
CA ASN P 105 48.48 41.95 21.15
C ASN P 105 48.24 41.07 22.35
N SER P 106 47.32 41.49 23.22
CA SER P 106 46.96 40.76 24.43
C SER P 106 45.45 40.66 24.57
N ASN P 107 44.76 40.45 23.45
CA ASN P 107 43.31 40.31 23.48
C ASN P 107 42.87 39.08 24.26
N ASN P 108 43.67 38.01 24.24
CA ASN P 108 43.32 36.78 24.95
C ASN P 108 43.42 36.93 26.46
N LEU P 109 44.24 37.85 26.94
CA LEU P 109 44.51 37.99 28.37
C LEU P 109 43.72 39.13 29.01
N ASP P 110 43.71 40.31 28.40
CA ASP P 110 43.21 41.52 29.01
C ASP P 110 41.82 41.91 28.53
N SER P 111 41.10 40.99 27.87
CA SER P 111 39.78 41.30 27.34
C SER P 111 38.77 40.22 27.73
N LYS P 112 37.54 40.65 27.99
CA LYS P 112 36.44 39.74 28.27
C LYS P 112 35.17 40.29 27.64
N VAL P 113 34.24 39.38 27.31
CA VAL P 113 32.93 39.79 26.84
C VAL P 113 32.25 40.63 27.91
N GLY P 114 31.68 41.76 27.50
CA GLY P 114 31.11 42.72 28.42
C GLY P 114 32.03 43.86 28.81
N GLY P 115 33.30 43.79 28.41
CA GLY P 115 34.23 44.88 28.66
C GLY P 115 35.14 44.67 29.86
N ASN P 116 36.45 44.81 29.65
CA ASN P 116 37.43 44.80 30.73
C ASN P 116 37.71 46.24 31.13
N TYR P 117 37.35 46.59 32.37
CA TYR P 117 37.45 47.97 32.85
C TYR P 117 38.54 48.15 33.88
N ASN P 118 39.51 47.23 33.94
CA ASN P 118 40.64 47.39 34.85
C ASN P 118 41.69 48.36 34.31
N TYR P 119 41.80 48.49 33.00
CA TYR P 119 42.79 49.34 32.36
C TYR P 119 42.18 50.71 32.05
N LEU P 120 42.84 51.76 32.50
CA LEU P 120 42.35 53.12 32.37
C LEU P 120 43.38 53.99 31.67
N TYR P 121 42.92 55.12 31.14
CA TYR P 121 43.79 56.10 30.52
C TYR P 121 43.34 57.50 30.91
N ARG P 122 44.31 58.40 31.02
CA ARG P 122 44.03 59.80 31.34
C ARG P 122 43.57 60.52 30.08
N LEU P 123 42.36 61.09 30.12
CA LEU P 123 41.79 61.75 28.96
C LEU P 123 41.95 63.27 28.98
N PHE P 124 41.92 63.89 30.17
CA PHE P 124 42.01 65.33 30.28
C PHE P 124 43.22 65.72 31.10
N ARG P 125 43.90 66.78 30.66
CA ARG P 125 45.01 67.36 31.40
C ARG P 125 45.28 68.75 30.85
N LYS P 126 45.63 69.68 31.74
CA LYS P 126 45.81 71.07 31.33
C LYS P 126 47.03 71.21 30.41
N SER P 127 48.11 70.48 30.70
CA SER P 127 49.35 70.58 29.95
C SER P 127 49.86 69.19 29.62
N ASN P 128 50.75 69.13 28.63
CA ASN P 128 51.35 67.88 28.22
C ASN P 128 52.34 67.38 29.27
N LEU P 129 52.57 66.07 29.26
CA LEU P 129 53.54 65.46 30.17
C LEU P 129 54.96 65.65 29.64
N LYS P 130 55.87 65.96 30.56
CA LYS P 130 57.28 65.94 30.23
C LYS P 130 57.75 64.49 30.06
N PRO P 131 58.88 64.28 29.39
CA PRO P 131 59.35 62.91 29.16
C PRO P 131 59.50 62.12 30.45
N PHE P 132 59.03 60.88 30.42
CA PHE P 132 59.13 59.94 31.56
C PHE P 132 58.43 60.48 32.80
N GLU P 133 57.37 61.27 32.62
CA GLU P 133 56.57 61.75 33.73
C GLU P 133 55.42 60.79 34.00
N ARG P 134 55.11 60.57 35.27
CA ARG P 134 54.06 59.64 35.68
C ARG P 134 53.04 60.40 36.52
N ASP P 135 51.88 60.64 35.94
CA ASP P 135 50.80 61.39 36.58
C ASP P 135 49.69 60.42 36.92
N ILE P 136 49.49 60.18 38.23
CA ILE P 136 48.44 59.31 38.71
C ILE P 136 47.38 60.10 39.49
N SER P 137 47.34 61.41 39.30
CA SER P 137 46.37 62.25 40.01
C SER P 137 44.95 61.89 39.59
N THR P 138 44.03 61.93 40.56
CA THR P 138 42.61 61.71 40.31
C THR P 138 41.78 62.96 40.58
N GLU P 139 42.43 64.12 40.59
CA GLU P 139 41.71 65.38 40.82
C GLU P 139 40.74 65.64 39.68
N ILE P 140 39.58 66.19 40.02
CA ILE P 140 38.54 66.44 39.01
C ILE P 140 39.02 67.51 38.05
N TYR P 141 38.92 67.22 36.76
CA TYR P 141 39.38 68.15 35.73
C TYR P 141 38.36 69.27 35.56
N GLN P 142 38.84 70.51 35.59
CA GLN P 142 37.99 71.70 35.45
C GLN P 142 38.05 72.16 34.00
N ALA P 143 37.00 71.85 33.24
CA ALA P 143 36.92 72.28 31.85
C ALA P 143 36.34 73.67 31.69
N GLY P 144 35.86 74.29 32.77
CA GLY P 144 35.32 75.63 32.70
C GLY P 144 35.99 76.57 33.69
N SER P 145 35.29 77.65 34.04
CA SER P 145 35.81 78.64 34.98
C SER P 145 35.26 78.49 36.39
N THR P 146 34.37 77.52 36.61
CA THR P 146 33.79 77.29 37.93
C THR P 146 34.60 76.25 38.69
N PRO P 147 35.07 76.54 39.91
CA PRO P 147 35.81 75.54 40.67
C PRO P 147 34.96 74.30 40.93
N CYS P 148 35.60 73.14 40.80
CA CYS P 148 34.86 71.89 40.90
C CYS P 148 34.69 71.44 42.34
N ASN P 149 35.71 71.63 43.18
CA ASN P 149 35.67 71.27 44.59
C ASN P 149 35.38 69.78 44.78
N GLY P 150 35.92 68.95 43.90
CA GLY P 150 35.89 67.51 44.08
C GLY P 150 34.58 66.82 43.76
N VAL P 151 33.61 67.51 43.17
CA VAL P 151 32.33 66.92 42.80
C VAL P 151 32.18 67.01 41.28
N GLU P 152 31.78 65.90 40.67
CA GLU P 152 31.60 65.87 39.22
C GLU P 152 30.37 66.67 38.80
N GLY P 153 30.35 67.04 37.53
CA GLY P 153 29.24 67.80 36.99
C GLY P 153 29.61 68.34 35.61
N PHE P 154 28.84 69.32 35.17
CA PHE P 154 29.13 69.98 33.91
C PHE P 154 30.43 70.78 34.02
N ASN P 155 31.30 70.62 33.03
CA ASN P 155 32.63 71.23 33.01
C ASN P 155 33.49 70.80 34.20
N CYS P 156 33.17 69.65 34.79
CA CYS P 156 33.92 69.08 35.90
C CYS P 156 33.88 67.56 35.72
N TYR P 157 34.93 67.02 35.11
CA TYR P 157 34.93 65.63 34.66
C TYR P 157 36.08 64.88 35.33
N PHE P 158 35.85 63.60 35.57
CA PHE P 158 36.92 62.74 36.07
C PHE P 158 38.00 62.60 35.00
N PRO P 159 39.27 62.84 35.33
CA PRO P 159 40.30 62.87 34.29
C PRO P 159 40.55 61.52 33.62
N LEU P 160 40.20 60.41 34.27
CA LEU P 160 40.49 59.08 33.76
C LEU P 160 39.27 58.50 33.06
N GLN P 161 39.52 57.67 32.04
CA GLN P 161 38.47 56.95 31.37
C GLN P 161 38.90 55.51 31.17
N SER P 162 37.93 54.62 31.02
CA SER P 162 38.19 53.20 30.87
C SER P 162 38.17 52.79 29.39
N TYR P 163 39.06 51.86 29.03
CA TYR P 163 39.10 51.36 27.67
C TYR P 163 37.88 50.49 27.37
N GLY P 164 37.48 49.63 28.31
CA GLY P 164 36.38 48.71 28.08
C GLY P 164 36.68 47.69 27.00
N PHE P 165 37.74 46.92 27.19
CA PHE P 165 38.19 45.99 26.16
C PHE P 165 37.18 44.84 26.01
N GLN P 166 36.74 44.62 24.77
CA GLN P 166 35.90 43.49 24.42
C GLN P 166 36.54 42.69 23.28
N PRO P 167 36.42 41.37 23.30
CA PRO P 167 37.02 40.57 22.21
C PRO P 167 36.40 40.84 20.86
N THR P 168 35.18 41.36 20.81
CA THR P 168 34.54 41.69 19.54
C THR P 168 35.03 43.02 18.95
N ASN P 169 35.83 43.77 19.70
CA ASN P 169 36.35 45.04 19.19
C ASN P 169 37.34 44.79 18.06
N GLY P 170 37.49 45.79 17.19
CA GLY P 170 38.47 45.72 16.13
C GLY P 170 39.89 45.68 16.65
N VAL P 171 40.81 45.28 15.77
CA VAL P 171 42.21 45.13 16.16
C VAL P 171 42.78 46.47 16.62
N GLY P 172 42.24 47.58 16.13
CA GLY P 172 42.67 48.89 16.59
C GLY P 172 42.24 49.22 18.00
N TYR P 173 41.20 48.56 18.51
CA TYR P 173 40.70 48.78 19.86
C TYR P 173 40.97 47.60 20.79
N GLN P 174 41.74 46.61 20.32
CA GLN P 174 42.09 45.48 21.17
C GLN P 174 43.28 45.84 22.07
N PRO P 175 43.39 45.21 23.24
CA PRO P 175 44.47 45.57 24.16
C PRO P 175 45.83 45.09 23.67
N TYR P 176 46.82 45.97 23.77
CA TYR P 176 48.21 45.65 23.44
C TYR P 176 49.07 45.96 24.65
N ARG P 177 49.92 45.00 25.04
CA ARG P 177 50.87 45.22 26.12
C ARG P 177 52.16 45.80 25.54
N VAL P 178 52.62 46.89 26.14
CA VAL P 178 53.75 47.66 25.62
C VAL P 178 54.84 47.71 26.68
N VAL P 179 56.06 47.38 26.28
CA VAL P 179 57.24 47.47 27.14
C VAL P 179 58.24 48.41 26.47
N VAL P 180 58.66 49.44 27.20
CA VAL P 180 59.62 50.42 26.72
C VAL P 180 60.92 50.23 27.49
N LEU P 181 61.98 49.87 26.77
CA LEU P 181 63.31 49.69 27.35
C LEU P 181 64.14 50.93 27.08
N SER P 182 64.49 51.65 28.14
CA SER P 182 65.34 52.83 28.06
C SER P 182 66.72 52.49 28.58
N PHE P 183 67.74 52.69 27.75
CA PHE P 183 69.13 52.40 28.11
C PHE P 183 69.82 53.72 28.43
N GLU P 184 70.03 53.99 29.71
CA GLU P 184 70.63 55.24 30.13
C GLU P 184 72.15 55.13 30.12
N LEU P 185 72.81 56.25 29.81
CA LEU P 185 74.26 56.32 29.72
C LEU P 185 74.72 57.46 30.61
N LEU P 186 75.32 57.12 31.75
CA LEU P 186 75.80 58.10 32.71
C LEU P 186 77.30 57.96 32.92
N HIS P 187 77.88 58.93 33.62
CA HIS P 187 79.29 58.88 34.00
C HIS P 187 79.42 58.08 35.30
N ALA P 188 79.16 56.77 35.17
CA ALA P 188 79.15 55.85 36.29
C ALA P 188 79.52 54.47 35.75
N PRO P 189 79.98 53.57 36.62
CA PRO P 189 80.30 52.22 36.15
C PRO P 189 79.10 51.53 35.53
N ALA P 190 79.31 50.98 34.33
CA ALA P 190 78.23 50.28 33.63
C ALA P 190 77.95 48.94 34.27
N THR P 191 76.68 48.62 34.47
CA THR P 191 76.26 47.40 35.13
C THR P 191 75.42 46.49 34.24
N VAL P 192 75.15 46.88 33.00
CA VAL P 192 74.39 46.08 32.06
C VAL P 192 75.19 45.92 30.79
N CYS P 193 75.42 44.69 30.36
CA CYS P 193 76.17 44.38 29.15
C CYS P 193 75.54 43.19 28.46
N GLY P 194 75.98 42.93 27.23
CA GLY P 194 75.49 41.80 26.47
C GLY P 194 76.36 40.55 26.60
N GLN Q 1 26.70 26.34 38.44
CA GLN Q 1 25.89 27.51 38.10
C GLN Q 1 26.08 28.63 39.13
N VAL Q 2 26.02 29.87 38.64
CA VAL Q 2 26.14 31.03 39.53
C VAL Q 2 24.81 31.24 40.25
N GLN Q 3 24.89 31.42 41.57
CA GLN Q 3 23.71 31.62 42.40
C GLN Q 3 23.91 32.82 43.31
N LEU Q 4 22.87 33.63 43.45
CA LEU Q 4 22.87 34.80 44.32
C LEU Q 4 21.69 34.69 45.27
N LEU Q 5 21.97 34.50 46.55
CA LEU Q 5 20.96 34.36 47.58
C LEU Q 5 20.94 35.62 48.43
N GLU Q 6 19.76 36.20 48.60
CA GLU Q 6 19.60 37.47 49.30
C GLU Q 6 18.91 37.25 50.64
N SER Q 7 19.25 38.10 51.61
CA SER Q 7 18.68 38.03 52.94
C SER Q 7 18.78 39.40 53.59
N GLY Q 8 18.02 39.58 54.66
CA GLY Q 8 18.03 40.81 55.44
C GLY Q 8 16.79 41.66 55.30
N GLY Q 9 15.86 41.28 54.41
CA GLY Q 9 14.64 42.06 54.26
C GLY Q 9 13.69 41.89 55.43
N GLY Q 10 12.75 42.81 55.53
CA GLY Q 10 11.76 42.74 56.59
C GLY Q 10 11.09 44.10 56.78
N LEU Q 11 10.51 44.27 57.96
CA LEU Q 11 9.81 45.49 58.32
C LEU Q 11 10.70 46.37 59.17
N VAL Q 12 10.60 47.68 58.96
CA VAL Q 12 11.39 48.64 59.73
C VAL Q 12 10.60 49.94 59.82
N GLN Q 13 10.69 50.59 60.97
CA GLN Q 13 10.06 51.88 61.16
C GLN Q 13 10.83 52.96 60.38
N PRO Q 14 10.16 54.05 60.01
CA PRO Q 14 10.87 55.14 59.34
C PRO Q 14 11.98 55.69 60.22
N GLY Q 15 13.12 56.00 59.60
CA GLY Q 15 14.29 56.42 60.32
C GLY Q 15 15.16 55.30 60.84
N GLY Q 16 14.72 54.05 60.71
CA GLY Q 16 15.47 52.91 61.18
C GLY Q 16 16.58 52.53 60.22
N SER Q 17 17.21 51.39 60.50
CA SER Q 17 18.32 50.91 59.70
C SER Q 17 18.31 49.39 59.66
N LEU Q 18 18.80 48.86 58.53
CA LEU Q 18 18.95 47.43 58.37
C LEU Q 18 19.98 47.16 57.28
N ARG Q 19 20.57 45.97 57.33
CA ARG Q 19 21.61 45.57 56.40
C ARG Q 19 21.14 44.36 55.61
N LEU Q 20 21.31 44.41 54.29
CA LEU Q 20 20.96 43.31 53.40
C LEU Q 20 22.23 42.62 52.93
N SER Q 21 22.15 41.29 52.79
CA SER Q 21 23.29 40.48 52.39
C SER Q 21 22.95 39.73 51.11
N CYS Q 22 23.94 39.59 50.24
CA CYS Q 22 23.80 38.88 48.97
C CYS Q 22 24.96 37.90 48.85
N ALA Q 23 24.68 36.61 49.11
CA ALA Q 23 25.69 35.58 49.02
C ALA Q 23 25.79 35.06 47.59
N ALA Q 24 26.95 35.24 46.98
CA ALA Q 24 27.18 34.84 45.61
C ALA Q 24 28.13 33.65 45.55
N SER Q 25 27.91 32.79 44.55
CA SER Q 25 28.72 31.60 44.37
C SER Q 25 28.73 31.22 42.90
N GLY Q 26 29.70 30.40 42.51
CA GLY Q 26 29.81 29.94 41.15
C GLY Q 26 30.69 30.76 40.25
N PHE Q 27 31.39 31.75 40.78
CA PHE Q 27 32.27 32.59 39.97
C PHE Q 27 33.27 33.28 40.89
N THR Q 28 34.28 33.90 40.29
CA THR Q 28 35.27 34.66 41.03
C THR Q 28 34.61 35.96 41.49
N PHE Q 29 34.24 36.02 42.77
CA PHE Q 29 33.46 37.15 43.28
C PHE Q 29 34.24 38.45 43.20
N SER Q 30 35.52 38.43 43.56
CA SER Q 30 36.34 39.64 43.53
C SER Q 30 36.57 40.15 42.11
N SER Q 31 36.28 39.35 41.09
CA SER Q 31 36.56 39.71 39.70
C SER Q 31 35.44 40.50 39.04
N TYR Q 32 34.25 40.53 39.61
CA TYR Q 32 33.10 41.17 38.98
C TYR Q 32 32.53 42.26 39.87
N ALA Q 33 31.95 43.28 39.23
CA ALA Q 33 31.27 44.35 39.93
C ALA Q 33 29.88 43.90 40.37
N MET Q 34 29.47 44.37 41.55
CA MET Q 34 28.17 44.03 42.12
C MET Q 34 27.34 45.29 42.31
N SER Q 35 26.02 45.13 42.28
CA SER Q 35 25.11 46.26 42.32
C SER Q 35 23.86 45.88 43.12
N TRP Q 36 23.20 46.90 43.68
CA TRP Q 36 21.91 46.75 44.32
C TRP Q 36 20.87 47.55 43.54
N VAL Q 37 19.78 46.88 43.15
CA VAL Q 37 18.70 47.51 42.40
C VAL Q 37 17.41 47.37 43.18
N ARG Q 38 16.58 48.41 43.14
CA ARG Q 38 15.32 48.45 43.87
C ARG Q 38 14.15 48.57 42.90
N GLN Q 39 13.00 48.05 43.33
CA GLN Q 39 11.78 48.13 42.54
C GLN Q 39 10.60 48.30 43.49
N ALA Q 40 9.98 49.49 43.46
CA ALA Q 40 8.83 49.73 44.30
C ALA Q 40 7.62 48.94 43.80
N PRO Q 41 6.68 48.61 44.66
CA PRO Q 41 5.48 47.88 44.22
C PRO Q 41 4.73 48.66 43.14
N GLY Q 42 4.63 48.05 41.96
CA GLY Q 42 3.98 48.69 40.84
C GLY Q 42 4.79 49.76 40.16
N LYS Q 43 6.09 49.79 40.38
CA LYS Q 43 7.00 50.76 39.76
C LYS Q 43 8.03 50.03 38.92
N GLY Q 44 8.73 50.79 38.08
CA GLY Q 44 9.82 50.25 37.30
C GLY Q 44 11.09 50.12 38.11
N LEU Q 45 12.11 49.55 37.47
CA LEU Q 45 13.40 49.38 38.12
C LEU Q 45 14.09 50.73 38.30
N GLU Q 46 15.00 50.78 39.27
CA GLU Q 46 15.78 51.98 39.54
C GLU Q 46 17.09 51.55 40.20
N TRP Q 47 18.21 51.82 39.54
CA TRP Q 47 19.50 51.49 40.11
C TRP Q 47 19.74 52.27 41.39
N ALA Q 48 20.32 51.61 42.38
CA ALA Q 48 20.52 52.21 43.70
C ALA Q 48 22.00 52.38 44.06
N SER Q 49 22.82 51.34 43.86
CA SER Q 49 24.23 51.43 44.23
C SER Q 49 25.00 50.33 43.50
N ALA Q 50 26.33 50.46 43.52
CA ALA Q 50 27.20 49.51 42.86
C ALA Q 50 28.60 49.64 43.42
N ILE Q 51 29.35 48.53 43.40
CA ILE Q 51 30.74 48.50 43.82
C ILE Q 51 31.57 47.86 42.72
N SER Q 52 32.83 48.30 42.64
CA SER Q 52 33.82 47.59 41.84
C SER Q 52 34.13 46.24 42.48
N GLY Q 53 34.81 45.38 41.71
CA GLY Q 53 35.13 44.06 42.22
C GLY Q 53 36.06 44.11 43.43
N SER Q 54 37.04 45.01 43.41
CA SER Q 54 37.98 45.10 44.51
C SER Q 54 37.35 45.73 45.74
N GLY Q 55 36.32 46.56 45.56
CA GLY Q 55 35.67 47.24 46.67
C GLY Q 55 36.17 48.64 46.93
N GLY Q 56 37.15 49.14 46.17
CA GLY Q 56 37.67 50.48 46.40
C GLY Q 56 36.77 51.58 45.89
N SER Q 57 35.99 51.31 44.85
CA SER Q 57 35.14 52.31 44.22
C SER Q 57 33.68 51.96 44.44
N THR Q 58 32.90 52.94 44.90
CA THR Q 58 31.48 52.76 45.15
C THR Q 58 30.69 53.88 44.50
N TYR Q 59 29.48 53.56 44.06
CA TYR Q 59 28.57 54.52 43.46
C TYR Q 59 27.21 54.41 44.16
N TYR Q 60 26.56 55.56 44.33
CA TYR Q 60 25.23 55.62 44.92
C TYR Q 60 24.34 56.53 44.07
N ALA Q 61 23.06 56.18 44.01
CA ALA Q 61 22.09 57.06 43.37
C ALA Q 61 21.85 58.30 44.22
N ASP Q 62 21.33 59.34 43.58
CA ASP Q 62 21.07 60.58 44.30
C ASP Q 62 20.01 60.39 45.38
N SER Q 63 19.03 59.50 45.14
CA SER Q 63 18.01 59.23 46.15
C SER Q 63 18.62 58.59 47.39
N VAL Q 64 19.72 57.86 47.24
CA VAL Q 64 20.28 57.07 48.33
C VAL Q 64 21.62 57.60 48.83
N GLU Q 65 22.17 58.64 48.20
CA GLU Q 65 23.49 59.13 48.58
C GLU Q 65 23.49 59.65 50.01
N GLY Q 66 24.49 59.24 50.80
CA GLY Q 66 24.60 59.66 52.18
C GLY Q 66 23.77 58.81 53.12
N ARG Q 67 22.61 58.36 52.65
CA ARG Q 67 21.74 57.52 53.48
C ARG Q 67 22.26 56.09 53.55
N PHE Q 68 22.50 55.48 52.40
CA PHE Q 68 22.95 54.10 52.34
C PHE Q 68 24.45 54.05 52.10
N THR Q 69 25.09 53.02 52.65
CA THR Q 69 26.49 52.72 52.38
C THR Q 69 26.59 51.27 51.95
N ILE Q 70 27.34 51.03 50.88
CA ILE Q 70 27.45 49.71 50.27
C ILE Q 70 28.85 49.18 50.50
N SER Q 71 28.95 47.88 50.83
CA SER Q 71 30.23 47.26 51.16
C SER Q 71 30.26 45.86 50.58
N ARG Q 72 31.44 45.24 50.64
CA ARG Q 72 31.65 43.93 50.05
C ARG Q 72 32.76 43.21 50.81
N ASP Q 73 32.56 41.93 51.07
CA ASP Q 73 33.58 41.06 51.66
C ASP Q 73 33.93 39.99 50.64
N ASN Q 74 35.12 40.10 50.03
CA ASN Q 74 35.53 39.14 49.03
C ASN Q 74 35.81 37.77 49.64
N SER Q 75 36.29 37.72 50.88
CA SER Q 75 36.55 36.44 51.53
C SER Q 75 35.25 35.67 51.74
N LYS Q 76 34.20 36.34 52.20
CA LYS Q 76 32.91 35.70 52.40
C LYS Q 76 32.12 35.52 51.12
N ASN Q 77 32.55 36.14 50.01
CA ASN Q 77 31.79 36.17 48.76
C ASN Q 77 30.39 36.73 48.99
N THR Q 78 30.31 37.81 49.76
CA THR Q 78 29.04 38.41 50.16
C THR Q 78 29.04 39.89 49.84
N LEU Q 79 27.90 40.38 49.37
CA LEU Q 79 27.67 41.79 49.13
C LEU Q 79 26.71 42.35 50.17
N TYR Q 80 27.01 43.54 50.67
CA TYR Q 80 26.25 44.15 51.75
C TYR Q 80 25.74 45.53 51.33
N LEU Q 81 24.52 45.85 51.77
CA LEU Q 81 23.94 47.17 51.59
C LEU Q 81 23.37 47.63 52.91
N GLN Q 82 24.04 48.57 53.56
CA GLN Q 82 23.57 49.12 54.82
C GLN Q 82 22.69 50.33 54.54
N MET Q 83 21.42 50.24 54.90
CA MET Q 83 20.44 51.29 54.66
C MET Q 83 20.13 52.00 55.97
N ASN Q 84 20.39 53.31 56.01
CA ASN Q 84 20.17 54.13 57.19
C ASN Q 84 19.22 55.28 56.86
N SER Q 85 18.57 55.79 57.89
CA SER Q 85 17.61 56.89 57.76
C SER Q 85 16.53 56.54 56.74
N LEU Q 86 15.91 55.39 56.95
CA LEU Q 86 14.95 54.87 55.99
C LEU Q 86 13.67 55.69 55.99
N ARG Q 87 13.06 55.80 54.80
CA ARG Q 87 11.82 56.53 54.61
C ARG Q 87 10.84 55.63 53.85
N ALA Q 88 9.59 56.10 53.76
CA ALA Q 88 8.53 55.30 53.15
C ALA Q 88 8.83 54.99 51.69
N GLU Q 89 9.45 55.91 50.96
CA GLU Q 89 9.75 55.68 49.55
C GLU Q 89 10.77 54.56 49.36
N ASP Q 90 11.55 54.22 50.38
CA ASP Q 90 12.51 53.13 50.25
C ASP Q 90 11.84 51.77 50.25
N THR Q 91 10.56 51.69 50.62
CA THR Q 91 9.84 50.42 50.57
C THR Q 91 9.82 49.87 49.15
N ALA Q 92 10.53 48.77 48.93
CA ALA Q 92 10.69 48.21 47.58
C ALA Q 92 11.29 46.82 47.71
N VAL Q 93 11.25 46.07 46.61
CA VAL Q 93 11.95 44.81 46.51
C VAL Q 93 13.35 45.09 45.97
N TYR Q 94 14.36 44.66 46.72
CA TYR Q 94 15.75 44.95 46.40
C TYR Q 94 16.44 43.70 45.85
N TYR Q 95 17.07 43.85 44.68
CA TYR Q 95 17.80 42.78 44.03
C TYR Q 95 19.29 43.11 44.02
N CYS Q 96 20.12 42.07 44.16
CA CYS Q 96 21.55 42.19 43.92
C CYS Q 96 21.89 41.56 42.58
N ALA Q 97 22.73 42.25 41.80
CA ALA Q 97 23.01 41.85 40.43
C ALA Q 97 24.52 41.79 40.20
N LYS Q 98 24.95 40.72 39.54
CA LYS Q 98 26.33 40.59 39.08
C LYS Q 98 26.40 41.11 37.66
N ASP Q 99 27.37 41.97 37.39
CA ASP Q 99 27.48 42.60 36.08
C ASP Q 99 28.19 41.70 35.08
N THR Q 100 27.83 41.85 33.81
CA THR Q 100 28.52 41.14 32.74
C THR Q 100 29.91 41.70 32.48
N GLY Q 101 30.19 42.91 32.97
CA GLY Q 101 31.48 43.52 32.73
C GLY Q 101 32.57 42.95 33.62
N TYR Q 102 33.81 43.22 33.22
CA TYR Q 102 34.99 42.72 33.92
C TYR Q 102 35.63 43.89 34.68
N CYS Q 103 35.49 43.88 36.00
CA CYS Q 103 36.04 44.93 36.85
C CYS Q 103 36.88 44.25 37.93
N GLY Q 104 37.20 44.99 38.98
CA GLY Q 104 37.87 44.42 40.12
C GLY Q 104 39.08 45.20 40.59
N ASP Q 105 40.24 44.56 40.64
CA ASP Q 105 41.42 45.22 41.17
C ASP Q 105 41.87 46.32 40.21
N ASP Q 106 42.11 47.51 40.74
CA ASP Q 106 42.55 48.68 39.98
C ASP Q 106 41.53 49.09 38.91
N CYS Q 107 40.25 48.81 39.13
CA CYS Q 107 39.18 49.33 38.28
C CYS Q 107 38.38 50.35 39.07
N TYR Q 108 37.59 51.14 38.35
CA TYR Q 108 36.76 52.17 38.97
C TYR Q 108 35.31 51.98 38.57
N ILE Q 109 34.42 52.14 39.55
CA ILE Q 109 32.98 52.18 39.30
C ILE Q 109 32.68 53.52 38.64
N LYS Q 110 31.48 53.68 38.09
CA LYS Q 110 30.94 54.85 37.41
C LYS Q 110 31.74 55.13 36.15
N LEU Q 111 32.79 54.35 35.91
CA LEU Q 111 33.55 54.37 34.67
C LEU Q 111 33.29 53.13 33.82
N ILE Q 112 32.41 52.25 34.28
CA ILE Q 112 32.10 51.02 33.58
C ILE Q 112 30.79 51.20 32.83
N ARG Q 113 30.51 50.25 31.94
CA ARG Q 113 29.29 50.29 31.14
C ARG Q 113 29.02 48.89 30.62
N GLY Q 114 27.76 48.46 30.71
CA GLY Q 114 27.41 47.13 30.29
C GLY Q 114 26.06 46.68 30.78
N GLY Q 115 25.99 45.49 31.38
CA GLY Q 115 24.75 44.96 31.87
C GLY Q 115 24.92 43.93 32.96
N PRO Q 116 23.83 43.64 33.69
CA PRO Q 116 23.88 42.64 34.75
C PRO Q 116 23.86 41.23 34.19
N ASP Q 117 24.85 40.42 34.59
CA ASP Q 117 24.84 39.01 34.24
C ASP Q 117 23.65 38.29 34.87
N TYR Q 118 23.60 38.26 36.20
CA TYR Q 118 22.62 37.48 36.94
C TYR Q 118 22.02 38.34 38.05
N TRP Q 119 20.83 37.92 38.50
CA TRP Q 119 20.09 38.61 39.55
C TRP Q 119 19.76 37.62 40.65
N GLY Q 120 19.73 38.12 41.89
CA GLY Q 120 19.29 37.32 43.01
C GLY Q 120 17.78 37.16 43.03
N GLN Q 121 17.32 36.34 43.98
CA GLN Q 121 15.87 36.08 44.07
C GLN Q 121 15.10 37.34 44.47
N GLY Q 122 15.74 38.25 45.19
CA GLY Q 122 15.07 39.49 45.58
C GLY Q 122 14.47 39.40 46.97
N THR Q 123 14.70 40.43 47.78
CA THR Q 123 14.16 40.49 49.13
C THR Q 123 13.40 41.80 49.30
N LEU Q 124 12.30 41.74 50.03
CA LEU Q 124 11.40 42.87 50.19
C LEU Q 124 11.66 43.57 51.52
N VAL Q 125 11.71 44.90 51.48
CA VAL Q 125 11.82 45.73 52.68
C VAL Q 125 10.64 46.69 52.70
N THR Q 126 9.97 46.78 53.84
CA THR Q 126 8.86 47.69 54.04
C THR Q 126 9.21 48.70 55.13
N VAL Q 127 9.01 49.97 54.84
CA VAL Q 127 9.25 51.05 55.79
C VAL Q 127 7.89 51.66 56.14
N SER Q 128 7.44 51.41 57.37
CA SER Q 128 6.15 51.93 57.84
C SER Q 128 6.13 51.85 59.36
N SER Q 129 5.11 52.49 59.94
CA SER Q 129 4.94 52.53 61.39
C SER Q 129 3.78 51.60 61.75
N ALA Q 130 4.10 50.32 61.95
CA ALA Q 130 3.11 49.31 62.31
C ALA Q 130 3.84 48.08 62.81
N SER Q 131 3.19 47.34 63.70
CA SER Q 131 3.79 46.15 64.31
C SER Q 131 3.54 44.93 63.44
N THR Q 132 4.52 44.03 63.41
CA THR Q 132 4.36 42.76 62.73
C THR Q 132 3.37 41.86 63.46
N LYS Q 133 2.59 41.11 62.69
CA LYS Q 133 1.60 40.19 63.23
C LYS Q 133 1.56 38.95 62.33
N GLY Q 134 1.63 37.78 62.95
CA GLY Q 134 1.58 36.54 62.21
C GLY Q 134 0.22 36.29 61.58
N PRO Q 135 0.19 35.55 60.48
CA PRO Q 135 -1.07 35.32 59.77
C PRO Q 135 -1.89 34.20 60.40
N SER Q 136 -3.20 34.29 60.19
CA SER Q 136 -4.12 33.22 60.53
C SER Q 136 -4.55 32.52 59.24
N VAL Q 137 -4.40 31.20 59.22
CA VAL Q 137 -4.67 30.40 58.03
C VAL Q 137 -5.94 29.59 58.29
N PHE Q 138 -6.92 29.74 57.39
CA PHE Q 138 -8.19 29.04 57.50
C PHE Q 138 -8.40 28.18 56.25
N PRO Q 139 -9.04 27.03 56.41
CA PRO Q 139 -9.22 26.13 55.26
C PRO Q 139 -10.40 26.53 54.38
N LEU Q 140 -10.20 26.38 53.08
CA LEU Q 140 -11.27 26.52 52.09
C LEU Q 140 -11.52 25.14 51.51
N ALA Q 141 -12.66 24.56 51.85
CA ALA Q 141 -12.82 23.14 51.57
C ALA Q 141 -13.79 22.93 50.41
N PRO Q 142 -13.56 21.92 49.58
CA PRO Q 142 -14.48 21.68 48.45
C PRO Q 142 -15.82 21.19 48.95
N SER Q 143 -16.88 21.70 48.31
CA SER Q 143 -18.25 21.46 48.77
C SER Q 143 -18.87 20.25 48.10
N SER Q 144 -18.97 20.27 46.77
CA SER Q 144 -19.59 19.18 46.03
C SER Q 144 -21.10 19.34 45.89
N GLY Q 150 -16.40 16.80 37.87
CA GLY Q 150 -15.15 16.09 37.67
C GLY Q 150 -13.94 16.84 38.20
N THR Q 151 -14.12 18.13 38.48
CA THR Q 151 -13.05 18.98 38.99
C THR Q 151 -13.55 19.71 40.23
N ALA Q 152 -12.79 19.64 41.31
CA ALA Q 152 -13.13 20.31 42.56
C ALA Q 152 -11.99 21.24 42.96
N ALA Q 153 -12.34 22.28 43.73
CA ALA Q 153 -11.40 23.31 44.12
C ALA Q 153 -11.32 23.41 45.65
N LEU Q 154 -10.10 23.62 46.15
CA LEU Q 154 -9.86 23.86 47.56
C LEU Q 154 -8.75 24.90 47.68
N GLY Q 155 -8.56 25.40 48.89
CA GLY Q 155 -7.54 26.41 49.09
C GLY Q 155 -7.44 26.81 50.54
N CYS Q 156 -6.64 27.86 50.78
CA CYS Q 156 -6.38 28.37 52.12
C CYS Q 156 -6.53 29.88 52.13
N LEU Q 157 -7.03 30.41 53.24
CA LEU Q 157 -7.19 31.85 53.43
C LEU Q 157 -6.15 32.33 54.41
N VAL Q 158 -5.24 33.19 53.94
CA VAL Q 158 -4.18 33.77 54.77
C VAL Q 158 -4.63 35.18 55.10
N LYS Q 159 -5.09 35.38 56.34
CA LYS Q 159 -5.75 36.63 56.73
C LYS Q 159 -5.06 37.24 57.94
N ASP Q 160 -5.10 38.58 58.00
CA ASP Q 160 -4.68 39.35 59.17
C ASP Q 160 -3.19 39.16 59.45
N TYR Q 161 -2.36 39.52 58.46
CA TYR Q 161 -0.92 39.54 58.63
C TYR Q 161 -0.37 40.87 58.15
N PHE Q 162 0.81 41.22 58.67
CA PHE Q 162 1.50 42.43 58.27
C PHE Q 162 2.96 42.30 58.65
N PRO Q 163 3.90 42.71 57.79
CA PRO Q 163 3.70 43.24 56.44
C PRO Q 163 3.82 42.17 55.37
N GLU Q 164 3.84 42.59 54.10
CA GLU Q 164 4.13 41.69 53.01
C GLU Q 164 5.59 41.24 53.07
N PRO Q 165 5.92 40.10 52.44
CA PRO Q 165 5.04 39.15 51.76
C PRO Q 165 4.87 37.83 52.50
N VAL Q 166 3.95 36.99 52.04
CA VAL Q 166 3.84 35.61 52.50
C VAL Q 166 3.99 34.69 51.29
N THR Q 167 4.59 33.52 51.54
CA THR Q 167 4.79 32.51 50.51
C THR Q 167 3.95 31.29 50.83
N VAL Q 168 3.16 30.84 49.84
CA VAL Q 168 2.25 29.72 50.02
C VAL Q 168 2.63 28.63 49.03
N SER Q 169 2.84 27.42 49.53
CA SER Q 169 3.08 26.24 48.71
C SER Q 169 2.08 25.15 49.10
N TRP Q 170 1.99 24.13 48.26
CA TRP Q 170 1.06 23.03 48.45
C TRP Q 170 1.81 21.72 48.44
N ASN Q 171 1.57 20.89 49.47
CA ASN Q 171 2.23 19.60 49.62
C ASN Q 171 3.75 19.77 49.63
N SER Q 172 4.22 20.81 50.32
CA SER Q 172 5.65 21.11 50.43
C SER Q 172 6.29 21.29 49.05
N GLY Q 173 5.56 21.92 48.14
CA GLY Q 173 6.04 22.17 46.80
C GLY Q 173 5.81 21.04 45.81
N ALA Q 174 5.19 19.95 46.23
CA ALA Q 174 4.92 18.83 45.32
C ALA Q 174 3.70 19.07 44.44
N LEU Q 175 2.84 20.02 44.79
CA LEU Q 175 1.64 20.33 44.01
C LEU Q 175 1.84 21.71 43.39
N THR Q 176 1.97 21.76 42.07
CA THR Q 176 2.20 22.99 41.34
C THR Q 176 1.16 23.28 40.28
N SER Q 177 0.65 22.25 39.61
CA SER Q 177 -0.34 22.45 38.56
C SER Q 177 -1.67 22.87 39.17
N GLY Q 178 -2.29 23.91 38.60
CA GLY Q 178 -3.59 24.37 39.05
C GLY Q 178 -3.57 25.26 40.27
N VAL Q 179 -2.39 25.63 40.78
CA VAL Q 179 -2.27 26.45 41.98
C VAL Q 179 -2.36 27.91 41.58
N HIS Q 180 -3.24 28.66 42.26
CA HIS Q 180 -3.40 30.10 42.03
C HIS Q 180 -3.31 30.81 43.38
N THR Q 181 -2.22 31.53 43.60
CA THR Q 181 -2.05 32.34 44.79
C THR Q 181 -2.41 33.79 44.44
N PHE Q 182 -3.47 34.30 45.06
CA PHE Q 182 -3.96 35.62 44.71
C PHE Q 182 -3.14 36.71 45.39
N PRO Q 183 -3.02 37.87 44.75
CA PRO Q 183 -2.35 39.00 45.40
C PRO Q 183 -3.09 39.42 46.66
N ALA Q 184 -2.33 39.86 47.66
CA ALA Q 184 -2.93 40.27 48.92
C ALA Q 184 -3.71 41.57 48.74
N VAL Q 185 -4.76 41.73 49.55
CA VAL Q 185 -5.56 42.94 49.60
C VAL Q 185 -5.44 43.56 50.99
N LEU Q 186 -5.30 44.87 51.02
CA LEU Q 186 -5.14 45.59 52.28
C LEU Q 186 -6.51 45.93 52.84
N GLN Q 187 -6.84 45.37 54.00
CA GLN Q 187 -8.13 45.60 54.61
C GLN Q 187 -8.15 46.95 55.32
N SER Q 188 -9.35 47.36 55.74
CA SER Q 188 -9.50 48.61 56.47
C SER Q 188 -8.79 48.59 57.81
N SER Q 189 -8.49 47.39 58.34
CA SER Q 189 -7.77 47.24 59.59
C SER Q 189 -6.26 47.46 59.44
N GLY Q 190 -5.77 47.61 58.21
CA GLY Q 190 -4.36 47.77 57.96
C GLY Q 190 -3.59 46.48 57.77
N LEU Q 191 -4.27 45.34 57.82
CA LEU Q 191 -3.63 44.04 57.64
C LEU Q 191 -3.94 43.48 56.27
N TYR Q 192 -3.05 42.60 55.79
CA TYR Q 192 -3.20 41.99 54.48
C TYR Q 192 -3.95 40.67 54.59
N SER Q 193 -4.60 40.31 53.50
CA SER Q 193 -5.34 39.05 53.43
C SER Q 193 -5.33 38.56 51.99
N LEU Q 194 -4.94 37.31 51.80
CA LEU Q 194 -4.96 36.69 50.48
C LEU Q 194 -5.43 35.24 50.60
N SER Q 195 -5.66 34.63 49.44
CA SER Q 195 -6.08 33.24 49.39
C SER Q 195 -5.30 32.53 48.27
N SER Q 196 -4.89 31.30 48.55
CA SER Q 196 -4.22 30.46 47.56
C SER Q 196 -5.06 29.20 47.37
N VAL Q 197 -5.43 28.92 46.12
CA VAL Q 197 -6.33 27.81 45.81
C VAL Q 197 -5.67 26.90 44.78
N VAL Q 198 -6.20 25.67 44.70
CA VAL Q 198 -5.73 24.69 43.73
C VAL Q 198 -6.93 23.84 43.33
N THR Q 199 -7.01 23.51 42.03
CA THR Q 199 -8.08 22.67 41.50
C THR Q 199 -7.53 21.26 41.24
N VAL Q 200 -8.20 20.26 41.80
CA VAL Q 200 -7.78 18.87 41.71
C VAL Q 200 -8.99 18.03 41.28
N PRO Q 201 -8.75 16.87 40.69
CA PRO Q 201 -9.88 15.98 40.32
C PRO Q 201 -10.70 15.61 41.54
N SER Q 202 -12.02 15.55 41.35
CA SER Q 202 -12.92 15.22 42.44
C SER Q 202 -12.68 13.82 42.97
N SER Q 203 -12.20 12.90 42.12
CA SER Q 203 -11.93 11.54 42.57
C SER Q 203 -10.74 11.47 43.51
N SER Q 204 -9.91 12.51 43.56
CA SER Q 204 -8.75 12.54 44.43
C SER Q 204 -9.09 12.94 45.86
N LEU Q 205 -10.28 13.47 46.10
CA LEU Q 205 -10.71 13.85 47.44
C LEU Q 205 -11.09 12.60 48.23
N GLY Q 206 -10.31 12.29 49.26
CA GLY Q 206 -10.49 11.08 50.05
C GLY Q 206 -9.29 10.15 50.03
N THR Q 207 -8.49 10.22 48.96
CA THR Q 207 -7.26 9.43 48.85
C THR Q 207 -6.01 10.27 49.01
N GLN Q 208 -6.01 11.52 48.53
CA GLN Q 208 -4.86 12.40 48.60
C GLN Q 208 -5.14 13.53 49.58
N THR Q 209 -4.22 13.74 50.52
CA THR Q 209 -4.33 14.85 51.46
C THR Q 209 -3.63 16.08 50.91
N TYR Q 210 -4.30 17.23 51.01
CA TYR Q 210 -3.79 18.49 50.47
C TYR Q 210 -3.48 19.43 51.62
N ILE Q 211 -2.26 19.93 51.66
CA ILE Q 211 -1.79 20.81 52.73
C ILE Q 211 -1.15 22.05 52.12
N CYS Q 212 -1.57 23.22 52.60
CA CYS Q 212 -0.99 24.49 52.20
C CYS Q 212 0.05 24.92 53.23
N ASN Q 213 1.21 25.34 52.77
CA ASN Q 213 2.31 25.76 53.61
C ASN Q 213 2.46 27.27 53.51
N VAL Q 214 2.23 27.98 54.61
CA VAL Q 214 2.28 29.43 54.64
C VAL Q 214 3.47 29.87 55.48
N ASN Q 215 4.30 30.75 54.91
CA ASN Q 215 5.49 31.26 55.58
C ASN Q 215 5.44 32.78 55.57
N HIS Q 216 5.56 33.38 56.76
CA HIS Q 216 5.61 34.83 56.93
C HIS Q 216 6.94 35.18 57.58
N LYS Q 217 7.93 35.51 56.74
CA LYS Q 217 9.27 35.80 57.24
C LYS Q 217 9.34 36.97 58.22
N PRO Q 218 8.66 38.11 58.00
CA PRO Q 218 8.79 39.22 58.97
C PRO Q 218 8.41 38.85 60.39
N SER Q 219 7.48 37.93 60.58
CA SER Q 219 7.13 37.47 61.92
C SER Q 219 7.75 36.13 62.28
N ASN Q 220 8.56 35.56 61.39
CA ASN Q 220 9.21 34.27 61.62
C ASN Q 220 8.19 33.20 62.00
N THR Q 221 7.09 33.17 61.26
CA THR Q 221 6.00 32.23 61.49
C THR Q 221 5.84 31.33 60.28
N LYS Q 222 5.56 30.06 60.53
CA LYS Q 222 5.35 29.08 59.48
C LYS Q 222 4.20 28.18 59.89
N VAL Q 223 3.12 28.19 59.13
CA VAL Q 223 1.90 27.46 59.47
C VAL Q 223 1.53 26.56 58.31
N ASP Q 224 1.34 25.27 58.60
CA ASP Q 224 0.83 24.30 57.65
C ASP Q 224 -0.62 23.99 58.01
N LYS Q 225 -1.52 24.09 57.02
CA LYS Q 225 -2.94 23.84 57.23
C LYS Q 225 -3.42 22.87 56.17
N ARG Q 226 -4.01 21.75 56.61
CA ARG Q 226 -4.57 20.76 55.71
C ARG Q 226 -6.02 21.07 55.42
N VAL Q 227 -6.40 20.97 54.15
CA VAL Q 227 -7.76 21.25 53.70
C VAL Q 227 -8.45 19.92 53.44
N GLU Q 228 -9.51 19.63 54.20
CA GLU Q 228 -10.25 18.39 54.08
C GLU Q 228 -11.70 18.68 53.71
N PRO Q 229 -12.29 17.89 52.81
CA PRO Q 229 -13.70 18.11 52.44
C PRO Q 229 -14.62 17.80 53.61
N LYS Q 230 -15.32 18.83 54.08
CA LYS Q 230 -16.21 18.69 55.22
C LYS Q 230 -17.63 18.39 54.77
N ASP R 1 20.30 62.94 33.02
CA ASP R 1 20.09 61.50 32.90
C ASP R 1 19.38 61.15 31.59
N ILE R 2 19.80 60.04 30.99
CA ILE R 2 19.20 59.58 29.75
C ILE R 2 17.87 58.91 30.07
N VAL R 3 16.78 59.48 29.57
CA VAL R 3 15.45 58.94 29.78
C VAL R 3 15.05 58.12 28.56
N MET R 4 14.41 56.98 28.80
CA MET R 4 13.99 56.08 27.75
C MET R 4 12.50 55.82 27.86
N THR R 5 11.81 55.88 26.72
CA THR R 5 10.36 55.70 26.65
C THR R 5 10.06 54.41 25.91
N GLN R 6 9.19 53.58 26.49
CA GLN R 6 8.75 52.34 25.87
C GLN R 6 7.36 52.52 25.26
N SER R 7 7.12 51.79 24.17
CA SER R 7 5.85 51.86 23.46
C SER R 7 5.49 50.47 22.96
N PRO R 8 4.28 49.98 23.26
CA PRO R 8 3.25 50.59 24.11
C PRO R 8 3.47 50.27 25.59
N LEU R 9 2.71 50.87 26.49
CA LEU R 9 2.81 50.50 27.90
C LEU R 9 2.13 49.16 28.18
N SER R 10 1.04 48.87 27.46
CA SER R 10 0.38 47.57 27.52
C SER R 10 0.30 47.02 26.11
N LEU R 11 0.66 45.75 25.94
CA LEU R 11 0.73 45.12 24.63
C LEU R 11 -0.07 43.83 24.62
N PRO R 12 -1.38 43.90 24.35
CA PRO R 12 -2.14 42.67 24.14
C PRO R 12 -1.73 41.99 22.84
N VAL R 13 -1.64 40.67 22.89
CA VAL R 13 -1.16 39.88 21.75
C VAL R 13 -1.79 38.51 21.82
N THR R 14 -2.07 37.93 20.65
CA THR R 14 -2.60 36.58 20.60
C THR R 14 -1.48 35.55 20.55
N LEU R 15 -1.80 34.33 20.95
CA LEU R 15 -0.80 33.26 20.97
C LEU R 15 -0.37 32.90 19.56
N GLY R 16 0.94 32.84 19.35
CA GLY R 16 1.50 32.42 18.09
C GLY R 16 1.83 33.51 17.11
N GLN R 17 1.41 34.74 17.36
CA GLN R 17 1.73 35.83 16.44
C GLN R 17 2.88 36.67 16.96
N PRO R 18 3.61 37.36 16.09
CA PRO R 18 4.75 38.15 16.54
C PRO R 18 4.33 39.34 17.39
N ALA R 19 5.27 39.80 18.21
CA ALA R 19 5.09 40.97 19.06
C ALA R 19 6.29 41.89 18.93
N SER R 20 6.04 43.19 19.05
CA SER R 20 7.07 44.21 18.89
C SER R 20 7.01 45.20 20.04
N ILE R 21 8.18 45.54 20.58
CA ILE R 21 8.32 46.53 21.65
C ILE R 21 9.34 47.56 21.23
N SER R 22 8.98 48.83 21.34
CA SER R 22 9.83 49.94 20.92
C SER R 22 10.40 50.64 22.15
N CYS R 23 11.70 50.91 22.13
CA CYS R 23 12.39 51.63 23.19
C CYS R 23 13.14 52.78 22.56
N ARG R 24 12.85 54.01 23.01
CA ARG R 24 13.46 55.21 22.45
C ARG R 24 14.30 55.90 23.51
N SER R 25 15.51 56.30 23.13
CA SER R 25 16.45 56.96 24.03
C SER R 25 16.53 58.44 23.73
N SER R 26 16.57 59.25 24.79
CA SER R 26 16.70 60.69 24.62
C SER R 26 18.07 61.10 24.10
N GLN R 27 19.07 60.22 24.18
CA GLN R 27 20.41 60.55 23.76
C GLN R 27 21.00 59.36 22.99
N SER R 28 21.91 59.66 22.06
CA SER R 28 22.54 58.62 21.27
C SER R 28 23.29 57.65 22.18
N LEU R 29 23.06 56.35 21.96
CA LEU R 29 23.63 55.31 22.80
C LEU R 29 24.96 54.77 22.28
N VAL R 30 25.44 55.23 21.14
CA VAL R 30 26.72 54.77 20.63
C VAL R 30 27.84 55.36 21.47
N TYR R 31 28.94 54.62 21.56
CA TYR R 31 30.11 55.01 22.35
C TYR R 31 31.34 55.01 21.45
N SER R 32 32.44 55.54 22.01
CA SER R 32 33.69 55.66 21.27
C SER R 32 34.08 54.36 20.56
N ASP R 33 34.00 53.23 21.26
CA ASP R 33 34.39 51.94 20.69
C ASP R 33 33.31 51.33 19.81
N GLY R 34 32.32 52.12 19.37
CA GLY R 34 31.27 51.60 18.52
C GLY R 34 30.40 50.55 19.16
N ASN R 35 30.28 50.55 20.50
CA ASN R 35 29.46 49.60 21.22
C ASN R 35 28.24 50.29 21.79
N THR R 36 27.09 49.63 21.65
CA THR R 36 25.81 50.16 22.14
C THR R 36 25.34 49.25 23.27
N PHE R 37 25.28 49.81 24.48
CA PHE R 37 24.96 49.04 25.68
C PHE R 37 23.49 49.22 26.02
N LEU R 38 22.63 48.54 25.26
CA LEU R 38 21.21 48.45 25.55
C LEU R 38 20.86 47.00 25.86
N ASN R 39 20.08 46.79 26.92
CA ASN R 39 19.70 45.45 27.34
C ASN R 39 18.19 45.34 27.44
N TRP R 40 17.70 44.11 27.26
CA TRP R 40 16.28 43.80 27.36
C TRP R 40 16.07 42.77 28.46
N PHE R 41 15.15 43.05 29.37
CA PHE R 41 14.87 42.19 30.52
C PHE R 41 13.41 41.73 30.49
N GLN R 42 13.19 40.51 30.94
CA GLN R 42 11.85 39.96 31.15
C GLN R 42 11.65 39.69 32.63
N GLN R 43 10.55 40.17 33.18
CA GLN R 43 10.23 39.99 34.59
C GLN R 43 8.88 39.30 34.71
N ARG R 44 8.88 38.08 35.26
CA ARG R 44 7.68 37.35 35.58
C ARG R 44 7.14 37.77 36.95
N PRO R 45 5.84 37.63 37.18
CA PRO R 45 5.29 38.03 38.48
C PRO R 45 5.94 37.26 39.63
N GLY R 46 6.36 38.01 40.65
CA GLY R 46 7.00 37.43 41.81
C GLY R 46 8.39 36.90 41.58
N GLN R 47 9.01 37.19 40.44
CA GLN R 47 10.33 36.69 40.13
C GLN R 47 11.25 37.85 39.77
N SER R 48 12.56 37.58 39.86
CA SER R 48 13.55 38.58 39.51
C SER R 48 13.64 38.74 38.00
N PRO R 49 13.92 39.95 37.51
CA PRO R 49 14.12 40.15 36.07
C PRO R 49 15.32 39.35 35.57
N ARG R 50 15.18 38.79 34.37
CA ARG R 50 16.24 38.06 33.71
C ARG R 50 16.55 38.73 32.38
N ARG R 51 17.85 38.85 32.07
CA ARG R 51 18.28 39.56 30.86
C ARG R 51 18.09 38.67 29.65
N LEU R 52 17.23 39.12 28.72
CA LEU R 52 17.04 38.38 27.48
C LEU R 52 18.12 38.71 26.46
N ILE R 53 18.44 39.99 26.30
CA ILE R 53 19.36 40.45 25.27
C ILE R 53 20.30 41.49 25.88
N TYR R 54 21.58 41.41 25.53
CA TYR R 54 22.59 42.39 25.91
C TYR R 54 23.23 42.95 24.64
N GLN R 55 23.55 44.25 24.65
CA GLN R 55 24.15 44.95 23.52
C GLN R 55 23.28 44.82 22.27
N VAL R 56 22.06 45.31 22.39
CA VAL R 56 21.12 45.49 21.27
C VAL R 56 20.62 44.15 20.73
N SER R 57 21.54 43.31 20.25
CA SER R 57 21.16 42.14 19.49
C SER R 57 21.69 40.81 20.03
N ASN R 58 22.61 40.81 20.99
CA ASN R 58 23.18 39.56 21.49
C ASN R 58 22.28 38.99 22.58
N ARG R 59 21.85 37.74 22.37
CA ARG R 59 20.96 37.04 23.30
C ARG R 59 21.78 36.21 24.28
N ASP R 60 21.28 36.12 25.52
CA ASP R 60 21.95 35.35 26.56
C ASP R 60 21.73 33.86 26.37
N SER R 61 22.55 33.06 27.04
CA SER R 61 22.40 31.62 27.01
C SER R 61 21.12 31.21 27.74
N GLY R 62 20.43 30.21 27.19
CA GLY R 62 19.16 29.76 27.73
C GLY R 62 17.97 30.58 27.27
N VAL R 63 18.18 31.62 26.47
CA VAL R 63 17.10 32.45 25.94
C VAL R 63 16.64 31.83 24.62
N PRO R 64 15.34 31.58 24.45
CA PRO R 64 14.87 30.99 23.20
C PRO R 64 15.12 31.91 22.02
N ASP R 65 15.23 31.30 20.83
CA ASP R 65 15.51 32.04 19.61
C ASP R 65 14.36 32.95 19.19
N ARG R 66 13.19 32.82 19.82
CA ARG R 66 12.06 33.68 19.48
C ARG R 66 12.37 35.15 19.75
N PHE R 67 13.19 35.44 20.76
CA PHE R 67 13.52 36.81 21.10
C PHE R 67 14.67 37.30 20.21
N SER R 68 14.51 38.49 19.66
CA SER R 68 15.53 39.12 18.84
C SER R 68 15.53 40.62 19.10
N GLY R 69 16.69 41.23 18.92
CA GLY R 69 16.84 42.66 19.17
C GLY R 69 17.48 43.37 17.99
N SER R 70 17.04 44.61 17.76
CA SER R 70 17.53 45.40 16.65
C SER R 70 17.44 46.87 17.01
N GLY R 71 18.01 47.71 16.16
CA GLY R 71 17.97 49.14 16.32
C GLY R 71 19.37 49.74 16.35
N SER R 72 19.39 51.08 16.38
CA SER R 72 20.64 51.82 16.41
C SER R 72 20.36 53.23 16.90
N GLY R 73 21.41 53.90 17.35
CA GLY R 73 21.30 55.27 17.82
C GLY R 73 20.35 55.43 18.99
N THR R 74 19.19 56.02 18.74
CA THR R 74 18.21 56.28 19.79
C THR R 74 17.02 55.32 19.76
N ASP R 75 16.74 54.68 18.63
CA ASP R 75 15.56 53.84 18.47
C ASP R 75 15.96 52.38 18.42
N PHE R 76 15.30 51.56 19.23
CA PHE R 76 15.55 50.13 19.30
C PHE R 76 14.23 49.39 19.41
N THR R 77 14.25 48.12 19.04
CA THR R 77 13.03 47.31 19.00
C THR R 77 13.35 45.89 19.46
N LEU R 78 12.50 45.36 20.33
CA LEU R 78 12.57 43.96 20.75
C LEU R 78 11.51 43.17 20.02
N LYS R 79 11.94 42.09 19.36
CA LYS R 79 11.05 41.27 18.53
C LYS R 79 10.88 39.90 19.15
N ILE R 80 9.63 39.45 19.26
CA ILE R 80 9.30 38.08 19.63
C ILE R 80 8.73 37.40 18.40
N SER R 81 9.37 36.33 17.95
CA SER R 81 8.97 35.67 16.71
C SER R 81 7.54 35.14 16.81
N ARG R 82 7.29 34.25 17.76
CA ARG R 82 5.96 33.70 17.99
C ARG R 82 5.74 33.63 19.50
N VAL R 83 4.79 34.42 20.00
CA VAL R 83 4.60 34.55 21.45
C VAL R 83 4.05 33.25 22.01
N GLU R 84 4.70 32.75 23.06
CA GLU R 84 4.26 31.55 23.76
C GLU R 84 3.56 31.94 25.06
N ALA R 85 3.02 30.94 25.74
CA ALA R 85 2.28 31.19 26.98
C ALA R 85 3.20 31.74 28.08
N GLU R 86 4.45 31.26 28.12
CA GLU R 86 5.40 31.69 29.15
C GLU R 86 5.88 33.12 28.97
N ASP R 87 5.61 33.74 27.81
CA ASP R 87 6.12 35.08 27.52
C ASP R 87 5.34 36.18 28.24
N VAL R 88 4.24 35.86 28.91
CA VAL R 88 3.49 36.88 29.62
C VAL R 88 4.34 37.46 30.74
N GLY R 89 4.25 38.77 30.94
CA GLY R 89 5.04 39.46 31.93
C GLY R 89 5.37 40.86 31.47
N VAL R 90 6.30 41.49 32.18
CA VAL R 90 6.71 42.86 31.91
C VAL R 90 8.11 42.85 31.32
N TYR R 91 8.30 43.60 30.24
CA TYR R 91 9.57 43.68 29.54
C TYR R 91 10.15 45.08 29.69
N TYR R 92 11.44 45.15 30.03
CA TYR R 92 12.12 46.41 30.26
C TYR R 92 13.33 46.54 29.34
N CYS R 93 13.55 47.75 28.84
CA CYS R 93 14.82 48.11 28.19
C CYS R 93 15.63 48.97 29.15
N MET R 94 16.94 48.72 29.21
CA MET R 94 17.82 49.43 30.12
C MET R 94 18.99 50.03 29.37
N GLN R 95 19.40 51.22 29.79
CA GLN R 95 20.54 51.93 29.22
C GLN R 95 21.74 51.68 30.13
N GLY R 96 22.81 51.11 29.56
CA GLY R 96 23.98 50.79 30.34
C GLY R 96 25.20 51.62 29.97
N THR R 97 25.10 52.42 28.90
CA THR R 97 26.26 53.13 28.39
C THR R 97 26.69 54.26 29.33
N HIS R 98 25.76 54.91 30.00
CA HIS R 98 26.07 56.08 30.82
C HIS R 98 25.39 55.97 32.18
N TRP R 99 26.13 56.35 33.22
CA TRP R 99 25.57 56.41 34.57
C TRP R 99 24.79 57.71 34.75
N PRO R 100 23.65 57.66 35.46
CA PRO R 100 23.07 56.50 36.12
C PRO R 100 22.35 55.57 35.14
N ARG R 101 22.38 54.26 35.40
CA ARG R 101 21.63 53.33 34.56
C ARG R 101 20.14 53.56 34.75
N THR R 102 19.46 53.87 33.64
CA THR R 102 18.04 54.20 33.67
C THR R 102 17.22 53.10 32.98
N PHE R 103 15.94 53.08 33.30
CA PHE R 103 15.02 52.07 32.79
C PHE R 103 13.84 52.73 32.11
N GLY R 104 13.27 52.02 31.15
CA GLY R 104 12.00 52.42 30.57
C GLY R 104 10.85 52.17 31.52
N GLN R 105 9.69 52.72 31.16
CA GLN R 105 8.49 52.55 31.99
C GLN R 105 8.11 51.08 32.10
N GLY R 106 8.45 50.28 31.10
CA GLY R 106 8.10 48.86 31.12
C GLY R 106 6.80 48.58 30.41
N THR R 107 6.79 47.56 29.55
CA THR R 107 5.60 47.19 28.80
C THR R 107 5.03 45.89 29.36
N LYS R 108 3.71 45.85 29.53
CA LYS R 108 3.03 44.67 30.05
C LYS R 108 2.59 43.81 28.87
N LEU R 109 3.27 42.67 28.70
CA LEU R 109 2.94 41.74 27.62
C LEU R 109 1.91 40.76 28.18
N GLU R 110 0.65 40.95 27.79
CA GLU R 110 -0.43 40.04 28.15
C GLU R 110 -0.93 39.36 26.88
N ILE R 111 -1.32 38.09 27.03
CA ILE R 111 -1.71 37.27 25.89
C ILE R 111 -3.21 37.06 25.92
N LYS R 112 -3.80 36.92 24.74
CA LYS R 112 -5.24 36.75 24.57
C LYS R 112 -5.53 35.43 23.90
N ARG R 113 -6.48 34.68 24.45
CA ARG R 113 -6.79 33.33 23.99
C ARG R 113 -8.28 33.15 23.74
N THR R 114 -8.69 31.90 23.52
CA THR R 114 -10.10 31.58 23.34
C THR R 114 -10.88 31.89 24.61
N VAL R 115 -12.09 32.42 24.43
CA VAL R 115 -12.94 32.77 25.57
C VAL R 115 -13.24 31.50 26.36
N ALA R 116 -13.05 31.57 27.67
CA ALA R 116 -13.26 30.44 28.57
C ALA R 116 -14.11 30.87 29.74
N ALA R 117 -15.15 30.10 30.03
CA ALA R 117 -16.04 30.42 31.15
C ALA R 117 -15.36 30.09 32.48
N PRO R 118 -15.59 30.89 33.52
CA PRO R 118 -14.97 30.61 34.81
C PRO R 118 -15.62 29.44 35.52
N SER R 119 -14.82 28.71 36.28
CA SER R 119 -15.32 27.70 37.20
C SER R 119 -15.59 28.38 38.54
N VAL R 120 -16.84 28.34 38.98
CA VAL R 120 -17.30 29.13 40.12
C VAL R 120 -17.43 28.21 41.33
N PHE R 121 -16.77 28.59 42.42
CA PHE R 121 -16.83 27.86 43.68
C PHE R 121 -17.09 28.84 44.82
N ILE R 122 -17.78 28.36 45.84
CA ILE R 122 -18.10 29.17 47.02
C ILE R 122 -17.64 28.43 48.26
N PHE R 123 -17.09 29.18 49.22
CA PHE R 123 -16.53 28.61 50.43
C PHE R 123 -17.10 29.32 51.64
N PRO R 124 -17.85 28.63 52.50
CA PRO R 124 -18.35 29.25 53.74
C PRO R 124 -17.19 29.52 54.68
N PRO R 125 -17.35 30.45 55.62
CA PRO R 125 -16.28 30.70 56.59
C PRO R 125 -16.07 29.49 57.50
N SER R 126 -14.81 29.27 57.87
CA SER R 126 -14.48 28.14 58.72
C SER R 126 -14.93 28.40 60.16
N ASP R 127 -15.12 27.30 60.89
CA ASP R 127 -15.51 27.42 62.30
C ASP R 127 -14.43 28.09 63.13
N GLU R 128 -13.16 27.87 62.77
CA GLU R 128 -12.07 28.51 63.50
C GLU R 128 -12.16 30.03 63.40
N GLN R 129 -12.41 30.54 62.19
CA GLN R 129 -12.57 31.99 62.01
C GLN R 129 -13.80 32.51 62.73
N LEU R 130 -14.87 31.70 62.76
CA LEU R 130 -16.08 32.09 63.48
C LEU R 130 -15.79 32.27 64.98
N LYS R 131 -14.93 31.44 65.54
CA LYS R 131 -14.53 31.61 66.94
C LYS R 131 -13.79 32.92 67.18
N SER R 132 -13.18 33.49 66.14
CA SER R 132 -12.47 34.76 66.28
C SER R 132 -13.38 35.97 66.19
N GLY R 133 -14.64 35.80 65.80
CA GLY R 133 -15.59 36.89 65.75
C GLY R 133 -15.87 37.45 64.37
N THR R 134 -15.20 36.95 63.33
CA THR R 134 -15.42 37.41 61.97
C THR R 134 -15.71 36.21 61.08
N ALA R 135 -16.30 36.49 59.92
CA ALA R 135 -16.67 35.46 58.95
C ALA R 135 -16.34 35.95 57.55
N SER R 136 -15.54 35.20 56.83
CA SER R 136 -15.16 35.52 55.46
C SER R 136 -15.71 34.45 54.53
N VAL R 137 -16.60 34.87 53.63
CA VAL R 137 -17.15 33.99 52.60
C VAL R 137 -16.40 34.25 51.31
N VAL R 138 -15.87 33.19 50.70
CA VAL R 138 -14.97 33.30 49.56
C VAL R 138 -15.69 32.77 48.33
N CYS R 139 -15.59 33.50 47.22
CA CYS R 139 -16.10 33.08 45.93
C CYS R 139 -14.94 33.07 44.93
N LEU R 140 -14.75 31.94 44.26
CA LEU R 140 -13.61 31.73 43.37
C LEU R 140 -14.07 31.66 41.92
N LEU R 141 -13.42 32.44 41.06
CA LEU R 141 -13.61 32.40 39.61
C LEU R 141 -12.30 31.93 39.00
N ASN R 142 -12.25 30.69 38.55
CA ASN R 142 -11.01 30.03 38.14
C ASN R 142 -10.95 29.88 36.63
N ASN R 143 -9.81 30.29 36.05
CA ASN R 143 -9.45 29.97 34.67
C ASN R 143 -10.51 30.46 33.68
N PHE R 144 -10.64 31.78 33.60
CA PHE R 144 -11.57 32.40 32.68
C PHE R 144 -10.85 33.41 31.80
N TYR R 145 -11.50 33.74 30.68
CA TYR R 145 -11.07 34.82 29.80
C TYR R 145 -12.31 35.28 29.03
N PRO R 146 -12.49 36.60 28.83
CA PRO R 146 -11.61 37.71 29.16
C PRO R 146 -11.58 38.07 30.65
N ARG R 147 -10.71 39.01 31.01
CA ARG R 147 -10.55 39.41 32.41
C ARG R 147 -11.79 40.10 32.96
N GLU R 148 -12.63 40.68 32.10
CA GLU R 148 -13.82 41.39 32.56
C GLU R 148 -14.83 40.39 33.13
N ALA R 149 -15.12 40.53 34.41
CA ALA R 149 -16.10 39.68 35.08
C ALA R 149 -16.70 40.43 36.26
N LYS R 150 -17.94 40.11 36.59
CA LYS R 150 -18.69 40.79 37.64
C LYS R 150 -19.18 39.77 38.66
N VAL R 151 -18.96 40.08 39.93
CA VAL R 151 -19.34 39.21 41.05
C VAL R 151 -20.32 39.96 41.94
N GLN R 152 -21.43 39.32 42.27
CA GLN R 152 -22.46 39.90 43.12
C GLN R 152 -22.74 38.99 44.29
N TRP R 153 -22.74 39.55 45.50
CA TRP R 153 -23.02 38.81 46.73
C TRP R 153 -24.47 39.00 47.11
N LYS R 154 -25.15 37.90 47.43
CA LYS R 154 -26.54 37.94 47.87
C LYS R 154 -26.68 37.21 49.19
N VAL R 155 -27.24 37.88 50.19
CA VAL R 155 -27.49 37.30 51.50
C VAL R 155 -29.00 37.34 51.73
N ASP R 156 -29.62 36.15 51.73
CA ASP R 156 -31.07 36.02 51.78
C ASP R 156 -31.73 36.84 50.68
N ASN R 157 -31.18 36.73 49.48
CA ASN R 157 -31.62 37.41 48.26
C ASN R 157 -31.45 38.92 48.33
N ALA R 158 -30.72 39.43 49.32
CA ALA R 158 -30.40 40.85 49.42
C ALA R 158 -29.00 41.08 48.87
N LEU R 159 -28.90 41.93 47.85
CA LEU R 159 -27.62 42.19 47.21
C LEU R 159 -26.73 42.99 48.13
N GLN R 160 -25.53 42.49 48.42
CA GLN R 160 -24.58 43.15 49.29
C GLN R 160 -23.59 43.97 48.47
N SER R 161 -23.22 45.13 48.98
CA SER R 161 -22.25 46.00 48.31
C SER R 161 -21.47 46.79 49.35
N GLY R 162 -20.16 46.84 49.19
CA GLY R 162 -19.28 47.61 50.04
C GLY R 162 -18.58 46.82 51.12
N ASN R 163 -19.04 45.61 51.42
CA ASN R 163 -18.40 44.74 52.40
C ASN R 163 -17.66 43.59 51.75
N SER R 164 -17.30 43.71 50.47
CA SER R 164 -16.61 42.67 49.74
C SER R 164 -15.37 43.24 49.07
N GLN R 165 -14.31 42.44 49.03
CA GLN R 165 -13.07 42.80 48.35
C GLN R 165 -12.68 41.67 47.41
N GLU R 166 -12.25 42.04 46.19
CA GLU R 166 -11.86 41.07 45.19
C GLU R 166 -10.44 41.35 44.71
N SER R 167 -9.75 40.28 44.32
CA SER R 167 -8.40 40.37 43.78
C SER R 167 -8.26 39.43 42.61
N VAL R 168 -7.41 39.81 41.66
CA VAL R 168 -7.22 39.07 40.42
C VAL R 168 -5.74 38.73 40.28
N THR R 169 -5.45 37.46 40.00
CA THR R 169 -4.09 37.03 39.73
C THR R 169 -3.62 37.54 38.37
N GLU R 170 -2.29 37.60 38.21
CA GLU R 170 -1.73 37.92 36.92
C GLU R 170 -2.07 36.81 35.93
N GLN R 171 -2.03 37.15 34.64
CA GLN R 171 -2.36 36.19 33.61
C GLN R 171 -1.45 34.98 33.69
N ASP R 172 -2.05 33.79 33.78
CA ASP R 172 -1.28 32.58 34.03
C ASP R 172 -0.37 32.27 32.85
N SER R 173 0.89 31.96 33.16
CA SER R 173 1.83 31.55 32.13
C SER R 173 1.52 30.18 31.57
N LYS R 174 0.71 29.39 32.26
CA LYS R 174 0.43 28.01 31.86
C LYS R 174 -0.72 27.90 30.87
N ASP R 175 -1.80 28.67 31.06
CA ASP R 175 -2.96 28.53 30.19
C ASP R 175 -3.55 29.87 29.75
N SER R 176 -2.88 30.99 30.00
CA SER R 176 -3.28 32.30 29.51
C SER R 176 -4.62 32.76 30.07
N THR R 177 -5.04 32.21 31.21
CA THR R 177 -6.30 32.56 31.85
C THR R 177 -6.07 33.42 33.07
N TYR R 178 -7.17 33.93 33.61
CA TYR R 178 -7.16 34.75 34.81
C TYR R 178 -7.93 34.03 35.92
N SER R 179 -7.71 34.49 37.16
CA SER R 179 -8.46 33.98 38.30
C SER R 179 -8.85 35.15 39.19
N LEU R 180 -10.02 35.03 39.83
CA LEU R 180 -10.57 36.09 40.65
C LEU R 180 -11.05 35.49 41.97
N SER R 181 -10.74 36.19 43.07
CA SER R 181 -11.16 35.79 44.41
C SER R 181 -11.89 36.94 45.07
N SER R 182 -13.14 36.73 45.45
CA SER R 182 -13.95 37.72 46.12
C SER R 182 -14.24 37.25 47.54
N THR R 183 -14.05 38.14 48.51
CA THR R 183 -14.20 37.81 49.92
C THR R 183 -15.25 38.71 50.55
N LEU R 184 -16.30 38.11 51.11
CA LEU R 184 -17.33 38.83 51.84
C LEU R 184 -17.05 38.72 53.33
N THR R 185 -16.85 39.86 53.98
CA THR R 185 -16.46 39.90 55.39
C THR R 185 -17.66 40.36 56.22
N LEU R 186 -18.07 39.53 57.17
CA LEU R 186 -19.18 39.83 58.06
C LEU R 186 -18.76 39.56 59.50
N SER R 187 -19.44 40.21 60.42
CA SER R 187 -19.25 39.91 61.83
C SER R 187 -19.87 38.56 62.17
N LYS R 188 -19.50 38.03 63.33
CA LYS R 188 -20.03 36.72 63.75
C LYS R 188 -21.54 36.79 63.90
N ALA R 189 -22.04 37.86 64.52
CA ALA R 189 -23.49 38.00 64.69
C ALA R 189 -24.20 38.13 63.35
N ASP R 190 -23.64 38.94 62.45
CA ASP R 190 -24.28 39.16 61.16
C ASP R 190 -24.33 37.88 60.33
N TYR R 191 -23.26 37.07 60.37
CA TYR R 191 -23.26 35.82 59.63
C TYR R 191 -24.29 34.85 60.19
N GLU R 192 -24.42 34.78 61.51
CA GLU R 192 -25.37 33.88 62.15
C GLU R 192 -26.80 34.38 62.09
N LYS R 193 -27.03 35.61 61.61
CA LYS R 193 -28.38 36.14 61.47
C LYS R 193 -29.03 35.79 60.15
N HIS R 194 -28.31 35.16 59.22
CA HIS R 194 -28.83 34.83 57.91
C HIS R 194 -28.55 33.37 57.58
N LYS R 195 -29.23 32.86 56.56
CA LYS R 195 -29.16 31.46 56.19
C LYS R 195 -28.53 31.26 54.81
N VAL R 196 -29.07 31.90 53.78
CA VAL R 196 -28.68 31.64 52.39
C VAL R 196 -27.63 32.67 52.00
N TYR R 197 -26.48 32.20 51.54
CA TYR R 197 -25.40 33.03 51.01
C TYR R 197 -25.09 32.57 49.61
N ALA R 198 -25.17 33.47 48.63
CA ALA R 198 -25.04 33.12 47.24
C ALA R 198 -24.05 34.05 46.55
N CYS R 199 -23.33 33.49 45.58
CA CYS R 199 -22.40 34.25 44.75
C CYS R 199 -22.86 34.13 43.31
N GLU R 200 -23.12 35.26 42.67
CA GLU R 200 -23.58 35.32 41.28
C GLU R 200 -22.46 35.87 40.41
N VAL R 201 -22.14 35.15 39.33
CA VAL R 201 -21.03 35.48 38.45
C VAL R 201 -21.58 35.79 37.07
N THR R 202 -21.18 36.93 36.53
CA THR R 202 -21.52 37.32 35.16
C THR R 202 -20.23 37.40 34.35
N HIS R 203 -20.22 36.73 33.20
CA HIS R 203 -19.01 36.67 32.38
C HIS R 203 -19.41 36.47 30.92
N GLN R 204 -18.51 36.89 30.02
CA GLN R 204 -18.79 36.77 28.59
C GLN R 204 -18.94 35.32 28.16
N GLY R 205 -18.11 34.43 28.71
CA GLY R 205 -18.18 33.02 28.36
C GLY R 205 -19.38 32.29 28.92
N LEU R 206 -20.18 32.96 29.74
CA LEU R 206 -21.39 32.37 30.31
C LEU R 206 -22.61 32.94 29.60
N SER R 207 -23.46 32.05 29.07
CA SER R 207 -24.68 32.50 28.42
C SER R 207 -25.64 33.14 29.41
N SER R 208 -25.63 32.68 30.66
CA SER R 208 -26.45 33.23 31.72
C SER R 208 -25.62 33.32 32.99
N PRO R 209 -25.96 34.24 33.89
CA PRO R 209 -25.23 34.32 35.16
C PRO R 209 -25.33 33.02 35.95
N VAL R 210 -24.23 32.66 36.59
CA VAL R 210 -24.10 31.41 37.34
C VAL R 210 -24.12 31.74 38.83
N THR R 211 -25.00 31.09 39.56
CA THR R 211 -25.17 31.31 40.98
C THR R 211 -24.77 30.07 41.76
N LYS R 212 -23.84 30.23 42.69
CA LYS R 212 -23.43 29.17 43.62
C LYS R 212 -23.79 29.62 45.03
N SER R 213 -24.56 28.79 45.74
CA SER R 213 -25.10 29.18 47.04
C SER R 213 -24.96 28.04 48.02
N PHE R 214 -25.03 28.39 49.31
CA PHE R 214 -25.03 27.42 50.39
C PHE R 214 -25.93 27.94 51.50
N ASN R 215 -26.39 27.03 52.34
CA ASN R 215 -27.19 27.36 53.51
C ASN R 215 -26.33 27.19 54.76
N ARG R 216 -26.38 28.18 55.65
CA ARG R 216 -25.55 28.14 56.84
C ARG R 216 -25.97 26.97 57.73
N GLY R 217 -25.00 26.13 58.09
CA GLY R 217 -25.26 24.98 58.92
C GLY R 217 -25.76 23.76 58.18
N GLU R 218 -25.61 23.71 56.87
CA GLU R 218 -26.06 22.57 56.08
C GLU R 218 -24.94 22.05 55.17
#